data_5JK7
#
_entry.id   5JK7
#
_cell.length_a   119.900
_cell.length_b   128.200
_cell.length_c   129.200
_cell.angle_alpha   75.11
_cell.angle_beta   89.44
_cell.angle_gamma   65.37
#
_symmetry.space_group_name_H-M   'P 1'
#
loop_
_entity.id
_entity.type
_entity.pdbx_description
1 polymer 'DNA damage-binding protein 1'
2 polymer 'Protein VPRBP'
3 polymer 'Uracil-DNA glycosylase'
4 polymer 'Protein Vpr'
#
loop_
_entity_poly.entity_id
_entity_poly.type
_entity_poly.pdbx_seq_one_letter_code
_entity_poly.pdbx_strand_id
1 'polypeptide(L)'
;MSYNYVVTAQKPTAVNGCVTGHFTSAEDLNLLIAKNTRLEIYVVTAEGLRPVKEVGMYGKIAVMELFRPKGESKDLLFIL
TAKYNACILEYKQSGESIDIITRAHGNVQDRIGRPSETGIIGIIDPECRMIGLRLYDGLFKVIPLDRDNKELKAFNIRLE
ELHVIDVKFLYGCQAPTICFVYQDPQGRHVKTYEVSLREKEFNKGPWKQENVEAEASMVIAVPEPFGGAIIIGQESITYH
NGDKYLAIAPPIIKQSTIVCHNRVDPNGSRYLLGDMEGRLFMLLLEKEEQMDGTVTLKDLRVELLGETSIAECLTYLDNG
VVFVGSRLGDSQLVKLNVDSNEQGSYVVAMETFTNLGPIVDMCVVDLERQGQGQLVTCSGAFKEGSLRIIRNGIGIHEHA
SIDLPGIKGLWPLRSDPNRETDDTLVLSFVGQTRVLMLNGEEVEETELMGFVDDQQTFFCGNVAHQQLIQITSASVRLVS
QEPKALVSEWKEPQAKNISVASCNSSQVVVAVGRALYYLQIHPQELRQISHTEMEHEVACLDITPLGDSNGLSPLCAIGL
WTDISARILKLPSFELLHKEMLGGEIIPRSILMTTFESSHYLLCALGDGALFYFGLNIETGLLSDRKKVTLGTQPTVLRT
FRSLSTTNVFACSDRPTVIYSSNHKLVFSNVNLKEVNYMCPLNSDGYPDSLALANNSTLTIGTIDEIQKLHIRTVPLYES
PRKICYQEVSQCFGVLSSRIEVQDTSGGTTALRPSASTQALSSSVSSSKLFSSSTAPHETSFGEEVEVHNLLIIDQHTFE
VLHAHQFLQNEYALSLVSCKLGKDPNTYFIVGTAMVYPEEAEPKQGRIVVFQYSDGKLQTVAEKEVKGAVYSMVEFNGKL
LASINSTVRLYEWTTEKELRTECNHYNNIMALYLKTKGDFILVGDLMRSVLLLAYKPMEGNFEEIARDFNPNWMSAVEIL
DDDNFLGAENAFNLFVCQKDSAATTDEERQHLQEVGLFHLGEFVNVFCHGSLVMQNLGETSTPTQGSVLFGTVNGMIGLV
TSLSESWYNLLLDMQNRLNKVIKSVGKIEHSFWRSFHTERKTEPATGFIDGDLIESFLDISRPKMQEVVANLQYDDGSGM
KREATADDLIKVVEELTRIH
;
A,B
2 'polypeptide(L)'
;AQAPINFTSRLNRRASFPKYGGVDGGCFDRHLIFSRFRPISVFREANEDESGFTCCAFSARERFLMLGTCTGQLKLYNVF
SGQEEASYNCHNSAITHLEPSRDGSLLLTSATWSQPLSALWGMKSVFDMKHSFTEDHYVEFSKHSQDRVIGTKGDIAHIY
DIQTGNKLLTLFNPDLANNYKRNCATFNPTDDLVLNDGVLWDVRSAQAIHKFDKFNMNISGVFHPNGLEVIINTEIWDLR
TFHLLHTVPALDQCRVVFNHTGTVMYGAMLQADDEDDLMEERMKSPFGSSFRTFNATDYKPIATIDVKRNIFDLCTDTKD
CYLAVIENQGSMDALNMDTVCRLYEVGRQRLAELEHHHHHH
;
C,E
3 'polypeptide(L)'
;VFFGESWKKHLSGEFGKPYFIKLMGFVAEERKHYTVYPPPHQVFTWTQMCDIKDVKVVILGQDPYHGPNQAHGLCFSVQR
PVPPPPSLENIYKELSTDIEDFVHPGHGDLSGWAKQGVLLLNAVLTVRAHQANSHKERGWEQFTDAVVSWLNQNSNGLVF
LLWGSYAQKKGSAIDRKRHHVLQTAHPSPLSVYRGFFGCRHFSKTNELLQKSGKKPIDWKEL
;
D,G
4 'polypeptide(L)'
;MEQAPEDQGPQREPYNEWTLELLEELKSEAVRHFPRIWLHNLGQHIYETYGDTWAGVEAIIRILQQLLFIHFRIGCRHSR
IGVTRQRRARNGASRS
;
F,H
#
# COMPACT_ATOMS: atom_id res chain seq x y z
N MET A 1 -13.46 -34.71 31.36
CA MET A 1 -14.43 -35.77 31.71
C MET A 1 -14.81 -36.72 30.56
N SER A 2 -13.97 -36.79 29.49
CA SER A 2 -14.22 -37.74 28.41
C SER A 2 -13.29 -38.90 28.57
N TYR A 3 -13.85 -40.10 28.44
CA TYR A 3 -13.12 -41.35 28.57
C TYR A 3 -13.53 -42.25 27.42
N ASN A 4 -12.57 -42.65 26.58
CA ASN A 4 -12.89 -43.45 25.39
C ASN A 4 -12.05 -44.71 25.22
N TYR A 5 -12.66 -45.73 24.61
CA TYR A 5 -12.11 -47.05 24.35
C TYR A 5 -11.92 -47.20 22.82
N VAL A 6 -10.74 -47.71 22.37
CA VAL A 6 -10.41 -47.89 20.94
C VAL A 6 -9.91 -49.30 20.57
N VAL A 7 -10.74 -50.02 19.75
CA VAL A 7 -10.48 -51.38 19.25
C VAL A 7 -10.61 -51.56 17.72
N THR A 8 -9.63 -52.27 17.12
CA THR A 8 -9.53 -52.60 15.69
C THR A 8 -10.57 -53.66 15.42
N ALA A 9 -11.58 -53.36 14.57
CA ALA A 9 -12.63 -54.33 14.21
C ALA A 9 -12.13 -55.15 13.06
N GLN A 10 -11.26 -54.51 12.24
CA GLN A 10 -10.63 -55.10 11.08
C GLN A 10 -9.20 -54.62 10.88
N LYS A 11 -8.28 -55.59 10.90
CA LYS A 11 -6.84 -55.41 10.76
C LYS A 11 -6.48 -54.82 9.40
N PRO A 12 -5.40 -54.03 9.33
CA PRO A 12 -4.94 -53.48 8.04
C PRO A 12 -4.74 -54.52 6.94
N THR A 13 -5.29 -54.25 5.75
CA THR A 13 -5.23 -55.12 4.58
C THR A 13 -4.58 -54.46 3.37
N ALA A 14 -3.30 -54.05 3.51
CA ALA A 14 -2.52 -53.44 2.45
C ALA A 14 -1.10 -53.89 2.61
N VAL A 15 -0.44 -54.28 1.51
CA VAL A 15 0.96 -54.74 1.58
C VAL A 15 1.88 -53.57 1.53
N ASN A 16 2.39 -53.16 2.70
CA ASN A 16 3.29 -52.02 2.85
C ASN A 16 4.67 -52.36 2.27
N GLY A 17 5.00 -53.66 2.26
CA GLY A 17 6.27 -54.15 1.75
C GLY A 17 6.51 -55.62 2.03
N CYS A 18 7.33 -56.28 1.19
CA CYS A 18 7.62 -57.71 1.34
C CYS A 18 9.00 -58.13 0.85
N VAL A 19 9.56 -59.14 1.54
CA VAL A 19 10.89 -59.69 1.32
C VAL A 19 10.89 -61.24 1.23
N THR A 20 11.84 -61.80 0.43
CA THR A 20 12.11 -63.24 0.36
C THR A 20 13.53 -63.45 0.84
N GLY A 21 13.72 -64.57 1.51
CA GLY A 21 14.98 -64.99 2.08
C GLY A 21 14.73 -66.23 2.91
N HIS A 22 15.70 -66.60 3.73
CA HIS A 22 15.50 -67.81 4.53
C HIS A 22 15.39 -67.41 5.99
N PHE A 23 14.16 -67.19 6.48
CA PHE A 23 13.96 -66.68 7.83
C PHE A 23 13.73 -67.66 8.96
N THR A 24 12.79 -68.61 8.78
CA THR A 24 12.40 -69.63 9.77
C THR A 24 13.44 -70.74 9.90
N SER A 25 14.05 -71.12 8.76
CA SER A 25 15.15 -72.07 8.61
C SER A 25 15.92 -71.71 7.34
N ALA A 26 17.21 -72.13 7.23
CA ALA A 26 18.06 -71.82 6.07
C ALA A 26 17.67 -72.57 4.79
N GLU A 27 16.79 -73.56 4.92
CA GLU A 27 16.31 -74.34 3.78
C GLU A 27 15.03 -73.72 3.21
N ASP A 28 14.05 -73.42 4.11
CA ASP A 28 12.75 -72.81 3.82
C ASP A 28 12.91 -71.52 3.04
N LEU A 29 12.12 -71.34 1.98
CA LEU A 29 12.08 -70.05 1.28
C LEU A 29 10.89 -69.34 1.89
N ASN A 30 11.18 -68.32 2.70
CA ASN A 30 10.18 -67.57 3.41
C ASN A 30 9.72 -66.34 2.68
N LEU A 31 8.42 -66.06 2.83
CA LEU A 31 7.85 -64.82 2.35
C LEU A 31 7.34 -64.05 3.57
N LEU A 32 7.82 -62.79 3.72
CA LEU A 32 7.46 -61.91 4.82
C LEU A 32 6.76 -60.70 4.31
N ILE A 33 5.56 -60.40 4.88
CA ILE A 33 4.75 -59.23 4.49
C ILE A 33 4.54 -58.20 5.64
N ALA A 34 4.77 -56.92 5.34
CA ALA A 34 4.57 -55.81 6.24
C ALA A 34 3.21 -55.25 5.92
N LYS A 35 2.29 -55.33 6.87
CA LYS A 35 0.94 -54.80 6.73
C LYS A 35 0.78 -53.78 7.85
N ASN A 36 1.63 -52.74 7.76
CA ASN A 36 1.81 -51.60 8.68
C ASN A 36 2.22 -51.92 10.12
N THR A 37 1.24 -52.21 10.96
CA THR A 37 1.50 -52.55 12.35
C THR A 37 1.66 -54.07 12.47
N ARG A 38 1.32 -54.84 11.42
CA ARG A 38 1.40 -56.30 11.48
C ARG A 38 2.45 -56.92 10.58
N LEU A 39 3.11 -57.99 11.09
CA LEU A 39 4.14 -58.75 10.37
C LEU A 39 3.61 -60.16 10.06
N GLU A 40 3.47 -60.47 8.76
CA GLU A 40 2.96 -61.74 8.27
C GLU A 40 4.10 -62.59 7.73
N ILE A 41 4.28 -63.78 8.32
CA ILE A 41 5.32 -64.74 7.92
C ILE A 41 4.66 -65.94 7.21
N TYR A 42 5.25 -66.35 6.07
CA TYR A 42 4.74 -67.42 5.22
C TYR A 42 5.89 -68.28 4.67
N VAL A 43 5.60 -69.59 4.40
CA VAL A 43 6.53 -70.54 3.78
C VAL A 43 6.07 -70.86 2.34
N VAL A 44 6.98 -70.62 1.37
CA VAL A 44 6.74 -70.84 -0.05
C VAL A 44 6.88 -72.33 -0.37
N THR A 45 5.73 -73.00 -0.52
CA THR A 45 5.60 -74.42 -0.80
C THR A 45 5.35 -74.68 -2.28
N ALA A 46 5.51 -75.95 -2.71
CA ALA A 46 5.21 -76.39 -4.06
C ALA A 46 3.73 -76.09 -4.31
N GLU A 47 2.89 -76.37 -3.28
CA GLU A 47 1.43 -76.15 -3.19
C GLU A 47 0.98 -74.69 -3.38
N GLY A 48 1.77 -73.75 -2.87
CA GLY A 48 1.48 -72.33 -2.94
C GLY A 48 2.22 -71.55 -1.89
N LEU A 49 1.48 -71.01 -0.89
CA LEU A 49 2.02 -70.20 0.22
C LEU A 49 1.39 -70.52 1.56
N ARG A 50 2.18 -71.13 2.47
CA ARG A 50 1.73 -71.54 3.79
C ARG A 50 1.85 -70.45 4.91
N PRO A 51 0.77 -70.15 5.68
CA PRO A 51 0.90 -69.22 6.82
C PRO A 51 1.72 -69.85 7.93
N VAL A 52 2.46 -69.03 8.69
CA VAL A 52 3.39 -69.50 9.72
C VAL A 52 3.14 -68.83 11.10
N LYS A 53 3.25 -67.48 11.11
CA LYS A 53 3.12 -66.62 12.27
C LYS A 53 2.83 -65.18 11.81
N GLU A 54 1.90 -64.53 12.50
CA GLU A 54 1.58 -63.15 12.28
C GLU A 54 1.65 -62.53 13.65
N VAL A 55 2.40 -61.44 13.69
CA VAL A 55 2.66 -60.68 14.88
C VAL A 55 2.57 -59.17 14.69
N GLY A 56 1.88 -58.53 15.64
CA GLY A 56 1.67 -57.08 15.73
C GLY A 56 2.87 -56.31 16.22
N MET A 57 2.91 -54.98 16.01
CA MET A 57 4.11 -54.22 16.39
C MET A 57 3.76 -52.90 17.03
N TYR A 58 4.46 -52.53 18.10
CA TYR A 58 4.20 -51.22 18.67
C TYR A 58 4.80 -50.08 17.80
N GLY A 59 4.40 -50.08 16.53
CA GLY A 59 4.82 -49.11 15.52
C GLY A 59 4.42 -49.45 14.09
N LYS A 60 4.68 -48.48 13.18
CA LYS A 60 4.45 -48.59 11.75
C LYS A 60 5.76 -49.11 11.16
N ILE A 61 5.79 -50.35 10.61
CA ILE A 61 7.01 -50.92 10.02
C ILE A 61 7.51 -50.04 8.87
N ALA A 62 8.56 -49.23 9.18
CA ALA A 62 9.23 -48.29 8.29
C ALA A 62 10.20 -49.02 7.39
N VAL A 63 11.09 -49.82 7.96
CA VAL A 63 12.01 -50.60 7.15
C VAL A 63 12.01 -52.00 7.63
N MET A 64 11.86 -52.92 6.67
CA MET A 64 11.89 -54.37 6.83
C MET A 64 12.92 -54.82 5.83
N GLU A 65 13.91 -55.57 6.30
CA GLU A 65 14.98 -56.11 5.46
C GLU A 65 15.67 -57.26 6.14
N LEU A 66 15.74 -58.39 5.40
CA LEU A 66 16.35 -59.65 5.81
C LEU A 66 17.81 -59.67 5.43
N PHE A 67 18.68 -60.04 6.39
CA PHE A 67 20.12 -60.07 6.24
C PHE A 67 20.70 -61.24 6.97
N ARG A 68 21.74 -61.85 6.38
CA ARG A 68 22.42 -62.98 7.01
C ARG A 68 23.79 -62.51 7.44
N PRO A 69 23.93 -62.11 8.72
CA PRO A 69 25.25 -61.67 9.19
C PRO A 69 26.19 -62.84 9.28
N LYS A 70 27.47 -62.57 9.04
CA LYS A 70 28.45 -63.66 9.11
C LYS A 70 28.50 -64.17 10.54
N GLY A 71 28.16 -65.44 10.68
CA GLY A 71 28.09 -66.09 11.98
C GLY A 71 26.65 -66.30 12.41
N GLU A 72 25.76 -66.58 11.43
CA GLU A 72 24.34 -66.80 11.69
C GLU A 72 23.76 -68.01 11.01
N SER A 73 22.84 -68.68 11.74
CA SER A 73 22.11 -69.90 11.35
C SER A 73 21.19 -69.62 10.15
N LYS A 74 20.16 -68.81 10.36
CA LYS A 74 19.22 -68.37 9.35
C LYS A 74 19.27 -66.86 9.26
N ASP A 75 18.68 -66.29 8.18
CA ASP A 75 18.62 -64.83 7.96
C ASP A 75 17.94 -64.16 9.14
N LEU A 76 18.48 -63.03 9.59
CA LEU A 76 17.89 -62.24 10.65
C LEU A 76 17.12 -61.15 9.99
N LEU A 77 16.13 -60.63 10.69
CA LEU A 77 15.30 -59.53 10.21
C LEU A 77 15.51 -58.28 11.03
N PHE A 78 15.75 -57.15 10.34
CA PHE A 78 15.89 -55.84 10.97
C PHE A 78 14.60 -55.08 10.76
N ILE A 79 14.06 -54.50 11.83
CA ILE A 79 12.85 -53.69 11.74
C ILE A 79 13.09 -52.32 12.30
N LEU A 80 12.59 -51.32 11.58
CA LEU A 80 12.66 -49.92 12.01
C LEU A 80 11.25 -49.38 11.95
N THR A 81 10.77 -48.70 13.02
CA THR A 81 9.43 -48.14 13.01
C THR A 81 9.50 -46.73 12.63
N ALA A 82 8.37 -46.18 12.26
CA ALA A 82 8.23 -44.77 11.89
C ALA A 82 8.48 -43.82 13.07
N LYS A 83 8.41 -44.36 14.33
CA LYS A 83 8.66 -43.64 15.58
C LYS A 83 10.14 -43.73 15.96
N TYR A 84 10.90 -44.40 15.05
CA TYR A 84 12.35 -44.61 15.02
C TYR A 84 12.86 -45.74 15.87
N ASN A 85 11.98 -46.73 16.16
CA ASN A 85 12.40 -47.87 16.96
C ASN A 85 13.05 -48.93 16.11
N ALA A 86 14.38 -49.01 16.20
CA ALA A 86 15.14 -50.01 15.47
C ALA A 86 15.16 -51.29 16.29
N CYS A 87 15.26 -52.42 15.60
CA CYS A 87 15.41 -53.72 16.24
C CYS A 87 15.78 -54.82 15.27
N ILE A 88 16.47 -55.84 15.80
CA ILE A 88 16.85 -57.04 15.08
C ILE A 88 16.07 -58.18 15.73
N LEU A 89 15.21 -58.85 14.95
CA LEU A 89 14.39 -59.95 15.42
C LEU A 89 14.89 -61.25 14.89
N GLU A 90 14.66 -62.33 15.64
CA GLU A 90 15.04 -63.68 15.26
C GLU A 90 13.83 -64.58 15.38
N TYR A 91 13.62 -65.45 14.38
CA TYR A 91 12.51 -66.40 14.44
C TYR A 91 12.98 -67.58 15.24
N LYS A 92 12.16 -67.99 16.22
CA LYS A 92 12.47 -69.17 17.03
C LYS A 92 11.24 -69.92 17.53
N GLN A 93 11.13 -71.21 17.15
CA GLN A 93 10.02 -72.08 17.55
C GLN A 93 10.43 -73.37 18.21
N SER A 94 9.90 -73.59 19.42
CA SER A 94 10.11 -74.77 20.25
C SER A 94 9.05 -75.80 19.88
N GLY A 95 9.15 -76.29 18.64
CA GLY A 95 8.20 -77.25 18.08
C GLY A 95 6.90 -76.58 17.72
N GLU A 96 6.01 -76.40 18.73
CA GLU A 96 4.69 -75.77 18.55
C GLU A 96 4.64 -74.29 18.98
N SER A 97 5.31 -73.94 20.10
CA SER A 97 5.33 -72.57 20.61
C SER A 97 6.23 -71.69 19.75
N ILE A 98 5.60 -70.86 18.88
CA ILE A 98 6.30 -69.94 18.00
C ILE A 98 6.42 -68.59 18.71
N ASP A 99 7.67 -68.09 18.80
CA ASP A 99 7.98 -66.81 19.43
C ASP A 99 9.04 -66.00 18.68
N ILE A 100 8.86 -64.66 18.65
CA ILE A 100 9.78 -63.75 17.99
C ILE A 100 10.64 -62.96 19.01
N ILE A 101 11.90 -63.40 19.15
CA ILE A 101 12.87 -62.81 20.06
C ILE A 101 13.55 -61.60 19.48
N THR A 102 13.82 -60.61 20.34
CA THR A 102 14.50 -59.36 20.04
C THR A 102 15.99 -59.59 20.30
N ARG A 103 16.77 -59.69 19.22
CA ARG A 103 18.22 -59.89 19.28
C ARG A 103 18.98 -58.64 19.72
N ALA A 104 18.35 -57.43 19.63
CA ALA A 104 18.86 -56.09 20.00
C ALA A 104 17.79 -55.05 19.73
N HIS A 105 17.81 -53.89 20.45
CA HIS A 105 16.85 -52.79 20.23
C HIS A 105 17.27 -51.42 20.76
N GLY A 106 16.75 -50.38 20.11
CA GLY A 106 16.98 -48.97 20.46
C GLY A 106 16.25 -47.95 19.57
N ASN A 107 16.09 -46.71 20.07
CA ASN A 107 15.42 -45.65 19.32
C ASN A 107 16.48 -44.81 18.64
N VAL A 108 16.51 -44.85 17.30
CA VAL A 108 17.55 -44.15 16.52
C VAL A 108 17.24 -42.71 16.17
N GLN A 109 16.28 -42.07 16.88
CA GLN A 109 15.95 -40.68 16.54
C GLN A 109 16.97 -39.72 16.98
N ASP A 110 17.35 -38.81 16.08
CA ASP A 110 18.32 -37.79 16.39
C ASP A 110 17.59 -36.82 17.26
N ARG A 111 18.19 -36.51 18.45
CA ARG A 111 17.65 -35.60 19.48
C ARG A 111 17.07 -34.37 18.79
N ILE A 112 17.83 -33.77 17.86
CA ILE A 112 17.39 -32.62 17.09
C ILE A 112 17.50 -32.88 15.61
N GLY A 113 16.58 -32.32 14.86
CA GLY A 113 16.51 -32.48 13.42
C GLY A 113 15.11 -32.82 12.96
N ARG A 114 14.84 -32.50 11.68
CA ARG A 114 13.56 -32.74 11.01
C ARG A 114 13.79 -33.83 9.97
N PRO A 115 12.97 -34.89 10.11
CA PRO A 115 13.08 -36.04 9.22
C PRO A 115 12.84 -35.68 7.76
N SER A 116 13.59 -36.34 6.86
CA SER A 116 13.46 -36.13 5.42
C SER A 116 11.99 -36.37 5.05
N GLU A 117 11.36 -35.33 4.44
CA GLU A 117 9.97 -35.34 3.97
C GLU A 117 9.75 -36.40 2.82
N THR A 118 10.87 -36.87 2.19
CA THR A 118 10.95 -37.89 1.15
C THR A 118 10.65 -39.27 1.75
N GLY A 119 11.02 -39.50 3.02
CA GLY A 119 10.79 -40.75 3.73
C GLY A 119 12.04 -41.56 4.05
N ILE A 120 11.91 -42.53 5.00
CA ILE A 120 13.00 -43.39 5.48
C ILE A 120 13.49 -44.34 4.39
N ILE A 121 14.83 -44.49 4.31
CA ILE A 121 15.52 -45.43 3.42
C ILE A 121 16.39 -46.29 4.32
N GLY A 122 16.15 -47.58 4.26
CA GLY A 122 16.90 -48.55 5.03
C GLY A 122 17.62 -49.50 4.10
N ILE A 123 18.96 -49.52 4.20
CA ILE A 123 19.77 -50.36 3.34
C ILE A 123 20.85 -51.06 4.11
N ILE A 124 21.05 -52.36 3.77
CA ILE A 124 22.10 -53.16 4.40
C ILE A 124 23.17 -53.48 3.38
N ASP A 125 24.43 -53.45 3.82
CA ASP A 125 25.56 -53.79 2.98
C ASP A 125 25.50 -55.31 2.60
N PRO A 126 25.85 -55.70 1.34
CA PRO A 126 25.78 -57.13 0.96
C PRO A 126 26.56 -58.04 1.90
N GLU A 127 27.70 -57.55 2.44
CA GLU A 127 28.63 -58.25 3.35
C GLU A 127 28.15 -58.24 4.81
N CYS A 128 27.12 -57.40 5.13
CA CYS A 128 26.52 -57.15 6.45
C CYS A 128 27.50 -56.35 7.30
N ARG A 129 28.07 -55.30 6.71
CA ARG A 129 29.02 -54.47 7.44
C ARG A 129 28.32 -53.43 8.34
N MET A 130 27.19 -52.83 7.87
CA MET A 130 26.38 -51.85 8.62
C MET A 130 24.96 -51.72 8.08
N ILE A 131 24.09 -51.00 8.82
CA ILE A 131 22.73 -50.64 8.38
C ILE A 131 22.82 -49.18 8.01
N GLY A 132 22.51 -48.89 6.76
CA GLY A 132 22.47 -47.55 6.25
C GLY A 132 21.06 -47.01 6.39
N LEU A 133 20.94 -45.83 7.02
CA LEU A 133 19.66 -45.17 7.22
C LEU A 133 19.71 -43.74 6.75
N ARG A 134 18.72 -43.36 5.96
CA ARG A 134 18.54 -41.98 5.53
C ARG A 134 17.24 -41.63 6.24
N LEU A 135 17.34 -41.01 7.44
CA LEU A 135 16.11 -40.67 8.19
C LEU A 135 15.85 -39.19 8.11
N TYR A 136 16.95 -38.41 8.24
CA TYR A 136 16.97 -36.96 8.25
C TYR A 136 17.86 -36.50 7.14
N ASP A 137 17.53 -35.34 6.54
CA ASP A 137 18.28 -34.76 5.44
C ASP A 137 19.71 -34.35 5.82
N GLY A 138 20.63 -34.44 4.86
CA GLY A 138 22.04 -34.06 5.05
C GLY A 138 22.83 -34.87 6.07
N LEU A 139 22.26 -36.02 6.45
CA LEU A 139 22.84 -36.96 7.39
C LEU A 139 22.59 -38.40 6.98
N PHE A 140 23.67 -39.21 7.05
CA PHE A 140 23.61 -40.64 6.78
C PHE A 140 23.94 -41.41 8.08
N LYS A 141 22.90 -41.92 8.77
CA LYS A 141 23.07 -42.63 10.04
C LYS A 141 23.53 -44.02 9.78
N VAL A 142 24.57 -44.44 10.50
CA VAL A 142 25.21 -45.74 10.32
C VAL A 142 25.11 -46.59 11.58
N ILE A 143 24.35 -47.70 11.51
CA ILE A 143 24.28 -48.62 12.64
C ILE A 143 25.29 -49.73 12.39
N PRO A 144 26.39 -49.75 13.16
CA PRO A 144 27.40 -50.81 13.00
C PRO A 144 26.81 -52.14 13.44
N LEU A 145 27.22 -53.24 12.80
CA LEU A 145 26.63 -54.53 13.10
C LEU A 145 27.34 -55.49 14.08
N ASP A 146 28.41 -55.01 14.75
CA ASP A 146 29.22 -55.72 15.76
C ASP A 146 28.44 -56.11 17.01
N ARG A 147 28.67 -57.38 17.43
CA ARG A 147 28.06 -58.15 18.54
C ARG A 147 27.49 -57.37 19.73
N ASP A 148 28.31 -56.47 20.27
CA ASP A 148 28.07 -55.71 21.49
C ASP A 148 27.16 -54.49 21.33
N ASN A 149 26.37 -54.43 20.23
CA ASN A 149 25.47 -53.33 19.96
C ASN A 149 24.00 -53.62 20.29
N LYS A 150 23.73 -54.27 21.46
CA LYS A 150 22.38 -54.61 21.92
C LYS A 150 21.48 -53.37 22.02
N GLU A 151 22.06 -52.22 22.40
CA GLU A 151 21.38 -50.93 22.51
C GLU A 151 21.21 -50.24 21.14
N LEU A 152 21.67 -50.92 20.05
CA LEU A 152 21.59 -50.49 18.63
C LEU A 152 21.96 -49.02 18.49
N LYS A 153 23.15 -48.70 18.91
CA LYS A 153 23.64 -47.32 18.87
C LYS A 153 24.23 -47.00 17.49
N ALA A 154 23.95 -45.81 16.97
CA ALA A 154 24.46 -45.38 15.68
C ALA A 154 25.17 -44.04 15.77
N PHE A 155 25.68 -43.57 14.64
CA PHE A 155 26.34 -42.29 14.50
C PHE A 155 25.98 -41.78 13.12
N ASN A 156 26.23 -40.50 12.84
CA ASN A 156 25.90 -39.96 11.53
C ASN A 156 27.13 -39.55 10.73
N ILE A 157 27.02 -39.57 9.40
CA ILE A 157 28.09 -39.10 8.55
C ILE A 157 27.49 -37.95 7.82
N ARG A 158 28.14 -36.78 7.90
CA ARG A 158 27.58 -35.62 7.22
C ARG A 158 27.63 -35.85 5.73
N LEU A 159 26.43 -36.07 5.20
CA LEU A 159 26.21 -36.32 3.80
C LEU A 159 25.95 -35.00 3.12
N GLU A 160 27.03 -34.35 2.66
CA GLU A 160 27.02 -33.04 1.99
C GLU A 160 25.90 -32.93 0.95
N GLU A 161 25.72 -34.03 0.20
CA GLU A 161 24.82 -34.22 -0.93
C GLU A 161 23.39 -33.73 -0.84
N LEU A 162 22.65 -33.98 0.29
CA LEU A 162 21.26 -33.51 0.53
C LEU A 162 20.23 -33.92 -0.53
N HIS A 163 19.00 -34.26 -0.09
CA HIS A 163 17.90 -34.67 -1.01
C HIS A 163 18.38 -35.84 -1.88
N VAL A 164 18.52 -37.01 -1.26
CA VAL A 164 18.95 -38.20 -1.98
C VAL A 164 17.68 -38.97 -2.34
N ILE A 165 17.51 -39.29 -3.64
CA ILE A 165 16.37 -40.00 -4.20
C ILE A 165 16.28 -41.40 -3.62
N ASP A 166 17.38 -42.17 -3.78
CA ASP A 166 17.53 -43.55 -3.32
C ASP A 166 19.01 -43.87 -3.30
N VAL A 167 19.39 -44.62 -2.29
CA VAL A 167 20.74 -45.09 -2.09
C VAL A 167 20.65 -46.60 -1.87
N LYS A 168 21.59 -47.38 -2.50
CA LYS A 168 21.74 -48.84 -2.31
C LYS A 168 23.18 -49.10 -1.99
N PHE A 169 23.41 -50.16 -1.24
CA PHE A 169 24.78 -50.54 -0.97
C PHE A 169 25.25 -51.32 -2.19
N LEU A 170 26.43 -50.97 -2.69
CA LEU A 170 26.97 -51.59 -3.87
C LEU A 170 27.54 -52.97 -3.66
N TYR A 171 27.39 -53.81 -4.71
CA TYR A 171 27.88 -55.17 -4.82
C TYR A 171 29.24 -55.14 -5.51
N GLY A 172 30.12 -56.02 -5.05
CA GLY A 172 31.44 -56.25 -5.62
C GLY A 172 32.50 -55.25 -5.26
N CYS A 173 32.63 -54.94 -3.97
CA CYS A 173 33.64 -54.00 -3.47
C CYS A 173 34.04 -54.30 -2.04
N GLN A 174 35.33 -54.08 -1.75
CA GLN A 174 36.00 -54.29 -0.47
C GLN A 174 35.52 -53.23 0.50
N ALA A 175 35.57 -51.98 0.05
CA ALA A 175 35.10 -50.83 0.77
C ALA A 175 33.56 -50.87 0.74
N PRO A 176 32.87 -50.65 1.89
CA PRO A 176 31.41 -50.65 1.87
C PRO A 176 30.99 -49.40 1.11
N THR A 177 30.68 -49.62 -0.16
CA THR A 177 30.35 -48.55 -1.08
C THR A 177 28.85 -48.35 -1.26
N ILE A 178 28.43 -47.07 -1.19
CA ILE A 178 27.06 -46.62 -1.40
C ILE A 178 26.98 -45.86 -2.71
N CYS A 179 26.08 -46.31 -3.54
CA CYS A 179 25.81 -45.70 -4.82
C CYS A 179 24.44 -45.10 -4.70
N PHE A 180 24.31 -43.82 -5.05
CA PHE A 180 23.04 -43.12 -4.95
C PHE A 180 22.79 -42.12 -6.07
N VAL A 181 21.51 -41.81 -6.24
CA VAL A 181 21.03 -40.84 -7.18
C VAL A 181 20.60 -39.70 -6.30
N TYR A 182 21.16 -38.53 -6.57
CA TYR A 182 20.89 -37.33 -5.79
C TYR A 182 20.47 -36.15 -6.65
N GLN A 183 19.55 -35.37 -6.10
CA GLN A 183 18.99 -34.17 -6.72
C GLN A 183 19.74 -32.94 -6.23
N ASP A 184 20.22 -32.17 -7.20
CA ASP A 184 20.90 -30.90 -6.97
C ASP A 184 20.53 -29.98 -8.13
N PRO A 185 20.38 -28.66 -7.89
CA PRO A 185 20.07 -27.72 -9.00
C PRO A 185 20.55 -28.09 -10.40
N GLN A 186 21.82 -28.54 -10.55
CA GLN A 186 22.45 -28.98 -11.81
C GLN A 186 21.76 -30.19 -12.46
N GLY A 187 20.84 -30.82 -11.74
CA GLY A 187 20.10 -32.00 -12.15
C GLY A 187 20.42 -33.23 -11.32
N ARG A 188 19.82 -34.39 -11.67
CA ARG A 188 20.04 -35.66 -10.97
C ARG A 188 21.33 -36.31 -11.48
N HIS A 189 22.09 -36.94 -10.55
CA HIS A 189 23.36 -37.62 -10.85
C HIS A 189 23.56 -38.88 -9.97
N VAL A 190 24.52 -39.75 -10.35
CA VAL A 190 24.89 -40.94 -9.59
C VAL A 190 26.24 -40.71 -8.98
N LYS A 191 26.37 -40.99 -7.68
CA LYS A 191 27.61 -40.74 -6.93
C LYS A 191 27.99 -41.95 -6.06
N THR A 192 29.27 -42.09 -5.73
CA THR A 192 29.75 -43.20 -4.92
C THR A 192 30.65 -42.78 -3.77
N TYR A 193 30.35 -43.30 -2.57
CA TYR A 193 31.15 -43.09 -1.36
C TYR A 193 31.48 -44.44 -0.73
N GLU A 194 32.65 -44.52 -0.09
CA GLU A 194 33.04 -45.67 0.72
C GLU A 194 32.64 -45.23 2.14
N VAL A 195 32.23 -46.15 2.98
CA VAL A 195 31.82 -45.82 4.34
C VAL A 195 32.88 -46.33 5.31
N SER A 196 33.76 -45.45 5.74
CA SER A 196 34.79 -45.82 6.70
C SER A 196 34.19 -45.84 8.09
N LEU A 197 34.01 -47.05 8.65
CA LEU A 197 33.45 -47.20 10.00
C LEU A 197 34.42 -46.70 11.07
N ARG A 198 35.73 -46.95 10.87
CA ARG A 198 36.80 -46.53 11.78
C ARG A 198 36.83 -45.00 11.88
N GLU A 199 37.08 -44.29 10.76
CA GLU A 199 37.15 -42.82 10.77
C GLU A 199 35.79 -42.11 10.90
N LYS A 200 34.71 -42.91 10.83
CA LYS A 200 33.32 -42.47 10.93
C LYS A 200 32.96 -41.40 9.90
N GLU A 201 33.57 -41.52 8.67
CA GLU A 201 33.40 -40.60 7.53
C GLU A 201 33.31 -41.34 6.20
N PHE A 202 33.10 -40.57 5.09
CA PHE A 202 33.03 -41.10 3.72
C PHE A 202 34.37 -40.91 3.00
N ASN A 203 34.59 -41.72 1.94
CA ASN A 203 35.75 -41.64 1.06
C ASN A 203 35.35 -41.87 -0.40
N LYS A 204 35.95 -41.07 -1.29
CA LYS A 204 35.79 -41.18 -2.74
C LYS A 204 36.43 -42.53 -3.06
N GLY A 205 35.69 -43.47 -3.65
CA GLY A 205 34.38 -43.35 -4.24
C GLY A 205 34.54 -44.01 -5.60
N PRO A 206 34.52 -45.37 -5.64
CA PRO A 206 34.77 -46.12 -6.88
C PRO A 206 34.91 -45.43 -8.23
N TRP A 207 33.82 -45.34 -8.99
CA TRP A 207 33.94 -44.63 -10.25
C TRP A 207 33.57 -43.19 -10.04
N LYS A 208 34.00 -42.34 -10.96
CA LYS A 208 33.70 -40.92 -10.95
C LYS A 208 32.19 -40.71 -11.08
N GLN A 209 31.68 -39.64 -10.48
CA GLN A 209 30.26 -39.42 -10.59
C GLN A 209 29.83 -39.07 -12.02
N GLU A 210 28.89 -39.85 -12.56
CA GLU A 210 28.30 -39.66 -13.88
C GLU A 210 26.93 -39.01 -13.70
N ASN A 211 26.42 -38.38 -14.78
CA ASN A 211 25.11 -37.72 -14.75
C ASN A 211 24.05 -38.68 -15.28
N VAL A 212 22.92 -38.71 -14.62
CA VAL A 212 21.79 -39.55 -15.04
C VAL A 212 20.58 -38.67 -15.32
N GLU A 213 19.70 -39.12 -16.25
CA GLU A 213 18.49 -38.39 -16.63
C GLU A 213 17.57 -38.10 -15.45
N ALA A 214 17.09 -36.86 -15.38
CA ALA A 214 16.26 -36.28 -14.33
C ALA A 214 15.11 -37.12 -13.77
N GLU A 215 14.70 -38.19 -14.47
CA GLU A 215 13.64 -39.03 -13.95
C GLU A 215 14.17 -40.36 -13.35
N ALA A 216 15.44 -40.33 -12.90
CA ALA A 216 16.09 -41.49 -12.28
C ALA A 216 15.43 -41.69 -10.91
N SER A 217 14.76 -42.85 -10.72
CA SER A 217 14.06 -43.13 -9.47
C SER A 217 14.62 -44.28 -8.64
N MET A 218 15.10 -45.35 -9.32
CA MET A 218 15.69 -46.54 -8.67
C MET A 218 17.10 -46.78 -9.09
N VAL A 219 17.88 -47.24 -8.13
CA VAL A 219 19.27 -47.63 -8.29
C VAL A 219 19.29 -49.10 -7.90
N ILE A 220 19.61 -50.00 -8.85
CA ILE A 220 19.64 -51.45 -8.61
C ILE A 220 21.07 -51.86 -8.59
N ALA A 221 21.50 -52.36 -7.44
CA ALA A 221 22.85 -52.84 -7.24
C ALA A 221 22.91 -54.20 -7.95
N VAL A 222 23.69 -54.27 -9.04
CA VAL A 222 23.75 -55.54 -9.77
C VAL A 222 24.79 -56.38 -9.09
N PRO A 223 24.41 -57.62 -8.71
CA PRO A 223 25.38 -58.53 -8.10
C PRO A 223 26.44 -58.95 -9.10
N GLU A 224 27.51 -59.58 -8.62
CA GLU A 224 28.55 -60.09 -9.49
C GLU A 224 27.97 -61.35 -10.24
N PRO A 225 28.48 -61.82 -11.40
CA PRO A 225 29.69 -61.44 -12.15
C PRO A 225 29.63 -60.14 -12.90
N PHE A 226 28.45 -59.48 -12.90
CA PHE A 226 28.22 -58.21 -13.58
C PHE A 226 28.86 -57.05 -12.87
N GLY A 227 28.36 -56.78 -11.68
CA GLY A 227 28.82 -55.68 -10.85
C GLY A 227 28.08 -54.39 -11.15
N GLY A 228 28.57 -53.29 -10.56
CA GLY A 228 28.01 -51.96 -10.72
C GLY A 228 26.55 -51.81 -10.36
N ALA A 229 25.90 -50.80 -11.00
CA ALA A 229 24.50 -50.48 -10.79
C ALA A 229 23.71 -50.18 -12.06
N ILE A 230 22.41 -50.47 -12.00
CA ILE A 230 21.46 -50.19 -13.05
C ILE A 230 20.62 -49.04 -12.59
N ILE A 231 20.40 -48.03 -13.46
CA ILE A 231 19.58 -46.86 -13.10
C ILE A 231 18.27 -46.75 -13.89
N ILE A 232 17.21 -47.33 -13.30
CA ILE A 232 15.85 -47.33 -13.82
C ILE A 232 15.26 -45.92 -13.68
N GLY A 233 14.31 -45.62 -14.54
CA GLY A 233 13.62 -44.34 -14.54
C GLY A 233 13.39 -43.84 -15.95
N GLN A 234 12.31 -44.37 -16.60
CA GLN A 234 11.83 -44.08 -17.96
C GLN A 234 12.09 -42.61 -18.42
N GLU A 235 12.48 -42.41 -19.70
CA GLU A 235 12.56 -43.39 -20.79
C GLU A 235 13.86 -44.20 -20.93
N SER A 236 14.73 -44.22 -19.91
CA SER A 236 15.97 -44.98 -20.03
C SER A 236 16.37 -45.92 -18.88
N ILE A 237 17.15 -46.97 -19.25
CA ILE A 237 17.79 -47.92 -18.35
C ILE A 237 19.26 -47.77 -18.68
N THR A 238 20.08 -47.62 -17.64
CA THR A 238 21.52 -47.43 -17.79
C THR A 238 22.32 -48.33 -16.86
N TYR A 239 23.56 -48.61 -17.24
CA TYR A 239 24.45 -49.41 -16.46
C TYR A 239 25.76 -48.63 -16.26
N HIS A 240 26.09 -48.39 -14.98
CA HIS A 240 27.28 -47.65 -14.60
C HIS A 240 28.17 -48.55 -13.77
N ASN A 241 29.44 -48.74 -14.21
CA ASN A 241 30.43 -49.57 -13.54
C ASN A 241 31.83 -49.27 -14.05
N GLY A 242 32.49 -48.35 -13.36
CA GLY A 242 33.84 -47.93 -13.71
C GLY A 242 33.90 -47.10 -14.98
N ASP A 243 34.30 -47.76 -16.07
CA ASP A 243 34.45 -47.15 -17.39
C ASP A 243 33.45 -47.73 -18.44
N LYS A 244 32.82 -48.86 -18.11
CA LYS A 244 31.79 -49.50 -18.92
C LYS A 244 30.51 -48.65 -18.82
N TYR A 245 29.85 -48.41 -19.97
CA TYR A 245 28.57 -47.69 -19.99
C TYR A 245 27.64 -48.17 -21.08
N LEU A 246 26.51 -48.75 -20.65
CA LEU A 246 25.46 -49.21 -21.55
C LEU A 246 24.22 -48.41 -21.28
N ALA A 247 23.51 -48.03 -22.34
CA ALA A 247 22.28 -47.27 -22.25
C ALA A 247 21.27 -47.81 -23.25
N ILE A 248 20.11 -48.17 -22.71
CA ILE A 248 19.00 -48.72 -23.46
C ILE A 248 17.76 -47.87 -23.16
N ALA A 249 17.19 -47.30 -24.21
CA ALA A 249 15.97 -46.49 -24.13
C ALA A 249 14.91 -47.27 -24.93
N PRO A 250 14.29 -48.30 -24.33
CA PRO A 250 13.29 -49.08 -25.06
C PRO A 250 12.03 -48.25 -25.29
N PRO A 251 11.36 -48.40 -26.43
CA PRO A 251 10.14 -47.61 -26.67
C PRO A 251 9.01 -47.97 -25.69
N ILE A 252 9.03 -49.20 -25.16
CA ILE A 252 8.00 -49.74 -24.29
C ILE A 252 7.78 -49.03 -22.96
N ILE A 253 8.74 -49.12 -22.02
CA ILE A 253 8.68 -48.52 -20.67
C ILE A 253 8.18 -47.07 -20.59
N LYS A 254 8.40 -46.30 -21.69
CA LYS A 254 8.09 -44.88 -21.88
C LYS A 254 6.76 -44.38 -21.26
N GLN A 255 5.65 -45.12 -21.53
CA GLN A 255 4.28 -44.84 -21.05
C GLN A 255 4.10 -44.74 -19.54
N SER A 256 4.71 -45.66 -18.76
CA SER A 256 4.57 -45.63 -17.31
C SER A 256 5.87 -45.64 -16.49
N THR A 257 5.76 -45.09 -15.26
CA THR A 257 6.83 -44.99 -14.27
C THR A 257 6.93 -46.30 -13.49
N ILE A 258 8.09 -46.95 -13.62
CA ILE A 258 8.47 -48.21 -12.97
C ILE A 258 8.63 -47.90 -11.49
N VAL A 259 8.00 -48.70 -10.64
CA VAL A 259 7.99 -48.44 -9.20
C VAL A 259 8.72 -49.39 -8.32
N CYS A 260 8.90 -50.63 -8.78
CA CYS A 260 9.54 -51.67 -7.97
C CYS A 260 10.21 -52.62 -8.86
N HIS A 261 11.07 -53.43 -8.27
CA HIS A 261 11.81 -54.42 -9.03
C HIS A 261 12.16 -55.62 -8.17
N ASN A 262 12.44 -56.75 -8.82
CA ASN A 262 12.83 -57.96 -8.15
C ASN A 262 13.79 -58.78 -8.99
N ARG A 263 14.85 -59.28 -8.36
CA ARG A 263 15.84 -60.10 -9.02
C ARG A 263 15.25 -61.49 -9.16
N VAL A 264 15.06 -61.93 -10.40
CA VAL A 264 14.57 -63.26 -10.70
C VAL A 264 15.76 -64.19 -10.52
N ASP A 265 16.86 -63.92 -11.28
CA ASP A 265 18.09 -64.69 -11.27
C ASP A 265 19.29 -64.05 -10.53
N PRO A 266 19.59 -64.55 -9.30
CA PRO A 266 20.72 -64.04 -8.50
C PRO A 266 21.97 -63.49 -9.17
N ASN A 267 22.45 -64.12 -10.26
CA ASN A 267 23.67 -63.68 -10.95
C ASN A 267 23.53 -62.32 -11.62
N GLY A 268 22.31 -61.75 -11.61
CA GLY A 268 21.96 -60.45 -12.15
C GLY A 268 21.15 -60.49 -13.44
N SER A 269 21.39 -61.52 -14.27
CA SER A 269 20.81 -61.79 -15.59
C SER A 269 19.34 -61.39 -15.79
N ARG A 270 18.41 -61.95 -14.98
CA ARG A 270 16.97 -61.68 -15.11
C ARG A 270 16.45 -60.80 -13.98
N TYR A 271 15.62 -59.77 -14.30
CA TYR A 271 15.01 -58.82 -13.34
C TYR A 271 13.55 -58.52 -13.75
N LEU A 272 12.66 -58.36 -12.75
CA LEU A 272 11.26 -58.01 -12.99
C LEU A 272 11.03 -56.56 -12.66
N LEU A 273 10.45 -55.82 -13.60
CA LEU A 273 10.16 -54.41 -13.38
C LEU A 273 8.66 -54.23 -13.48
N GLY A 274 8.08 -53.58 -12.46
CA GLY A 274 6.65 -53.33 -12.38
C GLY A 274 6.35 -51.85 -12.27
N ASP A 275 5.30 -51.39 -12.98
CA ASP A 275 4.96 -49.96 -12.98
C ASP A 275 3.57 -49.62 -12.40
N MET A 276 3.29 -48.29 -12.27
CA MET A 276 2.04 -47.70 -11.76
C MET A 276 0.79 -48.19 -12.55
N GLU A 277 0.98 -48.77 -13.76
CA GLU A 277 -0.11 -49.26 -14.62
C GLU A 277 -0.38 -50.75 -14.40
N GLY A 278 0.44 -51.40 -13.58
CA GLY A 278 0.32 -52.83 -13.29
C GLY A 278 0.93 -53.75 -14.34
N ARG A 279 1.76 -53.19 -15.25
CA ARG A 279 2.46 -53.92 -16.28
C ARG A 279 3.62 -54.65 -15.65
N LEU A 280 3.92 -55.84 -16.15
CA LEU A 280 5.06 -56.62 -15.69
C LEU A 280 6.02 -56.88 -16.84
N PHE A 281 7.29 -56.50 -16.62
CA PHE A 281 8.35 -56.59 -17.62
C PHE A 281 9.47 -57.52 -17.19
N MET A 282 10.44 -57.70 -18.11
CA MET A 282 11.64 -58.46 -17.90
C MET A 282 12.85 -57.68 -18.38
N LEU A 283 13.77 -57.40 -17.47
CA LEU A 283 15.02 -56.70 -17.76
C LEU A 283 16.07 -57.76 -17.81
N LEU A 284 16.61 -58.01 -19.01
CA LEU A 284 17.57 -59.09 -19.23
C LEU A 284 18.99 -58.67 -19.61
N LEU A 285 19.89 -58.90 -18.67
CA LEU A 285 21.30 -58.60 -18.76
C LEU A 285 22.02 -59.69 -19.52
N GLU A 286 22.52 -59.32 -20.72
CA GLU A 286 23.25 -60.23 -21.60
C GLU A 286 24.66 -60.44 -21.06
N LYS A 287 24.86 -61.58 -20.36
CA LYS A 287 26.14 -61.99 -19.78
C LYS A 287 27.13 -62.24 -20.92
N GLU A 288 28.11 -61.33 -21.07
CA GLU A 288 29.14 -61.43 -22.11
C GLU A 288 30.41 -62.01 -21.53
N GLU A 289 30.88 -63.15 -22.13
CA GLU A 289 32.09 -63.89 -21.74
C GLU A 289 33.32 -63.06 -21.95
N GLN A 290 33.14 -61.90 -22.65
CA GLN A 290 34.12 -60.88 -23.03
C GLN A 290 35.41 -61.50 -23.52
N MET A 291 36.27 -61.85 -22.56
CA MET A 291 37.57 -62.40 -22.82
C MET A 291 38.10 -63.02 -21.54
N ASP A 292 39.40 -62.96 -21.34
CA ASP A 292 40.12 -63.60 -20.26
C ASP A 292 40.34 -62.70 -19.01
N GLY A 293 39.67 -63.03 -17.91
CA GLY A 293 38.65 -64.06 -17.75
C GLY A 293 37.36 -63.37 -17.38
N THR A 294 37.44 -62.03 -17.46
CA THR A 294 36.47 -60.97 -17.19
C THR A 294 35.09 -61.23 -17.80
N VAL A 295 34.07 -61.15 -16.95
CA VAL A 295 32.67 -61.29 -17.33
C VAL A 295 32.09 -59.86 -17.40
N THR A 296 31.77 -59.42 -18.63
CA THR A 296 31.24 -58.09 -18.98
C THR A 296 29.76 -58.21 -19.29
N LEU A 297 29.06 -57.05 -19.41
CA LEU A 297 27.65 -57.01 -19.80
C LEU A 297 27.63 -56.61 -21.30
N LYS A 298 27.00 -57.45 -22.15
CA LYS A 298 26.91 -57.23 -23.61
C LYS A 298 25.89 -56.15 -23.95
N ASP A 299 24.63 -56.36 -23.49
CA ASP A 299 23.48 -55.49 -23.72
C ASP A 299 22.36 -55.78 -22.72
N LEU A 300 21.28 -55.02 -22.82
CA LEU A 300 20.10 -55.17 -21.99
C LEU A 300 18.87 -55.38 -22.84
N ARG A 301 17.99 -56.24 -22.37
CA ARG A 301 16.76 -56.58 -23.06
C ARG A 301 15.57 -56.19 -22.21
N VAL A 302 14.51 -55.69 -22.86
CA VAL A 302 13.27 -55.38 -22.16
C VAL A 302 12.13 -56.01 -22.92
N GLU A 303 11.45 -56.97 -22.26
CA GLU A 303 10.33 -57.72 -22.81
C GLU A 303 9.15 -57.63 -21.85
N LEU A 304 7.96 -57.59 -22.42
CA LEU A 304 6.73 -57.47 -21.65
C LEU A 304 6.12 -58.83 -21.35
N LEU A 305 5.80 -59.09 -20.07
CA LEU A 305 5.21 -60.36 -19.63
C LEU A 305 3.68 -60.33 -19.48
N GLY A 306 3.13 -59.12 -19.40
CA GLY A 306 1.69 -58.89 -19.26
C GLY A 306 1.30 -58.03 -18.08
N GLU A 307 0.04 -58.17 -17.59
CA GLU A 307 -0.43 -57.36 -16.47
C GLU A 307 -0.82 -58.09 -15.19
N THR A 308 -0.52 -57.42 -14.08
CA THR A 308 -0.75 -57.83 -12.71
C THR A 308 -1.42 -56.67 -11.95
N SER A 309 -1.72 -56.86 -10.65
CA SER A 309 -2.27 -55.83 -9.77
C SER A 309 -1.24 -54.71 -9.64
N ILE A 310 -1.68 -53.45 -9.41
CA ILE A 310 -0.70 -52.35 -9.28
C ILE A 310 0.28 -52.76 -8.18
N ALA A 311 1.51 -53.02 -8.57
CA ALA A 311 2.48 -53.56 -7.63
C ALA A 311 3.24 -52.55 -6.77
N GLU A 312 3.01 -52.58 -5.43
CA GLU A 312 3.75 -51.73 -4.50
C GLU A 312 5.19 -52.31 -4.41
N CYS A 313 5.31 -53.66 -4.57
CA CYS A 313 6.55 -54.44 -4.59
C CYS A 313 6.29 -55.88 -5.10
N LEU A 314 7.15 -56.33 -6.02
CA LEU A 314 7.11 -57.68 -6.58
C LEU A 314 8.09 -58.53 -5.78
N THR A 315 7.83 -59.85 -5.73
CA THR A 315 8.66 -60.84 -5.06
C THR A 315 8.51 -62.17 -5.78
N TYR A 316 9.56 -62.58 -6.51
CA TYR A 316 9.60 -63.85 -7.23
C TYR A 316 9.83 -64.96 -6.18
N LEU A 317 9.11 -66.08 -6.27
CA LEU A 317 9.21 -67.16 -5.27
C LEU A 317 9.52 -68.56 -5.87
N ASP A 318 10.24 -68.58 -7.00
CA ASP A 318 10.61 -69.76 -7.77
C ASP A 318 9.48 -70.62 -8.36
N ASN A 319 9.71 -71.02 -9.62
CA ASN A 319 8.88 -71.81 -10.54
C ASN A 319 7.88 -70.95 -11.27
N GLY A 320 8.35 -69.73 -11.62
CA GLY A 320 7.57 -68.72 -12.31
C GLY A 320 6.45 -68.24 -11.41
N VAL A 321 6.67 -68.36 -10.11
CA VAL A 321 5.70 -67.99 -9.11
C VAL A 321 6.11 -66.65 -8.53
N VAL A 322 5.35 -65.61 -8.84
CA VAL A 322 5.67 -64.28 -8.34
C VAL A 322 4.50 -63.72 -7.54
N PHE A 323 4.81 -63.10 -6.38
CA PHE A 323 3.85 -62.48 -5.50
C PHE A 323 3.82 -60.99 -5.75
N VAL A 324 2.71 -60.54 -6.33
CA VAL A 324 2.44 -59.14 -6.66
C VAL A 324 1.83 -58.50 -5.39
N GLY A 325 2.70 -57.85 -4.62
CA GLY A 325 2.35 -57.19 -3.38
C GLY A 325 1.76 -55.81 -3.63
N SER A 326 0.43 -55.70 -3.51
CA SER A 326 -0.28 -54.46 -3.73
C SER A 326 -0.84 -53.86 -2.47
N ARG A 327 -0.60 -52.56 -2.35
CA ARG A 327 -1.04 -51.67 -1.30
C ARG A 327 -2.27 -51.00 -1.87
N LEU A 328 -2.21 -50.64 -3.17
CA LEU A 328 -3.27 -49.97 -3.90
C LEU A 328 -4.50 -50.82 -4.31
N GLY A 329 -4.39 -52.13 -4.18
CA GLY A 329 -5.47 -53.05 -4.50
C GLY A 329 -5.13 -54.46 -4.09
N ASP A 330 -5.98 -55.41 -4.53
CA ASP A 330 -5.85 -56.83 -4.22
C ASP A 330 -4.47 -57.38 -4.51
N SER A 331 -3.84 -57.99 -3.50
CA SER A 331 -2.52 -58.61 -3.66
C SER A 331 -2.75 -59.93 -4.39
N GLN A 332 -1.79 -60.37 -5.20
CA GLN A 332 -2.02 -61.59 -5.97
C GLN A 332 -0.79 -62.48 -6.19
N LEU A 333 -1.04 -63.73 -6.66
CA LEU A 333 -0.05 -64.72 -7.04
C LEU A 333 -0.11 -64.91 -8.53
N VAL A 334 1.04 -64.80 -9.16
CA VAL A 334 1.17 -64.83 -10.60
C VAL A 334 2.16 -65.89 -11.13
N LYS A 335 1.74 -66.64 -12.20
CA LYS A 335 2.59 -67.63 -12.88
C LYS A 335 3.16 -67.06 -14.19
N LEU A 336 4.44 -67.30 -14.42
CA LEU A 336 5.12 -66.86 -15.63
C LEU A 336 5.42 -68.09 -16.48
N ASN A 337 4.62 -68.30 -17.56
CA ASN A 337 4.74 -69.43 -18.50
C ASN A 337 5.91 -69.24 -19.48
N VAL A 338 6.67 -70.32 -19.71
CA VAL A 338 7.86 -70.35 -20.58
C VAL A 338 7.52 -69.93 -22.02
N ASP A 339 6.30 -70.27 -22.46
CA ASP A 339 5.77 -69.93 -23.79
C ASP A 339 4.64 -68.91 -23.70
N SER A 340 4.45 -68.17 -24.80
CA SER A 340 3.47 -67.10 -24.91
C SER A 340 2.05 -67.61 -25.01
N ASN A 341 1.12 -66.81 -24.48
CA ASN A 341 -0.33 -67.03 -24.49
C ASN A 341 -0.90 -66.66 -25.88
N GLU A 342 -2.22 -66.90 -26.09
CA GLU A 342 -2.98 -66.55 -27.29
C GLU A 342 -2.89 -65.03 -27.49
N GLN A 343 -3.05 -64.30 -26.38
CA GLN A 343 -2.97 -62.85 -26.30
C GLN A 343 -1.51 -62.39 -26.37
N GLY A 344 -0.62 -63.25 -25.88
CA GLY A 344 0.82 -63.01 -25.83
C GLY A 344 1.30 -62.76 -24.42
N SER A 345 0.41 -62.98 -23.43
CA SER A 345 0.59 -62.77 -21.99
C SER A 345 1.13 -63.99 -21.22
N TYR A 346 2.41 -63.93 -20.82
CA TYR A 346 3.08 -64.97 -20.04
C TYR A 346 2.53 -65.02 -18.61
N VAL A 347 1.87 -63.94 -18.17
CA VAL A 347 1.22 -63.82 -16.86
C VAL A 347 -0.03 -64.72 -16.80
N VAL A 348 -0.09 -65.56 -15.76
CA VAL A 348 -1.21 -66.42 -15.49
C VAL A 348 -1.56 -66.17 -14.03
N ALA A 349 -2.79 -65.71 -13.79
CA ALA A 349 -3.31 -65.43 -12.45
C ALA A 349 -3.46 -66.75 -11.67
N MET A 350 -3.06 -66.75 -10.38
CA MET A 350 -3.15 -67.96 -9.55
C MET A 350 -4.08 -67.75 -8.36
N GLU A 351 -3.77 -66.79 -7.49
CA GLU A 351 -4.62 -66.49 -6.34
C GLU A 351 -4.70 -64.99 -6.11
N THR A 352 -5.81 -64.52 -5.50
CA THR A 352 -6.05 -63.11 -5.19
C THR A 352 -6.39 -62.93 -3.68
N PHE A 353 -5.85 -61.86 -3.06
CA PHE A 353 -6.00 -61.56 -1.64
C PHE A 353 -6.60 -60.20 -1.39
N THR A 354 -7.67 -60.19 -0.56
CA THR A 354 -8.47 -59.02 -0.21
C THR A 354 -7.66 -57.87 0.31
N ASN A 355 -8.03 -56.63 -0.08
CA ASN A 355 -7.33 -55.39 0.23
C ASN A 355 -8.26 -54.18 0.26
N LEU A 356 -8.93 -53.99 1.41
CA LEU A 356 -9.82 -52.85 1.64
C LEU A 356 -9.10 -51.46 1.52
N GLY A 357 -7.77 -51.47 1.63
CA GLY A 357 -6.97 -50.26 1.55
C GLY A 357 -6.74 -49.80 0.12
N PRO A 358 -6.82 -48.46 -0.13
CA PRO A 358 -7.15 -47.38 0.82
C PRO A 358 -8.66 -47.24 1.03
N ILE A 359 -9.16 -47.21 2.29
CA ILE A 359 -10.58 -47.00 2.53
C ILE A 359 -10.80 -45.51 2.37
N VAL A 360 -11.19 -45.10 1.17
CA VAL A 360 -11.44 -43.70 0.80
C VAL A 360 -12.72 -43.21 1.55
N ASP A 361 -13.84 -43.90 1.32
CA ASP A 361 -15.10 -43.58 2.00
C ASP A 361 -15.83 -44.79 2.61
N MET A 362 -16.77 -44.54 3.52
CA MET A 362 -17.47 -45.56 4.24
C MET A 362 -18.89 -45.15 4.51
N CYS A 363 -19.78 -46.13 4.82
CA CYS A 363 -21.16 -45.94 5.29
C CYS A 363 -21.71 -47.22 5.90
N VAL A 364 -22.62 -47.10 6.86
CA VAL A 364 -23.22 -48.26 7.51
C VAL A 364 -24.72 -48.37 7.15
N VAL A 365 -25.12 -49.52 6.58
CA VAL A 365 -26.48 -49.84 6.12
C VAL A 365 -27.07 -51.09 6.80
N ASP A 366 -28.22 -51.57 6.28
CA ASP A 366 -28.99 -52.75 6.70
C ASP A 366 -29.64 -53.32 5.43
N LEU A 367 -28.80 -53.74 4.48
CA LEU A 367 -29.26 -54.25 3.18
C LEU A 367 -30.19 -55.51 3.24
N GLU A 368 -29.77 -56.56 4.00
CA GLU A 368 -30.57 -57.79 4.19
C GLU A 368 -31.80 -57.42 5.05
N ARG A 369 -31.58 -56.48 6.02
CA ARG A 369 -32.49 -55.83 6.97
C ARG A 369 -32.62 -56.43 8.37
N GLN A 370 -33.19 -55.63 9.29
CA GLN A 370 -33.44 -55.91 10.71
C GLN A 370 -32.15 -56.14 11.49
N GLY A 371 -31.85 -55.15 12.32
CA GLY A 371 -30.72 -55.05 13.23
C GLY A 371 -29.31 -55.35 12.78
N GLN A 372 -29.14 -55.91 11.56
CA GLN A 372 -27.85 -56.29 10.96
C GLN A 372 -27.17 -55.10 10.24
N GLY A 373 -26.22 -54.47 10.94
CA GLY A 373 -25.45 -53.37 10.38
C GLY A 373 -24.37 -53.89 9.45
N GLN A 374 -24.35 -53.36 8.22
CA GLN A 374 -23.36 -53.76 7.20
C GLN A 374 -22.60 -52.54 6.69
N LEU A 375 -21.27 -52.67 6.53
CA LEU A 375 -20.44 -51.59 6.03
C LEU A 375 -20.16 -51.70 4.53
N VAL A 376 -20.14 -50.57 3.82
CA VAL A 376 -19.83 -50.48 2.40
C VAL A 376 -18.67 -49.49 2.25
N THR A 377 -17.60 -49.87 1.49
CA THR A 377 -16.41 -49.01 1.33
C THR A 377 -16.04 -48.67 -0.10
N CYS A 378 -15.30 -47.57 -0.23
CA CYS A 378 -14.70 -47.07 -1.46
C CYS A 378 -13.25 -47.52 -1.28
N SER A 379 -12.89 -48.72 -1.75
CA SER A 379 -11.57 -49.33 -1.55
C SER A 379 -10.74 -49.42 -2.81
N GLY A 380 -9.44 -49.13 -2.69
CA GLY A 380 -8.51 -49.19 -3.82
C GLY A 380 -8.39 -47.92 -4.65
N ALA A 381 -7.44 -47.94 -5.59
CA ALA A 381 -7.20 -46.83 -6.49
C ALA A 381 -6.80 -47.33 -7.85
N PHE A 382 -7.24 -46.60 -8.89
CA PHE A 382 -7.05 -46.87 -10.32
C PHE A 382 -7.68 -48.21 -10.72
N LYS A 383 -7.10 -48.97 -11.66
CA LYS A 383 -7.67 -50.24 -12.08
C LYS A 383 -8.09 -51.13 -10.90
N GLU A 384 -7.30 -51.07 -9.82
CA GLU A 384 -7.51 -51.84 -8.59
C GLU A 384 -8.73 -51.39 -7.74
N GLY A 385 -9.28 -50.19 -8.02
CA GLY A 385 -10.40 -49.59 -7.30
C GLY A 385 -11.71 -50.34 -7.39
N SER A 386 -12.32 -50.63 -6.21
CA SER A 386 -13.55 -51.41 -6.07
C SER A 386 -14.50 -50.91 -4.98
N LEU A 387 -15.51 -51.72 -4.66
CA LEU A 387 -16.47 -51.44 -3.60
C LEU A 387 -16.49 -52.66 -2.76
N ARG A 388 -16.43 -52.49 -1.45
CA ARG A 388 -16.45 -53.66 -0.60
C ARG A 388 -17.61 -53.60 0.37
N ILE A 389 -18.27 -54.74 0.58
CA ILE A 389 -19.42 -54.85 1.46
C ILE A 389 -19.10 -55.82 2.60
N ILE A 390 -18.75 -55.24 3.74
CA ILE A 390 -18.36 -55.94 4.95
C ILE A 390 -19.58 -56.24 5.81
N ARG A 391 -19.84 -57.53 6.02
CA ARG A 391 -20.95 -58.00 6.82
C ARG A 391 -20.39 -58.72 8.04
N ASN A 392 -21.01 -58.54 9.21
CA ASN A 392 -20.56 -59.20 10.43
C ASN A 392 -21.19 -60.61 10.53
N GLY A 393 -20.33 -61.65 10.57
CA GLY A 393 -20.76 -63.04 10.69
C GLY A 393 -20.69 -63.88 9.42
N ILE A 394 -20.96 -65.21 9.55
CA ILE A 394 -20.97 -66.15 8.43
C ILE A 394 -22.33 -66.72 8.13
N GLY A 395 -22.89 -66.30 7.00
CA GLY A 395 -24.23 -66.68 6.54
C GLY A 395 -24.30 -67.97 5.76
N ILE A 396 -25.46 -68.64 5.80
CA ILE A 396 -25.64 -69.90 5.11
C ILE A 396 -26.63 -69.78 3.93
N HIS A 397 -26.19 -70.25 2.74
CA HIS A 397 -26.96 -70.23 1.50
C HIS A 397 -27.84 -71.47 1.43
N GLU A 398 -29.14 -71.32 1.67
CA GLU A 398 -30.09 -72.43 1.65
C GLU A 398 -30.38 -72.91 0.22
N HIS A 399 -30.61 -74.21 0.06
CA HIS A 399 -30.95 -74.83 -1.22
C HIS A 399 -32.11 -75.80 -1.02
N ALA A 400 -32.33 -76.19 0.24
CA ALA A 400 -33.40 -77.07 0.71
C ALA A 400 -33.87 -76.61 2.08
N SER A 401 -35.19 -76.58 2.28
CA SER A 401 -35.77 -76.15 3.55
C SER A 401 -37.06 -76.92 3.83
N ILE A 402 -36.91 -78.21 4.16
CA ILE A 402 -38.01 -79.14 4.45
C ILE A 402 -38.68 -78.83 5.81
N ASP A 403 -39.94 -79.27 6.01
CA ASP A 403 -40.68 -79.05 7.26
C ASP A 403 -40.81 -80.24 8.20
N LEU A 404 -39.80 -80.40 9.07
CA LEU A 404 -39.68 -81.42 10.10
C LEU A 404 -39.57 -80.76 11.49
N PRO A 405 -40.48 -81.05 12.42
CA PRO A 405 -40.37 -80.47 13.76
C PRO A 405 -39.80 -81.45 14.79
N GLY A 406 -39.13 -80.93 15.81
CA GLY A 406 -38.57 -81.75 16.88
C GLY A 406 -37.59 -82.82 16.44
N ILE A 407 -36.62 -82.41 15.59
CA ILE A 407 -35.55 -83.24 15.05
C ILE A 407 -34.44 -83.29 16.09
N LYS A 408 -34.09 -84.51 16.52
CA LYS A 408 -33.11 -84.80 17.58
C LYS A 408 -31.76 -85.31 17.07
N GLY A 409 -31.54 -85.21 15.76
CA GLY A 409 -30.28 -85.63 15.13
C GLY A 409 -30.34 -85.79 13.62
N LEU A 410 -29.21 -85.47 12.95
CA LEU A 410 -29.05 -85.55 11.48
C LEU A 410 -27.77 -86.30 11.12
N TRP A 411 -27.85 -87.24 10.16
CA TRP A 411 -26.69 -88.02 9.72
C TRP A 411 -26.59 -88.32 8.21
N PRO A 412 -25.39 -88.17 7.61
CA PRO A 412 -25.25 -88.44 6.17
C PRO A 412 -24.77 -89.85 5.85
N LEU A 413 -25.22 -90.40 4.71
CA LEU A 413 -24.86 -91.76 4.27
C LEU A 413 -24.59 -91.86 2.78
N ARG A 414 -23.97 -92.99 2.41
CA ARG A 414 -23.71 -93.40 1.04
C ARG A 414 -24.52 -94.70 0.92
N SER A 415 -25.69 -94.68 0.27
CA SER A 415 -26.52 -95.88 0.11
C SER A 415 -25.85 -96.86 -0.87
N ASP A 416 -25.34 -96.35 -2.01
CA ASP A 416 -24.59 -97.12 -3.00
C ASP A 416 -23.08 -97.00 -2.63
N PRO A 417 -22.39 -98.13 -2.36
CA PRO A 417 -20.96 -98.04 -1.96
C PRO A 417 -19.97 -97.66 -3.07
N ASN A 418 -20.45 -97.59 -4.34
CA ASN A 418 -19.65 -97.21 -5.51
C ASN A 418 -19.41 -95.73 -5.63
N ARG A 419 -20.42 -94.93 -5.21
CA ARG A 419 -20.33 -93.47 -5.29
C ARG A 419 -19.63 -92.85 -4.12
N GLU A 420 -19.10 -91.66 -4.36
CA GLU A 420 -18.48 -90.83 -3.34
C GLU A 420 -19.50 -89.75 -2.87
N THR A 421 -20.51 -89.44 -3.73
CA THR A 421 -21.56 -88.46 -3.45
C THR A 421 -22.57 -89.07 -2.46
N ASP A 422 -22.97 -88.28 -1.42
CA ASP A 422 -23.98 -88.70 -0.43
C ASP A 422 -25.35 -88.81 -1.11
N ASP A 423 -26.18 -89.75 -0.65
CA ASP A 423 -27.49 -90.03 -1.24
C ASP A 423 -28.56 -90.18 -0.18
N THR A 424 -28.13 -90.25 1.09
CA THR A 424 -29.02 -90.47 2.22
C THR A 424 -28.84 -89.42 3.34
N LEU A 425 -29.93 -89.21 4.09
CA LEU A 425 -29.99 -88.36 5.28
C LEU A 425 -30.88 -89.04 6.32
N VAL A 426 -30.34 -89.26 7.54
CA VAL A 426 -31.07 -89.88 8.65
C VAL A 426 -31.45 -88.86 9.72
N LEU A 427 -32.74 -88.82 10.09
CA LEU A 427 -33.27 -87.86 11.06
C LEU A 427 -33.83 -88.51 12.32
N SER A 428 -33.21 -88.21 13.48
CA SER A 428 -33.61 -88.72 14.79
C SER A 428 -34.78 -87.90 15.34
N PHE A 429 -35.72 -88.56 16.02
CA PHE A 429 -36.86 -87.90 16.65
C PHE A 429 -37.10 -88.49 18.03
N VAL A 430 -37.87 -87.79 18.88
CA VAL A 430 -38.22 -88.30 20.22
C VAL A 430 -39.13 -89.53 20.05
N GLY A 431 -38.49 -90.69 20.10
CA GLY A 431 -39.12 -92.01 19.98
C GLY A 431 -39.22 -92.64 18.59
N GLN A 432 -38.64 -91.99 17.55
CA GLN A 432 -38.64 -92.45 16.16
C GLN A 432 -37.38 -92.01 15.38
N THR A 433 -37.18 -92.59 14.18
CA THR A 433 -36.12 -92.21 13.25
C THR A 433 -36.63 -92.31 11.82
N ARG A 434 -36.22 -91.38 10.96
CA ARG A 434 -36.69 -91.36 9.58
C ARG A 434 -35.54 -91.22 8.57
N VAL A 435 -35.70 -91.85 7.38
CA VAL A 435 -34.67 -91.86 6.33
C VAL A 435 -35.09 -91.01 5.11
N LEU A 436 -34.16 -90.16 4.61
CA LEU A 436 -34.37 -89.32 3.43
C LEU A 436 -33.46 -89.69 2.27
N MET A 437 -34.06 -90.01 1.12
CA MET A 437 -33.42 -90.37 -0.13
C MET A 437 -33.19 -89.09 -0.91
N LEU A 438 -31.97 -88.86 -1.40
CA LEU A 438 -31.64 -87.66 -2.17
C LEU A 438 -31.31 -88.02 -3.62
N ASN A 439 -32.35 -88.43 -4.39
CA ASN A 439 -32.26 -88.78 -5.82
C ASN A 439 -32.05 -87.46 -6.59
N GLY A 440 -30.78 -87.06 -6.73
CA GLY A 440 -30.38 -85.83 -7.40
C GLY A 440 -30.61 -84.65 -6.49
N GLU A 441 -31.29 -83.60 -7.01
CA GLU A 441 -31.62 -82.36 -6.26
C GLU A 441 -33.01 -82.47 -5.60
N GLU A 442 -33.70 -83.60 -5.86
CA GLU A 442 -35.01 -83.96 -5.33
C GLU A 442 -34.80 -84.91 -4.12
N VAL A 443 -35.43 -84.59 -2.96
CA VAL A 443 -35.35 -85.33 -1.69
C VAL A 443 -36.72 -85.97 -1.34
N GLU A 444 -36.80 -87.31 -1.30
CA GLU A 444 -38.04 -88.01 -0.93
C GLU A 444 -37.84 -89.00 0.23
N GLU A 445 -38.93 -89.50 0.85
CA GLU A 445 -38.78 -90.40 1.98
C GLU A 445 -38.57 -91.83 1.59
N THR A 446 -37.69 -92.50 2.35
CA THR A 446 -37.36 -93.92 2.18
C THR A 446 -37.20 -94.57 3.54
N GLU A 447 -36.95 -95.87 3.49
CA GLU A 447 -36.68 -96.72 4.62
C GLU A 447 -35.49 -97.56 4.15
N LEU A 448 -34.48 -97.70 5.00
CA LEU A 448 -33.32 -98.51 4.63
C LEU A 448 -33.39 -99.78 5.42
N MET A 449 -33.56 -100.93 4.71
CA MET A 449 -33.70 -102.25 5.32
C MET A 449 -32.51 -102.53 6.25
N GLY A 450 -32.84 -102.98 7.47
CA GLY A 450 -31.88 -103.24 8.53
C GLY A 450 -31.85 -102.17 9.61
N PHE A 451 -32.59 -101.06 9.39
CA PHE A 451 -32.72 -99.94 10.32
C PHE A 451 -34.06 -99.99 11.08
N VAL A 452 -33.98 -99.85 12.42
CA VAL A 452 -35.13 -99.79 13.32
C VAL A 452 -35.65 -98.35 13.21
N ASP A 453 -36.95 -98.17 12.86
CA ASP A 453 -37.61 -96.86 12.69
C ASP A 453 -38.55 -96.50 13.84
N ASP A 454 -38.76 -97.47 14.72
CA ASP A 454 -39.63 -97.34 15.88
C ASP A 454 -38.89 -96.95 17.16
N GLN A 455 -37.62 -96.52 17.02
CA GLN A 455 -36.76 -96.07 18.13
C GLN A 455 -35.95 -94.80 17.75
N GLN A 456 -35.49 -94.04 18.75
CA GLN A 456 -34.71 -92.82 18.56
C GLN A 456 -33.26 -93.15 18.20
N THR A 457 -32.66 -92.42 17.23
CA THR A 457 -31.27 -92.63 16.81
C THR A 457 -30.26 -91.73 17.55
N PHE A 458 -29.13 -92.32 17.97
CA PHE A 458 -28.04 -91.63 18.66
C PHE A 458 -26.85 -91.39 17.73
N PHE A 459 -26.72 -92.27 16.70
CA PHE A 459 -25.73 -92.19 15.61
C PHE A 459 -26.11 -93.08 14.43
N CYS A 460 -25.77 -92.61 13.23
CA CYS A 460 -25.97 -93.25 11.96
C CYS A 460 -24.90 -92.80 10.95
N GLY A 461 -24.66 -93.62 9.92
CA GLY A 461 -23.69 -93.31 8.87
C GLY A 461 -22.92 -94.52 8.41
N ASN A 462 -22.34 -94.45 7.18
CA ASN A 462 -21.57 -95.54 6.58
C ASN A 462 -20.21 -95.77 7.24
N VAL A 463 -19.91 -97.05 7.51
CA VAL A 463 -18.67 -97.52 8.16
C VAL A 463 -17.83 -98.46 7.26
N ALA A 464 -16.72 -99.01 7.84
CA ALA A 464 -15.76 -99.90 7.19
C ALA A 464 -16.34 -101.25 6.66
N HIS A 465 -15.59 -101.88 5.72
CA HIS A 465 -15.85 -103.17 5.05
C HIS A 465 -17.13 -103.17 4.20
N GLN A 466 -17.47 -102.01 3.58
CA GLN A 466 -18.67 -101.80 2.74
C GLN A 466 -19.97 -102.11 3.53
N GLN A 467 -20.15 -101.37 4.66
CA GLN A 467 -21.27 -101.49 5.60
C GLN A 467 -21.73 -100.14 6.19
N LEU A 468 -22.97 -100.09 6.71
CA LEU A 468 -23.59 -98.92 7.36
C LEU A 468 -23.80 -99.27 8.85
N ILE A 469 -24.17 -98.29 9.68
CA ILE A 469 -24.37 -98.51 11.11
C ILE A 469 -25.49 -97.64 11.70
N GLN A 470 -26.13 -98.13 12.79
CA GLN A 470 -27.18 -97.42 13.51
C GLN A 470 -27.06 -97.71 15.01
N ILE A 471 -27.21 -96.68 15.84
CA ILE A 471 -27.20 -96.80 17.31
C ILE A 471 -28.56 -96.28 17.74
N THR A 472 -29.33 -97.07 18.47
CA THR A 472 -30.65 -96.66 18.89
C THR A 472 -30.78 -96.55 20.43
N SER A 473 -31.99 -96.24 20.96
CA SER A 473 -32.29 -96.19 22.40
C SER A 473 -32.09 -97.60 22.93
N ALA A 474 -32.56 -98.61 22.17
CA ALA A 474 -32.44 -100.01 22.49
C ALA A 474 -31.09 -100.62 22.08
N SER A 475 -30.92 -101.01 20.78
CA SER A 475 -29.73 -101.70 20.30
C SER A 475 -28.89 -100.95 19.27
N VAL A 476 -27.68 -101.48 18.96
CA VAL A 476 -26.75 -100.97 17.93
C VAL A 476 -26.90 -101.94 16.73
N ARG A 477 -27.25 -101.42 15.54
CA ARG A 477 -27.51 -102.19 14.30
C ARG A 477 -26.37 -102.04 13.26
N LEU A 478 -26.05 -103.12 12.54
CA LEU A 478 -25.02 -103.17 11.48
C LEU A 478 -25.71 -103.60 10.18
N VAL A 479 -25.54 -102.84 9.08
CA VAL A 479 -26.17 -103.18 7.80
C VAL A 479 -25.17 -103.29 6.66
N SER A 480 -25.27 -104.38 5.88
CA SER A 480 -24.44 -104.68 4.71
C SER A 480 -24.89 -103.78 3.55
N GLN A 481 -23.93 -103.24 2.79
CA GLN A 481 -24.24 -102.35 1.67
C GLN A 481 -24.70 -103.09 0.40
N GLU A 482 -24.30 -104.37 0.24
CA GLU A 482 -24.67 -105.22 -0.91
C GLU A 482 -24.91 -106.69 -0.53
N PRO A 483 -26.18 -107.16 -0.31
CA PRO A 483 -27.45 -106.42 -0.34
C PRO A 483 -27.79 -105.79 1.01
N LYS A 484 -28.84 -104.94 1.05
CA LYS A 484 -29.23 -104.28 2.30
C LYS A 484 -29.95 -105.24 3.23
N ALA A 485 -29.25 -105.66 4.30
CA ALA A 485 -29.76 -106.57 5.33
C ALA A 485 -28.90 -106.49 6.57
N LEU A 486 -29.54 -106.58 7.75
CA LEU A 486 -28.90 -106.53 9.06
C LEU A 486 -27.85 -107.62 9.19
N VAL A 487 -26.65 -107.24 9.65
CA VAL A 487 -25.55 -108.20 9.78
C VAL A 487 -25.08 -108.46 11.23
N SER A 488 -25.39 -107.54 12.16
CA SER A 488 -25.07 -107.68 13.60
C SER A 488 -25.95 -106.75 14.44
N GLU A 489 -26.16 -107.09 15.71
CA GLU A 489 -26.97 -106.30 16.65
C GLU A 489 -26.38 -106.39 18.06
N TRP A 490 -26.07 -105.25 18.68
CA TRP A 490 -25.50 -105.21 20.03
C TRP A 490 -26.57 -105.05 21.08
N LYS A 491 -26.60 -105.96 22.03
CA LYS A 491 -27.54 -105.95 23.13
C LYS A 491 -26.87 -105.57 24.46
N GLU A 492 -27.62 -104.87 25.32
CA GLU A 492 -27.16 -104.54 26.66
C GLU A 492 -27.40 -105.81 27.50
N PRO A 493 -26.40 -106.29 28.31
CA PRO A 493 -26.58 -107.54 29.08
C PRO A 493 -27.94 -107.77 29.77
N GLN A 494 -28.45 -106.74 30.48
CA GLN A 494 -29.73 -106.77 31.20
C GLN A 494 -30.87 -105.95 30.53
N ALA A 495 -30.91 -105.97 29.17
CA ALA A 495 -31.89 -105.32 28.27
C ALA A 495 -32.08 -103.80 28.43
N LYS A 496 -31.21 -103.15 29.26
CA LYS A 496 -31.22 -101.71 29.56
C LYS A 496 -31.01 -100.81 28.32
N ASN A 497 -31.48 -99.55 28.38
CA ASN A 497 -31.39 -98.64 27.24
C ASN A 497 -30.15 -97.74 27.24
N ILE A 498 -29.59 -97.52 26.03
CA ILE A 498 -28.41 -96.67 25.78
C ILE A 498 -28.78 -95.22 26.07
N SER A 499 -27.99 -94.55 26.92
CA SER A 499 -28.17 -93.15 27.32
C SER A 499 -27.49 -92.16 26.34
N VAL A 500 -26.17 -92.31 26.09
CA VAL A 500 -25.37 -91.46 25.18
C VAL A 500 -24.38 -92.31 24.36
N ALA A 501 -24.23 -92.02 23.05
CA ALA A 501 -23.37 -92.79 22.16
C ALA A 501 -22.50 -91.97 21.21
N SER A 502 -21.37 -92.57 20.77
CA SER A 502 -20.40 -91.98 19.83
C SER A 502 -19.81 -93.03 18.88
N CYS A 503 -19.33 -92.60 17.68
CA CYS A 503 -18.78 -93.50 16.67
C CYS A 503 -17.87 -92.79 15.64
N ASN A 504 -17.05 -93.61 14.92
CA ASN A 504 -16.15 -93.24 13.82
C ASN A 504 -16.22 -94.30 12.69
N SER A 505 -15.14 -94.53 11.92
CA SER A 505 -15.17 -95.48 10.79
C SER A 505 -14.95 -96.95 11.21
N SER A 506 -14.34 -97.15 12.40
CA SER A 506 -13.99 -98.48 12.90
C SER A 506 -14.30 -98.73 14.39
N GLN A 507 -14.71 -97.69 15.15
CA GLN A 507 -15.00 -97.80 16.58
C GLN A 507 -16.36 -97.23 16.98
N VAL A 508 -17.01 -97.87 17.97
CA VAL A 508 -18.32 -97.49 18.54
C VAL A 508 -18.20 -97.44 20.07
N VAL A 509 -18.69 -96.38 20.70
CA VAL A 509 -18.66 -96.23 22.16
C VAL A 509 -20.06 -95.85 22.63
N VAL A 510 -20.71 -96.76 23.37
CA VAL A 510 -22.07 -96.54 23.90
C VAL A 510 -22.06 -96.47 25.44
N ALA A 511 -23.03 -95.74 26.04
CA ALA A 511 -23.14 -95.60 27.50
C ALA A 511 -24.54 -95.87 28.03
N VAL A 512 -24.62 -96.53 29.22
CA VAL A 512 -25.87 -96.86 29.93
C VAL A 512 -25.77 -96.20 31.34
N GLY A 513 -25.63 -94.87 31.34
CA GLY A 513 -25.48 -94.04 32.54
C GLY A 513 -24.06 -94.16 33.06
N ARG A 514 -23.84 -95.04 34.04
CA ARG A 514 -22.52 -95.32 34.63
C ARG A 514 -21.80 -96.43 33.82
N ALA A 515 -22.58 -97.26 33.07
CA ALA A 515 -22.05 -98.32 32.20
C ALA A 515 -21.50 -97.70 30.93
N LEU A 516 -20.27 -98.08 30.54
CA LEU A 516 -19.64 -97.54 29.34
C LEU A 516 -19.06 -98.69 28.51
N TYR A 517 -19.71 -99.01 27.39
CA TYR A 517 -19.32 -100.11 26.50
C TYR A 517 -18.56 -99.64 25.27
N TYR A 518 -17.53 -100.39 24.88
CA TYR A 518 -16.71 -100.12 23.70
C TYR A 518 -16.79 -101.29 22.73
N LEU A 519 -17.21 -100.99 21.51
CA LEU A 519 -17.37 -101.93 20.42
C LEU A 519 -16.45 -101.57 19.29
N GLN A 520 -16.13 -102.57 18.47
CA GLN A 520 -15.30 -102.37 17.29
C GLN A 520 -16.08 -102.71 16.01
N ILE A 521 -15.50 -102.38 14.83
CA ILE A 521 -16.10 -102.63 13.51
C ILE A 521 -15.25 -103.66 12.72
N HIS A 522 -15.88 -104.81 12.41
CA HIS A 522 -15.33 -105.95 11.66
C HIS A 522 -16.34 -106.36 10.57
N PRO A 523 -15.94 -107.03 9.45
CA PRO A 523 -16.95 -107.43 8.44
C PRO A 523 -18.01 -108.41 8.96
N GLN A 524 -19.28 -107.94 8.99
CA GLN A 524 -20.50 -108.66 9.41
C GLN A 524 -20.65 -108.90 10.93
N GLU A 525 -19.88 -108.17 11.77
CA GLU A 525 -19.96 -108.33 13.23
C GLU A 525 -19.61 -107.08 14.05
N LEU A 526 -20.34 -106.89 15.17
CA LEU A 526 -20.14 -105.83 16.15
C LEU A 526 -19.32 -106.43 17.32
N ARG A 527 -17.97 -106.41 17.20
CA ARG A 527 -17.08 -107.01 18.21
C ARG A 527 -16.92 -106.10 19.45
N GLN A 528 -17.52 -106.51 20.59
CA GLN A 528 -17.45 -105.78 21.87
C GLN A 528 -16.07 -106.02 22.49
N ILE A 529 -15.39 -104.96 22.95
CA ILE A 529 -14.03 -105.06 23.50
C ILE A 529 -13.95 -104.87 25.03
N SER A 530 -14.46 -103.75 25.59
CA SER A 530 -14.38 -103.43 27.02
C SER A 530 -15.62 -102.73 27.66
N HIS A 531 -15.56 -102.40 29.00
CA HIS A 531 -16.59 -101.68 29.79
C HIS A 531 -16.15 -101.19 31.21
N THR A 532 -16.30 -99.86 31.48
CA THR A 532 -15.97 -99.20 32.76
C THR A 532 -17.17 -98.62 33.54
N GLU A 533 -17.17 -98.82 34.87
CA GLU A 533 -18.22 -98.33 35.79
C GLU A 533 -17.73 -97.09 36.56
N MET A 534 -18.22 -95.92 36.13
CA MET A 534 -17.89 -94.56 36.62
C MET A 534 -18.34 -94.25 38.07
N GLU A 535 -18.39 -92.94 38.41
CA GLU A 535 -18.81 -92.40 39.71
C GLU A 535 -20.32 -92.10 39.62
N HIS A 536 -20.69 -91.36 38.55
CA HIS A 536 -22.04 -90.91 38.21
C HIS A 536 -22.35 -91.26 36.74
N GLU A 537 -23.56 -90.86 36.25
CA GLU A 537 -24.01 -91.05 34.87
C GLU A 537 -23.14 -90.22 33.91
N VAL A 538 -23.10 -90.64 32.63
CA VAL A 538 -22.34 -89.96 31.59
C VAL A 538 -23.31 -89.06 30.80
N ALA A 539 -22.90 -87.80 30.57
CA ALA A 539 -23.68 -86.78 29.85
C ALA A 539 -23.34 -86.71 28.35
N CYS A 540 -22.05 -86.90 27.99
CA CYS A 540 -21.52 -86.86 26.62
C CYS A 540 -20.21 -87.64 26.50
N LEU A 541 -19.92 -88.18 25.28
CA LEU A 541 -18.68 -88.91 24.94
C LEU A 541 -18.29 -88.73 23.47
N ASP A 542 -16.97 -88.75 23.16
CA ASP A 542 -16.48 -88.56 21.80
C ASP A 542 -15.27 -89.39 21.42
N ILE A 543 -15.28 -89.96 20.20
CA ILE A 543 -14.22 -90.81 19.64
C ILE A 543 -13.79 -90.46 18.19
N THR A 544 -13.56 -89.17 17.90
CA THR A 544 -13.09 -88.75 16.57
C THR A 544 -11.60 -89.02 16.40
N PRO A 545 -11.17 -89.79 15.37
CA PRO A 545 -9.74 -90.07 15.22
C PRO A 545 -9.00 -88.90 14.60
N LEU A 546 -7.90 -88.44 15.26
CA LEU A 546 -7.09 -87.32 14.81
C LEU A 546 -5.67 -87.80 14.60
N GLY A 547 -5.24 -87.87 13.35
CA GLY A 547 -3.91 -88.34 13.02
C GLY A 547 -3.70 -89.85 13.14
N ASP A 548 -2.97 -90.47 12.17
CA ASP A 548 -2.38 -89.80 10.99
C ASP A 548 -3.04 -90.27 9.68
N SER A 549 -3.36 -91.60 9.60
CA SER A 549 -4.00 -92.28 8.46
C SER A 549 -4.67 -93.60 8.88
N ASN A 550 -4.31 -94.12 10.10
CA ASN A 550 -4.74 -95.37 10.74
C ASN A 550 -6.25 -95.74 10.73
N GLY A 551 -7.11 -94.72 10.84
CA GLY A 551 -8.57 -94.85 10.86
C GLY A 551 -9.17 -95.03 12.24
N LEU A 552 -8.32 -95.34 13.24
CA LEU A 552 -8.71 -95.60 14.64
C LEU A 552 -8.28 -94.53 15.63
N SER A 553 -9.14 -94.27 16.62
CA SER A 553 -8.95 -93.30 17.69
C SER A 553 -8.29 -93.99 18.89
N PRO A 554 -7.16 -93.44 19.38
CA PRO A 554 -6.48 -94.09 20.53
C PRO A 554 -7.04 -93.69 21.90
N LEU A 555 -7.90 -92.65 21.93
CA LEU A 555 -8.49 -92.11 23.16
C LEU A 555 -9.97 -91.73 23.03
N CYS A 556 -10.66 -91.62 24.19
CA CYS A 556 -12.07 -91.28 24.33
C CYS A 556 -12.30 -90.15 25.34
N ALA A 557 -13.08 -89.13 24.94
CA ALA A 557 -13.43 -88.00 25.80
C ALA A 557 -14.67 -88.38 26.63
N ILE A 558 -14.79 -87.84 27.87
CA ILE A 558 -15.93 -88.12 28.75
C ILE A 558 -16.44 -86.93 29.57
N GLY A 559 -17.77 -86.85 29.69
CA GLY A 559 -18.47 -85.83 30.46
C GLY A 559 -19.30 -86.49 31.53
N LEU A 560 -19.11 -86.08 32.81
CA LEU A 560 -19.82 -86.67 33.94
C LEU A 560 -20.80 -85.76 34.71
N TRP A 561 -21.70 -86.40 35.49
CA TRP A 561 -22.75 -85.81 36.30
C TRP A 561 -22.29 -85.35 37.69
N THR A 562 -23.03 -84.38 38.30
CA THR A 562 -22.84 -83.75 39.62
C THR A 562 -21.50 -83.06 39.85
N ASP A 563 -20.38 -83.83 39.74
CA ASP A 563 -19.01 -83.32 39.91
C ASP A 563 -18.63 -82.25 38.88
N ILE A 564 -19.05 -82.47 37.60
CA ILE A 564 -18.81 -81.63 36.41
C ILE A 564 -17.34 -81.71 35.99
N SER A 565 -16.89 -82.95 35.71
CA SER A 565 -15.51 -83.24 35.33
C SER A 565 -15.37 -83.76 33.91
N ALA A 566 -14.62 -83.00 33.07
CA ALA A 566 -14.34 -83.32 31.69
C ALA A 566 -13.11 -84.25 31.65
N ARG A 567 -13.35 -85.57 31.80
CA ARG A 567 -12.30 -86.59 31.84
C ARG A 567 -11.94 -87.17 30.48
N ILE A 568 -10.69 -87.64 30.33
CA ILE A 568 -10.19 -88.30 29.13
C ILE A 568 -9.95 -89.76 29.52
N LEU A 569 -10.18 -90.68 28.58
CA LEU A 569 -9.91 -92.11 28.76
C LEU A 569 -9.02 -92.58 27.59
N LYS A 570 -8.36 -93.73 27.75
CA LYS A 570 -7.50 -94.33 26.73
C LYS A 570 -8.23 -95.52 26.09
N LEU A 571 -8.08 -95.72 24.77
CA LEU A 571 -8.73 -96.83 24.04
C LEU A 571 -7.78 -98.00 23.68
N PRO A 572 -8.15 -99.26 24.00
CA PRO A 572 -9.36 -99.73 24.69
C PRO A 572 -9.28 -99.77 26.23
N SER A 573 -8.17 -99.25 26.78
CA SER A 573 -7.79 -99.21 28.20
C SER A 573 -8.87 -98.80 29.22
N PHE A 574 -9.62 -97.71 28.92
CA PHE A 574 -10.63 -97.08 29.79
C PHE A 574 -9.95 -96.52 31.07
N GLU A 575 -8.68 -96.09 30.93
CA GLU A 575 -7.82 -95.56 31.99
C GLU A 575 -7.94 -94.04 32.05
N LEU A 576 -8.42 -93.54 33.21
CA LEU A 576 -8.72 -92.14 33.60
C LEU A 576 -7.60 -91.09 33.36
N LEU A 577 -7.01 -91.09 32.14
CA LEU A 577 -5.91 -90.27 31.61
C LEU A 577 -5.74 -88.88 32.18
N HIS A 578 -6.78 -88.05 32.12
CA HIS A 578 -6.75 -86.67 32.62
C HIS A 578 -8.14 -86.25 33.03
N LYS A 579 -8.26 -85.67 34.25
CA LYS A 579 -9.53 -85.18 34.78
C LYS A 579 -9.45 -83.69 35.07
N GLU A 580 -10.27 -82.90 34.34
CA GLU A 580 -10.37 -81.46 34.55
C GLU A 580 -11.65 -81.18 35.34
N MET A 581 -11.48 -80.68 36.56
CA MET A 581 -12.60 -80.29 37.40
C MET A 581 -13.05 -78.90 36.96
N LEU A 582 -14.30 -78.81 36.50
CA LEU A 582 -14.94 -77.58 36.02
C LEU A 582 -15.83 -76.99 37.14
N GLY A 583 -16.30 -77.87 38.03
CA GLY A 583 -17.11 -77.54 39.20
C GLY A 583 -18.53 -77.08 38.92
N GLY A 584 -19.18 -76.60 39.99
CA GLY A 584 -20.55 -76.13 39.96
C GLY A 584 -21.54 -77.26 39.92
N GLU A 585 -22.79 -76.94 39.54
CA GLU A 585 -23.84 -77.94 39.41
C GLU A 585 -24.30 -78.11 37.96
N ILE A 586 -24.00 -77.10 37.10
CA ILE A 586 -24.36 -77.09 35.67
C ILE A 586 -23.64 -78.20 34.87
N ILE A 587 -24.46 -79.11 34.32
CA ILE A 587 -24.10 -80.32 33.57
C ILE A 587 -23.52 -80.13 32.13
N PRO A 588 -22.41 -80.85 31.72
CA PRO A 588 -21.94 -80.73 30.31
C PRO A 588 -22.90 -81.41 29.32
N ARG A 589 -22.87 -80.97 28.03
CA ARG A 589 -23.78 -81.48 27.03
C ARG A 589 -23.12 -82.10 25.77
N SER A 590 -22.04 -81.48 25.21
CA SER A 590 -21.36 -82.02 24.03
C SER A 590 -19.84 -81.74 23.97
N ILE A 591 -19.05 -82.85 23.85
CA ILE A 591 -17.57 -82.87 23.77
C ILE A 591 -17.05 -83.40 22.43
N LEU A 592 -15.94 -82.81 21.91
CA LEU A 592 -15.34 -83.14 20.60
C LEU A 592 -13.84 -82.82 20.51
N MET A 593 -12.99 -83.86 20.42
CA MET A 593 -11.55 -83.64 20.23
C MET A 593 -11.34 -83.41 18.73
N THR A 594 -10.71 -82.28 18.36
CA THR A 594 -10.49 -81.89 16.96
C THR A 594 -9.13 -81.19 16.66
N THR A 595 -8.63 -81.34 15.40
CA THR A 595 -7.38 -80.77 14.90
C THR A 595 -7.62 -79.57 13.98
N PHE A 596 -6.97 -78.43 14.34
CA PHE A 596 -6.93 -77.15 13.62
C PHE A 596 -5.47 -76.78 13.33
N GLU A 597 -5.20 -76.12 12.17
CA GLU A 597 -3.87 -75.73 11.63
C GLU A 597 -3.12 -77.04 11.35
N SER A 598 -2.67 -77.69 12.44
CA SER A 598 -2.03 -79.00 12.49
C SER A 598 -2.04 -79.50 13.93
N SER A 599 -2.30 -78.58 14.89
CA SER A 599 -2.36 -78.83 16.34
C SER A 599 -3.69 -79.40 16.82
N HIS A 600 -3.66 -80.26 17.85
CA HIS A 600 -4.83 -80.93 18.43
C HIS A 600 -5.41 -80.17 19.63
N TYR A 601 -6.76 -80.18 19.76
CA TYR A 601 -7.49 -79.52 20.83
C TYR A 601 -8.70 -80.38 21.25
N LEU A 602 -9.30 -80.07 22.41
CA LEU A 602 -10.51 -80.70 22.93
C LEU A 602 -11.56 -79.61 23.22
N LEU A 603 -12.83 -79.90 22.96
CA LEU A 603 -13.89 -78.93 23.25
C LEU A 603 -14.96 -79.51 24.17
N CYS A 604 -15.61 -78.63 24.95
CA CYS A 604 -16.61 -79.01 25.94
C CYS A 604 -17.69 -77.94 26.09
N ALA A 605 -18.97 -78.34 26.00
CA ALA A 605 -20.14 -77.47 26.13
C ALA A 605 -20.93 -77.78 27.39
N LEU A 606 -21.48 -76.72 28.03
CA LEU A 606 -22.24 -76.83 29.28
C LEU A 606 -23.70 -76.42 29.11
N GLY A 607 -24.54 -76.86 30.07
CA GLY A 607 -25.97 -76.59 30.13
C GLY A 607 -26.40 -75.14 30.29
N ASP A 608 -25.43 -74.24 30.58
CA ASP A 608 -25.61 -72.80 30.75
C ASP A 608 -25.11 -72.02 29.51
N GLY A 609 -24.62 -72.76 28.51
CA GLY A 609 -24.10 -72.21 27.27
C GLY A 609 -22.70 -71.63 27.41
N ALA A 610 -21.84 -72.36 28.14
CA ALA A 610 -20.44 -71.98 28.40
C ALA A 610 -19.47 -73.08 27.94
N LEU A 611 -18.53 -72.73 27.03
CA LEU A 611 -17.56 -73.65 26.44
C LEU A 611 -16.19 -73.63 27.14
N PHE A 612 -15.48 -74.78 27.08
CA PHE A 612 -14.12 -74.98 27.57
C PHE A 612 -13.28 -75.66 26.48
N TYR A 613 -12.15 -75.03 26.13
CA TYR A 613 -11.20 -75.54 25.13
C TYR A 613 -9.80 -75.70 25.72
N PHE A 614 -9.17 -76.83 25.44
CA PHE A 614 -7.84 -77.17 25.96
C PHE A 614 -6.95 -77.63 24.81
N GLY A 615 -5.72 -78.01 25.13
CA GLY A 615 -4.76 -78.50 24.15
C GLY A 615 -4.64 -80.00 24.28
N LEU A 616 -5.20 -80.73 23.29
CA LEU A 616 -5.15 -82.19 23.27
C LEU A 616 -3.74 -82.67 22.95
N ASN A 617 -3.14 -83.39 23.90
CA ASN A 617 -1.77 -83.87 23.74
C ASN A 617 -1.70 -85.08 22.81
N ILE A 618 -0.97 -84.89 21.70
CA ILE A 618 -0.68 -85.80 20.56
C ILE A 618 -0.78 -87.30 20.82
N GLU A 619 0.08 -87.81 21.74
CA GLU A 619 0.15 -89.22 22.16
C GLU A 619 0.01 -89.28 23.69
N THR A 620 0.32 -88.16 24.37
CA THR A 620 0.31 -87.97 25.83
C THR A 620 -1.07 -88.17 26.48
N GLY A 621 -1.97 -87.21 26.30
CA GLY A 621 -3.32 -87.23 26.86
C GLY A 621 -3.52 -86.29 28.02
N LEU A 622 -3.00 -85.06 27.88
CA LEU A 622 -3.08 -83.99 28.88
C LEU A 622 -3.94 -82.82 28.36
N LEU A 623 -4.47 -81.98 29.28
CA LEU A 623 -5.27 -80.80 28.95
C LEU A 623 -4.57 -79.52 29.40
N SER A 624 -3.77 -78.94 28.48
CA SER A 624 -3.00 -77.71 28.68
C SER A 624 -3.80 -76.48 28.24
N ASP A 625 -3.70 -75.39 29.01
CA ASP A 625 -4.36 -74.11 28.78
C ASP A 625 -5.89 -74.13 28.82
N ARG A 626 -6.46 -74.23 30.05
CA ARG A 626 -7.90 -74.21 30.32
C ARG A 626 -8.44 -72.81 30.03
N LYS A 627 -9.23 -72.66 28.96
CA LYS A 627 -9.83 -71.39 28.56
C LYS A 627 -11.36 -71.51 28.67
N LYS A 628 -12.08 -70.37 28.75
CA LYS A 628 -13.55 -70.35 28.87
C LYS A 628 -14.16 -69.33 27.92
N VAL A 629 -15.09 -69.78 27.06
CA VAL A 629 -15.81 -68.91 26.14
C VAL A 629 -17.31 -69.06 26.40
N THR A 630 -17.94 -67.99 26.90
CA THR A 630 -19.37 -67.99 27.20
C THR A 630 -20.13 -67.63 25.91
N LEU A 631 -20.93 -68.60 25.41
CA LEU A 631 -21.71 -68.49 24.18
C LEU A 631 -23.22 -68.35 24.46
N GLY A 632 -24.00 -69.39 24.18
CA GLY A 632 -25.44 -69.38 24.39
C GLY A 632 -25.89 -69.35 25.84
N THR A 633 -27.21 -69.55 26.04
CA THR A 633 -27.88 -69.61 27.34
C THR A 633 -28.36 -71.04 27.53
N GLN A 634 -28.69 -71.67 26.38
CA GLN A 634 -29.13 -73.06 26.20
C GLN A 634 -27.88 -73.94 26.02
N PRO A 635 -27.92 -75.22 26.41
CA PRO A 635 -26.77 -76.11 26.17
C PRO A 635 -26.37 -76.22 24.68
N THR A 636 -25.05 -76.38 24.42
CA THR A 636 -24.44 -76.45 23.09
C THR A 636 -24.11 -77.89 22.55
N VAL A 637 -24.37 -78.14 21.24
CA VAL A 637 -24.11 -79.40 20.53
C VAL A 637 -22.96 -79.14 19.53
N LEU A 638 -21.87 -79.95 19.58
CA LEU A 638 -20.70 -79.72 18.71
C LEU A 638 -20.44 -80.72 17.56
N ARG A 639 -20.23 -80.20 16.32
CA ARG A 639 -20.04 -81.02 15.11
C ARG A 639 -18.96 -80.51 14.17
N THR A 640 -18.14 -81.43 13.63
CA THR A 640 -17.07 -81.17 12.65
C THR A 640 -17.59 -81.17 11.20
N PHE A 641 -16.94 -80.38 10.32
CA PHE A 641 -17.31 -80.24 8.91
C PHE A 641 -16.16 -79.72 8.04
N ARG A 642 -16.09 -80.16 6.77
CA ARG A 642 -15.04 -79.74 5.84
C ARG A 642 -15.47 -78.63 4.87
N SER A 643 -14.75 -77.51 4.89
CA SER A 643 -14.98 -76.34 4.04
C SER A 643 -13.63 -75.88 3.42
N LEU A 644 -13.43 -76.17 2.10
CA LEU A 644 -12.22 -75.88 1.32
C LEU A 644 -11.00 -76.45 2.01
N SER A 645 -10.96 -77.79 2.11
CA SER A 645 -9.90 -78.57 2.77
C SER A 645 -9.42 -78.01 4.15
N THR A 646 -10.40 -77.77 5.05
CA THR A 646 -10.25 -77.25 6.41
C THR A 646 -11.33 -77.89 7.32
N THR A 647 -10.91 -78.60 8.41
CA THR A 647 -11.84 -79.25 9.38
C THR A 647 -12.22 -78.30 10.54
N ASN A 648 -13.37 -77.62 10.38
CA ASN A 648 -13.88 -76.66 11.38
C ASN A 648 -15.00 -77.29 12.22
N VAL A 649 -15.37 -76.62 13.32
CA VAL A 649 -16.42 -77.08 14.22
C VAL A 649 -17.59 -76.12 14.23
N PHE A 650 -18.79 -76.65 14.36
CA PHE A 650 -20.03 -75.92 14.39
C PHE A 650 -20.68 -76.17 15.73
N ALA A 651 -20.79 -75.11 16.53
CA ALA A 651 -21.37 -75.17 17.87
C ALA A 651 -22.85 -74.74 17.82
N CYS A 652 -23.76 -75.72 18.05
CA CYS A 652 -25.22 -75.58 18.01
C CYS A 652 -25.83 -75.08 19.31
N SER A 653 -26.27 -73.80 19.32
CA SER A 653 -26.89 -73.12 20.47
C SER A 653 -27.89 -72.05 19.97
N ASP A 654 -28.51 -71.27 20.90
CA ASP A 654 -29.39 -70.13 20.59
C ASP A 654 -28.52 -69.00 19.97
N ARG A 655 -27.21 -69.13 20.23
CA ARG A 655 -26.11 -68.34 19.73
C ARG A 655 -25.23 -69.33 18.90
N PRO A 656 -25.53 -69.50 17.59
CA PRO A 656 -24.72 -70.43 16.77
C PRO A 656 -23.32 -69.86 16.45
N THR A 657 -22.28 -70.69 16.62
CA THR A 657 -20.88 -70.28 16.43
C THR A 657 -20.11 -71.29 15.58
N VAL A 658 -19.18 -70.80 14.73
CA VAL A 658 -18.29 -71.66 13.96
C VAL A 658 -16.92 -71.53 14.59
N ILE A 659 -16.38 -72.63 15.10
CA ILE A 659 -15.07 -72.66 15.74
C ILE A 659 -14.00 -73.10 14.71
N TYR A 660 -12.88 -72.34 14.63
CA TYR A 660 -11.74 -72.55 13.71
C TYR A 660 -10.47 -71.85 14.21
N SER A 661 -9.32 -72.18 13.64
CA SER A 661 -8.06 -71.57 14.06
C SER A 661 -7.51 -70.63 13.00
N SER A 662 -6.84 -69.60 13.47
CA SER A 662 -6.15 -68.58 12.70
C SER A 662 -4.96 -68.17 13.53
N ASN A 663 -3.75 -68.28 12.95
CA ASN A 663 -2.49 -67.96 13.62
C ASN A 663 -2.35 -68.78 14.93
N HIS A 664 -2.78 -70.06 14.88
CA HIS A 664 -2.73 -71.04 15.97
C HIS A 664 -3.49 -70.64 17.27
N LYS A 665 -4.36 -69.62 17.15
CA LYS A 665 -5.26 -69.06 18.17
C LYS A 665 -6.71 -69.46 17.80
N LEU A 666 -7.49 -70.00 18.77
CA LEU A 666 -8.87 -70.40 18.52
C LEU A 666 -9.84 -69.24 18.35
N VAL A 667 -10.55 -69.23 17.22
CA VAL A 667 -11.53 -68.22 16.78
C VAL A 667 -12.98 -68.71 16.96
N PHE A 668 -13.86 -67.79 17.34
CA PHE A 668 -15.26 -68.08 17.60
C PHE A 668 -16.15 -67.18 16.77
N SER A 669 -15.91 -67.15 15.44
CA SER A 669 -16.70 -66.35 14.53
C SER A 669 -18.14 -66.92 14.43
N ASN A 670 -19.15 -66.05 14.62
CA ASN A 670 -20.55 -66.42 14.62
C ASN A 670 -21.20 -66.70 13.25
N VAL A 671 -22.37 -67.42 13.32
CA VAL A 671 -23.21 -67.88 12.19
C VAL A 671 -24.42 -66.96 12.05
N ASN A 672 -24.76 -66.55 10.81
CA ASN A 672 -25.90 -65.67 10.57
C ASN A 672 -27.20 -66.46 10.42
N LEU A 673 -27.59 -67.10 11.55
CA LEU A 673 -28.78 -67.93 11.75
C LEU A 673 -29.39 -67.68 13.14
N LYS A 674 -30.71 -68.00 13.29
CA LYS A 674 -31.46 -67.80 14.53
C LYS A 674 -30.98 -68.70 15.67
N GLU A 675 -31.20 -70.01 15.53
CA GLU A 675 -30.79 -71.03 16.49
C GLU A 675 -30.78 -72.38 15.75
N VAL A 676 -29.64 -73.09 15.86
CA VAL A 676 -29.44 -74.42 15.27
C VAL A 676 -29.37 -75.40 16.45
N ASN A 677 -30.25 -76.39 16.47
CA ASN A 677 -30.22 -77.39 17.53
C ASN A 677 -29.26 -78.53 17.12
N TYR A 678 -29.30 -78.92 15.83
CA TYR A 678 -28.48 -79.98 15.27
C TYR A 678 -28.00 -79.66 13.85
N MET A 679 -26.72 -79.96 13.59
CA MET A 679 -26.05 -79.75 12.30
C MET A 679 -25.52 -81.09 11.76
N CYS A 680 -25.26 -81.13 10.44
CA CYS A 680 -24.75 -82.29 9.72
C CYS A 680 -24.04 -81.83 8.43
N PRO A 681 -22.84 -82.34 8.09
CA PRO A 681 -22.23 -81.96 6.80
C PRO A 681 -22.71 -82.92 5.66
N LEU A 682 -23.35 -82.35 4.61
CA LEU A 682 -23.96 -83.08 3.48
C LEU A 682 -23.37 -82.73 2.07
N ASN A 683 -22.68 -83.71 1.42
CA ASN A 683 -22.13 -83.58 0.05
C ASN A 683 -22.81 -84.59 -0.90
N SER A 684 -23.99 -84.19 -1.42
CA SER A 684 -24.86 -84.94 -2.33
C SER A 684 -24.49 -84.66 -3.79
N ASP A 685 -25.30 -85.15 -4.73
CA ASP A 685 -25.12 -84.90 -6.16
C ASP A 685 -25.74 -83.51 -6.43
N GLY A 686 -27.02 -83.34 -6.10
CA GLY A 686 -27.75 -82.11 -6.26
C GLY A 686 -27.35 -81.06 -5.24
N TYR A 687 -27.00 -81.49 -4.00
CA TYR A 687 -26.57 -80.61 -2.89
C TYR A 687 -25.11 -80.91 -2.52
N PRO A 688 -24.11 -80.51 -3.35
CA PRO A 688 -22.72 -80.86 -3.03
C PRO A 688 -21.99 -79.84 -2.19
N ASP A 689 -21.17 -80.37 -1.26
CA ASP A 689 -20.36 -79.60 -0.32
C ASP A 689 -21.18 -78.52 0.42
N SER A 690 -22.40 -78.94 0.78
CA SER A 690 -23.38 -78.18 1.53
C SER A 690 -23.41 -78.79 2.94
N LEU A 691 -24.42 -78.41 3.74
CA LEU A 691 -24.61 -78.93 5.09
C LEU A 691 -26.09 -78.86 5.55
N ALA A 692 -26.57 -79.96 6.17
CA ALA A 692 -27.89 -80.08 6.73
C ALA A 692 -27.88 -79.41 8.12
N LEU A 693 -28.92 -78.64 8.41
CA LEU A 693 -29.12 -77.91 9.66
C LEU A 693 -30.58 -78.00 10.08
N ALA A 694 -30.81 -78.37 11.34
CA ALA A 694 -32.15 -78.49 11.88
C ALA A 694 -32.21 -77.86 13.26
N ASN A 695 -33.44 -77.56 13.72
CA ASN A 695 -33.64 -76.93 15.02
C ASN A 695 -34.88 -77.54 15.75
N ASN A 696 -35.78 -76.67 16.28
CA ASN A 696 -37.01 -77.06 16.96
C ASN A 696 -38.03 -77.45 15.90
N SER A 697 -37.91 -76.84 14.68
CA SER A 697 -38.73 -77.05 13.48
C SER A 697 -37.98 -76.60 12.23
N THR A 698 -38.26 -77.27 11.09
CA THR A 698 -37.65 -76.99 9.78
C THR A 698 -36.16 -77.39 9.65
N LEU A 699 -35.92 -78.36 8.76
CA LEU A 699 -34.60 -78.88 8.39
C LEU A 699 -34.19 -78.15 7.12
N THR A 700 -32.96 -77.62 7.08
CA THR A 700 -32.48 -76.89 5.91
C THR A 700 -31.15 -77.46 5.41
N ILE A 701 -30.93 -77.47 4.09
CA ILE A 701 -29.66 -77.95 3.50
C ILE A 701 -29.06 -76.85 2.64
N GLY A 702 -27.80 -76.53 2.88
CA GLY A 702 -27.13 -75.51 2.11
C GLY A 702 -25.65 -75.37 2.39
N THR A 703 -24.99 -74.54 1.56
CA THR A 703 -23.55 -74.20 1.58
C THR A 703 -23.23 -73.03 2.50
N ILE A 704 -22.13 -73.17 3.27
CA ILE A 704 -21.64 -72.15 4.20
C ILE A 704 -20.69 -71.18 3.46
N ASP A 705 -20.59 -69.93 3.93
CA ASP A 705 -19.71 -68.89 3.38
C ASP A 705 -18.25 -69.16 3.72
N GLU A 706 -17.34 -68.29 3.23
CA GLU A 706 -15.94 -68.44 3.56
C GLU A 706 -15.82 -68.03 5.00
N ILE A 707 -15.45 -69.01 5.84
CA ILE A 707 -15.30 -68.93 7.30
C ILE A 707 -14.24 -67.91 7.82
N GLN A 708 -14.71 -66.66 8.09
CA GLN A 708 -13.98 -65.46 8.55
C GLN A 708 -14.88 -64.62 9.48
N LYS A 709 -14.28 -63.91 10.49
CA LYS A 709 -14.96 -63.04 11.48
C LYS A 709 -15.97 -62.07 10.88
N LEU A 710 -15.62 -61.52 9.71
CA LEU A 710 -16.42 -60.61 8.87
C LEU A 710 -16.41 -61.16 7.44
N HIS A 711 -17.51 -61.00 6.69
CA HIS A 711 -17.55 -61.44 5.31
C HIS A 711 -17.45 -60.25 4.34
N ILE A 712 -16.53 -60.31 3.38
CA ILE A 712 -16.32 -59.23 2.41
C ILE A 712 -16.73 -59.60 0.98
N ARG A 713 -17.69 -58.84 0.44
CA ARG A 713 -18.16 -58.96 -0.93
C ARG A 713 -17.47 -57.89 -1.79
N THR A 714 -16.70 -58.29 -2.82
CA THR A 714 -15.98 -57.35 -3.68
C THR A 714 -16.75 -57.02 -4.96
N VAL A 715 -16.73 -55.75 -5.39
CA VAL A 715 -17.41 -55.29 -6.60
C VAL A 715 -16.41 -54.46 -7.43
N PRO A 716 -15.63 -55.13 -8.33
CA PRO A 716 -14.62 -54.39 -9.12
C PRO A 716 -15.15 -53.27 -10.02
N LEU A 717 -14.48 -52.10 -9.98
CA LEU A 717 -14.87 -50.92 -10.74
C LEU A 717 -13.88 -50.53 -11.86
N TYR A 718 -12.64 -51.05 -11.82
CA TYR A 718 -11.61 -50.82 -12.83
C TYR A 718 -11.16 -49.35 -12.95
N GLU A 719 -11.59 -48.55 -11.95
CA GLU A 719 -11.29 -47.12 -11.77
C GLU A 719 -11.25 -46.73 -10.26
N SER A 720 -10.97 -45.45 -9.94
CA SER A 720 -10.88 -45.02 -8.56
C SER A 720 -12.22 -44.63 -7.89
N PRO A 721 -12.67 -45.35 -6.82
CA PRO A 721 -13.88 -44.92 -6.09
C PRO A 721 -13.53 -43.73 -5.16
N ARG A 722 -14.46 -42.80 -4.88
CA ARG A 722 -14.15 -41.63 -4.02
C ARG A 722 -15.07 -41.34 -2.82
N LYS A 723 -16.41 -41.29 -3.01
CA LYS A 723 -17.38 -41.08 -1.92
C LYS A 723 -18.63 -41.96 -2.12
N ILE A 724 -19.27 -42.40 -1.00
CA ILE A 724 -20.49 -43.24 -1.03
C ILE A 724 -21.60 -42.68 -0.15
N CYS A 725 -22.84 -42.89 -0.60
CA CYS A 725 -24.10 -42.52 0.06
C CYS A 725 -25.13 -43.59 -0.14
N TYR A 726 -26.19 -43.55 0.63
CA TYR A 726 -27.26 -44.53 0.40
C TYR A 726 -28.63 -43.87 0.38
N GLN A 727 -29.32 -43.97 -0.77
CA GLN A 727 -30.67 -43.45 -0.98
C GLN A 727 -31.57 -44.65 -0.75
N GLU A 728 -32.01 -44.82 0.52
CA GLU A 728 -32.85 -45.97 0.94
C GLU A 728 -34.07 -46.10 0.07
N VAL A 729 -34.72 -44.96 -0.18
CA VAL A 729 -35.91 -44.81 -1.01
C VAL A 729 -35.67 -45.31 -2.44
N SER A 730 -34.49 -45.01 -3.03
CA SER A 730 -34.11 -45.40 -4.37
C SER A 730 -33.46 -46.78 -4.43
N GLN A 731 -33.29 -47.45 -3.27
CA GLN A 731 -32.71 -48.79 -3.14
C GLN A 731 -31.42 -48.93 -3.96
N CYS A 732 -30.52 -47.96 -3.77
CA CYS A 732 -29.27 -47.87 -4.51
C CYS A 732 -28.17 -47.10 -3.76
N PHE A 733 -26.97 -47.11 -4.33
CA PHE A 733 -25.80 -46.42 -3.83
C PHE A 733 -25.30 -45.40 -4.87
N GLY A 734 -24.83 -44.25 -4.36
CA GLY A 734 -24.26 -43.18 -5.15
C GLY A 734 -22.76 -43.12 -4.90
N VAL A 735 -21.97 -43.44 -5.93
CA VAL A 735 -20.52 -43.51 -5.84
C VAL A 735 -19.80 -42.49 -6.72
N LEU A 736 -18.72 -41.87 -6.20
CA LEU A 736 -17.91 -40.95 -6.99
C LEU A 736 -16.73 -41.73 -7.58
N SER A 737 -16.35 -41.42 -8.84
CA SER A 737 -15.28 -42.13 -9.55
C SER A 737 -14.25 -41.23 -10.24
N SER A 738 -13.17 -41.85 -10.78
CA SER A 738 -12.10 -41.16 -11.48
C SER A 738 -11.30 -42.11 -12.38
N ARG A 739 -11.39 -41.90 -13.71
CA ARG A 739 -10.66 -42.71 -14.66
C ARG A 739 -9.64 -41.90 -15.42
N ILE A 740 -8.52 -42.53 -15.79
CA ILE A 740 -7.44 -41.84 -16.49
C ILE A 740 -7.44 -42.07 -18.00
N GLU A 741 -7.42 -40.96 -18.75
CA GLU A 741 -7.36 -40.94 -20.20
C GLU A 741 -6.11 -40.15 -20.59
N VAL A 742 -5.43 -40.58 -21.66
CA VAL A 742 -4.20 -39.92 -22.11
C VAL A 742 -4.47 -39.14 -23.38
N GLN A 743 -3.94 -37.90 -23.41
CA GLN A 743 -4.05 -36.96 -24.52
C GLN A 743 -3.29 -37.45 -25.72
N ASP A 744 -4.04 -37.96 -26.68
CA ASP A 744 -3.55 -38.50 -27.94
C ASP A 744 -3.42 -37.40 -28.99
N THR A 745 -3.10 -37.82 -30.21
CA THR A 745 -2.95 -36.93 -31.35
C THR A 745 -4.33 -36.54 -31.87
N SER A 746 -5.14 -37.57 -32.22
CA SER A 746 -6.50 -37.43 -32.72
C SER A 746 -7.48 -36.97 -31.63
N GLY A 747 -7.84 -35.70 -31.71
CA GLY A 747 -8.73 -35.08 -30.74
C GLY A 747 -8.02 -34.80 -29.44
N GLY A 748 -8.80 -34.82 -28.35
CA GLY A 748 -8.35 -34.56 -27.00
C GLY A 748 -7.69 -35.75 -26.35
N THR A 749 -8.51 -36.65 -25.75
CA THR A 749 -8.01 -37.83 -25.04
C THR A 749 -8.57 -39.15 -25.53
N THR A 750 -7.81 -40.22 -25.23
CA THR A 750 -8.17 -41.61 -25.49
C THR A 750 -8.00 -42.36 -24.17
N ALA A 751 -9.02 -43.18 -23.84
CA ALA A 751 -9.05 -43.97 -22.62
C ALA A 751 -8.05 -45.14 -22.66
N LEU A 752 -7.68 -45.66 -21.48
CA LEU A 752 -6.69 -46.72 -21.40
C LEU A 752 -7.25 -48.14 -21.49
N ARG A 753 -8.30 -48.43 -20.71
CA ARG A 753 -8.97 -49.72 -20.63
C ARG A 753 -10.47 -49.51 -20.33
N PRO A 754 -11.35 -50.51 -20.44
CA PRO A 754 -12.75 -50.29 -20.06
C PRO A 754 -12.98 -50.38 -18.54
N SER A 755 -13.66 -49.34 -17.99
CA SER A 755 -13.98 -49.12 -16.58
C SER A 755 -15.48 -49.07 -16.34
N ALA A 756 -15.91 -49.15 -15.06
CA ALA A 756 -17.32 -49.07 -14.61
C ALA A 756 -18.05 -47.86 -15.17
N SER A 757 -17.33 -46.74 -15.40
CA SER A 757 -17.89 -45.51 -15.96
C SER A 757 -18.24 -45.67 -17.43
N THR A 758 -17.50 -46.52 -18.19
CA THR A 758 -17.80 -46.76 -19.60
C THR A 758 -18.82 -47.90 -19.78
N GLN A 759 -18.65 -48.95 -18.96
CA GLN A 759 -19.46 -50.18 -18.94
C GLN A 759 -20.74 -50.07 -18.07
N ALA A 760 -21.51 -49.00 -18.31
CA ALA A 760 -22.77 -48.74 -17.63
C ALA A 760 -23.92 -49.06 -18.57
N LEU A 761 -25.12 -49.35 -17.99
CA LEU A 761 -26.34 -49.62 -18.77
C LEU A 761 -26.87 -48.31 -19.36
N SER A 762 -26.98 -47.26 -18.50
CA SER A 762 -27.42 -45.91 -18.85
C SER A 762 -26.25 -44.94 -18.66
N SER A 763 -25.85 -44.25 -19.74
CA SER A 763 -24.73 -43.31 -19.69
C SER A 763 -25.19 -41.85 -19.77
N SER A 764 -24.46 -40.93 -19.10
CA SER A 764 -24.76 -39.51 -19.08
C SER A 764 -23.48 -38.68 -19.11
N VAL A 765 -23.55 -37.41 -19.57
CA VAL A 765 -22.43 -36.44 -19.63
C VAL A 765 -22.96 -35.05 -19.19
N SER A 766 -22.16 -34.31 -18.36
CA SER A 766 -22.51 -32.98 -17.86
C SER A 766 -22.45 -31.93 -18.97
N SER A 767 -23.65 -31.49 -19.37
CA SER A 767 -23.90 -30.51 -20.42
C SER A 767 -23.71 -29.07 -19.95
N SER A 768 -23.47 -28.86 -18.64
CA SER A 768 -23.29 -27.55 -18.00
C SER A 768 -22.23 -26.68 -18.62
N LYS A 769 -22.38 -25.37 -18.47
CA LYS A 769 -21.44 -24.44 -19.05
C LYS A 769 -20.68 -23.67 -17.99
N LEU A 770 -21.40 -22.82 -17.20
CA LEU A 770 -20.90 -21.97 -16.09
C LEU A 770 -19.57 -21.27 -16.38
N PHE A 771 -18.46 -22.04 -16.21
CA PHE A 771 -17.08 -21.63 -16.42
C PHE A 771 -16.89 -21.47 -17.94
N SER A 772 -16.79 -20.19 -18.43
CA SER A 772 -16.70 -19.75 -19.83
C SER A 772 -16.53 -20.87 -20.90
N SER A 773 -15.38 -21.63 -20.95
CA SER A 773 -14.09 -21.46 -20.22
C SER A 773 -13.00 -20.96 -21.20
N SER A 774 -11.73 -20.79 -20.71
CA SER A 774 -10.58 -20.26 -21.49
C SER A 774 -10.88 -18.87 -22.15
N THR A 775 -10.87 -17.73 -21.39
CA THR A 775 -10.51 -17.51 -19.97
C THR A 775 -11.35 -18.33 -18.94
N ALA A 776 -10.68 -19.21 -18.15
CA ALA A 776 -9.23 -19.35 -18.15
C ALA A 776 -8.68 -20.67 -18.72
N PRO A 777 -7.62 -20.63 -19.59
CA PRO A 777 -7.00 -21.88 -20.07
C PRO A 777 -6.24 -22.62 -18.94
N HIS A 778 -5.92 -23.93 -18.98
CA HIS A 778 -6.02 -24.96 -20.03
C HIS A 778 -4.96 -24.86 -21.11
N GLU A 779 -3.77 -25.39 -20.79
CA GLU A 779 -2.62 -25.45 -21.68
C GLU A 779 -2.95 -26.55 -22.70
N THR A 780 -2.94 -27.82 -22.25
CA THR A 780 -3.20 -29.05 -23.01
C THR A 780 -2.24 -29.26 -24.23
N SER A 781 -1.36 -30.28 -24.24
CA SER A 781 -1.13 -31.29 -23.21
C SER A 781 0.33 -31.80 -23.16
N PHE A 782 0.83 -32.62 -24.14
CA PHE A 782 0.22 -33.17 -25.36
C PHE A 782 0.13 -34.71 -25.36
N GLY A 783 0.88 -35.34 -24.46
CA GLY A 783 0.90 -36.78 -24.19
C GLY A 783 0.66 -37.01 -22.70
N GLU A 784 -0.01 -36.02 -22.08
CA GLU A 784 -0.39 -35.86 -20.67
C GLU A 784 -1.52 -36.80 -20.25
N GLU A 785 -1.48 -37.24 -18.98
CA GLU A 785 -2.48 -38.10 -18.37
C GLU A 785 -3.48 -37.21 -17.66
N VAL A 786 -4.78 -37.31 -18.03
CA VAL A 786 -5.84 -36.49 -17.43
C VAL A 786 -6.84 -37.37 -16.67
N GLU A 787 -7.44 -36.81 -15.62
CA GLU A 787 -8.44 -37.50 -14.81
C GLU A 787 -9.84 -37.23 -15.36
N VAL A 788 -10.74 -38.22 -15.21
CA VAL A 788 -12.12 -38.11 -15.68
C VAL A 788 -13.05 -38.52 -14.56
N HIS A 789 -13.71 -37.52 -13.96
CA HIS A 789 -14.62 -37.75 -12.83
C HIS A 789 -16.04 -38.06 -13.22
N ASN A 790 -16.60 -39.09 -12.59
CA ASN A 790 -17.95 -39.57 -12.85
C ASN A 790 -18.69 -39.91 -11.58
N LEU A 791 -20.02 -39.75 -11.57
CA LEU A 791 -20.87 -40.20 -10.47
C LEU A 791 -21.49 -41.49 -10.96
N LEU A 792 -21.54 -42.50 -10.08
CA LEU A 792 -22.09 -43.81 -10.43
C LEU A 792 -23.27 -44.20 -9.56
N ILE A 793 -24.28 -44.83 -10.19
CA ILE A 793 -25.48 -45.34 -9.52
C ILE A 793 -25.37 -46.85 -9.50
N ILE A 794 -25.22 -47.38 -8.29
CA ILE A 794 -24.98 -48.80 -8.05
C ILE A 794 -26.24 -49.43 -7.43
N ASP A 795 -26.68 -50.61 -7.96
CA ASP A 795 -27.85 -51.33 -7.45
C ASP A 795 -27.60 -51.98 -6.11
N GLN A 796 -28.53 -51.77 -5.15
CA GLN A 796 -28.49 -52.33 -3.79
C GLN A 796 -28.18 -53.85 -3.66
N HIS A 797 -28.41 -54.65 -4.74
CA HIS A 797 -28.24 -56.12 -4.73
C HIS A 797 -27.43 -56.71 -5.89
N THR A 798 -27.66 -56.26 -7.13
CA THR A 798 -26.92 -56.75 -8.29
C THR A 798 -25.57 -56.05 -8.34
N PHE A 799 -25.54 -54.77 -7.86
CA PHE A 799 -24.36 -53.90 -7.86
C PHE A 799 -23.89 -53.57 -9.26
N GLU A 800 -24.76 -53.73 -10.25
CA GLU A 800 -24.39 -53.39 -11.62
C GLU A 800 -24.48 -51.86 -11.77
N VAL A 801 -23.78 -51.33 -12.77
CA VAL A 801 -23.77 -49.89 -13.01
C VAL A 801 -25.05 -49.48 -13.75
N LEU A 802 -26.11 -49.16 -12.96
CA LEU A 802 -27.42 -48.74 -13.45
C LEU A 802 -27.29 -47.46 -14.25
N HIS A 803 -26.42 -46.53 -13.79
CA HIS A 803 -26.17 -45.26 -14.44
C HIS A 803 -24.80 -44.68 -14.10
N ALA A 804 -24.19 -44.00 -15.08
CA ALA A 804 -22.92 -43.29 -14.94
C ALA A 804 -23.09 -41.89 -15.52
N HIS A 805 -22.75 -40.87 -14.71
CA HIS A 805 -22.82 -39.47 -15.11
C HIS A 805 -21.43 -38.90 -15.12
N GLN A 806 -20.95 -38.50 -16.29
CA GLN A 806 -19.62 -37.95 -16.47
C GLN A 806 -19.63 -36.43 -16.26
N PHE A 807 -18.72 -35.93 -15.40
CA PHE A 807 -18.55 -34.51 -15.09
C PHE A 807 -17.69 -33.80 -16.14
N LEU A 808 -17.56 -32.47 -16.03
CA LEU A 808 -16.82 -31.64 -16.99
C LEU A 808 -15.34 -31.97 -17.14
N GLN A 809 -14.74 -31.46 -18.25
CA GLN A 809 -13.33 -31.66 -18.57
C GLN A 809 -12.55 -30.88 -17.51
N ASN A 810 -11.56 -31.52 -16.89
CA ASN A 810 -10.75 -30.95 -15.80
C ASN A 810 -11.56 -30.74 -14.49
N GLU A 811 -12.76 -31.35 -14.37
CA GLU A 811 -13.60 -31.25 -13.19
C GLU A 811 -13.44 -32.46 -12.28
N TYR A 812 -13.32 -32.23 -10.97
CA TYR A 812 -13.19 -33.26 -9.95
C TYR A 812 -14.42 -33.22 -9.06
N ALA A 813 -14.96 -34.38 -8.74
CA ALA A 813 -16.08 -34.51 -7.82
C ALA A 813 -15.42 -34.81 -6.47
N LEU A 814 -15.82 -34.08 -5.42
CA LEU A 814 -15.18 -34.24 -4.10
C LEU A 814 -16.09 -34.73 -2.96
N SER A 815 -17.37 -34.30 -2.96
CA SER A 815 -18.29 -34.64 -1.88
C SER A 815 -19.74 -34.81 -2.29
N LEU A 816 -20.36 -35.96 -1.92
CA LEU A 816 -21.77 -36.27 -2.14
C LEU A 816 -22.57 -36.59 -0.86
N VAL A 817 -23.88 -36.26 -0.89
CA VAL A 817 -24.85 -36.48 0.19
C VAL A 817 -26.17 -36.88 -0.39
N SER A 818 -26.84 -37.84 0.26
CA SER A 818 -28.17 -38.30 -0.10
C SER A 818 -29.01 -37.89 1.08
N CYS A 819 -30.13 -37.18 0.84
CA CYS A 819 -31.02 -36.66 1.90
C CYS A 819 -32.22 -35.97 1.33
N LYS A 820 -33.13 -35.56 2.25
CA LYS A 820 -34.32 -34.78 1.98
C LYS A 820 -34.03 -33.39 2.52
N LEU A 821 -34.24 -32.36 1.70
CA LEU A 821 -33.96 -31.01 2.13
C LEU A 821 -35.21 -30.16 2.26
N GLY A 822 -35.10 -29.10 3.07
CA GLY A 822 -36.14 -28.10 3.34
C GLY A 822 -37.55 -28.62 3.55
N LYS A 823 -38.48 -28.14 2.70
CA LYS A 823 -39.88 -28.57 2.71
C LYS A 823 -40.11 -29.60 1.58
N ASP A 824 -39.01 -30.03 0.92
CA ASP A 824 -39.01 -30.95 -0.21
C ASP A 824 -39.09 -32.40 0.21
N PRO A 825 -40.09 -33.13 -0.34
CA PRO A 825 -40.24 -34.57 -0.02
C PRO A 825 -39.40 -35.51 -0.88
N ASN A 826 -38.79 -34.99 -1.99
CA ASN A 826 -37.92 -35.79 -2.87
C ASN A 826 -36.58 -36.01 -2.18
N THR A 827 -36.00 -37.24 -2.34
CA THR A 827 -34.68 -37.56 -1.80
C THR A 827 -33.67 -37.36 -2.94
N TYR A 828 -32.74 -36.41 -2.72
CA TYR A 828 -31.74 -36.01 -3.70
C TYR A 828 -30.31 -36.50 -3.44
N PHE A 829 -29.56 -36.67 -4.54
CA PHE A 829 -28.14 -37.04 -4.55
C PHE A 829 -27.38 -35.75 -4.89
N ILE A 830 -26.82 -35.07 -3.86
CA ILE A 830 -26.11 -33.78 -4.00
C ILE A 830 -24.60 -33.98 -4.02
N VAL A 831 -23.92 -33.46 -5.06
CA VAL A 831 -22.45 -33.57 -5.29
C VAL A 831 -21.76 -32.21 -5.29
N GLY A 832 -20.56 -32.16 -4.70
CA GLY A 832 -19.68 -30.99 -4.62
C GLY A 832 -18.42 -31.22 -5.43
N THR A 833 -18.18 -30.37 -6.44
CA THR A 833 -17.05 -30.50 -7.37
C THR A 833 -16.03 -29.34 -7.33
N ALA A 834 -14.94 -29.44 -8.15
CA ALA A 834 -13.86 -28.46 -8.26
C ALA A 834 -13.16 -28.43 -9.62
N MET A 835 -12.86 -27.23 -10.11
CA MET A 835 -12.17 -27.04 -11.38
C MET A 835 -10.65 -26.99 -11.23
N VAL A 836 -10.08 -28.19 -11.37
CA VAL A 836 -8.69 -28.54 -11.22
C VAL A 836 -7.92 -28.37 -12.52
N TYR A 837 -6.91 -27.51 -12.51
CA TYR A 837 -6.04 -27.31 -13.66
C TYR A 837 -4.64 -27.60 -13.18
N PRO A 838 -3.92 -28.54 -13.84
CA PRO A 838 -2.59 -28.95 -13.38
C PRO A 838 -1.59 -27.84 -13.15
N GLU A 839 -1.64 -26.80 -14.02
CA GLU A 839 -0.76 -25.65 -13.94
C GLU A 839 -0.94 -24.86 -12.62
N GLU A 840 -2.21 -24.51 -12.23
CA GLU A 840 -2.56 -23.73 -11.01
C GLU A 840 -2.40 -24.52 -9.71
N ALA A 841 -2.19 -23.81 -8.53
CA ALA A 841 -1.93 -24.45 -7.22
C ALA A 841 -3.07 -24.65 -6.23
N GLU A 842 -4.21 -24.02 -6.50
CA GLU A 842 -5.42 -24.14 -5.69
C GLU A 842 -6.60 -23.84 -6.62
N PRO A 843 -7.69 -24.63 -6.59
CA PRO A 843 -8.84 -24.30 -7.45
C PRO A 843 -9.61 -23.11 -6.89
N LYS A 844 -9.97 -22.19 -7.77
CA LYS A 844 -10.68 -20.97 -7.40
C LYS A 844 -12.16 -21.06 -7.82
N GLN A 845 -12.57 -22.26 -8.31
CA GLN A 845 -13.91 -22.53 -8.83
C GLN A 845 -14.29 -23.98 -8.73
N GLY A 846 -15.58 -24.20 -8.59
CA GLY A 846 -16.20 -25.51 -8.46
C GLY A 846 -17.71 -25.35 -8.44
N ARG A 847 -18.45 -26.45 -8.25
CA ARG A 847 -19.92 -26.39 -8.22
C ARG A 847 -20.61 -27.47 -7.40
N ILE A 848 -21.77 -27.13 -6.82
CA ILE A 848 -22.60 -28.05 -6.05
C ILE A 848 -23.75 -28.41 -6.97
N VAL A 849 -23.81 -29.68 -7.42
CA VAL A 849 -24.88 -30.16 -8.30
C VAL A 849 -25.82 -31.08 -7.54
N VAL A 850 -27.13 -30.87 -7.73
CA VAL A 850 -28.16 -31.68 -7.08
C VAL A 850 -28.72 -32.62 -8.15
N PHE A 851 -28.89 -33.90 -7.80
CA PHE A 851 -29.43 -34.92 -8.71
C PHE A 851 -30.55 -35.67 -8.01
N GLN A 852 -31.23 -36.59 -8.73
CA GLN A 852 -32.28 -37.46 -8.22
C GLN A 852 -32.39 -38.66 -9.15
N TYR A 853 -32.18 -39.88 -8.60
CA TYR A 853 -32.30 -41.08 -9.40
C TYR A 853 -33.76 -41.52 -9.38
N SER A 854 -34.55 -40.89 -10.25
CA SER A 854 -35.95 -41.22 -10.42
C SER A 854 -35.99 -42.25 -11.54
N ASP A 855 -36.82 -43.30 -11.39
CA ASP A 855 -36.99 -44.40 -12.35
C ASP A 855 -35.66 -45.11 -12.64
N GLY A 856 -35.16 -44.99 -13.87
CA GLY A 856 -33.90 -45.59 -14.30
C GLY A 856 -32.84 -44.62 -14.77
N LYS A 857 -33.08 -43.30 -14.57
CA LYS A 857 -32.14 -42.25 -15.00
C LYS A 857 -31.70 -41.27 -13.90
N LEU A 858 -30.61 -40.57 -14.21
CA LEU A 858 -29.96 -39.59 -13.36
C LEU A 858 -30.19 -38.20 -13.93
N GLN A 859 -31.06 -37.45 -13.27
CA GLN A 859 -31.42 -36.11 -13.69
C GLN A 859 -30.74 -35.01 -12.87
N THR A 860 -30.31 -33.94 -13.56
CA THR A 860 -29.67 -32.74 -13.02
C THR A 860 -30.77 -31.83 -12.46
N VAL A 861 -30.96 -31.85 -11.13
CA VAL A 861 -32.00 -31.08 -10.43
C VAL A 861 -31.63 -29.59 -10.32
N ALA A 862 -30.63 -29.30 -9.50
CA ALA A 862 -30.17 -27.95 -9.25
C ALA A 862 -28.64 -27.86 -9.28
N GLU A 863 -28.13 -26.66 -9.52
CA GLU A 863 -26.70 -26.38 -9.63
C GLU A 863 -26.39 -25.04 -9.00
N LYS A 864 -25.28 -24.97 -8.23
CA LYS A 864 -24.77 -23.76 -7.59
C LYS A 864 -23.26 -23.64 -7.79
N GLU A 865 -22.83 -22.50 -8.35
CA GLU A 865 -21.42 -22.25 -8.59
C GLU A 865 -20.77 -21.72 -7.32
N VAL A 866 -19.62 -22.29 -6.98
CA VAL A 866 -18.83 -21.86 -5.84
C VAL A 866 -17.46 -21.35 -6.32
N LYS A 867 -16.82 -20.51 -5.49
CA LYS A 867 -15.52 -19.93 -5.79
C LYS A 867 -14.47 -20.69 -4.96
N GLY A 868 -14.40 -22.00 -5.18
CA GLY A 868 -13.48 -22.90 -4.51
C GLY A 868 -13.94 -24.33 -4.66
N ALA A 869 -13.27 -25.27 -3.97
CA ALA A 869 -13.56 -26.70 -4.01
C ALA A 869 -14.43 -27.11 -2.85
N VAL A 870 -15.54 -27.80 -3.13
CA VAL A 870 -16.47 -28.26 -2.10
C VAL A 870 -15.91 -29.49 -1.38
N TYR A 871 -15.15 -29.24 -0.30
CA TYR A 871 -14.48 -30.28 0.47
C TYR A 871 -15.38 -31.19 1.27
N SER A 872 -16.55 -30.68 1.75
CA SER A 872 -17.54 -31.49 2.50
C SER A 872 -18.95 -30.87 2.59
N MET A 873 -19.98 -31.74 2.78
CA MET A 873 -21.40 -31.41 2.92
C MET A 873 -22.13 -32.25 3.98
N VAL A 874 -23.08 -31.62 4.70
CA VAL A 874 -23.87 -32.24 5.79
C VAL A 874 -25.35 -31.93 5.69
N GLU A 875 -26.19 -32.86 6.20
CA GLU A 875 -27.62 -32.66 6.33
C GLU A 875 -27.76 -31.95 7.66
N PHE A 876 -27.98 -30.64 7.60
CA PHE A 876 -28.08 -29.80 8.80
C PHE A 876 -29.50 -29.34 8.97
N ASN A 877 -30.36 -30.26 9.41
CA ASN A 877 -31.79 -30.01 9.69
C ASN A 877 -32.53 -29.20 8.59
N GLY A 878 -32.78 -29.88 7.46
CA GLY A 878 -33.43 -29.33 6.28
C GLY A 878 -32.50 -28.50 5.39
N LYS A 879 -31.39 -27.99 5.97
CA LYS A 879 -30.40 -27.18 5.27
C LYS A 879 -29.23 -28.05 4.87
N LEU A 880 -28.40 -27.53 3.93
CA LEU A 880 -27.19 -28.17 3.45
C LEU A 880 -25.98 -27.37 3.95
N LEU A 881 -25.18 -27.96 4.82
CA LEU A 881 -23.98 -27.29 5.30
C LEU A 881 -22.81 -27.68 4.40
N ALA A 882 -22.07 -26.68 3.86
CA ALA A 882 -20.96 -26.94 2.93
C ALA A 882 -19.60 -26.23 3.20
N SER A 883 -18.51 -26.93 2.87
CA SER A 883 -17.13 -26.46 3.06
C SER A 883 -16.50 -26.11 1.72
N ILE A 884 -16.29 -24.81 1.45
CA ILE A 884 -15.70 -24.29 0.21
C ILE A 884 -14.38 -23.58 0.57
N ASN A 885 -13.27 -24.33 0.53
CA ASN A 885 -11.90 -23.85 0.86
C ASN A 885 -11.76 -23.27 2.31
N SER A 886 -11.73 -21.94 2.40
CA SER A 886 -11.61 -21.25 3.66
C SER A 886 -12.99 -20.86 4.24
N THR A 887 -14.10 -21.40 3.69
CA THR A 887 -15.45 -21.04 4.16
C THR A 887 -16.35 -22.23 4.57
N VAL A 888 -17.26 -22.00 5.53
CA VAL A 888 -18.26 -22.97 5.99
C VAL A 888 -19.61 -22.30 5.78
N ARG A 889 -20.24 -22.62 4.63
CA ARG A 889 -21.53 -22.06 4.20
C ARG A 889 -22.70 -22.94 4.62
N LEU A 890 -23.77 -22.30 5.07
CA LEU A 890 -25.00 -23.00 5.39
C LEU A 890 -25.95 -22.61 4.29
N TYR A 891 -26.26 -23.59 3.41
CA TYR A 891 -27.15 -23.42 2.27
C TYR A 891 -28.57 -23.83 2.64
N GLU A 892 -29.52 -22.95 2.38
CA GLU A 892 -30.91 -23.22 2.65
C GLU A 892 -31.55 -23.68 1.33
N TRP A 893 -32.31 -24.79 1.39
CA TRP A 893 -32.99 -25.34 0.21
C TRP A 893 -34.36 -24.67 0.12
N THR A 894 -34.68 -24.19 -1.09
CA THR A 894 -35.89 -23.43 -1.36
C THR A 894 -37.04 -24.22 -2.01
N THR A 895 -38.21 -23.53 -2.17
CA THR A 895 -39.43 -24.02 -2.82
C THR A 895 -39.12 -24.11 -4.32
N GLU A 896 -38.27 -23.17 -4.80
CA GLU A 896 -37.78 -23.00 -6.16
C GLU A 896 -36.77 -24.08 -6.55
N LYS A 897 -36.63 -25.11 -5.69
CA LYS A 897 -35.71 -26.24 -5.85
C LYS A 897 -34.31 -25.71 -6.18
N GLU A 898 -33.77 -24.86 -5.28
CA GLU A 898 -32.47 -24.19 -5.42
C GLU A 898 -31.72 -24.01 -4.08
N LEU A 899 -30.39 -23.80 -4.17
CA LEU A 899 -29.47 -23.59 -3.04
C LEU A 899 -29.25 -22.11 -2.78
N ARG A 900 -29.70 -21.60 -1.60
CA ARG A 900 -29.56 -20.19 -1.18
C ARG A 900 -28.53 -20.07 -0.05
N THR A 901 -27.68 -19.02 -0.01
CA THR A 901 -26.65 -19.04 1.04
C THR A 901 -27.21 -18.35 2.28
N GLU A 902 -27.38 -19.08 3.39
CA GLU A 902 -27.94 -18.52 4.63
C GLU A 902 -26.91 -17.73 5.45
N CYS A 903 -25.87 -18.41 5.98
CA CYS A 903 -24.82 -17.79 6.78
C CYS A 903 -23.49 -18.47 6.50
N ASN A 904 -22.36 -17.76 6.76
CA ASN A 904 -20.98 -18.22 6.53
C ASN A 904 -20.10 -18.15 7.78
N HIS A 905 -18.98 -18.87 7.77
CA HIS A 905 -17.95 -18.85 8.81
C HIS A 905 -16.59 -18.96 8.13
N TYR A 906 -15.60 -18.14 8.55
CA TYR A 906 -14.31 -18.09 7.87
C TYR A 906 -13.00 -18.39 8.62
N ASN A 907 -13.02 -18.42 9.96
CA ASN A 907 -11.85 -18.58 10.82
C ASN A 907 -11.00 -19.86 10.64
N ASN A 908 -11.01 -20.42 9.42
CA ASN A 908 -10.33 -21.67 9.05
C ASN A 908 -9.43 -21.44 7.83
N ILE A 909 -8.25 -22.13 7.74
CA ILE A 909 -7.34 -22.02 6.58
C ILE A 909 -7.85 -22.74 5.37
N MET A 910 -8.09 -24.05 5.52
CA MET A 910 -8.69 -24.93 4.51
C MET A 910 -9.61 -25.93 5.24
N ALA A 911 -10.88 -25.55 5.46
CA ALA A 911 -11.86 -26.38 6.16
C ALA A 911 -12.28 -27.61 5.31
N LEU A 912 -11.60 -28.74 5.54
CA LEU A 912 -11.76 -29.99 4.80
C LEU A 912 -12.69 -31.02 5.41
N TYR A 913 -13.16 -30.82 6.66
CA TYR A 913 -14.01 -31.82 7.34
C TYR A 913 -15.20 -31.24 8.11
N LEU A 914 -16.39 -31.88 7.98
CA LEU A 914 -17.63 -31.40 8.61
C LEU A 914 -18.49 -32.46 9.32
N LYS A 915 -19.00 -32.11 10.53
CA LYS A 915 -19.89 -32.95 11.34
C LYS A 915 -20.99 -32.11 12.06
N THR A 916 -22.18 -32.72 12.24
CA THR A 916 -23.34 -32.08 12.89
C THR A 916 -23.80 -32.87 14.14
N LYS A 917 -24.57 -32.16 15.02
CA LYS A 917 -25.22 -32.64 16.24
C LYS A 917 -26.24 -31.57 16.61
N GLY A 918 -27.36 -31.60 15.90
CA GLY A 918 -28.47 -30.68 16.11
C GLY A 918 -28.14 -29.24 15.76
N ASP A 919 -27.69 -28.45 16.74
CA ASP A 919 -27.34 -27.06 16.46
C ASP A 919 -25.81 -26.85 16.35
N PHE A 920 -25.04 -27.78 16.92
CA PHE A 920 -23.58 -27.77 16.92
C PHE A 920 -22.96 -28.28 15.60
N ILE A 921 -21.80 -27.69 15.23
CA ILE A 921 -21.03 -28.04 14.03
C ILE A 921 -19.57 -28.16 14.43
N LEU A 922 -18.93 -29.18 13.90
CA LEU A 922 -17.52 -29.43 14.13
C LEU A 922 -16.79 -29.28 12.81
N VAL A 923 -15.82 -28.36 12.81
CA VAL A 923 -14.99 -28.05 11.66
C VAL A 923 -13.55 -28.48 11.89
N GLY A 924 -13.05 -29.26 10.94
CA GLY A 924 -11.68 -29.77 10.92
C GLY A 924 -10.90 -29.14 9.79
N ASP A 925 -9.87 -28.37 10.14
CA ASP A 925 -9.04 -27.62 9.22
C ASP A 925 -7.76 -28.37 8.75
N LEU A 926 -7.15 -27.90 7.62
CA LEU A 926 -5.91 -28.44 7.02
C LEU A 926 -4.78 -28.59 8.04
N MET A 927 -4.52 -27.54 8.84
CA MET A 927 -3.46 -27.46 9.85
C MET A 927 -3.94 -26.96 11.24
N ARG A 928 -5.01 -26.14 11.36
CA ARG A 928 -5.43 -25.58 12.66
C ARG A 928 -6.41 -26.41 13.53
N SER A 929 -6.11 -27.71 13.80
CA SER A 929 -6.94 -28.59 14.66
C SER A 929 -8.47 -28.53 14.36
N VAL A 930 -9.32 -28.40 15.41
CA VAL A 930 -10.77 -28.28 15.27
C VAL A 930 -11.34 -26.95 15.74
N LEU A 931 -12.65 -26.80 15.58
CA LEU A 931 -13.37 -25.58 15.91
C LEU A 931 -14.82 -25.98 16.01
N LEU A 932 -15.55 -25.35 16.96
CA LEU A 932 -16.98 -25.62 17.25
C LEU A 932 -17.88 -24.44 17.00
N LEU A 933 -18.84 -24.65 16.10
CA LEU A 933 -19.84 -23.64 15.76
C LEU A 933 -21.19 -24.12 16.25
N ALA A 934 -22.14 -23.19 16.37
CA ALA A 934 -23.52 -23.50 16.72
C ALA A 934 -24.39 -22.48 16.11
N TYR A 935 -25.36 -22.96 15.33
CA TYR A 935 -26.32 -22.10 14.68
C TYR A 935 -27.29 -21.58 15.75
N LYS A 936 -27.34 -20.23 15.93
CA LYS A 936 -28.23 -19.53 16.87
C LYS A 936 -29.49 -19.25 16.06
N PRO A 937 -30.51 -20.11 16.19
CA PRO A 937 -31.69 -19.98 15.32
C PRO A 937 -32.33 -18.61 15.24
N MET A 938 -32.61 -17.98 16.41
CA MET A 938 -33.18 -16.63 16.53
C MET A 938 -32.29 -15.54 15.88
N GLU A 939 -30.94 -15.70 15.98
CA GLU A 939 -29.95 -14.78 15.41
C GLU A 939 -29.76 -14.99 13.91
N GLY A 940 -29.96 -16.24 13.48
CA GLY A 940 -29.84 -16.68 12.09
C GLY A 940 -28.41 -16.74 11.53
N ASN A 941 -27.46 -17.18 12.37
CA ASN A 941 -26.05 -17.29 12.01
C ASN A 941 -25.31 -18.17 12.98
N PHE A 942 -24.02 -18.40 12.68
CA PHE A 942 -23.12 -19.21 13.48
C PHE A 942 -22.49 -18.40 14.57
N GLU A 943 -22.14 -19.08 15.68
CA GLU A 943 -21.43 -18.50 16.81
C GLU A 943 -20.38 -19.50 17.17
N GLU A 944 -19.13 -19.06 17.12
CA GLU A 944 -17.95 -19.85 17.45
C GLU A 944 -18.03 -20.04 18.95
N ILE A 945 -18.09 -21.28 19.42
CA ILE A 945 -18.21 -21.53 20.84
C ILE A 945 -16.85 -21.72 21.45
N ALA A 946 -15.99 -22.44 20.75
CA ALA A 946 -14.63 -22.70 21.20
C ALA A 946 -13.79 -23.23 20.08
N ARG A 947 -12.49 -22.99 20.16
CA ARG A 947 -11.54 -23.35 19.13
C ARG A 947 -10.41 -24.16 19.74
N ASP A 948 -9.69 -24.90 18.90
CA ASP A 948 -8.47 -25.57 19.30
C ASP A 948 -7.42 -24.88 18.41
N PHE A 949 -6.35 -24.35 19.03
CA PHE A 949 -5.31 -23.58 18.30
C PHE A 949 -4.14 -24.37 17.79
N ASN A 950 -4.00 -25.58 18.35
CA ASN A 950 -2.94 -26.53 18.09
C ASN A 950 -2.78 -26.79 16.60
N PRO A 951 -1.53 -26.87 16.12
CA PRO A 951 -1.31 -27.08 14.69
C PRO A 951 -1.33 -28.56 14.38
N ASN A 952 -2.55 -29.09 14.28
CA ASN A 952 -2.81 -30.47 14.00
C ASN A 952 -3.40 -30.52 12.63
N TRP A 953 -2.70 -31.23 11.73
CA TRP A 953 -3.13 -31.45 10.34
C TRP A 953 -4.16 -32.56 10.29
N MET A 954 -5.41 -32.19 10.03
CA MET A 954 -6.52 -33.11 10.12
C MET A 954 -6.62 -34.16 9.05
N SER A 955 -7.12 -35.32 9.45
CA SER A 955 -7.26 -36.51 8.65
C SER A 955 -8.75 -36.81 8.56
N ALA A 956 -9.49 -36.62 9.69
CA ALA A 956 -10.96 -36.76 9.88
C ALA A 956 -11.36 -36.27 11.29
N VAL A 957 -12.63 -35.89 11.46
CA VAL A 957 -13.23 -35.39 12.70
C VAL A 957 -14.45 -36.25 13.09
N GLU A 958 -15.07 -36.01 14.26
CA GLU A 958 -16.30 -36.66 14.74
C GLU A 958 -16.82 -36.17 16.06
N ILE A 959 -18.13 -35.93 16.12
CA ILE A 959 -18.79 -35.49 17.34
C ILE A 959 -19.15 -36.69 18.19
N LEU A 960 -18.63 -36.73 19.43
CA LEU A 960 -18.89 -37.82 20.34
C LEU A 960 -20.20 -37.57 21.08
N ASP A 961 -20.44 -36.30 21.49
CA ASP A 961 -21.64 -35.78 22.15
C ASP A 961 -21.58 -34.26 22.15
N ASP A 962 -22.58 -33.58 22.73
CA ASP A 962 -22.61 -32.11 22.77
C ASP A 962 -21.38 -31.41 23.39
N ASP A 963 -20.63 -32.13 24.25
CA ASP A 963 -19.45 -31.58 24.90
C ASP A 963 -18.11 -32.24 24.58
N ASN A 964 -18.08 -33.38 23.86
CA ASN A 964 -16.82 -34.05 23.50
C ASN A 964 -16.72 -34.38 22.02
N PHE A 965 -15.59 -34.01 21.40
CA PHE A 965 -15.37 -34.15 19.94
C PHE A 965 -14.04 -34.77 19.64
N LEU A 966 -14.02 -35.75 18.76
CA LEU A 966 -12.81 -36.49 18.42
C LEU A 966 -12.25 -36.14 17.02
N GLY A 967 -10.91 -36.13 16.89
CA GLY A 967 -10.22 -35.90 15.62
C GLY A 967 -9.07 -36.85 15.34
N ALA A 968 -8.75 -37.04 14.03
CA ALA A 968 -7.60 -37.81 13.49
C ALA A 968 -6.64 -36.87 12.76
N GLU A 969 -5.36 -36.85 13.18
CA GLU A 969 -4.32 -35.99 12.62
C GLU A 969 -3.36 -36.80 11.74
N ASN A 970 -2.69 -36.11 10.77
CA ASN A 970 -1.78 -36.75 9.82
C ASN A 970 -0.55 -37.43 10.44
N ALA A 971 -0.26 -37.18 11.72
CA ALA A 971 0.86 -37.87 12.36
C ALA A 971 0.37 -39.09 13.09
N PHE A 972 -0.79 -39.62 12.63
CA PHE A 972 -1.48 -40.85 13.07
C PHE A 972 -1.94 -40.85 14.52
N ASN A 973 -2.52 -39.71 14.95
CA ASN A 973 -3.03 -39.57 16.30
C ASN A 973 -4.53 -39.41 16.37
N LEU A 974 -5.08 -39.66 17.54
CA LEU A 974 -6.46 -39.41 17.84
C LEU A 974 -6.45 -38.43 19.00
N PHE A 975 -7.43 -37.54 19.04
CA PHE A 975 -7.57 -36.62 20.16
C PHE A 975 -9.03 -36.25 20.39
N VAL A 976 -9.38 -35.93 21.63
CA VAL A 976 -10.73 -35.56 22.02
C VAL A 976 -10.75 -34.21 22.74
N CYS A 977 -11.57 -33.29 22.23
CA CYS A 977 -11.71 -31.96 22.80
C CYS A 977 -12.97 -31.86 23.61
N GLN A 978 -12.87 -31.20 24.76
CA GLN A 978 -14.01 -30.99 25.66
C GLN A 978 -14.42 -29.53 25.64
N LYS A 979 -15.71 -29.28 25.89
CA LYS A 979 -16.26 -27.94 25.91
C LYS A 979 -16.61 -27.59 27.35
N ASP A 980 -15.87 -26.65 28.01
CA ASP A 980 -16.33 -26.32 29.36
C ASP A 980 -17.21 -25.06 29.46
N SER A 981 -18.48 -25.20 29.05
CA SER A 981 -19.48 -24.14 29.07
C SER A 981 -19.62 -23.48 30.48
N ALA A 982 -19.18 -24.18 31.55
CA ALA A 982 -19.30 -23.80 32.95
C ALA A 982 -18.24 -22.91 33.57
N ALA A 983 -16.99 -23.03 33.12
CA ALA A 983 -15.79 -22.30 33.59
C ALA A 983 -15.96 -20.84 33.97
N THR A 984 -15.24 -20.44 35.02
CA THR A 984 -15.22 -19.08 35.59
C THR A 984 -15.10 -17.95 34.56
N THR A 985 -14.14 -18.05 33.59
CA THR A 985 -13.94 -17.02 32.57
C THR A 985 -14.20 -17.39 31.11
N ASP A 986 -14.61 -16.39 30.29
CA ASP A 986 -14.91 -16.54 28.85
C ASP A 986 -13.74 -17.11 28.12
N GLU A 987 -12.54 -16.66 28.50
CA GLU A 987 -11.29 -17.12 27.92
C GLU A 987 -11.21 -18.66 27.98
N GLU A 988 -11.68 -19.24 29.10
CA GLU A 988 -11.62 -20.67 29.30
C GLU A 988 -12.73 -21.34 28.53
N ARG A 989 -13.94 -20.77 28.56
CA ARG A 989 -15.13 -21.31 27.87
C ARG A 989 -14.93 -21.43 26.36
N GLN A 990 -14.33 -20.38 25.76
CA GLN A 990 -14.04 -20.28 24.33
C GLN A 990 -12.86 -21.14 23.91
N HIS A 991 -12.47 -22.05 24.80
CA HIS A 991 -11.34 -22.93 24.63
C HIS A 991 -11.72 -24.42 24.75
N LEU A 992 -11.32 -25.19 23.72
CA LEU A 992 -11.47 -26.64 23.56
C LEU A 992 -10.23 -27.28 24.16
N GLN A 993 -10.39 -27.92 25.33
CA GLN A 993 -9.26 -28.57 25.95
C GLN A 993 -9.07 -29.95 25.35
N GLU A 994 -7.85 -30.22 24.81
CA GLU A 994 -7.49 -31.53 24.27
C GLU A 994 -7.43 -32.44 25.52
N VAL A 995 -8.56 -33.11 25.85
CA VAL A 995 -8.68 -33.98 27.05
C VAL A 995 -8.27 -35.42 26.77
N GLY A 996 -8.50 -35.84 25.54
CA GLY A 996 -8.16 -37.16 25.04
C GLY A 996 -7.00 -37.04 24.09
N LEU A 997 -6.03 -37.94 24.21
CA LEU A 997 -4.86 -37.99 23.35
C LEU A 997 -4.51 -39.44 23.08
N PHE A 998 -4.10 -39.77 21.84
CA PHE A 998 -3.80 -41.15 21.49
C PHE A 998 -3.10 -41.30 20.16
N HIS A 999 -1.95 -41.94 20.16
CA HIS A 999 -1.29 -42.23 18.90
C HIS A 999 -1.87 -43.57 18.42
N LEU A 1000 -2.72 -43.51 17.35
CA LEU A 1000 -3.39 -44.66 16.76
C LEU A 1000 -2.47 -45.47 15.77
N GLY A 1001 -1.60 -44.76 15.04
CA GLY A 1001 -0.67 -45.38 14.10
C GLY A 1001 -1.26 -45.58 12.74
N GLU A 1002 -2.52 -45.19 12.56
CA GLU A 1002 -3.19 -45.35 11.29
C GLU A 1002 -3.70 -44.03 10.77
N PHE A 1003 -3.79 -43.90 9.43
CA PHE A 1003 -4.26 -42.67 8.80
C PHE A 1003 -5.76 -42.77 8.49
N VAL A 1004 -6.57 -42.21 9.41
CA VAL A 1004 -8.04 -42.22 9.38
C VAL A 1004 -8.60 -41.31 8.30
N ASN A 1005 -9.34 -41.89 7.35
CA ASN A 1005 -9.97 -41.12 6.29
C ASN A 1005 -11.43 -40.92 6.55
N VAL A 1006 -12.11 -41.96 7.10
CA VAL A 1006 -13.56 -41.97 7.35
C VAL A 1006 -13.93 -42.27 8.77
N PHE A 1007 -14.80 -41.43 9.33
CA PHE A 1007 -15.32 -41.55 10.70
C PHE A 1007 -16.81 -41.55 10.64
N CYS A 1008 -17.47 -42.71 10.89
CA CYS A 1008 -18.93 -42.72 10.88
C CYS A 1008 -19.51 -43.53 12.00
N HIS A 1009 -20.63 -43.04 12.53
CA HIS A 1009 -21.34 -43.63 13.65
C HIS A 1009 -21.93 -44.98 13.35
N GLY A 1010 -22.32 -45.69 14.41
CA GLY A 1010 -22.95 -47.00 14.29
C GLY A 1010 -22.03 -48.17 14.56
N SER A 1011 -22.64 -49.40 14.58
CA SER A 1011 -21.96 -50.68 14.80
C SER A 1011 -22.45 -51.76 13.84
N LEU A 1012 -21.61 -52.81 13.69
CA LEU A 1012 -21.84 -54.00 12.86
C LEU A 1012 -22.59 -55.08 13.65
N VAL A 1013 -22.52 -55.02 15.00
CA VAL A 1013 -23.19 -55.93 15.93
C VAL A 1013 -24.72 -55.69 15.87
N MET A 1014 -25.54 -56.77 15.95
CA MET A 1014 -27.01 -56.65 15.91
C MET A 1014 -27.54 -56.07 17.21
N GLN A 1015 -27.67 -54.73 17.25
CA GLN A 1015 -28.14 -53.97 18.40
C GLN A 1015 -29.62 -54.18 18.69
N ASN A 1016 -29.92 -54.43 19.99
CA ASN A 1016 -31.26 -54.69 20.55
C ASN A 1016 -31.43 -54.01 21.95
N LEU A 1017 -30.27 -53.63 22.57
CA LEU A 1017 -30.13 -52.91 23.85
C LEU A 1017 -28.70 -52.37 24.01
N PRO A 1023 -22.20 -51.89 29.63
CA PRO A 1023 -20.73 -51.83 29.76
C PRO A 1023 -20.12 -50.55 29.19
N THR A 1024 -20.49 -50.21 27.95
CA THR A 1024 -20.05 -49.04 27.20
C THR A 1024 -21.23 -48.35 26.48
N GLN A 1025 -21.15 -47.01 26.33
CA GLN A 1025 -22.21 -46.21 25.69
C GLN A 1025 -21.69 -45.29 24.56
N GLY A 1026 -21.78 -45.77 23.32
CA GLY A 1026 -21.37 -45.06 22.11
C GLY A 1026 -20.78 -45.94 21.02
N SER A 1027 -20.89 -45.52 19.74
CA SER A 1027 -20.33 -46.31 18.65
C SER A 1027 -19.85 -45.51 17.44
N VAL A 1028 -18.51 -45.44 17.24
CA VAL A 1028 -17.89 -44.78 16.10
C VAL A 1028 -16.93 -45.70 15.40
N LEU A 1029 -17.19 -45.95 14.12
CA LEU A 1029 -16.38 -46.77 13.24
C LEU A 1029 -15.51 -45.90 12.37
N PHE A 1030 -14.29 -46.40 12.09
CA PHE A 1030 -13.34 -45.69 11.24
C PHE A 1030 -12.67 -46.62 10.25
N GLY A 1031 -12.25 -46.00 9.13
CA GLY A 1031 -11.57 -46.63 7.99
C GLY A 1031 -10.31 -45.88 7.62
N THR A 1032 -9.22 -46.64 7.43
CA THR A 1032 -7.89 -46.12 7.17
C THR A 1032 -7.39 -46.36 5.74
N VAL A 1033 -6.14 -45.95 5.47
CA VAL A 1033 -5.49 -46.08 4.16
C VAL A 1033 -4.91 -47.48 3.96
N ASN A 1034 -4.60 -48.13 5.07
CA ASN A 1034 -4.04 -49.46 5.04
C ASN A 1034 -5.15 -50.51 5.05
N GLY A 1035 -6.37 -50.01 4.96
CA GLY A 1035 -7.56 -50.83 4.96
C GLY A 1035 -7.90 -51.32 6.33
N MET A 1036 -7.54 -50.58 7.36
CA MET A 1036 -7.94 -51.06 8.65
C MET A 1036 -9.32 -50.50 9.05
N ILE A 1037 -10.11 -51.27 9.79
CA ILE A 1037 -11.44 -50.84 10.24
C ILE A 1037 -11.46 -50.83 11.78
N GLY A 1038 -11.76 -49.67 12.36
CA GLY A 1038 -11.72 -49.57 13.82
C GLY A 1038 -12.96 -49.00 14.47
N LEU A 1039 -12.99 -49.12 15.81
CA LEU A 1039 -14.10 -48.66 16.65
C LEU A 1039 -13.70 -47.89 17.95
N VAL A 1040 -14.37 -46.75 18.17
CA VAL A 1040 -14.19 -45.87 19.31
C VAL A 1040 -15.50 -45.86 20.07
N THR A 1041 -15.43 -46.04 21.41
CA THR A 1041 -16.61 -46.00 22.29
C THR A 1041 -16.35 -45.31 23.62
N SER A 1042 -17.43 -44.83 24.27
CA SER A 1042 -17.37 -44.08 25.52
C SER A 1042 -17.44 -44.91 26.81
N LEU A 1043 -16.61 -44.56 27.81
CA LEU A 1043 -16.49 -45.20 29.12
C LEU A 1043 -16.85 -44.23 30.25
N SER A 1044 -17.28 -44.76 31.41
CA SER A 1044 -17.57 -43.94 32.61
C SER A 1044 -16.29 -43.73 33.41
N GLU A 1045 -16.29 -42.78 34.36
CA GLU A 1045 -15.10 -42.52 35.19
C GLU A 1045 -14.65 -43.79 35.91
N SER A 1046 -15.59 -44.49 36.56
CA SER A 1046 -15.31 -45.71 37.29
C SER A 1046 -14.62 -46.74 36.40
N TRP A 1047 -15.24 -47.06 35.26
CA TRP A 1047 -14.72 -48.02 34.30
C TRP A 1047 -13.40 -47.60 33.67
N TYR A 1048 -13.26 -46.33 33.27
CA TYR A 1048 -11.99 -45.84 32.73
C TYR A 1048 -10.93 -46.11 33.78
N ASN A 1049 -11.10 -45.55 35.00
CA ASN A 1049 -10.16 -45.72 36.12
C ASN A 1049 -9.77 -47.17 36.34
N LEU A 1050 -10.75 -48.10 36.18
CA LEU A 1050 -10.55 -49.54 36.29
C LEU A 1050 -9.72 -50.06 35.11
N LEU A 1051 -10.19 -49.83 33.86
CA LEU A 1051 -9.51 -50.29 32.65
C LEU A 1051 -8.12 -49.67 32.46
N LEU A 1052 -7.91 -48.44 32.98
CA LEU A 1052 -6.61 -47.76 32.91
C LEU A 1052 -5.63 -48.46 33.83
N ASP A 1053 -6.09 -48.84 35.05
CA ASP A 1053 -5.27 -49.56 36.02
C ASP A 1053 -4.90 -50.91 35.43
N MET A 1054 -5.86 -51.50 34.73
CA MET A 1054 -5.69 -52.76 34.08
C MET A 1054 -4.70 -52.67 32.92
N GLN A 1055 -4.69 -51.55 32.17
CA GLN A 1055 -3.74 -51.33 31.07
C GLN A 1055 -2.34 -51.29 31.60
N ASN A 1056 -2.11 -50.46 32.62
CA ASN A 1056 -0.83 -50.27 33.28
C ASN A 1056 -0.35 -51.59 33.93
N ARG A 1057 -1.32 -52.44 34.34
CA ARG A 1057 -1.05 -53.77 34.88
C ARG A 1057 -0.67 -54.67 33.71
N LEU A 1058 -1.51 -54.71 32.66
CA LEU A 1058 -1.30 -55.52 31.45
C LEU A 1058 0.04 -55.26 30.81
N ASN A 1059 0.44 -53.98 30.66
CA ASN A 1059 1.69 -53.56 30.05
C ASN A 1059 2.92 -54.25 30.64
N LYS A 1060 2.93 -54.44 31.98
CA LYS A 1060 3.99 -55.12 32.72
C LYS A 1060 4.13 -56.58 32.25
N VAL A 1061 2.97 -57.28 32.16
CA VAL A 1061 2.81 -58.71 31.79
C VAL A 1061 3.13 -59.07 30.31
N ILE A 1062 2.57 -58.34 29.35
CA ILE A 1062 2.76 -58.59 27.91
C ILE A 1062 4.19 -58.30 27.45
N LYS A 1063 4.74 -59.20 26.62
CA LYS A 1063 6.08 -59.06 26.03
C LYS A 1063 5.95 -58.40 24.65
N SER A 1064 6.73 -57.31 24.43
CA SER A 1064 6.70 -56.57 23.18
C SER A 1064 7.59 -57.17 22.11
N VAL A 1065 7.32 -56.83 20.85
CA VAL A 1065 8.16 -57.26 19.75
C VAL A 1065 9.07 -56.07 19.47
N GLY A 1066 10.36 -56.26 19.76
CA GLY A 1066 11.38 -55.23 19.65
C GLY A 1066 11.54 -54.46 20.95
N LYS A 1067 10.91 -54.98 22.03
CA LYS A 1067 10.87 -54.43 23.39
C LYS A 1067 10.38 -52.96 23.45
N ILE A 1068 9.42 -52.62 22.58
CA ILE A 1068 8.82 -51.29 22.47
C ILE A 1068 7.75 -51.06 23.56
N GLU A 1069 7.81 -49.94 24.29
CA GLU A 1069 6.83 -49.60 25.33
C GLU A 1069 5.51 -49.19 24.74
N HIS A 1070 4.42 -49.84 25.19
CA HIS A 1070 3.06 -49.54 24.74
C HIS A 1070 2.70 -48.10 25.06
N SER A 1071 3.16 -47.62 26.23
CA SER A 1071 2.98 -46.25 26.73
C SER A 1071 3.60 -45.24 25.76
N PHE A 1072 4.75 -45.59 25.15
CA PHE A 1072 5.46 -44.78 24.17
C PHE A 1072 4.71 -44.85 22.87
N TRP A 1073 4.56 -46.07 22.36
CA TRP A 1073 3.87 -46.35 21.08
C TRP A 1073 2.56 -45.57 20.94
N ARG A 1074 1.73 -45.64 21.97
CA ARG A 1074 0.46 -44.97 21.97
C ARG A 1074 0.51 -43.55 22.48
N SER A 1075 1.72 -43.05 22.88
CA SER A 1075 1.95 -41.66 23.34
C SER A 1075 1.79 -40.71 22.17
N PHE A 1076 0.99 -39.63 22.36
CA PHE A 1076 0.66 -38.59 21.38
C PHE A 1076 1.89 -38.03 20.70
N HIS A 1077 1.97 -38.11 19.36
CA HIS A 1077 3.18 -37.67 18.69
C HIS A 1077 3.05 -36.87 17.41
N THR A 1078 3.19 -35.56 17.56
CA THR A 1078 3.21 -34.56 16.50
C THR A 1078 4.65 -34.02 16.44
N GLU A 1079 5.08 -33.37 15.34
CA GLU A 1079 6.44 -32.81 15.14
C GLU A 1079 6.96 -32.19 16.42
N ARG A 1080 6.10 -31.34 17.01
CA ARG A 1080 6.23 -30.57 18.24
C ARG A 1080 6.12 -31.43 19.54
N LYS A 1081 4.88 -31.55 20.12
CA LYS A 1081 4.53 -32.28 21.34
C LYS A 1081 4.71 -33.78 21.19
N THR A 1082 5.11 -34.40 22.29
CA THR A 1082 5.26 -35.83 22.50
C THR A 1082 4.82 -35.99 23.98
N GLU A 1083 3.50 -36.09 24.16
CA GLU A 1083 2.83 -36.11 25.45
C GLU A 1083 2.14 -37.47 25.71
N PRO A 1084 2.17 -37.97 26.96
CA PRO A 1084 1.51 -39.24 27.27
C PRO A 1084 0.04 -39.23 26.93
N ALA A 1085 -0.40 -40.28 26.18
CA ALA A 1085 -1.77 -40.49 25.73
C ALA A 1085 -2.68 -40.58 26.92
N THR A 1086 -3.71 -39.72 26.97
CA THR A 1086 -4.64 -39.66 28.09
C THR A 1086 -6.10 -39.67 27.65
N GLY A 1087 -6.98 -40.16 28.54
CA GLY A 1087 -8.41 -40.21 28.29
C GLY A 1087 -8.83 -41.22 27.25
N PHE A 1088 -7.88 -42.08 26.82
CA PHE A 1088 -8.08 -43.15 25.83
C PHE A 1088 -7.64 -44.47 26.42
N ILE A 1089 -8.37 -45.53 26.04
CA ILE A 1089 -8.16 -46.90 26.47
C ILE A 1089 -7.92 -47.80 25.24
N ASP A 1090 -6.73 -48.41 25.14
CA ASP A 1090 -6.46 -49.27 24.00
C ASP A 1090 -7.18 -50.58 24.15
N GLY A 1091 -8.29 -50.67 23.42
CA GLY A 1091 -9.15 -51.85 23.40
C GLY A 1091 -8.42 -53.07 22.92
N ASP A 1092 -7.57 -52.87 21.92
CA ASP A 1092 -6.73 -53.88 21.32
C ASP A 1092 -5.79 -54.50 22.36
N LEU A 1093 -5.24 -53.69 23.29
CA LEU A 1093 -4.43 -54.20 24.40
C LEU A 1093 -5.32 -54.93 25.43
N ILE A 1094 -6.48 -54.36 25.82
CA ILE A 1094 -7.38 -55.00 26.77
C ILE A 1094 -7.88 -56.35 26.27
N GLU A 1095 -8.27 -56.42 24.96
CA GLU A 1095 -8.75 -57.65 24.31
C GLU A 1095 -7.68 -58.75 24.25
N SER A 1096 -6.39 -58.39 24.46
CA SER A 1096 -5.28 -59.32 24.50
C SER A 1096 -5.21 -60.03 25.86
N PHE A 1097 -5.97 -59.52 26.88
CA PHE A 1097 -6.04 -60.11 28.21
C PHE A 1097 -6.59 -61.54 28.18
N LEU A 1098 -7.58 -61.78 27.31
CA LEU A 1098 -8.20 -63.09 27.14
C LEU A 1098 -7.24 -64.07 26.48
N ASP A 1099 -6.42 -63.58 25.55
CA ASP A 1099 -5.44 -64.37 24.80
C ASP A 1099 -4.32 -64.90 25.68
N ILE A 1100 -3.79 -64.06 26.56
CA ILE A 1100 -2.69 -64.41 27.45
C ILE A 1100 -2.96 -65.51 28.46
N SER A 1101 -1.87 -65.99 29.07
CA SER A 1101 -1.77 -67.05 30.07
C SER A 1101 -2.56 -66.77 31.34
N ARG A 1102 -3.15 -67.85 31.93
CA ARG A 1102 -3.91 -67.82 33.18
C ARG A 1102 -3.08 -67.38 34.40
N PRO A 1103 -1.80 -67.83 34.59
CA PRO A 1103 -1.03 -67.32 35.75
C PRO A 1103 -0.73 -65.85 35.55
N LYS A 1104 -0.52 -65.47 34.27
CA LYS A 1104 -0.26 -64.11 33.82
C LYS A 1104 -1.51 -63.26 34.00
N MET A 1105 -2.70 -63.92 34.07
CA MET A 1105 -3.99 -63.27 34.35
C MET A 1105 -4.09 -63.03 35.85
N GLN A 1106 -3.66 -64.00 36.68
CA GLN A 1106 -3.66 -63.86 38.12
C GLN A 1106 -2.64 -62.82 38.57
N GLU A 1107 -1.55 -62.68 37.79
CA GLU A 1107 -0.47 -61.70 37.98
C GLU A 1107 -1.05 -60.29 37.81
N VAL A 1108 -2.12 -60.16 37.00
CA VAL A 1108 -2.81 -58.90 36.75
C VAL A 1108 -3.58 -58.44 38.00
N VAL A 1109 -4.52 -59.27 38.50
CA VAL A 1109 -5.40 -58.98 39.65
C VAL A 1109 -4.77 -58.76 41.04
N ALA A 1110 -3.41 -58.78 41.12
CA ALA A 1110 -2.53 -58.61 42.30
C ALA A 1110 -3.20 -58.16 43.62
N ASN A 1111 -3.93 -57.05 43.57
CA ASN A 1111 -4.69 -56.46 44.67
C ASN A 1111 -5.69 -55.49 44.04
N LEU A 1112 -6.28 -55.94 42.92
CA LEU A 1112 -7.23 -55.17 42.15
C LEU A 1112 -8.56 -55.03 42.89
N GLN A 1113 -8.80 -53.79 43.36
CA GLN A 1113 -9.99 -53.39 44.11
C GLN A 1113 -10.82 -52.37 43.30
N TYR A 1114 -12.13 -52.65 43.12
CA TYR A 1114 -13.03 -51.80 42.34
C TYR A 1114 -14.28 -51.30 43.09
N ASP A 1115 -14.61 -49.99 42.92
CA ASP A 1115 -15.76 -49.29 43.52
C ASP A 1115 -17.03 -49.44 42.63
N ASP A 1116 -17.43 -50.72 42.36
CA ASP A 1116 -18.59 -51.11 41.55
C ASP A 1116 -19.33 -52.33 42.17
N GLY A 1119 -17.96 -46.22 46.00
CA GLY A 1119 -17.53 -46.27 47.39
C GLY A 1119 -17.71 -47.60 48.06
N MET A 1120 -17.83 -48.69 47.26
CA MET A 1120 -18.00 -50.06 47.76
C MET A 1120 -16.99 -51.05 47.14
N LYS A 1121 -15.98 -51.43 47.94
CA LYS A 1121 -14.89 -52.30 47.53
C LYS A 1121 -15.20 -53.81 47.43
N ARG A 1122 -15.28 -54.27 46.16
CA ARG A 1122 -15.49 -55.65 45.76
C ARG A 1122 -14.15 -56.14 45.17
N GLU A 1123 -13.64 -57.30 45.65
CA GLU A 1123 -12.36 -57.86 45.19
C GLU A 1123 -12.42 -58.60 43.85
N ALA A 1124 -11.33 -58.51 43.08
CA ALA A 1124 -11.22 -59.11 41.76
C ALA A 1124 -10.33 -60.35 41.64
N THR A 1125 -10.79 -61.30 40.80
CA THR A 1125 -10.10 -62.54 40.40
C THR A 1125 -10.00 -62.59 38.87
N ALA A 1126 -9.26 -63.57 38.32
CA ALA A 1126 -9.09 -63.72 36.86
C ALA A 1126 -10.44 -63.90 36.15
N ASP A 1127 -11.33 -64.73 36.73
CA ASP A 1127 -12.67 -65.02 36.22
C ASP A 1127 -13.57 -63.80 36.27
N ASP A 1128 -13.43 -62.96 37.33
CA ASP A 1128 -14.17 -61.71 37.52
C ASP A 1128 -13.98 -60.83 36.28
N LEU A 1129 -12.72 -60.67 35.85
CA LEU A 1129 -12.34 -59.86 34.71
C LEU A 1129 -12.58 -60.48 33.35
N ILE A 1130 -12.45 -61.82 33.19
CA ILE A 1130 -12.68 -62.48 31.89
C ILE A 1130 -14.03 -62.05 31.34
N LYS A 1131 -15.05 -61.98 32.21
CA LYS A 1131 -16.41 -61.56 31.89
C LYS A 1131 -16.48 -60.08 31.50
N VAL A 1132 -15.70 -59.22 32.17
CA VAL A 1132 -15.64 -57.78 31.86
C VAL A 1132 -15.22 -57.63 30.38
N VAL A 1133 -14.06 -58.21 30.02
CA VAL A 1133 -13.46 -58.20 28.68
C VAL A 1133 -14.36 -58.90 27.66
N GLU A 1134 -15.05 -59.99 28.08
CA GLU A 1134 -15.99 -60.75 27.25
C GLU A 1134 -17.05 -59.83 26.63
N GLU A 1135 -17.56 -58.86 27.42
CA GLU A 1135 -18.54 -57.88 26.96
C GLU A 1135 -17.94 -57.01 25.86
N LEU A 1136 -16.73 -56.51 26.12
CA LEU A 1136 -15.96 -55.62 25.26
C LEU A 1136 -15.59 -56.20 23.90
N THR A 1137 -15.48 -57.54 23.80
CA THR A 1137 -15.13 -58.25 22.55
C THR A 1137 -16.32 -58.34 21.63
N ARG A 1138 -17.52 -58.37 22.23
CA ARG A 1138 -18.79 -58.46 21.52
C ARG A 1138 -19.25 -57.09 21.01
N ILE A 1139 -18.47 -56.04 21.29
CA ILE A 1139 -18.86 -54.71 20.86
C ILE A 1139 -18.53 -54.31 19.38
N HIS A 1140 -17.71 -55.13 18.70
CA HIS A 1140 -17.32 -54.92 17.31
C HIS A 1140 -17.51 -56.14 16.43
N MET B 1 3.20 48.62 2.42
CA MET B 1 4.06 49.82 2.41
C MET B 1 5.13 49.84 1.29
N SER B 2 4.94 49.04 0.22
CA SER B 2 5.86 49.07 -0.92
C SER B 2 5.23 49.86 -2.03
N TYR B 3 6.02 50.76 -2.61
CA TYR B 3 5.60 51.64 -3.70
C TYR B 3 6.70 51.62 -4.75
N ASN B 4 6.36 51.18 -5.99
CA ASN B 4 7.36 51.05 -7.05
C ASN B 4 6.98 51.70 -8.38
N TYR B 5 8.00 52.18 -9.11
CA TYR B 5 7.94 52.88 -10.39
C TYR B 5 8.53 51.95 -11.48
N VAL B 6 7.84 51.79 -12.65
CA VAL B 6 8.28 50.93 -13.76
C VAL B 6 8.32 51.62 -15.13
N VAL B 7 9.54 51.77 -15.68
CA VAL B 7 9.83 52.37 -16.99
C VAL B 7 10.70 51.51 -17.94
N THR B 8 10.30 51.43 -19.23
CA THR B 8 10.98 50.73 -20.33
C THR B 8 12.22 51.56 -20.68
N ALA B 9 13.42 50.98 -20.49
CA ALA B 9 14.68 51.65 -20.83
C ALA B 9 14.99 51.41 -22.31
N GLN B 10 14.52 50.26 -22.84
CA GLN B 10 14.67 49.88 -24.23
C GLN B 10 13.39 49.19 -24.71
N LYS B 11 12.76 49.77 -25.74
CA LYS B 11 11.52 49.29 -26.37
C LYS B 11 11.72 47.92 -26.99
N PRO B 12 10.66 47.09 -27.06
CA PRO B 12 10.79 45.76 -27.66
C PRO B 12 11.34 45.78 -29.09
N THR B 13 12.36 44.92 -29.34
CA THR B 13 13.04 44.78 -30.63
C THR B 13 12.93 43.39 -31.22
N ALA B 14 11.70 42.94 -31.50
CA ALA B 14 11.42 41.65 -32.12
C ALA B 14 10.22 41.82 -33.02
N VAL B 15 10.26 41.28 -34.25
CA VAL B 15 9.13 41.41 -35.18
C VAL B 15 8.11 40.32 -34.91
N ASN B 16 7.05 40.69 -34.19
CA ASN B 16 5.96 39.78 -33.81
C ASN B 16 5.14 39.37 -35.04
N GLY B 17 5.12 40.24 -36.06
CA GLY B 17 4.40 40.03 -37.31
C GLY B 17 4.36 41.24 -38.22
N CYS B 18 4.18 41.01 -39.54
CA CYS B 18 4.14 42.10 -40.52
C CYS B 18 3.27 41.83 -41.74
N VAL B 19 2.65 42.91 -42.27
CA VAL B 19 1.73 42.90 -43.42
C VAL B 19 2.08 43.99 -44.46
N THR B 20 1.76 43.70 -45.74
CA THR B 20 1.85 44.66 -46.85
C THR B 20 0.49 44.96 -47.37
N GLY B 21 0.32 46.19 -47.82
CA GLY B 21 -0.92 46.69 -48.37
C GLY B 21 -0.86 48.18 -48.61
N HIS B 22 -2.02 48.83 -48.53
CA HIS B 22 -2.14 50.27 -48.77
C HIS B 22 -2.85 50.91 -47.56
N PHE B 23 -2.11 51.65 -46.72
CA PHE B 23 -2.66 52.22 -45.48
C PHE B 23 -2.68 53.74 -45.41
N THR B 24 -1.60 54.39 -45.88
CA THR B 24 -1.43 55.84 -45.93
C THR B 24 -2.24 56.40 -47.12
N SER B 25 -2.23 55.66 -48.24
CA SER B 25 -2.94 55.96 -49.49
C SER B 25 -3.04 54.66 -50.30
N ALA B 26 -4.00 54.58 -51.25
CA ALA B 26 -4.23 53.40 -52.10
C ALA B 26 -3.13 53.14 -53.14
N GLU B 27 -2.24 54.13 -53.35
CA GLU B 27 -1.12 54.04 -54.27
C GLU B 27 0.13 53.53 -53.57
N ASP B 28 0.47 54.14 -52.40
CA ASP B 28 1.61 53.79 -51.53
C ASP B 28 1.58 52.31 -51.18
N LEU B 29 2.73 51.63 -51.28
CA LEU B 29 2.84 50.25 -50.81
C LEU B 29 3.40 50.38 -49.38
N ASN B 30 2.54 50.16 -48.37
CA ASN B 30 2.95 50.31 -46.98
C ASN B 30 3.41 49.00 -46.41
N LEU B 31 4.38 49.08 -45.47
CA LEU B 31 4.84 47.95 -44.68
C LEU B 31 4.58 48.28 -43.21
N LEU B 32 3.82 47.40 -42.52
CA LEU B 32 3.51 47.59 -41.10
C LEU B 32 4.07 46.46 -40.30
N ILE B 33 4.75 46.79 -39.19
CA ILE B 33 5.38 45.83 -38.29
C ILE B 33 4.81 45.87 -36.85
N ALA B 34 4.50 44.68 -36.30
CA ALA B 34 4.02 44.51 -34.94
C ALA B 34 5.22 44.17 -34.10
N LYS B 35 5.51 45.02 -33.10
CA LYS B 35 6.60 44.85 -32.12
C LYS B 35 5.98 44.72 -30.70
N ASN B 36 5.14 43.68 -30.52
CA ASN B 36 4.41 43.34 -29.29
C ASN B 36 3.33 44.36 -28.94
N THR B 37 3.74 45.51 -28.39
CA THR B 37 2.86 46.60 -27.98
C THR B 37 2.92 47.74 -28.99
N ARG B 38 4.05 47.85 -29.71
CA ARG B 38 4.32 48.88 -30.70
C ARG B 38 3.92 48.51 -32.12
N LEU B 39 3.41 49.52 -32.85
CA LEU B 39 3.02 49.41 -34.24
C LEU B 39 3.90 50.34 -35.07
N GLU B 40 4.72 49.76 -35.97
CA GLU B 40 5.64 50.47 -36.84
C GLU B 40 5.10 50.53 -38.25
N ILE B 41 4.91 51.75 -38.78
CA ILE B 41 4.40 52.00 -40.13
C ILE B 41 5.54 52.54 -41.02
N TYR B 42 5.66 51.98 -42.24
CA TYR B 42 6.69 52.32 -43.21
C TYR B 42 6.16 52.36 -44.64
N VAL B 43 6.78 53.19 -45.52
CA VAL B 43 6.46 53.32 -46.95
C VAL B 43 7.59 52.70 -47.78
N VAL B 44 7.25 51.72 -48.63
CA VAL B 44 8.18 51.01 -49.50
C VAL B 44 8.51 51.86 -50.73
N THR B 45 9.70 52.48 -50.68
CA THR B 45 10.24 53.36 -51.71
C THR B 45 11.22 52.64 -52.63
N ALA B 46 11.55 53.28 -53.78
CA ALA B 46 12.54 52.78 -54.73
C ALA B 46 13.86 52.66 -53.96
N GLU B 47 14.16 53.69 -53.12
CA GLU B 47 15.32 53.85 -52.24
C GLU B 47 15.49 52.74 -51.18
N GLY B 48 14.37 52.25 -50.65
CA GLY B 48 14.36 51.22 -49.62
C GLY B 48 13.06 51.20 -48.86
N LEU B 49 13.11 51.60 -47.57
CA LEU B 49 11.96 51.62 -46.66
C LEU B 49 11.92 52.87 -45.77
N ARG B 50 10.93 53.75 -46.01
CA ARG B 50 10.76 55.00 -45.29
C ARG B 50 9.91 54.92 -43.99
N PRO B 51 10.42 55.40 -42.83
CA PRO B 51 9.58 55.43 -41.61
C PRO B 51 8.46 56.46 -41.77
N VAL B 52 7.32 56.20 -41.12
CA VAL B 52 6.12 57.03 -41.25
C VAL B 52 5.56 57.46 -39.88
N LYS B 53 5.20 56.47 -39.05
CA LYS B 53 4.59 56.61 -37.73
C LYS B 53 4.82 55.33 -36.91
N GLU B 54 5.23 55.51 -35.64
CA GLU B 54 5.46 54.48 -34.63
C GLU B 54 4.54 54.79 -33.45
N VAL B 55 3.58 53.88 -33.17
CA VAL B 55 2.60 54.05 -32.10
C VAL B 55 2.49 52.82 -31.20
N GLY B 56 2.66 53.06 -29.91
CA GLY B 56 2.52 52.02 -28.91
C GLY B 56 1.06 51.95 -28.53
N MET B 57 0.64 50.81 -27.94
CA MET B 57 -0.74 50.59 -27.46
C MET B 57 -0.89 49.73 -26.18
N TYR B 58 -2.12 49.66 -25.66
CA TYR B 58 -2.46 49.05 -24.40
C TYR B 58 -2.79 47.55 -24.46
N GLY B 59 -1.83 46.81 -25.01
CA GLY B 59 -1.92 45.36 -25.19
C GLY B 59 -0.82 44.77 -26.06
N LYS B 60 -0.78 43.42 -26.11
CA LYS B 60 0.13 42.62 -26.93
C LYS B 60 -0.61 42.37 -28.23
N ILE B 61 -0.13 42.92 -29.37
CA ILE B 61 -0.80 42.73 -30.67
C ILE B 61 -0.87 41.25 -31.04
N ALA B 62 -2.07 40.66 -30.85
CA ALA B 62 -2.38 39.25 -31.08
C ALA B 62 -2.62 39.00 -32.54
N VAL B 63 -3.52 39.77 -33.16
CA VAL B 63 -3.77 39.63 -34.59
C VAL B 63 -3.71 40.99 -35.22
N MET B 64 -2.96 41.07 -36.32
CA MET B 64 -2.76 42.22 -37.17
C MET B 64 -3.07 41.70 -38.55
N GLU B 65 -4.01 42.35 -39.25
CA GLU B 65 -4.41 42.00 -40.61
C GLU B 65 -5.11 43.15 -41.30
N LEU B 66 -4.72 43.40 -42.56
CA LEU B 66 -5.22 44.45 -43.44
C LEU B 66 -6.33 43.97 -44.36
N PHE B 67 -7.22 44.87 -44.76
CA PHE B 67 -8.37 44.53 -45.59
C PHE B 67 -9.02 45.76 -46.22
N ARG B 68 -9.59 45.62 -47.43
CA ARG B 68 -10.33 46.72 -48.05
C ARG B 68 -11.81 46.33 -48.17
N PRO B 69 -12.65 46.79 -47.23
CA PRO B 69 -14.09 46.49 -47.35
C PRO B 69 -14.70 47.43 -48.39
N LYS B 70 -15.53 46.88 -49.29
CA LYS B 70 -16.20 47.68 -50.32
C LYS B 70 -16.82 48.92 -49.66
N GLY B 71 -16.37 50.06 -50.15
CA GLY B 71 -16.78 51.37 -49.65
C GLY B 71 -15.69 51.99 -48.81
N GLU B 72 -14.42 51.74 -49.18
CA GLU B 72 -13.26 52.30 -48.47
C GLU B 72 -12.19 52.88 -49.37
N SER B 73 -11.59 54.00 -48.89
CA SER B 73 -10.55 54.77 -49.57
C SER B 73 -9.26 53.94 -49.69
N LYS B 74 -8.63 53.66 -48.54
CA LYS B 74 -7.43 52.84 -48.44
C LYS B 74 -7.76 51.63 -47.56
N ASP B 75 -6.92 50.56 -47.62
CA ASP B 75 -7.09 49.34 -46.83
C ASP B 75 -7.10 49.70 -45.33
N LEU B 76 -7.93 48.99 -44.54
CA LEU B 76 -8.06 49.20 -43.10
C LEU B 76 -7.29 48.15 -42.30
N LEU B 77 -6.95 48.48 -41.04
CA LEU B 77 -6.25 47.53 -40.19
C LEU B 77 -7.08 47.11 -39.00
N PHE B 78 -7.19 45.78 -38.78
CA PHE B 78 -7.87 45.21 -37.63
C PHE B 78 -6.82 44.77 -36.63
N ILE B 79 -6.98 45.15 -35.37
CA ILE B 79 -6.06 44.74 -34.32
C ILE B 79 -6.81 44.04 -33.20
N LEU B 80 -6.24 42.94 -32.73
CA LEU B 80 -6.78 42.19 -31.60
C LEU B 80 -5.66 42.03 -30.62
N THR B 81 -5.95 42.31 -29.36
CA THR B 81 -5.00 42.25 -28.27
C THR B 81 -5.12 40.93 -27.54
N ALA B 82 -4.02 40.46 -26.95
CA ALA B 82 -3.99 39.21 -26.19
C ALA B 82 -4.96 39.23 -24.98
N LYS B 83 -5.39 40.43 -24.53
CA LYS B 83 -6.35 40.64 -23.43
C LYS B 83 -7.77 40.68 -24.01
N TYR B 84 -7.85 40.42 -25.35
CA TYR B 84 -9.03 40.31 -26.21
C TYR B 84 -9.64 41.59 -26.69
N ASN B 85 -8.83 42.66 -26.75
CA ASN B 85 -9.32 43.95 -27.21
C ASN B 85 -9.27 44.05 -28.72
N ALA B 86 -10.43 43.92 -29.36
CA ALA B 86 -10.55 44.03 -30.81
C ALA B 86 -10.70 45.47 -31.17
N CYS B 87 -10.24 45.85 -32.37
CA CYS B 87 -10.40 47.19 -32.91
C CYS B 87 -10.02 47.30 -34.37
N ILE B 88 -10.65 48.26 -35.05
CA ILE B 88 -10.39 48.60 -36.45
C ILE B 88 -9.81 50.00 -36.43
N LEU B 89 -8.57 50.15 -36.91
CA LEU B 89 -7.87 51.42 -36.95
C LEU B 89 -7.77 51.94 -38.37
N GLU B 90 -7.73 53.28 -38.50
CA GLU B 90 -7.60 53.96 -39.78
C GLU B 90 -6.45 54.94 -39.71
N TYR B 91 -5.61 55.00 -40.76
CA TYR B 91 -4.51 55.95 -40.82
C TYR B 91 -5.08 57.24 -41.33
N LYS B 92 -4.77 58.35 -40.63
CA LYS B 92 -5.20 59.69 -41.06
C LYS B 92 -4.24 60.81 -40.63
N GLN B 93 -3.72 61.54 -41.64
CA GLN B 93 -2.79 62.65 -41.42
C GLN B 93 -3.20 63.97 -42.07
N SER B 94 -3.30 65.02 -41.22
CA SER B 94 -3.63 66.38 -41.60
C SER B 94 -2.33 67.10 -41.98
N GLY B 95 -1.73 66.64 -43.08
CA GLY B 95 -0.45 67.17 -43.56
C GLY B 95 0.70 66.69 -42.72
N GLU B 96 0.96 67.38 -41.58
CA GLU B 96 2.04 67.05 -40.64
C GLU B 96 1.58 66.26 -39.41
N SER B 97 0.39 66.60 -38.84
CA SER B 97 -0.15 65.93 -37.68
C SER B 97 -0.70 64.54 -38.04
N ILE B 98 0.09 63.50 -37.73
CA ILE B 98 -0.25 62.10 -37.99
C ILE B 98 -0.97 61.54 -36.76
N ASP B 99 -2.17 60.97 -36.99
CA ASP B 99 -2.99 60.36 -35.94
C ASP B 99 -3.69 59.08 -36.38
N ILE B 100 -3.77 58.10 -35.45
CA ILE B 100 -4.43 56.82 -35.69
C ILE B 100 -5.79 56.71 -34.98
N ILE B 101 -6.85 56.88 -35.78
CA ILE B 101 -8.23 56.85 -35.34
C ILE B 101 -8.77 55.44 -35.22
N THR B 102 -9.61 55.23 -34.19
CA THR B 102 -10.28 53.98 -33.89
C THR B 102 -11.64 54.02 -34.59
N ARG B 103 -11.78 53.25 -35.68
CA ARG B 103 -13.00 53.16 -36.46
C ARG B 103 -14.12 52.40 -35.76
N ALA B 104 -13.77 51.57 -34.72
CA ALA B 104 -14.65 50.73 -33.89
C ALA B 104 -13.81 49.99 -32.84
N HIS B 105 -14.41 49.60 -31.68
CA HIS B 105 -13.69 48.85 -30.62
C HIS B 105 -14.60 48.09 -29.63
N GLY B 106 -14.05 47.00 -29.07
CA GLY B 106 -14.70 46.15 -28.07
C GLY B 106 -13.85 45.00 -27.58
N ASN B 107 -14.19 44.44 -26.39
CA ASN B 107 -13.48 43.29 -25.83
C ASN B 107 -14.25 42.03 -26.21
N VAL B 108 -13.63 41.18 -27.05
CA VAL B 108 -14.28 39.97 -27.57
C VAL B 108 -14.15 38.75 -26.66
N GLN B 109 -13.98 38.99 -25.38
CA GLN B 109 -13.85 37.96 -24.37
C GLN B 109 -15.18 37.28 -24.11
N ASP B 110 -15.19 35.93 -24.13
CA ASP B 110 -16.34 35.12 -23.78
C ASP B 110 -16.20 34.97 -22.27
N ARG B 111 -17.24 35.39 -21.52
CA ARG B 111 -17.17 35.43 -20.04
C ARG B 111 -16.77 34.12 -19.35
N ILE B 112 -17.22 32.98 -19.89
CA ILE B 112 -16.78 31.65 -19.43
C ILE B 112 -16.08 30.95 -20.58
N GLY B 113 -15.02 30.23 -20.22
CA GLY B 113 -14.22 29.50 -21.19
C GLY B 113 -12.74 29.75 -21.01
N ARG B 114 -11.95 28.74 -21.42
CA ARG B 114 -10.48 28.76 -21.38
C ARG B 114 -9.97 28.85 -22.81
N PRO B 115 -9.14 29.87 -23.02
CA PRO B 115 -8.59 30.11 -24.36
C PRO B 115 -7.77 28.96 -24.88
N SER B 116 -7.86 28.72 -26.19
CA SER B 116 -7.09 27.65 -26.84
C SER B 116 -5.60 27.87 -26.52
N GLU B 117 -4.97 26.84 -25.91
CA GLU B 117 -3.54 26.86 -25.54
C GLU B 117 -2.61 26.94 -26.80
N THR B 118 -3.18 26.63 -28.00
CA THR B 118 -2.54 26.70 -29.31
C THR B 118 -2.29 28.15 -29.69
N GLY B 119 -3.18 29.06 -29.27
CA GLY B 119 -3.10 30.50 -29.55
C GLY B 119 -4.15 31.05 -30.50
N ILE B 120 -4.27 32.39 -30.54
CA ILE B 120 -5.26 33.12 -31.35
C ILE B 120 -4.99 33.01 -32.84
N ILE B 121 -6.06 32.80 -33.63
CA ILE B 121 -6.05 32.77 -35.08
C ILE B 121 -7.04 33.81 -35.54
N GLY B 122 -6.55 34.76 -36.33
CA GLY B 122 -7.36 35.83 -36.89
C GLY B 122 -7.34 35.76 -38.38
N ILE B 123 -8.51 35.56 -38.99
CA ILE B 123 -8.63 35.48 -40.45
C ILE B 123 -9.78 36.27 -41.00
N ILE B 124 -9.54 36.96 -42.13
CA ILE B 124 -10.57 37.76 -42.79
C ILE B 124 -10.92 37.13 -44.12
N ASP B 125 -12.23 37.18 -44.47
CA ASP B 125 -12.74 36.65 -45.72
C ASP B 125 -12.24 37.52 -46.90
N PRO B 126 -11.88 36.93 -48.06
CA PRO B 126 -11.38 37.74 -49.19
C PRO B 126 -12.27 38.90 -49.63
N GLU B 127 -13.60 38.69 -49.61
CA GLU B 127 -14.63 39.66 -49.99
C GLU B 127 -15.03 40.55 -48.78
N CYS B 128 -14.30 40.42 -47.65
CA CYS B 128 -14.49 41.12 -46.38
C CYS B 128 -15.91 40.93 -45.82
N ARG B 129 -16.33 39.66 -45.68
CA ARG B 129 -17.66 39.33 -45.17
C ARG B 129 -17.71 39.29 -43.62
N MET B 130 -16.63 38.78 -42.97
CA MET B 130 -16.50 38.70 -41.51
C MET B 130 -15.05 38.53 -41.06
N ILE B 131 -14.80 38.66 -39.73
CA ILE B 131 -13.50 38.38 -39.12
C ILE B 131 -13.70 37.05 -38.41
N GLY B 132 -12.89 36.08 -38.82
CA GLY B 132 -12.88 34.76 -38.21
C GLY B 132 -11.87 34.75 -37.09
N LEU B 133 -12.32 34.33 -35.89
CA LEU B 133 -11.45 34.22 -34.73
C LEU B 133 -11.56 32.87 -34.11
N ARG B 134 -10.41 32.27 -33.80
CA ARG B 134 -10.31 31.03 -33.05
C ARG B 134 -9.64 31.51 -31.77
N LEU B 135 -10.44 31.77 -30.71
CA LEU B 135 -9.93 32.31 -29.43
C LEU B 135 -9.96 31.30 -28.32
N TYR B 136 -10.99 30.48 -28.33
CA TYR B 136 -11.29 29.42 -27.37
C TYR B 136 -11.62 28.19 -28.17
N ASP B 137 -11.28 27.03 -27.61
CA ASP B 137 -11.50 25.74 -28.26
C ASP B 137 -12.99 25.40 -28.45
N GLY B 138 -13.29 24.66 -29.53
CA GLY B 138 -14.64 24.23 -29.88
C GLY B 138 -15.64 25.33 -30.19
N LEU B 139 -15.11 26.53 -30.46
CA LEU B 139 -15.88 27.71 -30.77
C LEU B 139 -15.19 28.56 -31.82
N PHE B 140 -15.97 28.97 -32.85
CA PHE B 140 -15.53 29.85 -33.92
C PHE B 140 -16.28 31.18 -33.83
N LYS B 141 -15.62 32.21 -33.25
CA LYS B 141 -16.21 33.53 -33.04
C LYS B 141 -16.20 34.29 -34.34
N VAL B 142 -17.36 34.85 -34.70
CA VAL B 142 -17.54 35.56 -35.96
C VAL B 142 -17.89 37.04 -35.73
N ILE B 143 -16.98 37.95 -36.12
CA ILE B 143 -17.27 39.37 -36.03
C ILE B 143 -17.78 39.83 -37.39
N PRO B 144 -19.09 40.14 -37.49
CA PRO B 144 -19.65 40.62 -38.76
C PRO B 144 -19.07 41.99 -39.07
N LEU B 145 -18.89 42.30 -40.36
CA LEU B 145 -18.23 43.55 -40.75
C LEU B 145 -19.11 44.77 -41.14
N ASP B 146 -20.44 44.65 -40.98
CA ASP B 146 -21.44 45.70 -41.23
C ASP B 146 -21.19 46.94 -40.35
N ARG B 147 -20.90 48.09 -41.00
CA ARG B 147 -20.55 49.41 -40.44
C ARG B 147 -21.04 49.76 -39.02
N ASP B 148 -22.33 49.52 -38.74
CA ASP B 148 -22.98 49.82 -37.45
C ASP B 148 -22.56 48.91 -36.27
N ASN B 149 -21.40 48.25 -36.40
CA ASN B 149 -20.84 47.40 -35.35
C ASN B 149 -19.68 48.10 -34.60
N LYS B 150 -19.89 49.38 -34.19
CA LYS B 150 -18.88 50.20 -33.48
C LYS B 150 -18.40 49.51 -32.21
N GLU B 151 -19.31 48.80 -31.53
CA GLU B 151 -19.01 48.05 -30.30
C GLU B 151 -18.34 46.69 -30.59
N LEU B 152 -18.04 46.41 -31.89
CA LEU B 152 -17.39 45.21 -32.41
C LEU B 152 -17.94 43.95 -31.71
N LYS B 153 -19.24 43.74 -31.88
CA LYS B 153 -19.94 42.62 -31.25
C LYS B 153 -19.86 41.39 -32.13
N ALA B 154 -19.62 40.23 -31.51
CA ALA B 154 -19.52 38.96 -32.22
C ALA B 154 -20.43 37.91 -31.61
N PHE B 155 -20.43 36.72 -32.21
CA PHE B 155 -21.19 35.57 -31.77
C PHE B 155 -20.33 34.37 -32.05
N ASN B 156 -20.67 33.20 -31.50
CA ASN B 156 -19.88 32.00 -31.77
C ASN B 156 -20.64 30.93 -32.56
N ILE B 157 -19.90 30.11 -33.31
CA ILE B 157 -20.52 29.00 -34.03
C ILE B 157 -19.86 27.80 -33.41
N ARG B 158 -20.68 26.85 -32.93
CA ARG B 158 -20.12 25.67 -32.30
C ARG B 158 -19.39 24.87 -33.34
N LEU B 159 -18.07 24.92 -33.21
CA LEU B 159 -17.16 24.24 -34.09
C LEU B 159 -16.86 22.88 -33.49
N GLU B 160 -17.70 21.88 -33.86
CA GLU B 160 -17.62 20.49 -33.37
C GLU B 160 -16.20 19.96 -33.38
N GLU B 161 -15.46 20.30 -34.46
CA GLU B 161 -14.12 19.89 -34.82
C GLU B 161 -13.04 19.87 -33.75
N LEU B 162 -12.90 20.94 -32.88
CA LEU B 162 -11.94 21.04 -31.77
C LEU B 162 -10.47 20.87 -32.17
N HIS B 163 -9.57 21.65 -31.55
CA HIS B 163 -8.12 21.59 -31.82
C HIS B 163 -7.88 21.79 -33.33
N VAL B 164 -8.05 23.01 -33.79
CA VAL B 164 -7.82 23.34 -35.18
C VAL B 164 -6.41 23.93 -35.30
N ILE B 165 -5.59 23.34 -36.19
CA ILE B 165 -4.19 23.74 -36.43
C ILE B 165 -4.12 25.17 -36.96
N ASP B 166 -4.82 25.41 -38.10
CA ASP B 166 -4.92 26.67 -38.81
C ASP B 166 -6.13 26.63 -39.73
N VAL B 167 -6.80 27.78 -39.88
CA VAL B 167 -7.92 28.01 -40.78
C VAL B 167 -7.53 29.20 -41.62
N LYS B 168 -7.99 29.23 -42.87
CA LYS B 168 -7.82 30.37 -43.77
C LYS B 168 -9.11 30.43 -44.51
N PHE B 169 -9.59 31.64 -44.76
CA PHE B 169 -10.82 31.83 -45.53
C PHE B 169 -10.49 31.54 -46.98
N LEU B 170 -11.32 30.72 -47.60
CA LEU B 170 -11.10 30.28 -48.96
C LEU B 170 -11.42 31.33 -50.02
N TYR B 171 -10.62 31.29 -51.10
CA TYR B 171 -10.74 32.12 -52.29
C TYR B 171 -11.56 31.36 -53.33
N GLY B 172 -12.36 32.10 -54.07
CA GLY B 172 -13.15 31.57 -55.18
C GLY B 172 -14.42 30.86 -54.80
N CYS B 173 -15.22 31.48 -53.93
CA CYS B 173 -16.51 30.95 -53.49
C CYS B 173 -17.47 32.04 -53.05
N GLN B 174 -18.76 31.83 -53.37
CA GLN B 174 -19.89 32.72 -53.07
C GLN B 174 -20.16 32.66 -51.58
N ALA B 175 -20.27 31.43 -51.05
CA ALA B 175 -20.43 31.17 -49.64
C ALA B 175 -19.10 31.46 -48.94
N PRO B 176 -19.12 32.18 -47.79
CA PRO B 176 -17.86 32.44 -47.08
C PRO B 176 -17.38 31.13 -46.54
N THR B 177 -16.46 30.51 -47.28
CA THR B 177 -15.93 29.20 -46.97
C THR B 177 -14.61 29.24 -46.21
N ILE B 178 -14.55 28.45 -45.13
CA ILE B 178 -13.37 28.25 -44.31
C ILE B 178 -12.82 26.87 -44.53
N CYS B 179 -11.55 26.83 -44.88
CA CYS B 179 -10.83 25.61 -45.09
C CYS B 179 -9.84 25.54 -43.96
N PHE B 180 -9.80 24.40 -43.27
CA PHE B 180 -8.90 24.22 -42.14
C PHE B 180 -8.35 22.82 -42.02
N VAL B 181 -7.25 22.73 -41.29
CA VAL B 181 -6.58 21.50 -40.96
C VAL B 181 -6.85 21.33 -39.49
N TYR B 182 -7.45 20.21 -39.10
CA TYR B 182 -7.79 19.92 -37.71
C TYR B 182 -7.24 18.58 -37.28
N GLN B 183 -6.93 18.47 -36.00
CA GLN B 183 -6.38 17.29 -35.33
C GLN B 183 -7.50 16.54 -34.61
N ASP B 184 -7.60 15.25 -34.91
CA ASP B 184 -8.54 14.33 -34.29
C ASP B 184 -7.84 12.98 -34.20
N PRO B 185 -8.10 12.18 -33.13
CA PRO B 185 -7.47 10.85 -33.01
C PRO B 185 -7.13 10.11 -34.31
N GLN B 186 -8.04 10.09 -35.31
CA GLN B 186 -7.85 9.48 -36.63
C GLN B 186 -6.72 10.09 -37.46
N GLY B 187 -6.17 11.22 -37.00
CA GLY B 187 -5.11 11.97 -37.66
C GLY B 187 -5.56 13.35 -38.11
N ARG B 188 -4.65 14.09 -38.78
CA ARG B 188 -4.94 15.44 -39.30
C ARG B 188 -5.67 15.33 -40.62
N HIS B 189 -6.63 16.24 -40.88
CA HIS B 189 -7.43 16.30 -42.12
C HIS B 189 -7.78 17.73 -42.52
N VAL B 190 -8.22 17.93 -43.78
CA VAL B 190 -8.68 19.22 -44.30
C VAL B 190 -10.16 19.18 -44.45
N LYS B 191 -10.85 20.20 -43.92
CA LYS B 191 -12.32 20.27 -43.93
C LYS B 191 -12.81 21.64 -44.41
N THR B 192 -14.05 21.68 -44.93
CA THR B 192 -14.65 22.92 -45.44
C THR B 192 -16.06 23.17 -44.93
N TYR B 193 -16.27 24.39 -44.41
CA TYR B 193 -17.58 24.86 -43.94
C TYR B 193 -17.91 26.17 -44.60
N GLU B 194 -19.21 26.42 -44.81
CA GLU B 194 -19.73 27.69 -45.27
C GLU B 194 -20.27 28.42 -44.01
N VAL B 195 -19.95 29.70 -43.87
CA VAL B 195 -20.34 30.44 -42.68
C VAL B 195 -21.61 31.23 -42.94
N SER B 196 -22.75 30.67 -42.52
CA SER B 196 -24.03 31.35 -42.69
C SER B 196 -24.17 32.41 -41.60
N LEU B 197 -24.04 33.70 -41.96
CA LEU B 197 -24.16 34.80 -41.01
C LEU B 197 -25.61 34.96 -40.52
N ARG B 198 -26.59 34.74 -41.43
CA ARG B 198 -28.02 34.81 -41.14
C ARG B 198 -28.41 33.76 -40.10
N GLU B 199 -28.23 32.45 -40.42
CA GLU B 199 -28.59 31.38 -39.48
C GLU B 199 -27.62 31.21 -38.30
N LYS B 200 -26.51 31.97 -38.31
CA LYS B 200 -25.44 31.99 -37.31
C LYS B 200 -24.85 30.60 -37.06
N GLU B 201 -24.78 29.75 -38.14
CA GLU B 201 -24.27 28.37 -38.14
C GLU B 201 -23.40 28.05 -39.35
N PHE B 202 -22.83 26.81 -39.41
CA PHE B 202 -22.02 26.32 -40.54
C PHE B 202 -22.84 25.44 -41.45
N ASN B 203 -22.38 25.31 -42.72
CA ASN B 203 -22.96 24.45 -43.75
C ASN B 203 -21.88 23.76 -44.59
N LYS B 204 -22.10 22.46 -44.86
CA LYS B 204 -21.25 21.63 -45.71
C LYS B 204 -21.38 22.28 -47.09
N GLY B 205 -20.28 22.73 -47.71
CA GLY B 205 -18.89 22.52 -47.35
C GLY B 205 -18.25 22.09 -48.66
N PRO B 206 -17.95 23.06 -49.57
CA PRO B 206 -17.42 22.76 -50.91
C PRO B 206 -17.04 21.35 -51.34
N TRP B 207 -15.77 20.99 -51.21
CA TRP B 207 -15.27 19.67 -51.56
C TRP B 207 -15.19 18.82 -50.31
N LYS B 208 -15.51 17.51 -50.46
CA LYS B 208 -15.51 16.52 -49.37
C LYS B 208 -14.22 16.59 -48.57
N GLN B 209 -14.29 16.30 -47.27
CA GLN B 209 -13.06 16.37 -46.51
C GLN B 209 -12.06 15.26 -46.89
N GLU B 210 -10.84 15.68 -47.25
CA GLU B 210 -9.73 14.81 -47.62
C GLU B 210 -8.78 14.73 -46.43
N ASN B 211 -7.95 13.67 -46.39
CA ASN B 211 -6.98 13.48 -45.32
C ASN B 211 -5.64 14.05 -45.72
N VAL B 212 -4.98 14.73 -44.80
CA VAL B 212 -3.67 15.30 -45.05
C VAL B 212 -2.66 14.74 -44.06
N GLU B 213 -1.39 14.64 -44.46
CA GLU B 213 -0.30 14.12 -43.63
C GLU B 213 -0.15 14.86 -42.31
N ALA B 214 -0.02 14.08 -41.23
CA ALA B 214 0.08 14.50 -39.85
C ALA B 214 0.95 15.73 -39.51
N GLU B 215 1.83 16.14 -40.42
CA GLU B 215 2.66 17.32 -40.14
C GLU B 215 2.15 18.56 -40.93
N ALA B 216 0.84 18.57 -41.28
CA ALA B 216 0.23 19.69 -41.97
C ALA B 216 0.17 20.86 -41.00
N SER B 217 0.87 21.97 -41.32
CA SER B 217 0.93 23.14 -40.44
C SER B 217 0.28 24.40 -40.99
N MET B 218 0.42 24.65 -42.31
CA MET B 218 -0.17 25.82 -42.99
C MET B 218 -1.13 25.43 -44.09
N VAL B 219 -2.17 26.23 -44.20
CA VAL B 219 -3.21 26.13 -45.23
C VAL B 219 -3.12 27.48 -45.97
N ILE B 220 -2.73 27.45 -47.26
CA ILE B 220 -2.60 28.65 -48.10
C ILE B 220 -3.74 28.68 -49.06
N ALA B 221 -4.57 29.72 -48.91
CA ALA B 221 -5.72 29.92 -49.77
C ALA B 221 -5.15 30.44 -51.09
N VAL B 222 -5.27 29.64 -52.15
CA VAL B 222 -4.74 30.07 -53.43
C VAL B 222 -5.77 30.92 -54.09
N PRO B 223 -5.41 32.16 -54.49
CA PRO B 223 -6.36 33.02 -55.19
C PRO B 223 -6.68 32.46 -56.58
N GLU B 224 -7.70 33.02 -57.21
CA GLU B 224 -8.06 32.62 -58.56
C GLU B 224 -6.96 33.18 -59.52
N PRO B 225 -6.74 32.68 -60.77
CA PRO B 225 -7.49 31.67 -61.56
C PRO B 225 -7.32 30.22 -61.11
N PHE B 226 -6.47 29.98 -60.11
CA PHE B 226 -6.17 28.65 -59.57
C PHE B 226 -7.29 28.12 -58.70
N GLY B 227 -7.50 28.81 -57.59
CA GLY B 227 -8.49 28.44 -56.59
C GLY B 227 -7.98 27.46 -55.57
N GLY B 228 -8.90 26.94 -54.74
CA GLY B 228 -8.61 25.97 -53.69
C GLY B 228 -7.56 26.37 -52.68
N ALA B 229 -6.89 25.36 -52.08
CA ALA B 229 -5.87 25.56 -51.07
C ALA B 229 -4.66 24.65 -51.22
N ILE B 230 -3.52 25.17 -50.74
CA ILE B 230 -2.25 24.48 -50.72
C ILE B 230 -1.98 24.11 -49.29
N ILE B 231 -1.57 22.84 -49.03
CA ILE B 231 -1.28 22.40 -47.66
C ILE B 231 0.21 22.06 -47.42
N ILE B 232 0.94 23.08 -46.94
CA ILE B 232 2.34 23.00 -46.58
C ILE B 232 2.49 22.18 -45.30
N GLY B 233 3.67 21.61 -45.12
CA GLY B 233 4.01 20.83 -43.94
C GLY B 233 4.79 19.60 -44.30
N GLN B 234 6.12 19.77 -44.49
CA GLN B 234 7.13 18.77 -44.87
C GLN B 234 6.85 17.35 -44.35
N GLU B 235 7.10 16.30 -45.15
CA GLU B 235 7.73 16.32 -46.48
C GLU B 235 6.81 16.53 -47.71
N SER B 236 5.53 16.95 -47.49
CA SER B 236 4.57 17.13 -48.59
C SER B 236 3.87 18.48 -48.74
N ILE B 237 3.71 18.91 -50.01
CA ILE B 237 2.97 20.11 -50.46
C ILE B 237 1.88 19.61 -51.40
N THR B 238 0.63 19.84 -51.00
CA THR B 238 -0.56 19.37 -51.70
C THR B 238 -1.51 20.46 -52.14
N TYR B 239 -2.32 20.16 -53.15
CA TYR B 239 -3.33 21.08 -53.64
C TYR B 239 -4.68 20.38 -53.64
N HIS B 240 -5.63 20.96 -52.90
CA HIS B 240 -6.98 20.43 -52.76
C HIS B 240 -7.96 21.46 -53.29
N ASN B 241 -8.79 21.05 -54.28
CA ASN B 241 -9.79 21.90 -54.93
C ASN B 241 -10.78 21.04 -55.72
N GLY B 242 -11.85 20.68 -55.05
CA GLY B 242 -12.93 19.89 -55.61
C GLY B 242 -12.54 18.45 -55.86
N ASP B 243 -12.23 18.17 -57.11
CA ASP B 243 -11.87 16.84 -57.62
C ASP B 243 -10.40 16.72 -58.14
N LYS B 244 -9.75 17.86 -58.50
CA LYS B 244 -8.36 17.87 -58.97
C LYS B 244 -7.39 17.94 -57.77
N TYR B 245 -6.50 16.94 -57.64
CA TYR B 245 -5.55 16.85 -56.54
C TYR B 245 -4.10 16.55 -56.96
N LEU B 246 -3.20 17.51 -56.69
CA LEU B 246 -1.78 17.44 -56.99
C LEU B 246 -0.99 17.28 -55.71
N ALA B 247 0.04 16.45 -55.75
CA ALA B 247 0.92 16.20 -54.61
C ALA B 247 2.36 16.16 -55.05
N ILE B 248 3.17 17.01 -54.41
CA ILE B 248 4.59 17.14 -54.67
C ILE B 248 5.31 16.97 -53.34
N ALA B 249 6.23 15.99 -53.28
CA ALA B 249 7.05 15.72 -52.11
C ALA B 249 8.50 16.00 -52.54
N PRO B 250 8.92 17.29 -52.56
CA PRO B 250 10.28 17.61 -52.99
C PRO B 250 11.30 17.14 -51.98
N PRO B 251 12.49 16.70 -52.45
CA PRO B 251 13.51 16.20 -51.51
C PRO B 251 14.03 17.22 -50.52
N ILE B 252 14.23 18.49 -50.93
CA ILE B 252 14.78 19.57 -50.09
C ILE B 252 14.04 19.87 -48.79
N ILE B 253 12.75 20.21 -48.89
CA ILE B 253 11.87 20.60 -47.77
C ILE B 253 11.90 19.68 -46.54
N LYS B 254 12.23 18.38 -46.72
CA LYS B 254 12.30 17.35 -45.67
C LYS B 254 13.13 17.77 -44.44
N GLN B 255 14.33 18.37 -44.69
CA GLN B 255 15.23 18.81 -43.64
C GLN B 255 14.64 19.77 -42.62
N SER B 256 13.91 20.82 -43.08
CA SER B 256 13.32 21.78 -42.12
C SER B 256 11.83 22.05 -42.27
N THR B 257 11.23 22.48 -41.12
CA THR B 257 9.81 22.83 -40.98
C THR B 257 9.61 24.27 -41.43
N ILE B 258 8.79 24.43 -42.50
CA ILE B 258 8.41 25.71 -43.12
C ILE B 258 7.49 26.40 -42.12
N VAL B 259 7.77 27.68 -41.84
CA VAL B 259 7.02 28.40 -40.81
C VAL B 259 6.16 29.55 -41.28
N CYS B 260 6.46 30.11 -42.44
CA CYS B 260 5.72 31.26 -42.94
C CYS B 260 5.77 31.24 -44.42
N HIS B 261 4.92 32.06 -45.03
CA HIS B 261 4.85 32.16 -46.48
C HIS B 261 4.37 33.53 -46.93
N ASN B 262 4.67 33.86 -48.18
CA ASN B 262 4.26 35.12 -48.79
C ASN B 262 4.00 34.98 -50.28
N ARG B 263 2.89 35.55 -50.75
CA ARG B 263 2.54 35.53 -52.15
C ARG B 263 3.35 36.58 -52.85
N VAL B 264 4.20 36.13 -53.79
CA VAL B 264 5.04 37.00 -54.60
C VAL B 264 4.08 37.59 -55.66
N ASP B 265 3.48 36.76 -56.57
CA ASP B 265 2.52 37.29 -57.54
C ASP B 265 1.07 36.90 -57.34
N PRO B 266 0.27 37.93 -56.99
CA PRO B 266 -1.17 37.79 -56.75
C PRO B 266 -1.98 36.68 -57.40
N ASN B 267 -1.74 36.36 -58.69
CA ASN B 267 -2.50 35.33 -59.40
C ASN B 267 -2.33 33.91 -58.83
N GLY B 268 -1.40 33.77 -57.86
CA GLY B 268 -1.09 32.52 -57.17
C GLY B 268 0.22 31.87 -57.57
N SER B 269 0.61 32.04 -58.85
CA SER B 269 1.81 31.49 -59.51
C SER B 269 3.08 31.36 -58.67
N ARG B 270 3.59 32.48 -58.10
CA ARG B 270 4.82 32.50 -57.30
C ARG B 270 4.55 32.70 -55.80
N TYR B 271 5.21 31.90 -54.94
CA TYR B 271 5.08 31.94 -53.46
C TYR B 271 6.44 31.76 -52.79
N LEU B 272 6.69 32.46 -51.67
CA LEU B 272 7.94 32.32 -50.91
C LEU B 272 7.69 31.53 -49.63
N LEU B 273 8.50 30.49 -49.42
CA LEU B 273 8.37 29.66 -48.24
C LEU B 273 9.66 29.76 -47.45
N GLY B 274 9.53 30.06 -46.16
CA GLY B 274 10.67 30.20 -45.24
C GLY B 274 10.58 29.25 -44.07
N ASP B 275 11.72 28.67 -43.67
CA ASP B 275 11.74 27.70 -42.57
C ASP B 275 12.58 28.09 -41.35
N MET B 276 12.52 27.25 -40.28
CA MET B 276 13.24 27.40 -39.01
C MET B 276 14.78 27.46 -39.18
N GLU B 277 15.30 27.08 -40.37
CA GLU B 277 16.73 27.10 -40.69
C GLU B 277 17.15 28.39 -41.39
N GLY B 278 16.17 29.24 -41.72
CA GLY B 278 16.42 30.50 -42.42
C GLY B 278 16.58 30.39 -43.93
N ARG B 279 16.19 29.22 -44.49
CA ARG B 279 16.24 28.95 -45.92
C ARG B 279 15.09 29.67 -46.58
N LEU B 280 15.32 30.17 -47.79
CA LEU B 280 14.28 30.81 -48.58
C LEU B 280 14.07 30.07 -49.90
N PHE B 281 12.81 29.68 -50.13
CA PHE B 281 12.39 28.88 -51.28
C PHE B 281 11.40 29.62 -52.17
N MET B 282 11.06 28.96 -53.30
CA MET B 282 10.07 29.42 -54.26
C MET B 282 9.13 28.28 -54.62
N LEU B 283 7.84 28.48 -54.33
CA LEU B 283 6.79 27.52 -54.65
C LEU B 283 6.12 28.06 -55.89
N LEU B 284 6.29 27.34 -57.01
CA LEU B 284 5.79 27.79 -58.30
C LEU B 284 4.69 26.96 -58.95
N LEU B 285 3.52 27.56 -58.99
CA LEU B 285 2.29 27.00 -59.52
C LEU B 285 2.27 27.15 -61.03
N GLU B 286 2.34 26.00 -61.72
CA GLU B 286 2.32 25.94 -63.18
C GLU B 286 0.90 26.17 -63.68
N LYS B 287 0.63 27.41 -64.12
CA LYS B 287 -0.66 27.84 -64.67
C LYS B 287 -0.90 27.10 -66.00
N GLU B 288 -1.84 26.14 -65.96
CA GLU B 288 -2.21 25.34 -67.12
C GLU B 288 -3.46 25.91 -67.77
N GLU B 289 -3.33 26.24 -69.08
CA GLU B 289 -4.39 26.80 -69.95
C GLU B 289 -5.51 25.81 -70.15
N GLN B 290 -5.26 24.55 -69.72
CA GLN B 290 -6.10 23.36 -69.76
C GLN B 290 -6.84 23.24 -71.09
N MET B 291 -7.95 23.97 -71.20
CA MET B 291 -8.80 23.96 -72.36
C MET B 291 -9.76 25.15 -72.28
N ASP B 292 -10.98 24.98 -72.77
CA ASP B 292 -12.00 26.01 -72.89
C ASP B 292 -12.97 26.12 -71.68
N GLY B 293 -12.88 27.21 -70.92
CA GLY B 293 -11.88 28.27 -70.99
C GLY B 293 -11.09 28.25 -69.69
N THR B 294 -11.38 27.19 -68.93
CA THR B 294 -10.91 26.78 -67.62
C THR B 294 -9.41 26.84 -67.44
N VAL B 295 -8.97 27.53 -66.38
CA VAL B 295 -7.57 27.65 -65.99
C VAL B 295 -7.34 26.67 -64.80
N THR B 296 -6.56 25.61 -65.08
CA THR B 296 -6.21 24.52 -64.17
C THR B 296 -4.75 24.70 -63.68
N LEU B 297 -4.34 23.93 -62.65
CA LEU B 297 -2.96 23.90 -62.16
C LEU B 297 -2.31 22.64 -62.75
N LYS B 298 -1.19 22.80 -63.50
CA LYS B 298 -0.45 21.72 -64.17
C LYS B 298 0.37 20.90 -63.17
N ASP B 299 1.26 21.59 -62.42
CA ASP B 299 2.19 21.04 -61.42
C ASP B 299 2.72 22.13 -60.49
N LEU B 300 3.54 21.72 -59.52
CA LEU B 300 4.18 22.62 -58.57
C LEU B 300 5.69 22.45 -58.61
N ARG B 301 6.38 23.58 -58.46
CA ARG B 301 7.83 23.63 -58.51
C ARG B 301 8.37 24.15 -57.18
N VAL B 302 9.48 23.57 -56.72
CA VAL B 302 10.15 24.05 -55.53
C VAL B 302 11.62 24.27 -55.85
N GLU B 303 12.06 25.54 -55.77
CA GLU B 303 13.43 25.96 -56.03
C GLU B 303 13.96 26.76 -54.86
N LEU B 304 15.24 26.59 -54.58
CA LEU B 304 15.90 27.24 -53.47
C LEU B 304 16.54 28.56 -53.87
N LEU B 305 16.25 29.65 -53.13
CA LEU B 305 16.78 30.99 -53.41
C LEU B 305 18.01 31.37 -52.57
N GLY B 306 18.21 30.64 -51.47
CA GLY B 306 19.33 30.84 -50.55
C GLY B 306 18.92 31.03 -49.09
N GLU B 307 19.80 31.69 -48.29
CA GLU B 307 19.51 31.90 -46.88
C GLU B 307 19.36 33.35 -46.40
N THR B 308 18.44 33.52 -45.45
CA THR B 308 18.07 34.76 -44.80
C THR B 308 18.05 34.53 -43.27
N SER B 309 17.72 35.57 -42.48
CA SER B 309 17.56 35.49 -41.02
C SER B 309 16.39 34.55 -40.73
N ILE B 310 16.39 33.85 -39.57
CA ILE B 310 15.27 32.95 -39.23
C ILE B 310 13.99 33.76 -39.32
N ALA B 311 13.18 33.47 -40.33
CA ALA B 311 12.00 34.28 -40.60
C ALA B 311 10.74 33.94 -39.81
N GLU B 312 10.29 34.87 -38.91
CA GLU B 312 9.04 34.70 -38.18
C GLU B 312 7.88 34.91 -39.20
N CYS B 313 8.11 35.76 -40.23
CA CYS B 313 7.24 36.08 -41.36
C CYS B 313 7.96 36.85 -42.46
N LEU B 314 7.77 36.42 -43.71
CA LEU B 314 8.34 37.05 -44.89
C LEU B 314 7.29 37.99 -45.46
N THR B 315 7.75 39.04 -46.17
CA THR B 315 6.92 40.04 -46.83
C THR B 315 7.66 40.58 -48.05
N TYR B 316 7.19 40.18 -49.25
CA TYR B 316 7.75 40.66 -50.52
C TYR B 316 7.26 42.09 -50.73
N LEU B 317 8.14 43.02 -51.19
CA LEU B 317 7.79 44.43 -51.36
C LEU B 317 8.06 45.00 -52.78
N ASP B 318 7.98 44.14 -53.80
CA ASP B 318 8.24 44.43 -55.20
C ASP B 318 9.65 44.91 -55.60
N ASN B 319 10.13 44.35 -56.72
CA ASN B 319 11.43 44.54 -57.36
C ASN B 319 12.50 43.64 -56.77
N GLY B 320 12.10 42.40 -56.50
CA GLY B 320 12.96 41.37 -55.93
C GLY B 320 13.32 41.61 -54.47
N VAL B 321 12.81 42.70 -53.91
CA VAL B 321 13.06 43.08 -52.52
C VAL B 321 12.02 42.45 -51.57
N VAL B 322 12.51 41.76 -50.55
CA VAL B 322 11.72 41.06 -49.54
C VAL B 322 12.22 41.38 -48.12
N PHE B 323 11.27 41.62 -47.20
CA PHE B 323 11.55 41.92 -45.81
C PHE B 323 11.41 40.67 -44.97
N VAL B 324 12.55 40.18 -44.48
CA VAL B 324 12.67 39.01 -43.62
C VAL B 324 12.46 39.47 -42.17
N GLY B 325 11.21 39.32 -41.72
CA GLY B 325 10.80 39.70 -40.37
C GLY B 325 11.14 38.66 -39.35
N SER B 326 12.21 38.91 -38.57
CA SER B 326 12.67 37.99 -37.55
C SER B 326 12.43 38.46 -36.13
N ARG B 327 11.90 37.53 -35.34
CA ARG B 327 11.58 37.64 -33.93
C ARG B 327 12.78 37.02 -33.23
N LEU B 328 13.28 35.92 -33.80
CA LEU B 328 14.41 35.16 -33.29
C LEU B 328 15.81 35.73 -33.47
N GLY B 329 15.92 36.77 -34.29
CA GLY B 329 17.19 37.44 -34.56
C GLY B 329 17.00 38.69 -35.39
N ASP B 330 18.12 39.27 -35.86
CA ASP B 330 18.14 40.50 -36.68
C ASP B 330 17.21 40.44 -37.88
N SER B 331 16.29 41.44 -37.98
CA SER B 331 15.37 41.53 -39.11
C SER B 331 16.17 42.08 -40.28
N GLN B 332 15.82 41.69 -41.52
CA GLN B 332 16.63 42.15 -42.65
C GLN B 332 15.86 42.40 -43.95
N LEU B 333 16.54 43.07 -44.90
CA LEU B 333 16.07 43.35 -46.26
C LEU B 333 16.87 42.55 -47.24
N VAL B 334 16.17 41.82 -48.10
CA VAL B 334 16.77 40.89 -49.03
C VAL B 334 16.38 41.13 -50.50
N LYS B 335 17.36 41.05 -51.42
CA LYS B 335 17.16 41.21 -52.85
C LYS B 335 17.19 39.85 -53.53
N LEU B 336 16.27 39.64 -54.48
CA LEU B 336 16.18 38.40 -55.25
C LEU B 336 16.56 38.69 -56.71
N ASN B 337 17.80 38.30 -57.09
CA ASN B 337 18.36 38.50 -58.42
C ASN B 337 17.79 37.50 -59.44
N VAL B 338 17.47 38.01 -60.65
CA VAL B 338 16.90 37.26 -61.79
C VAL B 338 17.80 36.08 -62.21
N ASP B 339 19.12 36.28 -62.08
CA ASP B 339 20.14 35.29 -62.40
C ASP B 339 20.83 34.77 -61.13
N SER B 340 21.38 33.56 -61.22
CA SER B 340 22.07 32.90 -60.11
C SER B 340 23.44 33.51 -59.83
N ASN B 341 23.81 33.47 -58.55
CA ASN B 341 25.08 33.93 -58.01
C ASN B 341 26.19 32.90 -58.33
N GLU B 342 27.45 33.25 -58.00
CA GLU B 342 28.66 32.43 -58.13
C GLU B 342 28.48 31.14 -57.30
N GLN B 343 27.85 31.29 -56.11
CA GLN B 343 27.52 30.25 -55.13
C GLN B 343 26.23 29.55 -55.58
N GLY B 344 25.35 30.30 -56.26
CA GLY B 344 24.06 29.86 -56.76
C GLY B 344 22.90 30.47 -55.97
N SER B 345 23.23 31.45 -55.11
CA SER B 345 22.33 32.17 -54.20
C SER B 345 21.72 33.45 -54.77
N TYR B 346 20.42 33.41 -55.10
CA TYR B 346 19.67 34.55 -55.64
C TYR B 346 19.47 35.62 -54.56
N VAL B 347 19.64 35.24 -53.28
CA VAL B 347 19.54 36.13 -52.13
C VAL B 347 20.74 37.08 -52.07
N VAL B 348 20.45 38.37 -51.98
CA VAL B 348 21.45 39.43 -51.84
C VAL B 348 21.01 40.24 -50.64
N ALA B 349 21.86 40.29 -49.61
CA ALA B 349 21.59 41.04 -48.38
C ALA B 349 21.61 42.54 -48.67
N MET B 350 20.65 43.30 -48.09
CA MET B 350 20.56 44.74 -48.33
C MET B 350 20.74 45.53 -47.06
N GLU B 351 19.86 45.35 -46.06
CA GLU B 351 19.97 46.04 -44.78
C GLU B 351 19.63 45.11 -43.64
N THR B 352 20.18 45.39 -42.43
CA THR B 352 19.97 44.60 -41.22
C THR B 352 19.50 45.49 -40.06
N PHE B 353 18.56 44.98 -39.25
CA PHE B 353 17.93 45.70 -38.12
C PHE B 353 18.08 44.96 -36.81
N THR B 354 18.62 45.68 -35.81
CA THR B 354 18.91 45.19 -34.45
C THR B 354 17.71 44.53 -33.77
N ASN B 355 17.98 43.43 -33.03
CA ASN B 355 16.97 42.59 -32.39
C ASN B 355 17.52 41.88 -31.14
N LEU B 356 17.49 42.58 -29.99
CA LEU B 356 17.91 42.07 -28.69
C LEU B 356 17.08 40.84 -28.22
N GLY B 357 15.90 40.68 -28.79
CA GLY B 357 15.00 39.58 -28.45
C GLY B 357 15.38 38.27 -29.10
N PRO B 358 15.30 37.15 -28.36
CA PRO B 358 14.92 37.02 -26.94
C PRO B 358 16.10 37.32 -25.99
N ILE B 359 15.90 38.22 -24.98
CA ILE B 359 16.96 38.47 -24.01
C ILE B 359 16.90 37.31 -23.02
N VAL B 360 17.73 36.29 -23.29
CA VAL B 360 17.84 35.07 -22.47
C VAL B 360 18.47 35.45 -21.09
N ASP B 361 19.67 36.03 -21.10
CA ASP B 361 20.33 36.49 -19.89
C ASP B 361 20.98 37.86 -20.02
N MET B 362 21.27 38.51 -18.90
CA MET B 362 21.92 39.80 -18.90
C MET B 362 22.71 40.06 -17.62
N CYS B 363 23.62 41.03 -17.69
CA CYS B 363 24.48 41.46 -16.58
C CYS B 363 24.92 42.89 -16.80
N VAL B 364 25.20 43.61 -15.71
CA VAL B 364 25.64 45.00 -15.79
C VAL B 364 27.11 45.12 -15.33
N VAL B 365 27.96 45.71 -16.21
CA VAL B 365 29.40 45.89 -16.02
C VAL B 365 29.84 47.37 -16.13
N ASP B 366 31.16 47.59 -16.15
CA ASP B 366 31.85 48.88 -16.28
C ASP B 366 33.13 48.62 -17.07
N LEU B 367 32.99 48.15 -18.33
CA LEU B 367 34.12 47.77 -19.18
C LEU B 367 35.13 48.89 -19.42
N GLU B 368 34.63 50.12 -19.61
CA GLU B 368 35.48 51.31 -19.78
C GLU B 368 35.55 52.11 -18.45
N ARG B 369 34.99 51.52 -17.35
CA ARG B 369 34.92 52.08 -15.98
C ARG B 369 34.18 53.45 -15.98
N GLN B 370 34.74 54.50 -15.32
CA GLN B 370 34.22 55.89 -15.22
C GLN B 370 32.80 56.10 -14.60
N GLY B 371 32.22 55.08 -13.93
CA GLY B 371 30.87 55.21 -13.38
C GLY B 371 29.82 54.87 -14.42
N GLN B 372 30.28 54.52 -15.65
CA GLN B 372 29.45 54.18 -16.81
C GLN B 372 29.07 52.70 -16.87
N GLY B 373 27.86 52.40 -16.35
CA GLY B 373 27.25 51.08 -16.34
C GLY B 373 26.87 50.63 -17.74
N GLN B 374 27.32 49.43 -18.13
CA GLN B 374 27.06 48.88 -19.45
C GLN B 374 26.40 47.51 -19.34
N LEU B 375 25.38 47.25 -20.16
CA LEU B 375 24.68 45.98 -20.16
C LEU B 375 25.17 45.04 -21.26
N VAL B 376 25.27 43.74 -20.95
CA VAL B 376 25.66 42.69 -21.89
C VAL B 376 24.54 41.64 -21.91
N THR B 377 24.05 41.24 -23.11
CA THR B 377 22.94 40.28 -23.21
C THR B 377 23.23 39.03 -24.02
N CYS B 378 22.44 37.98 -23.75
CA CYS B 378 22.39 36.71 -24.47
C CYS B 378 21.15 36.88 -25.35
N SER B 379 21.34 37.44 -26.55
CA SER B 379 20.23 37.76 -27.46
C SER B 379 20.15 36.85 -28.67
N GLY B 380 18.92 36.46 -29.03
CA GLY B 380 18.67 35.60 -30.19
C GLY B 380 18.70 34.12 -29.91
N ALA B 381 18.34 33.34 -30.94
CA ALA B 381 18.33 31.88 -30.85
C ALA B 381 18.75 31.29 -32.17
N PHE B 382 19.48 30.16 -32.09
CA PHE B 382 20.05 29.39 -33.21
C PHE B 382 21.05 30.25 -34.00
N LYS B 383 21.15 30.08 -35.35
CA LYS B 383 22.11 30.87 -36.13
C LYS B 383 22.09 32.36 -35.81
N GLU B 384 20.90 32.88 -35.52
CA GLU B 384 20.63 34.27 -35.18
C GLU B 384 21.17 34.72 -33.80
N GLY B 385 21.52 33.75 -32.94
CA GLY B 385 22.02 33.99 -31.57
C GLY B 385 23.34 34.72 -31.49
N SER B 386 23.36 35.82 -30.67
CA SER B 386 24.51 36.72 -30.51
C SER B 386 24.70 37.23 -29.09
N LEU B 387 25.58 38.22 -28.93
CA LEU B 387 25.84 38.89 -27.67
C LEU B 387 25.70 40.33 -27.96
N ARG B 388 24.99 41.05 -27.11
CA ARG B 388 24.85 42.47 -27.35
C ARG B 388 25.36 43.26 -26.18
N ILE B 389 26.07 44.34 -26.47
CA ILE B 389 26.67 45.22 -25.46
C ILE B 389 26.04 46.60 -25.58
N ILE B 390 25.08 46.86 -24.69
CA ILE B 390 24.31 48.10 -24.63
C ILE B 390 25.01 49.10 -23.72
N ARG B 391 25.43 50.23 -24.32
CA ARG B 391 26.13 51.31 -23.63
C ARG B 391 25.21 52.53 -23.66
N ASN B 392 25.15 53.27 -22.55
CA ASN B 392 24.32 54.47 -22.48
C ASN B 392 25.10 55.68 -23.06
N GLY B 393 24.56 56.30 -24.13
CA GLY B 393 25.15 57.47 -24.80
C GLY B 393 25.86 57.21 -26.12
N ILE B 394 26.31 58.30 -26.80
CA ILE B 394 27.03 58.24 -28.09
C ILE B 394 28.47 58.72 -28.00
N GLY B 395 29.40 57.78 -28.12
CA GLY B 395 30.84 58.02 -28.03
C GLY B 395 31.51 58.45 -29.33
N ILE B 396 32.63 59.20 -29.20
CA ILE B 396 33.36 59.68 -30.38
C ILE B 396 34.72 59.02 -30.54
N HIS B 397 34.99 58.49 -31.77
CA HIS B 397 36.23 57.81 -32.14
C HIS B 397 37.25 58.83 -32.60
N GLU B 398 38.25 59.11 -31.75
CA GLU B 398 39.31 60.09 -32.05
C GLU B 398 40.30 59.55 -33.08
N HIS B 399 40.83 60.45 -33.92
CA HIS B 399 41.83 60.13 -34.94
C HIS B 399 42.92 61.19 -34.91
N ALA B 400 42.61 62.35 -34.30
CA ALA B 400 43.49 63.49 -34.10
C ALA B 400 43.17 64.13 -32.76
N SER B 401 44.19 64.50 -31.99
CA SER B 401 44.02 65.12 -30.68
C SER B 401 45.14 66.12 -30.41
N ILE B 402 45.12 67.24 -31.13
CA ILE B 402 46.13 68.33 -31.05
C ILE B 402 46.00 69.11 -29.72
N ASP B 403 47.08 69.80 -29.28
CA ASP B 403 47.08 70.60 -28.05
C ASP B 403 46.99 72.10 -28.21
N LEU B 404 45.73 72.60 -28.27
CA LEU B 404 45.36 74.01 -28.39
C LEU B 404 44.51 74.43 -27.19
N PRO B 405 44.93 75.44 -26.40
CA PRO B 405 44.09 75.87 -25.26
C PRO B 405 43.32 77.17 -25.57
N GLY B 406 42.15 77.34 -24.94
CA GLY B 406 41.33 78.53 -25.10
C GLY B 406 40.91 78.83 -26.52
N ILE B 407 40.39 77.80 -27.21
CA ILE B 407 39.90 77.86 -28.59
C ILE B 407 38.47 78.37 -28.53
N LYS B 408 38.20 79.48 -29.24
CA LYS B 408 36.92 80.20 -29.27
C LYS B 408 36.09 79.98 -30.57
N GLY B 409 36.49 79.00 -31.38
CA GLY B 409 35.80 78.67 -32.62
C GLY B 409 36.59 77.80 -33.58
N LEU B 410 35.87 76.90 -34.30
CA LEU B 410 36.43 75.97 -35.30
C LEU B 410 35.65 76.05 -36.61
N TRP B 411 36.35 76.12 -37.76
CA TRP B 411 35.70 76.19 -39.09
C TRP B 411 36.39 75.40 -40.21
N PRO B 412 35.60 74.65 -41.02
CA PRO B 412 36.19 73.88 -42.12
C PRO B 412 36.22 74.63 -43.47
N LEU B 413 37.24 74.37 -44.30
CA LEU B 413 37.39 75.01 -45.61
C LEU B 413 37.87 74.05 -46.68
N ARG B 414 37.74 74.51 -47.93
CA ARG B 414 38.23 73.87 -49.13
C ARG B 414 39.22 74.91 -49.68
N SER B 415 40.55 74.68 -49.49
CA SER B 415 41.58 75.60 -49.98
C SER B 415 41.65 75.56 -51.52
N ASP B 416 41.62 74.33 -52.10
CA ASP B 416 41.58 74.10 -53.55
C ASP B 416 40.09 73.98 -53.95
N PRO B 417 39.58 74.86 -54.85
CA PRO B 417 38.15 74.79 -55.22
C PRO B 417 37.73 73.58 -56.07
N ASN B 418 38.71 72.79 -56.56
CA ASN B 418 38.50 71.59 -57.38
C ASN B 418 38.07 70.36 -56.58
N ARG B 419 38.66 70.13 -55.36
CA ARG B 419 38.38 68.96 -54.50
C ARG B 419 37.22 69.19 -53.53
N GLU B 420 36.35 68.17 -53.37
CA GLU B 420 35.20 68.19 -52.46
C GLU B 420 35.64 67.86 -51.02
N THR B 421 36.83 67.24 -50.87
CA THR B 421 37.43 66.90 -49.58
C THR B 421 37.98 68.17 -48.90
N ASP B 422 37.70 68.35 -47.59
CA ASP B 422 38.19 69.50 -46.81
C ASP B 422 39.72 69.37 -46.65
N ASP B 423 40.43 70.50 -46.68
CA ASP B 423 41.89 70.53 -46.52
C ASP B 423 42.35 71.62 -45.55
N THR B 424 41.39 72.39 -44.99
CA THR B 424 41.69 73.48 -44.04
C THR B 424 40.80 73.42 -42.77
N LEU B 425 41.35 73.97 -41.67
CA LEU B 425 40.68 74.13 -40.39
C LEU B 425 41.11 75.48 -39.78
N VAL B 426 40.12 76.33 -39.44
CA VAL B 426 40.36 77.65 -38.86
C VAL B 426 39.98 77.67 -37.37
N LEU B 427 40.92 78.14 -36.51
CA LEU B 427 40.73 78.17 -35.06
C LEU B 427 40.75 79.59 -34.46
N SER B 428 39.61 80.02 -33.89
CA SER B 428 39.44 81.32 -33.24
C SER B 428 40.03 81.30 -31.83
N PHE B 429 40.63 82.41 -31.40
CA PHE B 429 41.20 82.55 -30.06
C PHE B 429 40.87 83.94 -29.51
N VAL B 430 41.01 84.12 -28.18
CA VAL B 430 40.77 85.43 -27.57
C VAL B 430 41.88 86.41 -28.03
N GLY B 431 41.53 87.17 -29.07
CA GLY B 431 42.40 88.18 -29.71
C GLY B 431 43.25 87.74 -30.89
N GLN B 432 43.12 86.47 -31.35
CA GLN B 432 43.87 85.89 -32.46
C GLN B 432 43.07 84.82 -33.25
N THR B 433 43.61 84.39 -34.42
CA THR B 433 43.05 83.34 -35.28
C THR B 433 44.13 82.60 -36.09
N ARG B 434 44.15 81.25 -36.00
CA ARG B 434 45.12 80.42 -36.69
C ARG B 434 44.48 79.58 -37.79
N VAL B 435 45.33 79.05 -38.70
CA VAL B 435 44.93 78.20 -39.84
C VAL B 435 45.69 76.86 -39.82
N LEU B 436 44.95 75.75 -40.02
CA LEU B 436 45.51 74.39 -40.06
C LEU B 436 45.33 73.74 -41.43
N MET B 437 46.44 73.34 -42.10
CA MET B 437 46.40 72.65 -43.39
C MET B 437 46.48 71.15 -43.13
N LEU B 438 45.54 70.41 -43.74
CA LEU B 438 45.40 68.98 -43.56
C LEU B 438 45.86 68.23 -44.82
N ASN B 439 47.19 68.21 -45.04
CA ASN B 439 47.83 67.51 -46.16
C ASN B 439 47.75 66.00 -45.87
N GLY B 440 46.64 65.39 -46.30
CA GLY B 440 46.36 63.98 -46.07
C GLY B 440 45.89 63.76 -44.64
N GLU B 441 46.49 62.76 -43.96
CA GLU B 441 46.21 62.42 -42.55
C GLU B 441 47.13 63.18 -41.58
N GLU B 442 48.06 63.97 -42.16
CA GLU B 442 49.02 64.81 -41.45
C GLU B 442 48.49 66.27 -41.44
N VAL B 443 48.44 66.91 -40.25
CA VAL B 443 47.93 68.27 -40.01
C VAL B 443 49.08 69.22 -39.58
N GLU B 444 49.39 70.24 -40.39
CA GLU B 444 50.44 71.22 -40.05
C GLU B 444 49.91 72.67 -40.10
N GLU B 445 50.67 73.63 -39.53
CA GLU B 445 50.20 75.02 -39.51
C GLU B 445 50.49 75.79 -40.78
N THR B 446 49.52 76.62 -41.19
CA THR B 446 49.59 77.49 -42.36
C THR B 446 48.96 78.86 -42.04
N GLU B 447 49.02 79.76 -43.03
CA GLU B 447 48.40 81.06 -43.03
C GLU B 447 47.78 81.18 -44.42
N LEU B 448 46.53 81.64 -44.50
CA LEU B 448 45.88 81.79 -45.79
C LEU B 448 45.82 83.26 -46.13
N MET B 449 46.52 83.66 -47.22
CA MET B 449 46.59 85.05 -47.68
C MET B 449 45.20 85.65 -47.86
N GLY B 450 45.00 86.84 -47.28
CA GLY B 450 43.74 87.57 -47.28
C GLY B 450 43.00 87.48 -45.96
N PHE B 451 43.53 86.67 -45.01
CA PHE B 451 42.97 86.48 -43.66
C PHE B 451 43.76 87.26 -42.61
N VAL B 452 43.02 88.02 -41.77
CA VAL B 452 43.56 88.78 -40.64
C VAL B 452 43.78 87.75 -39.53
N ASP B 453 45.05 87.58 -39.11
CA ASP B 453 45.46 86.61 -38.10
C ASP B 453 45.77 87.26 -36.72
N ASP B 454 45.60 88.61 -36.60
CA ASP B 454 45.81 89.43 -35.40
C ASP B 454 44.49 89.88 -34.73
N GLN B 455 43.36 89.24 -35.13
CA GLN B 455 42.02 89.48 -34.58
C GLN B 455 41.26 88.15 -34.36
N GLN B 456 40.24 88.17 -33.48
CA GLN B 456 39.41 87.00 -33.16
C GLN B 456 38.39 86.74 -34.28
N THR B 457 38.19 85.45 -34.66
CA THR B 457 37.23 85.07 -35.71
C THR B 457 35.85 84.71 -35.16
N PHE B 458 34.78 85.20 -35.82
CA PHE B 458 33.38 84.95 -35.49
C PHE B 458 32.75 83.93 -36.45
N PHE B 459 33.29 83.87 -37.69
CA PHE B 459 32.94 82.93 -38.76
C PHE B 459 34.00 82.87 -39.86
N CYS B 460 34.17 81.68 -40.42
CA CYS B 460 35.08 81.34 -41.51
C CYS B 460 34.54 80.15 -42.33
N GLY B 461 34.97 80.04 -43.57
CA GLY B 461 34.56 78.95 -44.46
C GLY B 461 34.35 79.39 -45.89
N ASN B 462 34.40 78.42 -46.83
CA ASN B 462 34.24 78.70 -48.27
C ASN B 462 32.81 79.05 -48.68
N VAL B 463 32.67 80.10 -49.51
CA VAL B 463 31.41 80.63 -50.01
C VAL B 463 31.28 80.59 -51.56
N ALA B 464 30.18 81.16 -52.10
CA ALA B 464 29.84 81.21 -53.53
C ALA B 464 30.83 81.96 -54.43
N HIS B 465 30.75 81.68 -55.76
CA HIS B 465 31.55 82.24 -56.87
C HIS B 465 33.05 81.91 -56.77
N GLN B 466 33.40 80.71 -56.22
CA GLN B 466 34.77 80.23 -56.00
C GLN B 466 35.58 81.21 -55.12
N GLN B 467 35.06 81.45 -53.89
CA GLN B 467 35.62 82.37 -52.87
C GLN B 467 35.47 81.84 -51.42
N LEU B 468 36.30 82.37 -50.50
CA LEU B 468 36.30 82.06 -49.07
C LEU B 468 35.85 83.33 -48.31
N ILE B 469 35.58 83.22 -46.99
CA ILE B 469 35.12 84.36 -46.20
C ILE B 469 35.64 84.32 -44.75
N GLN B 470 35.78 85.50 -44.13
CA GLN B 470 36.20 85.66 -42.73
C GLN B 470 35.46 86.83 -42.09
N ILE B 471 34.98 86.65 -40.85
CA ILE B 471 34.32 87.70 -40.06
C ILE B 471 35.19 87.84 -38.82
N THR B 472 35.67 89.05 -38.55
CA THR B 472 36.53 89.27 -37.39
C THR B 472 35.89 90.23 -36.35
N SER B 473 36.63 90.58 -35.26
CA SER B 473 36.19 91.54 -34.24
C SER B 473 36.04 92.89 -34.92
N ALA B 474 37.01 93.21 -35.81
CA ALA B 474 37.04 94.43 -36.58
C ALA B 474 36.18 94.37 -37.87
N SER B 475 36.71 93.78 -38.96
CA SER B 475 36.05 93.73 -40.27
C SER B 475 35.68 92.34 -40.80
N VAL B 476 34.88 92.30 -41.89
CA VAL B 476 34.48 91.09 -42.62
C VAL B 476 35.35 91.04 -43.89
N ARG B 477 36.12 89.94 -44.09
CA ARG B 477 37.05 89.74 -45.22
C ARG B 477 36.53 88.74 -46.27
N LEU B 478 36.81 89.00 -47.57
CA LEU B 478 36.45 88.16 -48.71
C LEU B 478 37.74 87.75 -49.43
N VAL B 479 37.95 86.43 -49.68
CA VAL B 479 39.16 85.96 -50.36
C VAL B 479 38.84 85.11 -51.59
N SER B 480 39.49 85.42 -52.72
CA SER B 480 39.39 84.70 -53.99
C SER B 480 40.13 83.37 -53.87
N GLN B 481 39.56 82.29 -54.42
CA GLN B 481 40.17 80.95 -54.36
C GLN B 481 41.30 80.74 -55.38
N GLU B 482 41.27 81.50 -56.51
CA GLU B 482 42.28 81.43 -57.58
C GLU B 482 42.59 82.82 -58.20
N PRO B 483 43.68 83.54 -57.79
CA PRO B 483 44.65 83.22 -56.73
C PRO B 483 44.20 83.71 -55.34
N LYS B 484 44.92 83.31 -54.27
CA LYS B 484 44.56 83.72 -52.91
C LYS B 484 44.93 85.17 -52.65
N ALA B 485 43.92 86.05 -52.61
CA ALA B 485 44.06 87.49 -52.37
C ALA B 485 42.73 88.09 -51.97
N LEU B 486 42.76 89.05 -51.02
CA LEU B 486 41.59 89.77 -50.51
C LEU B 486 40.83 90.45 -51.65
N VAL B 487 39.51 90.26 -51.70
CA VAL B 487 38.68 90.83 -52.75
C VAL B 487 37.67 91.88 -52.29
N SER B 488 37.31 91.89 -50.97
CA SER B 488 36.39 92.86 -50.37
C SER B 488 36.57 92.89 -48.83
N GLU B 489 36.22 94.02 -48.19
CA GLU B 489 36.31 94.20 -46.74
C GLU B 489 35.16 95.09 -46.24
N TRP B 490 34.36 94.58 -45.27
CA TRP B 490 33.24 95.35 -44.71
C TRP B 490 33.64 96.11 -43.47
N LYS B 491 33.41 97.43 -43.49
CA LYS B 491 33.69 98.31 -42.37
C LYS B 491 32.43 98.80 -41.67
N GLU B 492 32.52 98.98 -40.36
CA GLU B 492 31.42 99.53 -39.55
C GLU B 492 31.48 101.05 -39.76
N PRO B 493 30.32 101.73 -40.05
CA PRO B 493 30.34 103.19 -40.30
C PRO B 493 31.21 104.07 -39.38
N GLN B 494 31.11 103.86 -38.05
CA GLN B 494 31.86 104.60 -37.03
C GLN B 494 33.00 103.78 -36.36
N ALA B 495 33.70 102.93 -37.18
CA ALA B 495 34.84 102.07 -36.81
C ALA B 495 34.63 101.07 -35.65
N LYS B 496 33.38 100.94 -35.16
CA LYS B 496 32.97 100.07 -34.05
C LYS B 496 33.22 98.56 -34.33
N ASN B 497 33.35 97.76 -33.25
CA ASN B 497 33.62 96.33 -33.36
C ASN B 497 32.38 95.43 -33.36
N ILE B 498 32.43 94.37 -34.20
CA ILE B 498 31.36 93.36 -34.36
C ILE B 498 31.26 92.54 -33.07
N SER B 499 30.03 92.47 -32.50
CA SER B 499 29.71 91.73 -31.28
C SER B 499 29.42 90.24 -31.52
N VAL B 500 28.41 89.94 -32.39
CA VAL B 500 27.97 88.57 -32.77
C VAL B 500 27.67 88.47 -34.28
N ALA B 501 28.12 87.38 -34.94
CA ALA B 501 27.95 87.20 -36.38
C ALA B 501 27.49 85.82 -36.83
N SER B 502 26.84 85.74 -38.02
CA SER B 502 26.34 84.51 -38.65
C SER B 502 26.50 84.56 -40.18
N CYS B 503 26.55 83.37 -40.84
CA CYS B 503 26.74 83.26 -42.29
C CYS B 503 26.29 81.92 -42.88
N ASN B 504 26.09 81.89 -44.22
CA ASN B 504 25.76 80.73 -45.06
C ASN B 504 26.57 80.77 -46.39
N SER B 505 26.04 80.22 -47.50
CA SER B 505 26.77 80.21 -48.78
C SER B 505 26.66 81.51 -49.59
N SER B 506 25.63 82.32 -49.32
CA SER B 506 25.37 83.57 -50.05
C SER B 506 24.98 84.78 -49.18
N GLN B 507 24.79 84.58 -47.85
CA GLN B 507 24.38 85.67 -46.94
C GLN B 507 25.24 85.76 -45.68
N VAL B 508 25.48 87.00 -45.20
CA VAL B 508 26.26 87.33 -43.99
C VAL B 508 25.42 88.28 -43.11
N VAL B 509 25.33 87.99 -41.81
CA VAL B 509 24.60 88.84 -40.86
C VAL B 509 25.50 89.13 -39.67
N VAL B 510 25.90 90.41 -39.52
CA VAL B 510 26.78 90.84 -38.42
C VAL B 510 26.03 91.80 -37.45
N ALA B 511 26.43 91.85 -36.17
CA ALA B 511 25.80 92.71 -35.16
C ALA B 511 26.81 93.52 -34.35
N VAL B 512 26.45 94.79 -34.04
CA VAL B 512 27.25 95.72 -33.23
C VAL B 512 26.39 96.14 -32.00
N GLY B 513 25.99 95.13 -31.22
CA GLY B 513 25.12 95.31 -30.06
C GLY B 513 23.68 95.48 -30.50
N ARG B 514 23.22 96.74 -30.60
CA ARG B 514 21.88 97.12 -31.06
C ARG B 514 21.86 97.33 -32.59
N ALA B 515 22.96 97.88 -33.17
CA ALA B 515 23.06 98.17 -34.61
C ALA B 515 23.47 96.98 -35.50
N LEU B 516 22.48 96.18 -35.93
CA LEU B 516 22.65 95.00 -36.79
C LEU B 516 22.96 95.40 -38.25
N TYR B 517 23.56 94.47 -39.06
CA TYR B 517 23.88 94.66 -40.49
C TYR B 517 23.72 93.35 -41.27
N TYR B 518 23.15 93.45 -42.49
CA TYR B 518 22.97 92.32 -43.39
C TYR B 518 23.73 92.58 -44.71
N LEU B 519 24.73 91.72 -45.01
CA LEU B 519 25.60 91.80 -46.19
C LEU B 519 25.51 90.50 -47.04
N GLN B 520 25.38 90.64 -48.37
CA GLN B 520 25.21 89.56 -49.32
C GLN B 520 26.55 89.11 -49.95
N ILE B 521 26.53 87.99 -50.71
CA ILE B 521 27.70 87.42 -51.39
C ILE B 521 27.55 87.49 -52.93
N HIS B 522 28.46 88.27 -53.56
CA HIS B 522 28.57 88.52 -55.00
C HIS B 522 30.03 88.29 -55.44
N PRO B 523 30.34 87.98 -56.74
CA PRO B 523 31.75 87.80 -57.12
C PRO B 523 32.62 89.05 -56.95
N GLN B 524 33.61 88.95 -56.03
CA GLN B 524 34.60 89.99 -55.67
C GLN B 524 34.08 91.18 -54.84
N GLU B 525 32.87 91.06 -54.23
CA GLU B 525 32.29 92.15 -53.42
C GLU B 525 31.36 91.71 -52.29
N LEU B 526 31.43 92.45 -51.15
CA LEU B 526 30.59 92.28 -49.97
C LEU B 526 29.46 93.34 -50.05
N ARG B 527 28.35 92.99 -50.74
CA ARG B 527 27.21 93.90 -50.95
C ARG B 527 26.32 94.01 -49.71
N GLN B 528 26.38 95.16 -49.00
CA GLN B 528 25.56 95.44 -47.80
C GLN B 528 24.13 95.78 -48.25
N ILE B 529 23.12 95.15 -47.62
CA ILE B 529 21.72 95.34 -47.99
C ILE B 529 20.89 96.18 -47.00
N SER B 530 20.85 95.79 -45.70
CA SER B 530 20.04 96.48 -44.68
C SER B 530 20.67 96.60 -43.26
N HIS B 531 19.93 97.23 -42.28
CA HIS B 531 20.30 97.43 -40.85
C HIS B 531 19.16 97.93 -39.92
N THR B 532 18.90 97.15 -38.82
CA THR B 532 17.88 97.45 -37.79
C THR B 532 18.45 97.77 -36.39
N GLU B 533 17.88 98.83 -35.75
CA GLU B 533 18.25 99.28 -34.39
C GLU B 533 17.20 98.78 -33.35
N MET B 534 17.59 97.71 -32.61
CA MET B 534 16.82 96.98 -31.60
C MET B 534 16.44 97.80 -30.32
N GLU B 535 16.06 97.05 -29.26
CA GLU B 535 15.68 97.58 -27.94
C GLU B 535 16.96 97.59 -27.06
N HIS B 536 17.64 96.41 -27.05
CA HIS B 536 18.87 96.10 -26.30
C HIS B 536 19.90 95.45 -27.26
N GLU B 537 21.07 95.07 -26.71
CA GLU B 537 22.14 94.39 -27.45
C GLU B 537 21.68 92.99 -27.90
N VAL B 538 22.34 92.44 -28.94
CA VAL B 538 22.04 91.13 -29.47
C VAL B 538 23.07 90.12 -28.90
N ALA B 539 22.57 88.97 -28.39
CA ALA B 539 23.36 87.90 -27.78
C ALA B 539 23.77 86.80 -28.77
N CYS B 540 22.88 86.47 -29.73
CA CYS B 540 23.07 85.44 -30.77
C CYS B 540 22.15 85.68 -31.98
N LEU B 541 22.58 85.23 -33.18
CA LEU B 541 21.83 85.30 -34.45
C LEU B 541 22.15 84.14 -35.39
N ASP B 542 21.17 83.69 -36.21
CA ASP B 542 21.37 82.56 -37.13
C ASP B 542 20.67 82.70 -38.47
N ILE B 543 21.37 82.32 -39.57
CA ILE B 543 20.88 82.37 -40.95
C ILE B 543 21.14 81.09 -41.79
N THR B 544 20.83 79.90 -41.23
CA THR B 544 20.99 78.63 -41.96
C THR B 544 19.82 78.44 -42.94
N PRO B 545 20.10 78.25 -44.27
CA PRO B 545 18.99 78.08 -45.22
C PRO B 545 18.42 76.66 -45.17
N LEU B 546 17.09 76.55 -45.01
CA LEU B 546 16.37 75.27 -44.92
C LEU B 546 15.36 75.17 -46.05
N GLY B 547 15.63 74.27 -46.99
CA GLY B 547 14.78 74.06 -48.16
C GLY B 547 14.90 75.14 -49.22
N ASP B 548 14.96 74.75 -50.51
CA ASP B 548 14.98 73.35 -51.00
C ASP B 548 16.31 73.01 -51.69
N SER B 549 16.86 73.96 -52.48
CA SER B 549 18.12 73.87 -53.25
C SER B 549 18.68 75.27 -53.61
N ASN B 550 17.84 76.33 -53.46
CA ASN B 550 18.09 77.76 -53.76
C ASN B 550 19.41 78.41 -53.26
N GLY B 551 19.89 77.96 -52.09
CA GLY B 551 21.10 78.46 -51.45
C GLY B 551 20.92 79.63 -50.49
N LEU B 552 19.74 80.29 -50.55
CA LEU B 552 19.38 81.48 -49.75
C LEU B 552 18.43 81.21 -48.56
N SER B 553 18.62 81.95 -47.45
CA SER B 553 17.78 81.90 -46.24
C SER B 553 16.77 83.06 -46.28
N PRO B 554 15.46 82.77 -46.18
CA PRO B 554 14.47 83.86 -46.23
C PRO B 554 14.22 84.57 -44.90
N LEU B 555 14.74 84.00 -43.79
CA LEU B 555 14.55 84.51 -42.44
C LEU B 555 15.81 84.43 -41.56
N CYS B 556 15.83 85.24 -40.47
CA CYS B 556 16.92 85.35 -39.50
C CYS B 556 16.41 85.23 -38.06
N ALA B 557 17.06 84.37 -37.26
CA ALA B 557 16.74 84.18 -35.84
C ALA B 557 17.48 85.24 -35.01
N ILE B 558 16.88 85.69 -33.88
CA ILE B 558 17.50 86.69 -33.00
C ILE B 558 17.32 86.45 -31.49
N GLY B 559 18.38 86.72 -30.74
CA GLY B 559 18.42 86.61 -29.29
C GLY B 559 18.76 87.96 -28.70
N LEU B 560 17.91 88.46 -27.76
CA LEU B 560 18.11 89.77 -27.14
C LEU B 560 18.40 89.80 -25.64
N TRP B 561 18.93 90.95 -25.17
CA TRP B 561 19.34 91.24 -23.79
C TRP B 561 18.19 91.72 -22.89
N THR B 562 18.35 91.54 -21.55
CA THR B 562 17.45 91.92 -20.45
C THR B 562 16.02 91.32 -20.51
N ASP B 563 15.26 91.60 -21.60
CA ASP B 563 13.90 91.09 -21.82
C ASP B 563 13.85 89.54 -21.92
N ILE B 564 14.86 88.95 -22.60
CA ILE B 564 15.06 87.51 -22.87
C ILE B 564 14.00 87.01 -23.88
N SER B 565 14.00 87.64 -25.07
CA SER B 565 13.05 87.34 -26.14
C SER B 565 13.71 86.76 -27.38
N ALA B 566 13.32 85.51 -27.72
CA ALA B 566 13.80 84.78 -28.90
C ALA B 566 12.95 85.19 -30.12
N ARG B 567 13.33 86.31 -30.76
CA ARG B 567 12.62 86.89 -31.91
C ARG B 567 13.07 86.35 -33.26
N ILE B 568 12.16 86.36 -34.25
CA ILE B 568 12.43 85.95 -35.63
C ILE B 568 12.32 87.22 -36.46
N LEU B 569 13.15 87.33 -37.52
CA LEU B 569 13.12 88.45 -38.46
C LEU B 569 13.00 87.86 -39.89
N LYS B 570 12.52 88.65 -40.87
CA LYS B 570 12.43 88.21 -42.28
C LYS B 570 13.53 88.88 -43.10
N LEU B 571 14.16 88.13 -44.02
CA LEU B 571 15.28 88.61 -44.86
C LEU B 571 14.88 89.05 -46.28
N PRO B 572 15.29 90.26 -46.74
CA PRO B 572 16.10 91.28 -46.05
C PRO B 572 15.31 92.30 -45.20
N SER B 573 13.99 92.06 -45.07
CA SER B 573 12.98 92.90 -44.39
C SER B 573 13.34 93.46 -43.00
N PHE B 574 13.92 92.62 -42.11
CA PHE B 574 14.25 92.93 -40.70
C PHE B 574 12.95 93.23 -39.89
N GLU B 575 11.84 92.58 -40.32
CA GLU B 575 10.49 92.70 -39.75
C GLU B 575 10.26 91.64 -38.68
N LEU B 576 10.03 92.10 -37.44
CA LEU B 576 9.82 91.38 -36.16
C LEU B 576 8.74 90.24 -36.16
N LEU B 577 8.83 89.34 -37.18
CA LEU B 577 7.96 88.18 -37.50
C LEU B 577 7.26 87.50 -36.32
N HIS B 578 8.03 87.05 -35.32
CA HIS B 578 7.49 86.35 -34.15
C HIS B 578 8.41 86.59 -32.96
N LYS B 579 7.83 87.00 -31.81
CA LYS B 579 8.56 87.24 -30.57
C LYS B 579 8.07 86.32 -29.45
N GLU B 580 8.96 85.41 -28.99
CA GLU B 580 8.67 84.52 -27.89
C GLU B 580 9.33 85.07 -26.63
N MET B 581 8.51 85.50 -25.66
CA MET B 581 8.98 86.00 -24.38
C MET B 581 9.30 84.76 -23.51
N LEU B 582 10.58 84.64 -23.13
CA LEU B 582 11.10 83.54 -22.30
C LEU B 582 11.21 84.02 -20.83
N GLY B 583 11.35 85.36 -20.66
CA GLY B 583 11.43 86.07 -19.38
C GLY B 583 12.69 85.82 -18.56
N GLY B 584 12.65 86.30 -17.31
CA GLY B 584 13.75 86.20 -16.36
C GLY B 584 14.87 87.17 -16.66
N GLU B 585 16.05 86.92 -16.09
CA GLU B 585 17.24 87.76 -16.31
C GLU B 585 18.34 87.01 -17.06
N ILE B 586 18.29 85.65 -17.04
CA ILE B 586 19.26 84.78 -17.71
C ILE B 586 19.25 84.92 -19.24
N ILE B 587 20.40 85.37 -19.77
CA ILE B 587 20.68 85.70 -21.18
C ILE B 587 20.82 84.50 -22.18
N PRO B 588 20.21 84.54 -23.41
CA PRO B 588 20.44 83.45 -24.39
C PRO B 588 21.87 83.47 -24.96
N ARG B 589 22.36 82.31 -25.44
CA ARG B 589 23.73 82.20 -25.95
C ARG B 589 23.92 81.71 -27.40
N SER B 590 23.14 80.69 -27.84
CA SER B 590 23.21 80.16 -29.22
C SER B 590 21.88 79.62 -29.80
N ILE B 591 21.49 80.20 -30.96
CA ILE B 591 20.26 79.89 -31.73
C ILE B 591 20.56 79.30 -33.13
N LEU B 592 19.73 78.33 -33.58
CA LEU B 592 19.90 77.60 -34.86
C LEU B 592 18.57 77.00 -35.42
N MET B 593 18.03 77.61 -36.55
CA MET B 593 16.82 77.05 -37.21
C MET B 593 17.22 75.89 -38.18
N THR B 594 16.82 74.62 -37.82
CA THR B 594 17.18 73.36 -38.50
C THR B 594 16.02 72.37 -38.85
N THR B 595 16.22 71.57 -39.92
CA THR B 595 15.25 70.58 -40.45
C THR B 595 15.65 69.14 -40.09
N PHE B 596 14.70 68.42 -39.46
CA PHE B 596 14.75 67.01 -39.06
C PHE B 596 13.55 66.28 -39.69
N GLU B 597 13.74 64.97 -40.05
CA GLU B 597 12.76 64.10 -40.74
C GLU B 597 12.50 64.72 -42.13
N SER B 598 11.75 65.84 -42.14
CA SER B 598 11.41 66.69 -43.27
C SER B 598 10.85 68.02 -42.73
N SER B 599 10.44 68.03 -41.44
CA SER B 599 9.87 69.17 -40.73
C SER B 599 10.92 70.15 -40.17
N HIS B 600 10.57 71.45 -40.16
CA HIS B 600 11.44 72.55 -39.69
C HIS B 600 11.22 72.87 -38.21
N TYR B 601 12.32 73.21 -37.50
CA TYR B 601 12.32 73.57 -36.07
C TYR B 601 13.32 74.71 -35.82
N LEU B 602 13.23 75.35 -34.64
CA LEU B 602 14.15 76.39 -34.17
C LEU B 602 14.71 75.98 -32.79
N LEU B 603 16.02 76.24 -32.56
CA LEU B 603 16.75 75.94 -31.32
C LEU B 603 17.17 77.22 -30.57
N CYS B 604 17.18 77.17 -29.22
CA CYS B 604 17.61 78.30 -28.38
C CYS B 604 18.26 77.83 -27.08
N ALA B 605 19.49 78.30 -26.81
CA ALA B 605 20.26 77.97 -25.60
C ALA B 605 20.40 79.17 -24.67
N LEU B 606 20.34 78.93 -23.34
CA LEU B 606 20.41 79.97 -22.32
C LEU B 606 21.67 79.84 -21.44
N GLY B 607 22.02 80.95 -20.76
CA GLY B 607 23.17 81.08 -19.86
C GLY B 607 23.16 80.21 -18.61
N ASP B 608 22.02 79.56 -18.33
CA ASP B 608 21.80 78.64 -17.20
C ASP B 608 21.80 77.16 -17.66
N GLY B 609 22.00 76.95 -18.97
CA GLY B 609 22.03 75.63 -19.59
C GLY B 609 20.64 75.03 -19.78
N ALA B 610 19.70 75.87 -20.23
CA ALA B 610 18.30 75.50 -20.49
C ALA B 610 17.91 75.82 -21.95
N LEU B 611 17.49 74.78 -22.70
CA LEU B 611 17.12 74.89 -24.11
C LEU B 611 15.61 75.05 -24.35
N PHE B 612 15.27 75.73 -25.46
CA PHE B 612 13.90 75.94 -25.97
C PHE B 612 13.84 75.56 -27.45
N TYR B 613 12.92 74.65 -27.80
CA TYR B 613 12.68 74.19 -29.17
C TYR B 613 11.22 74.40 -29.59
N PHE B 614 11.04 74.94 -30.81
CA PHE B 614 9.73 75.27 -31.35
C PHE B 614 9.60 74.69 -32.76
N GLY B 615 8.45 74.92 -33.40
CA GLY B 615 8.19 74.46 -34.75
C GLY B 615 8.31 75.61 -35.72
N LEU B 616 9.41 75.62 -36.51
CA LEU B 616 9.67 76.67 -37.49
C LEU B 616 8.70 76.52 -38.67
N ASN B 617 7.86 77.54 -38.86
CA ASN B 617 6.85 77.54 -39.91
C ASN B 617 7.46 77.80 -41.30
N ILE B 618 7.31 76.79 -42.18
CA ILE B 618 7.78 76.66 -43.58
C ILE B 618 8.00 77.97 -44.38
N GLU B 619 6.92 78.75 -44.57
CA GLU B 619 6.91 80.05 -45.27
C GLU B 619 6.32 81.11 -44.34
N THR B 620 5.54 80.67 -43.33
CA THR B 620 4.84 81.50 -42.34
C THR B 620 5.78 82.34 -41.44
N GLY B 621 6.46 81.70 -40.49
CA GLY B 621 7.37 82.34 -39.55
C GLY B 621 6.81 82.45 -38.14
N LEU B 622 6.18 81.36 -37.67
CA LEU B 622 5.58 81.24 -36.33
C LEU B 622 6.34 80.22 -35.46
N LEU B 623 6.19 80.31 -34.13
CA LEU B 623 6.80 79.38 -33.16
C LEU B 623 5.74 78.59 -32.39
N SER B 624 5.38 77.41 -32.93
CA SER B 624 4.39 76.49 -32.38
C SER B 624 5.05 75.45 -31.47
N ASP B 625 4.37 75.13 -30.35
CA ASP B 625 4.80 74.17 -29.31
C ASP B 625 6.11 74.53 -28.59
N ARG B 626 6.02 75.52 -27.67
CA ARG B 626 7.13 75.97 -26.82
C ARG B 626 7.42 74.86 -25.80
N LYS B 627 8.59 74.21 -25.96
CA LYS B 627 9.04 73.13 -25.08
C LYS B 627 10.33 73.60 -24.37
N LYS B 628 10.66 72.96 -23.23
CA LYS B 628 11.86 73.28 -22.44
C LYS B 628 12.62 72.02 -22.03
N VAL B 629 13.91 71.97 -22.39
CA VAL B 629 14.80 70.87 -22.03
C VAL B 629 15.98 71.45 -21.25
N THR B 630 16.05 71.11 -19.95
CA THR B 630 17.14 71.58 -19.08
C THR B 630 18.33 70.62 -19.24
N LEU B 631 19.45 71.15 -19.79
CA LEU B 631 20.69 70.42 -20.06
C LEU B 631 21.82 70.79 -19.09
N GLY B 632 22.83 71.52 -19.58
CA GLY B 632 23.97 71.94 -18.77
C GLY B 632 23.67 72.96 -17.68
N THR B 633 24.74 73.50 -17.08
CA THR B 633 24.72 74.52 -16.02
C THR B 633 25.34 75.79 -16.63
N GLN B 634 26.28 75.57 -17.57
CA GLN B 634 27.02 76.53 -18.37
C GLN B 634 26.21 76.82 -19.65
N PRO B 635 26.32 78.03 -20.24
CA PRO B 635 25.63 78.30 -21.51
C PRO B 635 26.02 77.33 -22.66
N THR B 636 25.05 77.03 -23.55
CA THR B 636 25.18 76.08 -24.67
C THR B 636 25.43 76.72 -26.07
N VAL B 637 26.32 76.07 -26.88
CA VAL B 637 26.70 76.48 -28.25
C VAL B 637 26.12 75.42 -29.22
N LEU B 638 25.32 75.83 -30.25
CA LEU B 638 24.69 74.87 -31.17
C LEU B 638 25.21 74.81 -32.62
N ARG B 639 25.51 73.57 -33.12
CA ARG B 639 26.08 73.35 -34.46
C ARG B 639 25.48 72.14 -35.19
N THR B 640 25.23 72.29 -36.52
CA THR B 640 24.71 71.26 -37.42
C THR B 640 25.85 70.41 -38.02
N PHE B 641 25.54 69.14 -38.34
CA PHE B 641 26.50 68.16 -38.90
C PHE B 641 25.80 67.00 -39.61
N ARG B 642 26.43 66.47 -40.69
CA ARG B 642 25.89 65.35 -41.46
C ARG B 642 26.50 63.99 -41.08
N SER B 643 25.63 63.03 -40.69
CA SER B 643 26.00 61.67 -40.31
C SER B 643 25.06 60.68 -41.02
N LEU B 644 25.57 60.01 -42.10
CA LEU B 644 24.85 59.05 -42.95
C LEU B 644 23.57 59.67 -43.49
N SER B 645 23.74 60.72 -44.34
CA SER B 645 22.67 61.51 -44.96
C SER B 645 21.52 61.91 -44.01
N THR B 646 21.90 62.51 -42.85
CA THR B 646 21.01 63.00 -41.78
C THR B 646 21.64 64.28 -41.14
N THR B 647 20.91 65.43 -41.16
CA THR B 647 21.37 66.72 -40.57
C THR B 647 20.97 66.85 -39.10
N ASN B 648 21.89 66.47 -38.18
CA ASN B 648 21.68 66.52 -36.74
C ASN B 648 22.37 67.74 -36.11
N VAL B 649 22.04 68.04 -34.85
CA VAL B 649 22.61 69.17 -34.12
C VAL B 649 23.43 68.69 -32.93
N PHE B 650 24.50 69.41 -32.64
CA PHE B 650 25.41 69.13 -31.56
C PHE B 650 25.37 70.32 -30.62
N ALA B 651 24.87 70.10 -29.40
CA ALA B 651 24.75 71.13 -28.37
C ALA B 651 25.96 71.06 -27.40
N CYS B 652 26.83 72.10 -27.48
CA CYS B 652 28.08 72.26 -26.72
C CYS B 652 27.88 72.87 -25.32
N SER B 653 27.99 72.04 -24.27
CA SER B 653 27.84 72.42 -22.86
C SER B 653 28.72 71.50 -21.98
N ASP B 654 28.65 71.66 -20.62
CA ASP B 654 29.33 70.78 -19.64
C ASP B 654 28.65 69.40 -19.68
N ARG B 655 27.42 69.40 -20.24
CA ARG B 655 26.55 68.28 -20.54
C ARG B 655 26.39 68.29 -22.08
N PRO B 656 27.31 67.60 -22.83
CA PRO B 656 27.19 67.59 -24.30
C PRO B 656 26.04 66.71 -24.79
N THR B 657 25.24 67.22 -25.73
CA THR B 657 24.04 66.53 -26.24
C THR B 657 23.98 66.55 -27.78
N VAL B 658 23.50 65.45 -28.40
CA VAL B 658 23.27 65.41 -29.84
C VAL B 658 21.75 65.46 -30.02
N ILE B 659 21.28 66.50 -30.71
CA ILE B 659 19.86 66.68 -30.99
C ILE B 659 19.51 66.12 -32.39
N TYR B 660 18.44 65.30 -32.48
CA TYR B 660 17.95 64.63 -33.69
C TYR B 660 16.47 64.20 -33.54
N SER B 661 15.82 63.85 -34.66
CA SER B 661 14.42 63.45 -34.61
C SER B 661 14.24 61.96 -34.88
N SER B 662 13.24 61.39 -34.24
CA SER B 662 12.81 60.00 -34.36
C SER B 662 11.31 60.02 -34.15
N ASN B 663 10.55 59.50 -35.15
CA ASN B 663 9.08 59.47 -35.15
C ASN B 663 8.51 60.91 -34.97
N HIS B 664 9.18 61.89 -35.63
CA HIS B 664 8.82 63.31 -35.65
C HIS B 664 8.79 64.02 -34.27
N LYS B 665 9.40 63.36 -33.26
CA LYS B 665 9.57 63.78 -31.87
C LYS B 665 11.07 64.10 -31.65
N LEU B 666 11.39 65.29 -31.08
CA LEU B 666 12.78 65.68 -30.84
C LEU B 666 13.46 64.90 -29.70
N VAL B 667 14.61 64.29 -30.03
CA VAL B 667 15.45 63.45 -29.16
C VAL B 667 16.69 64.21 -28.68
N PHE B 668 17.09 63.96 -27.43
CA PHE B 668 18.23 64.60 -26.80
C PHE B 668 19.20 63.57 -26.27
N SER B 669 19.62 62.64 -27.13
CA SER B 669 20.58 61.61 -26.78
C SER B 669 21.96 62.24 -26.51
N ASN B 670 22.55 61.92 -25.35
CA ASN B 670 23.84 62.47 -24.90
C ASN B 670 25.09 61.90 -25.57
N VAL B 671 26.20 62.66 -25.45
CA VAL B 671 27.54 62.41 -26.00
C VAL B 671 28.45 61.89 -24.88
N ASN B 672 29.25 60.83 -25.18
CA ASN B 672 30.17 60.25 -24.21
C ASN B 672 31.53 60.99 -24.21
N LEU B 673 31.46 62.27 -23.78
CA LEU B 673 32.56 63.24 -23.65
C LEU B 673 32.37 64.09 -22.39
N LYS B 674 33.49 64.67 -21.87
CA LYS B 674 33.50 65.50 -20.65
C LYS B 674 32.73 66.81 -20.81
N GLU B 675 33.26 67.72 -21.65
CA GLU B 675 32.67 69.02 -21.98
C GLU B 675 33.27 69.51 -23.31
N VAL B 676 32.38 69.88 -24.25
CA VAL B 676 32.75 70.42 -25.56
C VAL B 676 32.34 71.89 -25.55
N ASN B 677 33.28 72.80 -25.78
CA ASN B 677 32.95 74.23 -25.83
C ASN B 677 32.55 74.60 -27.26
N TYR B 678 33.27 74.03 -28.27
CA TYR B 678 33.05 74.28 -29.69
C TYR B 678 33.24 73.02 -30.54
N MET B 679 32.32 72.83 -31.50
CA MET B 679 32.30 71.71 -32.44
C MET B 679 32.38 72.23 -33.89
N CYS B 680 32.78 71.35 -34.82
CA CYS B 680 32.92 71.63 -36.25
C CYS B 680 32.80 70.30 -37.03
N PRO B 681 32.03 70.22 -38.14
CA PRO B 681 32.02 68.98 -38.95
C PRO B 681 33.14 69.03 -40.02
N LEU B 682 34.07 68.04 -39.95
CA LEU B 682 35.27 67.93 -40.80
C LEU B 682 35.32 66.64 -41.69
N ASN B 683 35.21 66.81 -43.04
CA ASN B 683 35.33 65.72 -44.03
C ASN B 683 36.56 65.96 -44.95
N SER B 684 37.74 65.55 -44.44
CA SER B 684 39.07 65.65 -45.06
C SER B 684 39.36 64.41 -45.93
N ASP B 685 40.59 64.31 -46.43
CA ASP B 685 41.05 63.16 -47.20
C ASP B 685 41.44 62.06 -46.17
N GLY B 686 42.35 62.41 -45.26
CA GLY B 686 42.82 61.53 -44.19
C GLY B 686 41.79 61.34 -43.09
N TYR B 687 41.00 62.41 -42.80
CA TYR B 687 39.95 62.42 -41.76
C TYR B 687 38.57 62.61 -42.43
N PRO B 688 38.01 61.60 -43.14
CA PRO B 688 36.73 61.81 -43.84
C PRO B 688 35.51 61.48 -42.99
N ASP B 689 34.47 62.32 -43.16
CA ASP B 689 33.17 62.23 -42.47
C ASP B 689 33.34 62.07 -40.95
N SER B 690 34.31 62.85 -40.43
CA SER B 690 34.68 62.96 -39.03
C SER B 690 34.17 64.34 -38.57
N LEU B 691 34.61 64.78 -37.39
CA LEU B 691 34.26 66.09 -36.83
C LEU B 691 35.29 66.61 -35.83
N ALA B 692 35.62 67.91 -35.95
CA ALA B 692 36.53 68.62 -35.07
C ALA B 692 35.76 69.05 -33.82
N LEU B 693 36.37 68.87 -32.65
CA LEU B 693 35.80 69.19 -31.34
C LEU B 693 36.88 69.81 -30.46
N ALA B 694 36.57 70.96 -29.86
CA ALA B 694 37.49 71.67 -28.97
C ALA B 694 36.77 72.13 -27.72
N ASN B 695 37.54 72.44 -26.67
CA ASN B 695 36.99 72.88 -25.40
C ASN B 695 37.83 74.03 -24.77
N ASN B 696 38.18 73.90 -23.47
CA ASN B 696 39.00 74.86 -22.74
C ASN B 696 40.47 74.63 -23.14
N SER B 697 40.80 73.37 -23.51
CA SER B 697 42.10 72.89 -23.98
C SER B 697 41.96 71.58 -24.78
N THR B 698 42.85 71.36 -25.76
CA THR B 698 42.88 70.18 -26.64
C THR B 698 41.74 70.11 -27.67
N LEU B 699 42.15 70.18 -28.95
CA LEU B 699 41.30 70.07 -30.14
C LEU B 699 41.40 68.63 -30.61
N THR B 700 40.25 67.99 -30.87
CA THR B 700 40.22 66.60 -31.32
C THR B 700 39.43 66.45 -32.61
N ILE B 701 39.86 65.54 -33.51
CA ILE B 701 39.14 65.27 -34.77
C ILE B 701 38.81 63.78 -34.85
N GLY B 702 37.55 63.48 -35.09
CA GLY B 702 37.11 62.09 -35.19
C GLY B 702 35.67 61.89 -35.60
N THR B 703 35.32 60.62 -35.86
CA THR B 703 34.01 60.12 -36.29
C THR B 703 33.07 59.81 -35.11
N ILE B 704 31.80 60.19 -35.26
CA ILE B 704 30.74 59.97 -34.26
C ILE B 704 30.08 58.59 -34.49
N ASP B 705 29.54 57.97 -33.41
CA ASP B 705 28.84 56.68 -33.47
C ASP B 705 27.45 56.83 -34.13
N GLU B 706 26.70 55.69 -34.32
CA GLU B 706 25.36 55.69 -34.91
C GLU B 706 24.43 56.38 -33.91
N ILE B 707 23.91 57.58 -34.28
CA ILE B 707 23.05 58.44 -33.43
C ILE B 707 21.76 57.76 -32.86
N GLN B 708 21.90 57.17 -31.63
CA GLN B 708 20.82 56.46 -30.89
C GLN B 708 20.97 56.67 -29.36
N LYS B 709 19.84 56.72 -28.60
CA LYS B 709 19.80 56.90 -27.12
C LYS B 709 20.75 55.98 -26.34
N LEU B 710 20.89 54.74 -26.82
CA LEU B 710 21.78 53.70 -26.32
C LEU B 710 22.55 53.14 -27.52
N HIS B 711 23.83 52.76 -27.32
CA HIS B 711 24.61 52.17 -28.40
C HIS B 711 24.73 50.66 -28.22
N ILE B 712 24.40 49.90 -29.28
CA ILE B 712 24.45 48.44 -29.25
C ILE B 712 25.54 47.86 -30.13
N ARG B 713 26.47 47.14 -29.50
CA ARG B 713 27.57 46.43 -30.16
C ARG B 713 27.16 44.95 -30.29
N THR B 714 27.06 44.44 -31.53
CA THR B 714 26.67 43.06 -31.79
C THR B 714 27.88 42.15 -31.95
N VAL B 715 27.81 40.94 -31.39
CA VAL B 715 28.88 39.94 -31.46
C VAL B 715 28.23 38.60 -31.91
N PRO B 716 28.12 38.36 -33.24
CA PRO B 716 27.48 37.11 -33.72
C PRO B 716 28.14 35.81 -33.26
N LEU B 717 27.30 34.84 -32.80
CA LEU B 717 27.75 33.55 -32.29
C LEU B 717 27.37 32.36 -33.16
N TYR B 718 26.40 32.54 -34.07
CA TYR B 718 25.95 31.52 -35.02
C TYR B 718 25.33 30.29 -34.36
N GLU B 719 25.03 30.43 -33.05
CA GLU B 719 24.41 29.44 -32.15
C GLU B 719 23.57 30.11 -31.04
N SER B 720 22.93 29.33 -30.14
CA SER B 720 22.08 29.90 -29.09
C SER B 720 22.84 30.30 -27.81
N PRO B 721 22.87 31.60 -27.44
CA PRO B 721 23.46 31.99 -26.14
C PRO B 721 22.48 31.65 -24.99
N ARG B 722 22.96 31.33 -23.76
CA ARG B 722 22.03 30.96 -22.67
C ARG B 722 22.21 31.71 -21.33
N LYS B 723 23.47 31.75 -20.82
CA LYS B 723 23.76 32.43 -19.54
C LYS B 723 24.98 33.35 -19.57
N ILE B 724 24.92 34.53 -18.91
CA ILE B 724 25.93 35.59 -19.07
C ILE B 724 26.45 36.53 -17.93
N CYS B 725 27.51 36.15 -17.18
CA CYS B 725 28.19 36.99 -16.11
C CYS B 725 29.73 37.23 -16.23
N TYR B 726 30.41 37.87 -15.24
CA TYR B 726 31.73 38.43 -15.52
C TYR B 726 32.79 38.20 -14.43
N GLN B 727 33.94 37.66 -14.84
CA GLN B 727 35.08 37.39 -13.97
C GLN B 727 35.98 38.60 -14.17
N GLU B 728 35.80 39.64 -13.33
CA GLU B 728 36.53 40.90 -13.42
C GLU B 728 38.03 40.67 -13.42
N VAL B 729 38.48 39.80 -12.51
CA VAL B 729 39.85 39.37 -12.32
C VAL B 729 40.44 38.76 -13.61
N SER B 730 39.65 37.94 -14.32
CA SER B 730 40.04 37.28 -15.56
C SER B 730 39.79 38.13 -16.81
N GLN B 731 39.24 39.35 -16.63
CA GLN B 731 38.96 40.31 -17.70
C GLN B 731 38.27 39.64 -18.90
N CYS B 732 37.20 38.86 -18.60
CA CYS B 732 36.48 38.08 -19.59
C CYS B 732 35.04 37.80 -19.18
N PHE B 733 34.27 37.21 -20.12
CA PHE B 733 32.90 36.80 -19.93
C PHE B 733 32.74 35.29 -20.13
N GLY B 734 31.87 34.68 -19.31
CA GLY B 734 31.51 33.27 -19.35
C GLY B 734 30.10 33.11 -19.88
N VAL B 735 30.00 32.53 -21.09
CA VAL B 735 28.72 32.38 -21.80
C VAL B 735 28.32 30.92 -22.01
N LEU B 736 27.03 30.60 -21.83
CA LEU B 736 26.53 29.26 -22.10
C LEU B 736 25.96 29.22 -23.52
N SER B 737 26.18 28.11 -24.26
CA SER B 737 25.74 27.97 -25.66
C SER B 737 25.01 26.67 -25.96
N SER B 738 24.48 26.56 -27.20
CA SER B 738 23.75 25.39 -27.70
C SER B 738 23.70 25.36 -29.23
N ARG B 739 24.36 24.36 -29.83
CA ARG B 739 24.36 24.21 -31.28
C ARG B 739 23.68 22.92 -31.69
N ILE B 740 23.02 22.93 -32.86
CA ILE B 740 22.31 21.76 -33.36
C ILE B 740 23.08 20.96 -34.41
N GLU B 741 23.21 19.65 -34.15
CA GLU B 741 23.85 18.68 -35.04
C GLU B 741 22.82 17.60 -35.35
N VAL B 742 22.82 17.08 -36.59
CA VAL B 742 21.87 16.04 -37.01
C VAL B 742 22.56 14.69 -37.12
N GLN B 743 21.91 13.62 -36.62
CA GLN B 743 22.43 12.25 -36.65
C GLN B 743 22.69 11.76 -38.08
N ASP B 744 23.99 11.60 -38.43
CA ASP B 744 24.49 11.14 -39.75
C ASP B 744 24.86 9.66 -39.69
N THR B 745 24.50 8.87 -40.74
CA THR B 745 24.80 7.43 -40.85
C THR B 745 26.24 7.16 -40.38
N SER B 746 27.21 7.93 -40.94
CA SER B 746 28.64 7.87 -40.59
C SER B 746 28.88 8.52 -39.21
N GLY B 747 29.13 7.66 -38.23
CA GLY B 747 29.34 8.05 -36.85
C GLY B 747 28.03 8.45 -36.19
N GLY B 748 28.13 9.35 -35.20
CA GLY B 748 26.98 9.84 -34.46
C GLY B 748 26.25 10.97 -35.17
N THR B 749 26.76 12.21 -35.02
CA THR B 749 26.16 13.42 -35.61
C THR B 749 27.12 14.20 -36.49
N THR B 750 26.55 14.98 -37.41
CA THR B 750 27.24 15.89 -38.33
C THR B 750 26.63 17.29 -38.14
N ALA B 751 27.48 18.30 -37.81
CA ALA B 751 27.07 19.69 -37.60
C ALA B 751 26.48 20.31 -38.85
N LEU B 752 25.71 21.39 -38.67
CA LEU B 752 25.03 22.04 -39.79
C LEU B 752 25.82 23.14 -40.49
N ARG B 753 26.42 24.05 -39.71
CA ARG B 753 27.21 25.19 -40.18
C ARG B 753 28.30 25.51 -39.12
N PRO B 754 29.33 26.35 -39.39
CA PRO B 754 30.30 26.66 -38.34
C PRO B 754 29.78 27.74 -37.39
N SER B 755 29.87 27.46 -36.06
CA SER B 755 29.41 28.28 -34.93
C SER B 755 30.58 28.68 -34.03
N ALA B 756 30.35 29.66 -33.12
CA ALA B 756 31.32 30.16 -32.14
C ALA B 756 31.97 29.05 -31.31
N SER B 757 31.23 27.95 -31.07
CA SER B 757 31.74 26.79 -30.33
C SER B 757 32.78 26.01 -31.13
N THR B 758 32.68 26.00 -32.49
CA THR B 758 33.66 25.31 -33.32
C THR B 758 34.83 26.23 -33.68
N GLN B 759 34.52 27.52 -33.98
CA GLN B 759 35.44 28.58 -34.36
C GLN B 759 36.10 29.31 -33.15
N ALA B 760 36.66 28.50 -32.23
CA ALA B 760 37.35 28.99 -31.04
C ALA B 760 38.86 28.83 -31.23
N LEU B 761 39.67 29.63 -30.50
CA LEU B 761 41.13 29.56 -30.54
C LEU B 761 41.59 28.31 -29.78
N SER B 762 41.06 28.12 -28.54
CA SER B 762 41.34 26.98 -27.66
C SER B 762 40.05 26.17 -27.49
N SER B 763 40.08 24.88 -27.88
CA SER B 763 38.91 24.01 -27.80
C SER B 763 39.05 22.98 -26.67
N SER B 764 37.91 22.61 -26.04
CA SER B 764 37.85 21.62 -24.96
C SER B 764 36.59 20.76 -25.08
N VAL B 765 36.61 19.54 -24.49
CA VAL B 765 35.50 18.57 -24.43
C VAL B 765 35.45 17.95 -23.00
N SER B 766 34.23 17.78 -22.44
CA SER B 766 34.05 17.20 -21.11
C SER B 766 34.34 15.70 -21.09
N SER B 767 35.46 15.35 -20.45
CA SER B 767 35.99 14.00 -20.33
C SER B 767 35.31 13.18 -19.22
N SER B 768 34.42 13.84 -18.43
CA SER B 768 33.69 13.24 -17.31
C SER B 768 32.92 11.98 -17.63
N LYS B 769 32.71 11.14 -16.62
CA LYS B 769 32.03 9.88 -16.80
C LYS B 769 30.69 9.86 -16.06
N LEU B 770 30.74 9.88 -14.70
CA LEU B 770 29.62 9.86 -13.75
C LEU B 770 28.47 8.91 -14.12
N PHE B 771 27.59 9.38 -15.04
CA PHE B 771 26.43 8.68 -15.58
C PHE B 771 26.97 7.56 -16.48
N SER B 772 26.87 6.27 -16.01
CA SER B 772 27.38 5.04 -16.65
C SER B 772 27.94 5.17 -18.10
N SER B 773 27.10 5.49 -19.15
CA SER B 773 25.62 5.58 -19.21
C SER B 773 25.06 4.38 -20.01
N SER B 774 23.71 4.32 -20.22
CA SER B 774 23.00 3.21 -20.89
C SER B 774 23.30 1.80 -20.26
N THR B 775 22.71 1.43 -19.08
CA THR B 775 21.70 2.11 -18.25
C THR B 775 22.08 3.53 -17.75
N ALA B 776 21.29 4.56 -18.15
CA ALA B 776 20.07 4.39 -18.93
C ALA B 776 20.12 4.91 -20.39
N PRO B 777 19.62 4.11 -21.38
CA PRO B 777 19.56 4.62 -22.77
C PRO B 777 18.50 5.76 -22.93
N HIS B 778 18.51 6.63 -23.96
CA HIS B 778 19.30 6.73 -25.19
C HIS B 778 18.91 5.75 -26.29
N GLU B 779 17.82 6.09 -27.01
CA GLU B 779 17.32 5.32 -28.15
C GLU B 779 18.27 5.64 -29.30
N THR B 780 18.20 6.89 -29.83
CA THR B 780 19.02 7.47 -30.92
C THR B 780 18.97 6.66 -32.24
N SER B 781 18.45 7.22 -33.35
CA SER B 781 17.88 8.57 -33.52
C SER B 781 16.78 8.61 -34.61
N PHE B 782 17.04 8.45 -35.95
CA PHE B 782 18.32 8.22 -36.66
C PHE B 782 18.71 9.37 -37.62
N GLY B 783 17.74 10.23 -37.91
CA GLY B 783 17.88 11.43 -38.74
C GLY B 783 17.35 12.64 -38.00
N GLU B 784 17.24 12.53 -36.64
CA GLU B 784 16.75 13.55 -35.71
C GLU B 784 17.83 14.51 -35.22
N GLU B 785 17.45 15.79 -35.02
CA GLU B 785 18.32 16.87 -34.56
C GLU B 785 18.61 16.72 -33.06
N VAL B 786 19.90 16.95 -32.66
CA VAL B 786 20.34 16.90 -31.24
C VAL B 786 20.99 18.22 -30.88
N GLU B 787 20.89 18.62 -29.61
CA GLU B 787 21.49 19.85 -29.08
C GLU B 787 22.89 19.56 -28.54
N VAL B 788 23.78 20.55 -28.65
CA VAL B 788 25.15 20.44 -28.18
C VAL B 788 25.49 21.64 -27.34
N HIS B 789 25.57 21.43 -26.02
CA HIS B 789 25.84 22.49 -25.06
C HIS B 789 27.30 22.72 -24.80
N ASN B 790 27.69 24.00 -24.82
CA ASN B 790 29.07 24.44 -24.62
C ASN B 790 29.16 25.66 -23.74
N LEU B 791 30.26 25.79 -22.98
CA LEU B 791 30.56 26.99 -22.21
C LEU B 791 31.59 27.75 -23.04
N LEU B 792 31.42 29.07 -23.14
CA LEU B 792 32.32 29.90 -23.92
C LEU B 792 33.00 30.98 -23.09
N ILE B 793 34.30 31.23 -23.38
CA ILE B 793 35.11 32.26 -22.74
C ILE B 793 35.31 33.36 -23.76
N ILE B 794 34.71 34.51 -23.48
CA ILE B 794 34.69 35.67 -24.36
C ILE B 794 35.58 36.78 -23.80
N ASP B 795 36.46 37.39 -24.65
CA ASP B 795 37.37 38.46 -24.25
C ASP B 795 36.64 39.78 -24.00
N GLN B 796 36.92 40.42 -22.87
CA GLN B 796 36.36 41.71 -22.44
C GLN B 796 36.35 42.85 -23.49
N HIS B 797 37.23 42.79 -24.53
CA HIS B 797 37.39 43.85 -25.55
C HIS B 797 37.38 43.37 -27.01
N THR B 798 38.08 42.27 -27.33
CA THR B 798 38.11 41.73 -28.70
C THR B 798 36.84 40.93 -28.94
N PHE B 799 36.31 40.31 -27.86
CA PHE B 799 35.13 39.44 -27.87
C PHE B 799 35.32 38.19 -28.70
N GLU B 800 36.58 37.83 -28.96
CA GLU B 800 36.85 36.61 -29.71
C GLU B 800 36.68 35.41 -28.77
N VAL B 801 36.43 34.24 -29.34
CA VAL B 801 36.24 33.02 -28.56
C VAL B 801 37.61 32.48 -28.10
N LEU B 802 38.07 32.95 -26.92
CA LEU B 802 39.33 32.57 -26.31
C LEU B 802 39.35 31.09 -26.02
N HIS B 803 38.19 30.55 -25.58
CA HIS B 803 38.03 29.13 -25.25
C HIS B 803 36.58 28.68 -25.35
N ALA B 804 36.38 27.43 -25.79
CA ALA B 804 35.09 26.76 -25.86
C ALA B 804 35.22 25.38 -25.22
N HIS B 805 34.33 25.09 -24.24
CA HIS B 805 34.30 23.81 -23.54
C HIS B 805 32.99 23.12 -23.85
N GLN B 806 33.06 21.98 -24.53
CA GLN B 806 31.89 21.21 -24.91
C GLN B 806 31.49 20.21 -23.80
N PHE B 807 30.20 20.24 -23.42
CA PHE B 807 29.62 19.35 -22.40
C PHE B 807 29.26 17.99 -22.96
N LEU B 808 28.84 17.04 -22.11
CA LEU B 808 28.50 15.68 -22.50
C LEU B 808 27.37 15.52 -23.52
N GLN B 809 27.29 14.32 -24.13
CA GLN B 809 26.26 13.97 -25.11
C GLN B 809 24.94 13.95 -24.35
N ASN B 810 23.92 14.65 -24.89
CA ASN B 810 22.59 14.78 -24.27
C ASN B 810 22.61 15.62 -22.96
N GLU B 811 23.71 16.36 -22.71
CA GLU B 811 23.84 17.24 -21.54
C GLU B 811 23.52 18.69 -21.89
N TYR B 812 22.75 19.34 -21.01
CA TYR B 812 22.35 20.74 -21.12
C TYR B 812 22.98 21.51 -19.99
N ALA B 813 23.51 22.68 -20.28
CA ALA B 813 24.05 23.59 -19.29
C ALA B 813 22.90 24.55 -19.00
N LEU B 814 22.61 24.77 -17.70
CA LEU B 814 21.46 25.62 -17.33
C LEU B 814 21.79 26.87 -16.54
N SER B 815 22.79 26.80 -15.63
CA SER B 815 23.12 27.93 -14.76
C SER B 815 24.59 28.08 -14.41
N LEU B 816 25.17 29.28 -14.65
CA LEU B 816 26.55 29.64 -14.30
C LEU B 816 26.69 30.84 -13.36
N VAL B 817 27.75 30.84 -12.54
CA VAL B 817 28.10 31.90 -11.58
C VAL B 817 29.60 32.08 -11.55
N SER B 818 30.05 33.34 -11.46
CA SER B 818 31.46 33.72 -11.30
C SER B 818 31.52 34.33 -9.92
N CYS B 819 32.45 33.85 -9.07
CA CYS B 819 32.59 34.31 -7.67
C CYS B 819 33.76 33.65 -6.98
N LYS B 820 34.01 34.11 -5.73
CA LYS B 820 35.00 33.58 -4.81
C LYS B 820 34.21 32.82 -3.73
N LEU B 821 34.59 31.58 -3.46
CA LEU B 821 33.87 30.80 -2.46
C LEU B 821 34.71 30.49 -1.24
N GLY B 822 34.02 30.20 -0.12
CA GLY B 822 34.57 29.82 1.18
C GLY B 822 35.80 30.60 1.65
N LYS B 823 36.89 29.86 1.90
CA LYS B 823 38.18 30.42 2.30
C LYS B 823 39.12 30.49 1.09
N ASP B 824 38.57 30.20 -0.12
CA ASP B 824 39.30 30.17 -1.40
C ASP B 824 39.45 31.56 -2.03
N PRO B 825 40.71 31.93 -2.35
CA PRO B 825 40.96 33.23 -2.99
C PRO B 825 40.84 33.20 -4.53
N ASN B 826 40.75 32.00 -5.14
CA ASN B 826 40.60 31.86 -6.59
C ASN B 826 39.17 32.23 -6.99
N THR B 827 39.00 32.91 -8.14
CA THR B 827 37.68 33.26 -8.67
C THR B 827 37.31 32.19 -9.71
N TYR B 828 36.23 31.46 -9.42
CA TYR B 828 35.74 30.33 -10.22
C TYR B 828 34.52 30.60 -11.07
N PHE B 829 34.42 29.89 -12.21
CA PHE B 829 33.31 29.88 -13.15
C PHE B 829 32.55 28.55 -12.88
N ILE B 830 31.44 28.61 -12.10
CA ILE B 830 30.64 27.43 -11.70
C ILE B 830 29.41 27.28 -12.56
N VAL B 831 29.22 26.08 -13.19
CA VAL B 831 28.10 25.73 -14.10
C VAL B 831 27.23 24.59 -13.54
N GLY B 832 25.90 24.71 -13.74
CA GLY B 832 24.89 23.72 -13.35
C GLY B 832 24.25 23.14 -14.60
N THR B 833 24.36 21.81 -14.77
CA THR B 833 23.87 21.09 -15.95
C THR B 833 22.75 20.06 -15.67
N ALA B 834 22.23 19.39 -16.76
CA ALA B 834 21.15 18.40 -16.70
C ALA B 834 21.18 17.37 -17.82
N MET B 835 20.88 16.14 -17.43
CA MET B 835 20.81 15.04 -18.37
C MET B 835 19.44 14.90 -18.99
N VAL B 836 19.31 15.50 -20.18
CA VAL B 836 18.12 15.61 -21.01
C VAL B 836 18.05 14.49 -22.05
N TYR B 837 17.01 13.68 -21.97
CA TYR B 837 16.78 12.62 -22.95
C TYR B 837 15.40 12.89 -23.52
N PRO B 838 15.30 13.02 -24.86
CA PRO B 838 14.00 13.36 -25.49
C PRO B 838 12.84 12.44 -25.13
N GLU B 839 13.11 11.13 -24.95
CA GLU B 839 12.11 10.14 -24.59
C GLU B 839 11.45 10.44 -23.20
N GLU B 840 12.27 10.68 -22.14
CA GLU B 840 11.83 10.99 -20.76
C GLU B 840 11.22 12.40 -20.56
N ALA B 841 10.36 12.59 -19.51
CA ALA B 841 9.60 13.82 -19.24
C ALA B 841 10.16 14.84 -18.21
N GLU B 842 11.12 14.40 -17.39
CA GLU B 842 11.80 15.22 -16.39
C GLU B 842 13.20 14.63 -16.19
N PRO B 843 14.26 15.47 -16.18
CA PRO B 843 15.60 14.90 -15.94
C PRO B 843 15.77 14.51 -14.47
N LYS B 844 16.31 13.32 -14.23
CA LYS B 844 16.51 12.82 -12.88
C LYS B 844 18.00 12.88 -12.49
N GLN B 845 18.81 13.54 -13.35
CA GLN B 845 20.28 13.65 -13.21
C GLN B 845 20.84 14.87 -13.90
N GLY B 846 21.92 15.37 -13.33
CA GLY B 846 22.66 16.53 -13.79
C GLY B 846 23.90 16.72 -12.94
N ARG B 847 24.66 17.80 -13.17
CA ARG B 847 25.88 18.05 -12.41
C ARG B 847 26.28 19.52 -12.29
N ILE B 848 26.94 19.86 -11.16
CA ILE B 848 27.47 21.19 -10.89
C ILE B 848 28.97 21.10 -11.12
N VAL B 849 29.50 21.74 -12.19
CA VAL B 849 30.93 21.73 -12.51
C VAL B 849 31.55 23.08 -12.18
N VAL B 850 32.70 23.06 -11.53
CA VAL B 850 33.44 24.26 -11.16
C VAL B 850 34.62 24.38 -12.14
N PHE B 851 34.86 25.58 -12.68
CA PHE B 851 35.96 25.85 -13.61
C PHE B 851 36.73 27.08 -13.13
N GLN B 852 37.84 27.42 -13.83
CA GLN B 852 38.67 28.60 -13.59
C GLN B 852 39.46 28.90 -14.85
N TYR B 853 39.26 30.10 -15.42
CA TYR B 853 40.01 30.49 -16.61
C TYR B 853 41.36 31.09 -16.18
N SER B 854 42.31 30.21 -15.91
CA SER B 854 43.66 30.59 -15.53
C SER B 854 44.45 30.62 -16.84
N ASP B 855 45.30 31.64 -17.03
CA ASP B 855 46.14 31.86 -18.23
C ASP B 855 45.27 31.96 -19.50
N GLY B 856 45.41 30.99 -20.41
CA GLY B 856 44.66 30.92 -21.66
C GLY B 856 43.77 29.70 -21.82
N LYS B 857 43.59 28.90 -20.74
CA LYS B 857 42.79 27.68 -20.75
C LYS B 857 41.69 27.58 -19.69
N LEU B 858 40.76 26.66 -19.94
CA LEU B 858 39.60 26.38 -19.12
C LEU B 858 39.78 25.02 -18.45
N GLN B 859 40.06 25.07 -17.14
CA GLN B 859 40.30 23.88 -16.35
C GLN B 859 39.10 23.48 -15.48
N THR B 860 38.84 22.15 -15.42
CA THR B 860 37.80 21.50 -14.65
C THR B 860 38.29 21.38 -13.19
N VAL B 861 37.82 22.31 -12.32
CA VAL B 861 38.21 22.39 -10.90
C VAL B 861 37.55 21.29 -10.07
N ALA B 862 36.24 21.41 -9.87
CA ALA B 862 35.45 20.49 -9.08
C ALA B 862 34.15 20.12 -9.78
N GLU B 863 33.58 18.97 -9.41
CA GLU B 863 32.37 18.43 -9.97
C GLU B 863 31.51 17.78 -8.88
N LYS B 864 30.18 18.03 -8.92
CA LYS B 864 29.20 17.44 -8.00
C LYS B 864 27.98 16.95 -8.77
N GLU B 865 27.66 15.66 -8.59
CA GLU B 865 26.52 15.03 -9.24
C GLU B 865 25.25 15.32 -8.46
N VAL B 866 24.22 15.75 -9.18
CA VAL B 866 22.91 16.02 -8.61
C VAL B 866 21.87 15.09 -9.23
N LYS B 867 20.77 14.86 -8.50
CA LYS B 867 19.68 14.00 -8.94
C LYS B 867 18.54 14.89 -9.44
N GLY B 868 18.85 15.69 -10.44
CA GLY B 868 17.93 16.63 -11.07
C GLY B 868 18.68 17.67 -11.86
N ALA B 869 17.96 18.68 -12.37
CA ALA B 869 18.50 19.77 -13.18
C ALA B 869 18.79 21.00 -12.34
N VAL B 870 20.01 21.53 -12.42
CA VAL B 870 20.40 22.72 -11.65
C VAL B 870 19.82 23.98 -12.30
N TYR B 871 18.61 24.35 -11.86
CA TYR B 871 17.88 25.48 -12.41
C TYR B 871 18.44 26.85 -12.08
N SER B 872 19.11 27.00 -10.89
CA SER B 872 19.76 28.26 -10.47
C SER B 872 20.78 28.14 -9.33
N MET B 873 21.75 29.09 -9.30
CA MET B 873 22.84 29.21 -8.32
C MET B 873 23.13 30.65 -7.89
N VAL B 874 23.47 30.83 -6.59
CA VAL B 874 23.74 32.13 -5.96
C VAL B 874 24.99 32.12 -5.10
N GLU B 875 25.63 33.28 -4.98
CA GLU B 875 26.77 33.49 -4.09
C GLU B 875 26.10 33.84 -2.77
N PHE B 876 26.04 32.87 -1.85
CA PHE B 876 25.40 33.05 -0.57
C PHE B 876 26.43 33.09 0.54
N ASN B 877 27.16 34.22 0.62
CA ASN B 877 28.19 34.50 1.63
C ASN B 877 29.18 33.35 1.85
N GLY B 878 30.07 33.15 0.88
CA GLY B 878 31.10 32.11 0.85
C GLY B 878 30.58 30.75 0.41
N LYS B 879 29.25 30.54 0.54
CA LYS B 879 28.57 29.31 0.17
C LYS B 879 27.86 29.45 -1.21
N LEU B 880 27.55 28.31 -1.82
CA LEU B 880 26.85 28.23 -3.09
C LEU B 880 25.43 27.73 -2.88
N LEU B 881 24.45 28.59 -3.14
CA LEU B 881 23.06 28.18 -3.00
C LEU B 881 22.58 27.67 -4.35
N ALA B 882 21.98 26.45 -4.38
CA ALA B 882 21.52 25.83 -5.63
C ALA B 882 20.11 25.21 -5.67
N SER B 883 19.46 25.32 -6.84
CA SER B 883 18.11 24.83 -7.11
C SER B 883 18.15 23.58 -7.99
N ILE B 884 17.84 22.41 -7.40
CA ILE B 884 17.82 21.11 -8.08
C ILE B 884 16.39 20.56 -8.06
N ASN B 885 15.60 20.89 -9.10
CA ASN B 885 14.19 20.49 -9.27
C ASN B 885 13.27 20.97 -8.10
N SER B 886 12.93 20.05 -7.21
CA SER B 886 12.06 20.33 -6.09
C SER B 886 12.88 20.68 -4.82
N THR B 887 14.21 20.94 -4.94
CA THR B 887 15.05 21.23 -3.77
C THR B 887 15.87 22.53 -3.87
N VAL B 888 16.12 23.17 -2.71
CA VAL B 888 16.95 24.36 -2.56
C VAL B 888 18.08 23.98 -1.60
N ARG B 889 19.23 23.60 -2.17
CA ARG B 889 20.43 23.15 -1.44
C ARG B 889 21.40 24.30 -1.21
N LEU B 890 21.97 24.33 -0.01
CA LEU B 890 23.02 25.28 0.33
C LEU B 890 24.28 24.45 0.40
N TYR B 891 25.17 24.66 -0.60
CA TYR B 891 26.43 23.96 -0.73
C TYR B 891 27.55 24.77 -0.10
N GLU B 892 28.32 24.11 0.76
CA GLU B 892 29.44 24.75 1.42
C GLU B 892 30.70 24.38 0.64
N TRP B 893 31.55 25.39 0.33
CA TRP B 893 32.80 25.18 -0.39
C TRP B 893 33.88 24.88 0.63
N THR B 894 34.65 23.82 0.38
CA THR B 894 35.66 23.30 1.30
C THR B 894 37.11 23.69 0.94
N THR B 895 38.05 23.32 1.86
CA THR B 895 39.50 23.50 1.75
C THR B 895 39.97 22.53 0.65
N GLU B 896 39.29 21.37 0.56
CA GLU B 896 39.50 20.26 -0.37
C GLU B 896 39.04 20.62 -1.78
N LYS B 897 38.71 21.91 -2.00
CA LYS B 897 38.22 22.46 -3.27
C LYS B 897 37.08 21.59 -3.81
N GLU B 898 36.01 21.44 -2.98
CA GLU B 898 34.84 20.60 -3.26
C GLU B 898 33.60 21.29 -2.64
N LEU B 899 32.41 20.85 -3.04
CA LEU B 899 31.14 21.31 -2.49
C LEU B 899 30.58 20.27 -1.58
N ARG B 900 30.05 20.69 -0.41
CA ARG B 900 29.45 19.78 0.58
C ARG B 900 28.01 20.20 0.75
N THR B 901 27.07 19.33 1.15
CA THR B 901 25.72 19.86 1.07
C THR B 901 25.41 20.24 2.55
N GLU B 902 25.19 21.54 2.82
CA GLU B 902 24.95 22.02 4.19
C GLU B 902 23.53 21.78 4.69
N CYS B 903 22.53 22.43 4.06
CA CYS B 903 21.12 22.28 4.43
C CYS B 903 20.25 22.37 3.18
N ASN B 904 19.02 21.80 3.24
CA ASN B 904 18.06 21.72 2.14
C ASN B 904 16.70 22.31 2.51
N HIS B 905 15.88 22.61 1.49
CA HIS B 905 14.50 23.08 1.62
C HIS B 905 13.70 22.46 0.47
N TYR B 906 12.48 21.95 0.76
CA TYR B 906 11.69 21.22 -0.24
C TYR B 906 10.29 21.69 -0.64
N ASN B 907 9.67 22.59 0.14
CA ASN B 907 8.29 23.05 -0.02
C ASN B 907 7.92 23.72 -1.34
N ASN B 908 8.62 23.34 -2.43
CA ASN B 908 8.46 23.88 -3.79
C ASN B 908 8.23 22.76 -4.81
N ILE B 909 7.41 22.98 -5.87
CA ILE B 909 7.15 21.98 -6.94
C ILE B 909 8.34 21.83 -7.89
N MET B 910 8.75 22.92 -8.55
CA MET B 910 9.95 22.99 -9.36
C MET B 910 10.58 24.36 -9.20
N ALA B 911 11.50 24.47 -8.23
CA ALA B 911 12.24 25.69 -7.88
C ALA B 911 13.17 26.14 -9.02
N LEU B 912 12.68 27.10 -9.84
CA LEU B 912 13.41 27.59 -11.01
C LEU B 912 14.14 28.91 -10.86
N TYR B 913 13.90 29.66 -9.76
CA TYR B 913 14.51 30.98 -9.60
C TYR B 913 15.03 31.27 -8.17
N LEU B 914 16.24 31.89 -8.06
CA LEU B 914 16.89 32.17 -6.78
C LEU B 914 17.52 33.58 -6.62
N LYS B 915 17.28 34.21 -5.45
CA LYS B 915 17.84 35.52 -5.06
C LYS B 915 18.26 35.58 -3.57
N THR B 916 19.33 36.35 -3.28
CA THR B 916 19.88 36.54 -1.92
C THR B 916 19.83 38.00 -1.46
N LYS B 917 19.92 38.21 -0.12
CA LYS B 917 20.01 39.48 0.60
C LYS B 917 20.48 39.13 2.01
N GLY B 918 21.78 38.89 2.12
CA GLY B 918 22.44 38.57 3.38
C GLY B 918 22.04 37.22 3.93
N ASP B 919 21.03 37.18 4.82
CA ASP B 919 20.56 35.92 5.38
C ASP B 919 19.26 35.41 4.72
N PHE B 920 18.53 36.31 4.06
CA PHE B 920 17.28 36.03 3.36
C PHE B 920 17.49 35.42 1.96
N ILE B 921 16.55 34.54 1.55
CA ILE B 921 16.53 33.88 0.25
C ILE B 921 15.12 33.94 -0.31
N LEU B 922 15.04 34.23 -1.60
CA LEU B 922 13.78 34.28 -2.32
C LEU B 922 13.75 33.18 -3.35
N VAL B 923 12.73 32.30 -3.23
CA VAL B 923 12.50 31.17 -4.13
C VAL B 923 11.25 31.37 -4.97
N GLY B 924 11.44 31.24 -6.28
CA GLY B 924 10.38 31.36 -7.28
C GLY B 924 10.13 30.01 -7.93
N ASP B 925 8.93 29.46 -7.71
CA ASP B 925 8.51 28.14 -8.18
C ASP B 925 7.80 28.16 -9.54
N LEU B 926 7.72 26.96 -10.21
CA LEU B 926 7.06 26.73 -11.52
C LEU B 926 5.64 27.26 -11.55
N MET B 927 4.83 26.89 -10.52
CA MET B 927 3.42 27.24 -10.37
C MET B 927 3.04 27.93 -9.01
N ARG B 928 3.73 27.65 -7.88
CA ARG B 928 3.35 28.18 -6.55
C ARG B 928 3.95 29.54 -6.08
N SER B 929 3.84 30.62 -6.91
CA SER B 929 4.31 31.98 -6.57
C SER B 929 5.74 32.03 -5.96
N VAL B 930 5.93 32.78 -4.87
CA VAL B 930 7.22 32.89 -4.16
C VAL B 930 7.22 32.30 -2.74
N LEU B 931 8.39 32.33 -2.12
CA LEU B 931 8.61 31.79 -0.80
C LEU B 931 9.87 32.44 -0.28
N LEU B 932 9.92 32.74 1.04
CA LEU B 932 11.05 33.38 1.71
C LEU B 932 11.70 32.53 2.78
N LEU B 933 13.00 32.28 2.59
CA LEU B 933 13.81 31.51 3.53
C LEU B 933 14.81 32.45 4.16
N ALA B 934 15.38 32.02 5.29
CA ALA B 934 16.45 32.74 5.97
C ALA B 934 17.29 31.75 6.71
N TYR B 935 18.57 31.78 6.40
CA TYR B 935 19.52 30.89 7.03
C TYR B 935 19.73 31.37 8.44
N LYS B 936 19.36 30.51 9.40
CA LYS B 936 19.53 30.75 10.84
C LYS B 936 20.96 30.25 11.14
N PRO B 937 21.96 31.16 11.26
CA PRO B 937 23.35 30.71 11.39
C PRO B 937 23.70 29.76 12.55
N MET B 938 23.31 30.11 13.79
CA MET B 938 23.48 29.30 15.01
C MET B 938 22.78 27.90 14.89
N GLU B 939 21.59 27.83 14.19
CA GLU B 939 20.76 26.63 13.96
C GLU B 939 21.33 25.78 12.84
N GLY B 940 21.97 26.46 11.87
CA GLY B 940 22.63 25.84 10.71
C GLY B 940 21.70 25.28 9.66
N ASN B 941 20.57 25.97 9.42
CA ASN B 941 19.58 25.55 8.44
C ASN B 941 18.66 26.70 8.07
N PHE B 942 17.75 26.43 7.11
CA PHE B 942 16.77 27.38 6.64
C PHE B 942 15.56 27.41 7.52
N GLU B 943 14.89 28.57 7.57
CA GLU B 943 13.61 28.76 8.28
C GLU B 943 12.74 29.52 7.30
N GLU B 944 11.61 28.91 6.96
CA GLU B 944 10.62 29.48 6.06
C GLU B 944 9.99 30.60 6.87
N ILE B 945 10.07 31.83 6.35
CA ILE B 945 9.54 32.96 7.09
C ILE B 945 8.13 33.24 6.67
N ALA B 946 7.88 33.16 5.38
CA ALA B 946 6.55 33.38 4.82
C ALA B 946 6.49 32.88 3.40
N ARG B 947 5.29 32.49 2.98
CA ARG B 947 5.04 31.92 1.68
C ARG B 947 3.96 32.67 0.97
N ASP B 948 3.89 32.53 -0.35
CA ASP B 948 2.78 33.05 -1.14
C ASP B 948 2.17 31.77 -1.72
N PHE B 949 0.84 31.58 -1.52
CA PHE B 949 0.15 30.35 -1.95
C PHE B 949 -0.46 30.39 -3.33
N ASN B 950 -0.61 31.61 -3.86
CA ASN B 950 -1.18 31.93 -5.15
C ASN B 950 -0.54 31.13 -6.27
N PRO B 951 -1.36 30.64 -7.21
CA PRO B 951 -0.82 29.83 -8.29
C PRO B 951 -0.36 30.73 -9.44
N ASN B 952 0.84 31.28 -9.24
CA ASN B 952 1.50 32.15 -10.18
C ASN B 952 2.68 31.43 -10.73
N TRP B 953 2.67 31.23 -12.07
CA TRP B 953 3.72 30.58 -12.83
C TRP B 953 4.85 31.54 -13.08
N MET B 954 5.97 31.34 -12.37
CA MET B 954 7.09 32.24 -12.43
C MET B 954 7.79 32.42 -13.77
N SER B 955 8.36 33.61 -13.97
CA SER B 955 9.09 34.02 -15.16
C SER B 955 10.49 34.47 -14.69
N ALA B 956 10.53 35.19 -13.53
CA ALA B 956 11.72 35.70 -12.81
C ALA B 956 11.29 36.33 -11.46
N VAL B 957 12.23 36.40 -10.49
CA VAL B 957 12.04 36.95 -9.12
C VAL B 957 13.06 38.05 -8.86
N GLU B 958 12.97 38.75 -7.71
CA GLU B 958 13.92 39.78 -7.25
C GLU B 958 13.61 40.37 -5.88
N ILE B 959 14.66 40.49 -5.05
CA ILE B 959 14.56 41.07 -3.71
C ILE B 959 14.70 42.58 -3.83
N LEU B 960 13.65 43.30 -3.39
CA LEU B 960 13.68 44.77 -3.41
C LEU B 960 14.39 45.30 -2.17
N ASP B 961 14.13 44.67 -1.00
CA ASP B 961 14.72 44.94 0.32
C ASP B 961 14.35 43.79 1.26
N ASP B 962 14.79 43.85 2.53
CA ASP B 962 14.50 42.80 3.51
C ASP B 962 13.01 42.47 3.73
N ASP B 963 12.11 43.40 3.41
CA ASP B 963 10.67 43.20 3.59
C ASP B 963 9.82 43.23 2.32
N ASN B 964 10.38 43.59 1.15
CA ASN B 964 9.61 43.62 -0.11
C ASN B 964 10.31 42.88 -1.24
N PHE B 965 9.57 41.99 -1.93
CA PHE B 965 10.12 41.12 -2.97
C PHE B 965 9.24 41.12 -4.22
N LEU B 966 9.85 41.27 -5.39
CA LEU B 966 9.15 41.36 -6.66
C LEU B 966 9.26 40.10 -7.53
N GLY B 967 8.18 39.76 -8.25
CA GLY B 967 8.16 38.62 -9.17
C GLY B 967 7.50 38.90 -10.51
N ALA B 968 7.90 38.12 -11.56
CA ALA B 968 7.32 38.14 -12.92
C ALA B 968 6.65 36.78 -13.21
N GLU B 969 5.37 36.80 -13.58
CA GLU B 969 4.58 35.61 -13.87
C GLU B 969 4.34 35.43 -15.37
N ASN B 970 4.10 34.17 -15.82
CA ASN B 970 3.90 33.86 -17.23
C ASN B 970 2.69 34.52 -17.91
N ALA B 971 1.77 35.11 -17.14
CA ALA B 971 0.66 35.81 -17.75
C ALA B 971 0.99 37.29 -17.87
N PHE B 972 2.30 37.60 -17.93
CA PHE B 972 2.93 38.91 -18.13
C PHE B 972 2.64 39.95 -17.06
N ASN B 973 2.69 39.51 -15.80
CA ASN B 973 2.44 40.38 -14.67
C ASN B 973 3.65 40.59 -13.78
N LEU B 974 3.61 41.64 -12.99
CA LEU B 974 4.59 41.92 -11.97
C LEU B 974 3.83 41.96 -10.65
N PHE B 975 4.46 41.51 -9.58
CA PHE B 975 3.87 41.58 -8.25
C PHE B 975 4.94 41.74 -7.17
N VAL B 976 4.56 42.38 -6.06
CA VAL B 976 5.46 42.61 -4.94
C VAL B 976 4.85 42.09 -3.63
N CYS B 977 5.59 41.24 -2.92
CA CYS B 977 5.16 40.66 -1.66
C CYS B 977 5.83 41.34 -0.51
N GLN B 978 5.06 41.60 0.56
CA GLN B 978 5.54 42.24 1.79
C GLN B 978 5.61 41.23 2.93
N LYS B 979 6.53 41.45 3.85
CA LYS B 979 6.72 40.59 5.01
C LYS B 979 6.28 41.35 6.28
N ASP B 980 5.16 40.99 6.93
CA ASP B 980 4.90 41.71 8.19
C ASP B 980 5.38 40.98 9.48
N SER B 981 6.69 41.03 9.73
CA SER B 981 7.32 40.40 10.88
C SER B 981 6.68 40.80 12.23
N ALA B 982 5.91 41.90 12.25
CA ALA B 982 5.30 42.49 13.44
C ALA B 982 3.92 41.99 13.87
N ALA B 983 3.07 41.59 12.89
CA ALA B 983 1.68 41.13 13.07
C ALA B 983 1.39 40.24 14.29
N THR B 984 0.20 40.45 14.86
CA THR B 984 -0.32 39.78 16.07
C THR B 984 -0.11 38.26 16.14
N THR B 985 -0.59 37.52 15.10
CA THR B 985 -0.58 36.06 15.01
C THR B 985 0.43 35.47 14.02
N ASP B 986 0.94 34.27 14.34
CA ASP B 986 1.90 33.54 13.49
C ASP B 986 1.35 33.31 12.12
N GLU B 987 0.06 33.02 12.04
CA GLU B 987 -0.64 32.82 10.78
C GLU B 987 -0.43 34.05 9.85
N GLU B 988 -0.44 35.26 10.46
CA GLU B 988 -0.25 36.54 9.80
C GLU B 988 1.23 36.64 9.38
N ARG B 989 2.17 36.52 10.37
CA ARG B 989 3.63 36.59 10.22
C ARG B 989 4.16 35.70 9.06
N GLN B 990 3.62 34.48 8.92
CA GLN B 990 4.04 33.47 7.94
C GLN B 990 3.42 33.64 6.58
N HIS B 991 2.84 34.82 6.34
CA HIS B 991 2.14 35.14 5.13
C HIS B 991 2.71 36.37 4.41
N LEU B 992 3.01 36.19 3.09
CA LEU B 992 3.50 37.19 2.13
C LEU B 992 2.29 37.82 1.45
N GLN B 993 2.00 39.07 1.79
CA GLN B 993 0.87 39.73 1.17
C GLN B 993 1.28 40.32 -0.15
N GLU B 994 0.56 39.97 -1.22
CA GLU B 994 0.78 40.51 -2.57
C GLU B 994 0.31 41.98 -2.46
N VAL B 995 1.27 42.91 -2.13
CA VAL B 995 0.97 44.35 -1.94
C VAL B 995 1.05 45.15 -3.25
N GLY B 996 1.93 44.69 -4.14
CA GLY B 996 2.15 45.27 -5.46
C GLY B 996 1.60 44.34 -6.50
N LEU B 997 0.90 44.90 -7.47
CA LEU B 997 0.31 44.16 -8.61
C LEU B 997 0.45 45.00 -9.86
N PHE B 998 0.76 44.35 -11.00
CA PHE B 998 0.96 45.07 -12.24
C PHE B 998 1.03 44.19 -13.48
N HIS B 999 0.16 44.44 -14.46
CA HIS B 999 0.27 43.71 -15.70
C HIS B 999 1.25 44.48 -16.56
N LEU B 1000 2.43 43.86 -16.77
CA LEU B 1000 3.54 44.42 -17.56
C LEU B 1000 3.37 44.24 -19.09
N GLY B 1001 2.84 43.10 -19.49
CA GLY B 1001 2.62 42.76 -20.89
C GLY B 1001 3.82 42.14 -21.52
N GLU B 1002 4.91 42.02 -20.77
CA GLU B 1002 6.12 41.44 -21.30
C GLU B 1002 6.54 40.23 -20.50
N PHE B 1003 7.23 39.29 -21.18
CA PHE B 1003 7.71 38.06 -20.55
C PHE B 1003 9.15 38.24 -20.04
N VAL B 1004 9.30 38.58 -18.75
CA VAL B 1004 10.55 38.85 -18.05
C VAL B 1004 11.36 37.58 -17.83
N ASN B 1005 12.56 37.53 -18.42
CA ASN B 1005 13.46 36.41 -18.25
C ASN B 1005 14.57 36.70 -17.24
N VAL B 1006 15.14 37.93 -17.26
CA VAL B 1006 16.22 38.35 -16.35
C VAL B 1006 15.89 39.56 -15.54
N PHE B 1007 16.21 39.48 -14.24
CA PHE B 1007 16.04 40.55 -13.26
C PHE B 1007 17.35 40.80 -12.56
N CYS B 1008 18.02 41.93 -12.87
CA CYS B 1008 19.29 42.23 -12.19
C CYS B 1008 19.41 43.66 -11.78
N HIS B 1009 20.02 43.86 -10.60
CA HIS B 1009 20.21 45.17 -9.98
C HIS B 1009 21.15 46.09 -10.78
N GLY B 1010 21.13 47.37 -10.44
CA GLY B 1010 21.98 48.37 -11.06
C GLY B 1010 21.31 49.24 -12.10
N SER B 1011 22.04 50.27 -12.60
CA SER B 1011 21.61 51.23 -13.65
C SER B 1011 22.70 51.50 -14.69
N LEU B 1012 22.26 52.02 -15.87
CA LEU B 1012 23.09 52.41 -17.02
C LEU B 1012 23.57 53.86 -16.89
N VAL B 1013 22.86 54.66 -16.09
CA VAL B 1013 23.17 56.07 -15.81
C VAL B 1013 24.46 56.16 -14.95
N MET B 1014 25.33 57.17 -15.23
CA MET B 1014 26.57 57.34 -14.48
C MET B 1014 26.28 57.86 -13.07
N GLN B 1015 26.14 56.92 -12.12
CA GLN B 1015 25.82 57.21 -10.73
C GLN B 1015 26.96 57.90 -9.97
N ASN B 1016 26.61 59.00 -9.28
CA ASN B 1016 27.46 59.86 -8.46
C ASN B 1016 26.65 60.43 -7.26
N LEU B 1017 25.28 60.41 -7.37
CA LEU B 1017 24.30 60.84 -6.36
C LEU B 1017 22.90 60.41 -6.82
N PRO B 1023 15.00 61.86 -5.71
CA PRO B 1023 13.68 61.62 -6.30
C PRO B 1023 13.17 60.19 -6.08
N THR B 1024 14.01 59.19 -6.38
CA THR B 1024 13.74 57.77 -6.23
C THR B 1024 14.95 57.04 -5.67
N GLN B 1025 14.71 55.96 -4.89
CA GLN B 1025 15.78 55.17 -4.28
C GLN B 1025 15.68 53.65 -4.55
N GLY B 1026 16.44 53.17 -5.54
CA GLY B 1026 16.51 51.78 -5.95
C GLY B 1026 16.69 51.59 -7.45
N SER B 1027 17.32 50.46 -7.88
CA SER B 1027 17.52 50.20 -9.31
C SER B 1027 17.53 48.74 -9.73
N VAL B 1028 16.48 48.31 -10.44
CA VAL B 1028 16.35 46.96 -10.98
C VAL B 1028 16.05 46.99 -12.45
N LEU B 1029 16.93 46.36 -13.23
CA LEU B 1029 16.82 46.23 -14.68
C LEU B 1029 16.30 44.86 -15.03
N PHE B 1030 15.49 44.80 -16.09
CA PHE B 1030 14.94 43.54 -16.59
C PHE B 1030 15.03 43.41 -18.09
N GLY B 1031 15.04 42.16 -18.55
CA GLY B 1031 15.13 41.79 -19.96
C GLY B 1031 14.07 40.79 -20.38
N THR B 1032 13.38 41.08 -21.49
CA THR B 1032 12.26 40.27 -21.97
C THR B 1032 12.56 39.45 -23.22
N VAL B 1033 11.55 38.73 -23.72
CA VAL B 1033 11.65 37.87 -24.90
C VAL B 1033 11.54 38.67 -26.20
N ASN B 1034 10.86 39.82 -26.11
CA ASN B 1034 10.68 40.68 -27.26
C ASN B 1034 11.84 41.70 -27.40
N GLY B 1035 12.87 41.59 -26.58
CA GLY B 1035 14.04 42.47 -26.62
C GLY B 1035 13.94 43.73 -25.78
N MET B 1036 12.83 43.86 -25.08
CA MET B 1036 12.51 44.98 -24.20
C MET B 1036 13.43 44.97 -22.98
N ILE B 1037 13.92 46.14 -22.58
CA ILE B 1037 14.74 46.32 -21.38
C ILE B 1037 14.02 47.35 -20.52
N GLY B 1038 13.71 46.95 -19.30
CA GLY B 1038 12.97 47.80 -18.38
C GLY B 1038 13.65 48.03 -17.05
N LEU B 1039 13.13 48.99 -16.30
CA LEU B 1039 13.61 49.42 -14.99
C LEU B 1039 12.51 49.62 -13.92
N VAL B 1040 12.75 49.07 -12.73
CA VAL B 1040 11.87 49.13 -11.58
C VAL B 1040 12.63 49.88 -10.47
N THR B 1041 11.97 50.87 -9.85
CA THR B 1041 12.55 51.64 -8.74
C THR B 1041 11.55 51.95 -7.63
N SER B 1042 12.07 52.25 -6.43
CA SER B 1042 11.27 52.50 -5.23
C SER B 1042 10.88 53.97 -4.98
N LEU B 1043 9.61 54.18 -4.57
CA LEU B 1043 9.00 55.47 -4.27
C LEU B 1043 8.56 55.57 -2.80
N SER B 1044 8.49 56.80 -2.26
CA SER B 1044 8.02 57.07 -0.90
C SER B 1044 6.49 57.19 -0.89
N GLU B 1045 5.87 57.16 0.33
CA GLU B 1045 4.42 57.29 0.54
C GLU B 1045 3.88 58.57 -0.12
N SER B 1046 4.55 59.71 0.11
CA SER B 1046 4.22 61.03 -0.43
C SER B 1046 4.25 61.03 -1.96
N TRP B 1047 5.41 60.63 -2.54
CA TRP B 1047 5.61 60.59 -3.98
C TRP B 1047 4.69 59.62 -4.70
N TYR B 1048 4.51 58.40 -4.16
CA TYR B 1048 3.58 57.43 -4.75
C TYR B 1048 2.23 58.11 -4.84
N ASN B 1049 1.68 58.56 -3.67
CA ASN B 1049 0.38 59.22 -3.59
C ASN B 1049 0.23 60.35 -4.60
N LEU B 1050 1.33 61.10 -4.84
CA LEU B 1050 1.40 62.18 -5.82
C LEU B 1050 1.35 61.61 -7.25
N LEU B 1051 2.31 60.73 -7.60
CA LEU B 1051 2.40 60.12 -8.92
C LEU B 1051 1.18 59.28 -9.29
N LEU B 1052 0.50 58.68 -8.29
CA LEU B 1052 -0.71 57.90 -8.51
C LEU B 1052 -1.85 58.82 -8.91
N ASP B 1053 -1.98 59.97 -8.22
CA ASP B 1053 -3.00 60.98 -8.53
C ASP B 1053 -2.75 61.51 -9.94
N MET B 1054 -1.47 61.72 -10.28
CA MET B 1054 -0.98 62.16 -11.57
C MET B 1054 -1.33 61.13 -12.67
N GLN B 1055 -1.23 59.82 -12.37
CA GLN B 1055 -1.56 58.74 -13.32
C GLN B 1055 -3.02 58.79 -13.66
N ASN B 1056 -3.87 58.79 -12.63
CA ASN B 1056 -5.33 58.83 -12.74
C ASN B 1056 -5.78 60.11 -13.46
N ARG B 1057 -4.99 61.20 -13.31
CA ARG B 1057 -5.23 62.46 -13.99
C ARG B 1057 -4.81 62.28 -15.45
N LEU B 1058 -3.57 61.80 -15.69
CA LEU B 1058 -3.01 61.56 -17.02
C LEU B 1058 -3.91 60.69 -17.88
N ASN B 1059 -4.42 59.58 -17.32
CA ASN B 1059 -5.28 58.62 -18.00
C ASN B 1059 -6.48 59.24 -18.70
N LYS B 1060 -7.10 60.25 -18.04
CA LYS B 1060 -8.24 61.00 -18.55
C LYS B 1060 -7.84 61.75 -19.85
N VAL B 1061 -6.69 62.45 -19.80
CA VAL B 1061 -6.11 63.30 -20.86
C VAL B 1061 -5.62 62.55 -22.12
N ILE B 1062 -4.78 61.49 -21.94
CA ILE B 1062 -4.21 60.73 -23.05
C ILE B 1062 -5.26 59.93 -23.83
N LYS B 1063 -5.16 59.97 -25.17
CA LYS B 1063 -6.03 59.22 -26.08
C LYS B 1063 -5.38 57.87 -26.41
N SER B 1064 -6.14 56.79 -26.22
CA SER B 1064 -5.66 55.43 -26.44
C SER B 1064 -5.79 55.00 -27.89
N VAL B 1065 -5.01 53.99 -28.29
CA VAL B 1065 -5.12 53.41 -29.63
C VAL B 1065 -6.02 52.20 -29.46
N GLY B 1066 -7.22 52.29 -30.03
CA GLY B 1066 -8.26 51.28 -29.92
C GLY B 1066 -9.17 51.53 -28.72
N LYS B 1067 -9.04 52.73 -28.12
CA LYS B 1067 -9.76 53.22 -26.94
C LYS B 1067 -9.68 52.27 -25.71
N ILE B 1068 -8.51 51.64 -25.54
CA ILE B 1068 -8.23 50.70 -24.45
C ILE B 1068 -7.88 51.45 -23.14
N GLU B 1069 -8.50 51.07 -22.01
CA GLU B 1069 -8.24 51.69 -20.71
C GLU B 1069 -6.90 51.27 -20.15
N HIS B 1070 -6.06 52.25 -19.78
CA HIS B 1070 -4.74 52.00 -19.18
C HIS B 1070 -4.89 51.22 -17.89
N SER B 1071 -5.95 51.55 -17.11
CA SER B 1071 -6.32 50.93 -15.83
C SER B 1071 -6.58 49.43 -16.03
N PHE B 1072 -7.22 49.06 -17.17
CA PHE B 1072 -7.52 47.69 -17.55
C PHE B 1072 -6.24 47.04 -18.00
N TRP B 1073 -5.60 47.62 -19.03
CA TRP B 1073 -4.36 47.12 -19.63
C TRP B 1073 -3.35 46.72 -18.58
N ARG B 1074 -3.07 47.62 -17.62
CA ARG B 1074 -2.11 47.32 -16.56
C ARG B 1074 -2.71 46.62 -15.33
N SER B 1075 -4.04 46.33 -15.36
CA SER B 1075 -4.74 45.58 -14.29
C SER B 1075 -4.24 44.13 -14.29
N PHE B 1076 -3.87 43.63 -13.08
CA PHE B 1076 -3.33 42.28 -12.82
C PHE B 1076 -4.18 41.19 -13.46
N HIS B 1077 -3.59 40.36 -14.35
CA HIS B 1077 -4.39 39.36 -15.04
C HIS B 1077 -3.84 37.96 -15.21
N THR B 1078 -4.29 37.07 -14.34
CA THR B 1078 -3.99 35.64 -14.31
C THR B 1078 -5.30 34.94 -14.70
N GLU B 1079 -5.24 33.66 -15.14
CA GLU B 1079 -6.42 32.84 -15.55
C GLU B 1079 -7.62 33.13 -14.64
N ARG B 1080 -7.34 33.06 -13.34
CA ARG B 1080 -8.21 33.28 -12.19
C ARG B 1080 -8.58 34.77 -11.94
N LYS B 1081 -7.77 35.47 -11.06
CA LYS B 1081 -7.89 36.87 -10.64
C LYS B 1081 -7.68 37.85 -11.78
N THR B 1082 -8.43 38.95 -11.72
CA THR B 1082 -8.38 40.12 -12.59
C THR B 1082 -8.69 41.27 -11.61
N GLU B 1083 -7.62 41.72 -10.95
CA GLU B 1083 -7.65 42.72 -9.88
C GLU B 1083 -6.91 44.00 -10.28
N PRO B 1084 -7.42 45.20 -9.89
CA PRO B 1084 -6.73 46.46 -10.21
C PRO B 1084 -5.32 46.50 -9.68
N ALA B 1085 -4.37 46.85 -10.58
CA ALA B 1085 -2.94 46.97 -10.29
C ALA B 1085 -2.71 47.99 -9.19
N THR B 1086 -2.01 47.59 -8.14
CA THR B 1086 -1.76 48.46 -6.99
C THR B 1086 -0.30 48.45 -6.54
N GLY B 1087 0.13 49.54 -5.91
CA GLY B 1087 1.48 49.68 -5.39
C GLY B 1087 2.55 49.83 -6.45
N PHE B 1088 2.12 50.00 -7.73
CA PHE B 1088 2.98 50.19 -8.90
C PHE B 1088 2.60 51.45 -9.65
N ILE B 1089 3.61 52.11 -10.21
CA ILE B 1089 3.52 53.36 -10.96
C ILE B 1089 4.08 53.16 -12.38
N ASP B 1090 3.23 53.31 -13.41
CA ASP B 1090 3.71 53.15 -14.78
C ASP B 1090 4.52 54.36 -15.20
N GLY B 1091 5.85 54.18 -15.15
CA GLY B 1091 6.83 55.19 -15.52
C GLY B 1091 6.68 55.62 -16.95
N ASP B 1092 6.39 54.65 -17.83
CA ASP B 1092 6.15 54.82 -19.24
C ASP B 1092 4.99 55.77 -19.50
N LEU B 1093 3.90 55.69 -18.68
CA LEU B 1093 2.78 56.63 -18.76
C LEU B 1093 3.19 58.01 -18.23
N ILE B 1094 3.89 58.08 -17.07
CA ILE B 1094 4.34 59.35 -16.50
C ILE B 1094 5.28 60.10 -17.45
N GLU B 1095 6.25 59.37 -18.06
CA GLU B 1095 7.21 59.92 -19.02
C GLU B 1095 6.57 60.46 -20.30
N SER B 1096 5.29 60.09 -20.56
CA SER B 1096 4.51 60.58 -21.69
C SER B 1096 3.95 61.98 -21.41
N PHE B 1097 4.00 62.43 -20.13
CA PHE B 1097 3.54 63.76 -19.69
C PHE B 1097 4.33 64.87 -20.39
N LEU B 1098 5.65 64.67 -20.57
CA LEU B 1098 6.54 65.62 -21.22
C LEU B 1098 6.24 65.72 -22.73
N ASP B 1099 5.89 64.57 -23.34
CA ASP B 1099 5.58 64.47 -24.77
C ASP B 1099 4.33 65.25 -25.15
N ILE B 1100 3.26 65.09 -24.35
CA ILE B 1100 1.97 65.72 -24.58
C ILE B 1100 1.95 67.26 -24.58
N SER B 1101 0.83 67.81 -25.07
CA SER B 1101 0.52 69.23 -25.24
C SER B 1101 0.53 70.00 -23.92
N ARG B 1102 0.96 71.29 -23.98
CA ARG B 1102 1.00 72.21 -22.84
C ARG B 1102 -0.40 72.52 -22.24
N PRO B 1103 -1.49 72.72 -23.03
CA PRO B 1103 -2.82 72.90 -22.41
C PRO B 1103 -3.28 71.61 -21.72
N LYS B 1104 -2.93 70.46 -22.34
CA LYS B 1104 -3.21 69.11 -21.82
C LYS B 1104 -2.45 68.90 -20.51
N MET B 1105 -1.27 69.56 -20.34
CA MET B 1105 -0.43 69.57 -19.14
C MET B 1105 -1.11 70.42 -18.05
N GLN B 1106 -1.73 71.58 -18.43
CA GLN B 1106 -2.45 72.44 -17.50
C GLN B 1106 -3.76 71.79 -17.05
N GLU B 1107 -4.36 70.98 -17.95
CA GLU B 1107 -5.58 70.20 -17.71
C GLU B 1107 -5.31 69.16 -16.59
N VAL B 1108 -4.04 68.72 -16.46
CA VAL B 1108 -3.58 67.77 -15.45
C VAL B 1108 -3.60 68.41 -14.05
N VAL B 1109 -2.87 69.52 -13.85
CA VAL B 1109 -2.71 70.24 -12.58
C VAL B 1109 -3.96 70.88 -11.92
N ALA B 1110 -5.17 70.68 -12.53
CA ALA B 1110 -6.51 71.16 -12.16
C ALA B 1110 -6.68 71.82 -10.78
N ASN B 1111 -6.23 71.12 -9.72
CA ASN B 1111 -6.24 71.57 -8.33
C ASN B 1111 -5.27 70.64 -7.58
N LEU B 1112 -4.14 70.36 -8.24
CA LEU B 1112 -3.09 69.49 -7.75
C LEU B 1112 -2.35 70.13 -6.57
N GLN B 1113 -2.61 69.60 -5.36
CA GLN B 1113 -2.02 70.04 -4.09
C GLN B 1113 -1.11 68.94 -3.52
N TYR B 1114 0.14 69.29 -3.16
CA TYR B 1114 1.12 68.34 -2.62
C TYR B 1114 1.72 68.73 -1.26
N ASP B 1115 1.83 67.73 -0.34
CA ASP B 1115 2.41 67.86 1.02
C ASP B 1115 3.94 67.63 1.00
N ASP B 1116 4.67 68.45 0.19
CA ASP B 1116 6.12 68.42 0.00
C ASP B 1116 6.70 69.85 -0.08
N GLY B 1119 2.60 67.72 5.52
CA GLY B 1119 1.58 68.58 6.12
C GLY B 1119 1.66 70.04 5.71
N MET B 1120 2.32 70.33 4.57
CA MET B 1120 2.47 71.68 4.02
C MET B 1120 2.09 71.77 2.55
N LYS B 1121 0.89 72.35 2.28
CA LYS B 1121 0.30 72.49 0.95
C LYS B 1121 0.91 73.58 0.06
N ARG B 1122 1.67 73.11 -0.94
CA ARG B 1122 2.32 73.89 -1.99
C ARG B 1122 1.56 73.59 -3.30
N GLU B 1123 1.12 74.64 -4.03
CA GLU B 1123 0.35 74.47 -5.26
C GLU B 1123 1.20 74.13 -6.50
N ALA B 1124 0.62 73.34 -7.42
CA ALA B 1124 1.30 72.87 -8.63
C ALA B 1124 0.84 73.51 -9.95
N THR B 1125 1.82 73.75 -10.85
CA THR B 1125 1.66 74.26 -12.22
C THR B 1125 2.34 73.29 -13.20
N ALA B 1126 2.17 73.51 -14.52
CA ALA B 1126 2.76 72.66 -15.56
C ALA B 1126 4.29 72.60 -15.44
N ASP B 1127 4.94 73.76 -15.21
CA ASP B 1127 6.38 73.91 -15.05
C ASP B 1127 6.89 73.23 -13.78
N ASP B 1128 6.09 73.27 -12.69
CA ASP B 1128 6.37 72.62 -11.41
C ASP B 1128 6.65 71.14 -11.66
N LEU B 1129 5.75 70.49 -12.41
CA LEU B 1129 5.81 69.07 -12.74
C LEU B 1129 6.80 68.68 -13.83
N ILE B 1130 7.02 69.54 -14.86
CA ILE B 1130 7.98 69.23 -15.93
C ILE B 1130 9.32 68.82 -15.33
N LYS B 1131 9.76 69.56 -14.29
CA LYS B 1131 11.00 69.29 -13.55
C LYS B 1131 10.95 67.97 -12.78
N VAL B 1132 9.77 67.61 -12.19
CA VAL B 1132 9.58 66.36 -11.45
C VAL B 1132 9.91 65.20 -12.42
N VAL B 1133 9.19 65.16 -13.56
CA VAL B 1133 9.32 64.16 -14.61
C VAL B 1133 10.72 64.18 -15.24
N GLU B 1134 11.33 65.39 -15.39
CA GLU B 1134 12.68 65.59 -15.93
C GLU B 1134 13.70 64.72 -15.19
N GLU B 1135 13.57 64.63 -13.84
CA GLU B 1135 14.44 63.80 -12.99
C GLU B 1135 14.27 62.32 -13.36
N LEU B 1136 12.99 61.90 -13.44
CA LEU B 1136 12.57 60.52 -13.72
C LEU B 1136 13.00 59.97 -15.08
N THR B 1137 13.19 60.86 -16.07
CA THR B 1137 13.62 60.50 -17.42
C THR B 1137 15.11 60.19 -17.46
N ARG B 1138 15.87 60.88 -16.60
CA ARG B 1138 17.31 60.72 -16.49
C ARG B 1138 17.69 59.50 -15.65
N ILE B 1139 16.70 58.76 -15.10
CA ILE B 1139 16.99 57.59 -14.27
C ILE B 1139 17.46 56.34 -15.06
N HIS B 1140 17.03 56.22 -16.34
CA HIS B 1140 17.35 55.07 -17.20
C HIS B 1140 18.17 55.43 -18.44
N ALA C 3 5.13 -35.15 -7.84
CA ALA C 3 4.10 -34.58 -6.94
C ALA C 3 3.17 -33.56 -7.60
N PRO C 4 1.88 -33.43 -7.22
CA PRO C 4 1.03 -32.45 -7.90
C PRO C 4 1.21 -31.07 -7.32
N ILE C 5 0.89 -30.05 -8.14
CA ILE C 5 0.92 -28.64 -7.72
C ILE C 5 -0.44 -28.27 -7.15
N ASN C 6 -1.54 -28.55 -7.89
CA ASN C 6 -2.91 -28.23 -7.49
C ASN C 6 -3.30 -28.93 -6.20
N PHE C 7 -3.43 -28.16 -5.10
CA PHE C 7 -3.75 -28.66 -3.75
C PHE C 7 -4.89 -29.66 -3.68
N THR C 8 -5.96 -29.43 -4.44
CA THR C 8 -7.11 -30.31 -4.45
C THR C 8 -6.73 -31.69 -5.03
N SER C 9 -5.80 -31.69 -6.01
CA SER C 9 -5.33 -32.93 -6.61
C SER C 9 -4.37 -33.58 -5.65
N ARG C 10 -3.48 -32.77 -5.05
CA ARG C 10 -2.53 -33.18 -4.03
C ARG C 10 -3.29 -33.87 -2.90
N LEU C 11 -4.39 -33.25 -2.40
CA LEU C 11 -5.25 -33.76 -1.32
C LEU C 11 -5.95 -35.07 -1.68
N ASN C 12 -6.33 -35.23 -2.95
CA ASN C 12 -6.97 -36.43 -3.46
C ASN C 12 -5.97 -37.60 -3.49
N ARG C 13 -4.69 -37.27 -3.74
CA ARG C 13 -3.56 -38.20 -3.73
C ARG C 13 -3.13 -38.38 -2.27
N ARG C 14 -3.51 -37.45 -1.37
CA ARG C 14 -3.13 -37.52 0.06
C ARG C 14 -3.74 -38.73 0.75
N ALA C 15 -4.90 -39.21 0.28
CA ALA C 15 -5.46 -40.40 0.90
C ALA C 15 -5.03 -41.62 0.12
N SER C 16 -4.31 -41.44 -0.99
CA SER C 16 -3.92 -42.54 -1.87
C SER C 16 -2.82 -43.52 -1.40
N PHE C 17 -1.47 -43.28 -1.32
CA PHE C 17 -0.52 -42.19 -1.55
C PHE C 17 -0.10 -41.28 -0.37
N PRO C 18 -0.60 -41.39 0.90
CA PRO C 18 -0.10 -40.51 1.97
C PRO C 18 1.37 -40.72 2.29
N LYS C 19 2.02 -39.77 3.00
CA LYS C 19 1.51 -38.47 3.49
C LYS C 19 1.79 -37.42 2.44
N TYR C 20 1.24 -36.19 2.62
CA TYR C 20 1.42 -35.04 1.71
C TYR C 20 1.18 -35.36 0.19
N GLY C 21 0.40 -36.40 -0.13
CA GLY C 21 0.17 -36.81 -1.52
C GLY C 21 1.48 -37.25 -2.10
N GLY C 22 1.90 -36.63 -3.21
CA GLY C 22 3.18 -36.93 -3.86
C GLY C 22 4.41 -36.49 -3.08
N VAL C 23 5.57 -36.26 -3.79
CA VAL C 23 6.84 -35.78 -3.21
C VAL C 23 6.74 -34.32 -2.76
N ASP C 24 7.86 -33.69 -2.46
CA ASP C 24 7.95 -32.30 -2.04
C ASP C 24 6.73 -31.83 -1.24
N GLY C 25 6.37 -32.65 -0.26
CA GLY C 25 5.24 -32.48 0.62
C GLY C 25 4.05 -31.71 0.05
N GLY C 26 3.62 -30.72 0.79
CA GLY C 26 4.27 -30.40 2.03
C GLY C 26 5.03 -29.15 1.75
N CYS C 27 6.00 -29.21 0.83
CA CYS C 27 6.72 -28.00 0.39
C CYS C 27 5.64 -27.11 -0.17
N PHE C 28 4.70 -27.70 -0.93
CA PHE C 28 3.61 -26.98 -1.53
C PHE C 28 2.64 -26.48 -0.49
N ASP C 29 2.32 -27.34 0.49
CA ASP C 29 1.43 -27.03 1.62
C ASP C 29 2.00 -25.86 2.45
N ARG C 30 3.31 -25.91 2.79
CA ARG C 30 3.97 -24.80 3.50
C ARG C 30 4.09 -23.58 2.60
N HIS C 31 4.29 -23.79 1.26
CA HIS C 31 4.35 -22.71 0.30
C HIS C 31 3.03 -22.01 0.15
N LEU C 32 1.92 -22.67 0.54
CA LEU C 32 0.56 -22.13 0.50
C LEU C 32 0.23 -21.49 1.84
N ILE C 33 0.46 -22.21 2.93
CA ILE C 33 0.15 -21.76 4.28
C ILE C 33 0.92 -20.51 4.74
N PHE C 34 2.27 -20.56 4.63
CA PHE C 34 3.15 -19.48 5.07
C PHE C 34 3.35 -18.35 4.09
N SER C 35 2.48 -18.32 3.11
CA SER C 35 2.43 -17.25 2.15
C SER C 35 1.18 -16.45 2.49
N ARG C 36 0.45 -16.83 3.59
CA ARG C 36 -0.81 -16.20 3.96
C ARG C 36 -0.93 -15.73 5.44
N PHE C 37 -1.17 -14.42 5.69
CA PHE C 37 -1.26 -13.87 7.06
C PHE C 37 -2.39 -12.83 7.29
N ARG C 38 -3.43 -13.16 8.15
CA ARG C 38 -4.59 -12.27 8.48
C ARG C 38 -4.41 -11.60 9.82
N PRO C 39 -4.35 -10.26 9.82
CA PRO C 39 -4.26 -9.55 11.09
C PRO C 39 -5.58 -9.67 11.85
N ILE C 40 -5.52 -10.16 13.09
CA ILE C 40 -6.72 -10.37 13.87
C ILE C 40 -6.94 -9.45 15.05
N SER C 41 -5.86 -8.85 15.64
CA SER C 41 -6.01 -7.87 16.75
C SER C 41 -4.81 -6.91 16.98
N VAL C 42 -5.07 -5.76 17.65
CA VAL C 42 -4.03 -4.78 18.03
C VAL C 42 -3.91 -4.54 19.52
N PHE C 43 -2.70 -4.23 19.94
CA PHE C 43 -2.48 -4.02 21.33
C PHE C 43 -1.94 -2.65 21.50
N ARG C 44 -2.75 -1.73 22.02
CA ARG C 44 -2.37 -0.34 22.20
C ARG C 44 -1.93 -0.11 23.62
N GLU C 45 -0.88 0.71 23.82
CA GLU C 45 -0.35 0.99 25.17
C GLU C 45 -1.36 1.67 26.07
N ALA C 46 -1.61 1.01 27.24
CA ALA C 46 -2.44 1.34 28.40
C ALA C 46 -3.40 2.55 28.25
N ASN C 47 -3.07 3.66 28.96
CA ASN C 47 -3.85 4.88 28.99
C ASN C 47 -3.11 6.07 28.37
N GLU C 48 -2.09 5.77 27.53
CA GLU C 48 -1.30 6.77 26.79
C GLU C 48 -1.96 6.97 25.44
N ASP C 49 -2.04 8.23 24.98
CA ASP C 49 -2.62 8.63 23.70
C ASP C 49 -1.81 8.08 22.53
N GLU C 50 -0.48 7.90 22.75
CA GLU C 50 0.50 7.37 21.81
C GLU C 50 1.19 6.15 22.43
N SER C 51 1.06 4.98 21.75
CA SER C 51 1.65 3.69 22.14
C SER C 51 3.16 3.69 21.85
N GLY C 52 3.95 3.07 22.73
CA GLY C 52 5.40 3.06 22.60
C GLY C 52 6.09 1.74 22.81
N PHE C 53 5.58 0.71 22.16
CA PHE C 53 6.16 -0.62 22.20
C PHE C 53 7.37 -0.66 21.33
N THR C 54 8.37 -1.42 21.75
CA THR C 54 9.62 -1.56 21.02
C THR C 54 10.02 -3.03 20.86
N CYS C 55 9.36 -3.90 21.63
CA CYS C 55 9.69 -5.29 21.62
C CYS C 55 8.47 -6.15 21.77
N CYS C 56 8.35 -7.22 20.98
CA CYS C 56 7.28 -8.19 21.19
C CYS C 56 7.82 -9.56 21.58
N ALA C 57 7.07 -10.24 22.42
CA ALA C 57 7.43 -11.57 22.91
C ALA C 57 6.23 -12.29 23.57
N PHE C 58 6.00 -13.60 23.28
CA PHE C 58 4.89 -14.25 23.97
C PHE C 58 5.26 -14.75 25.35
N SER C 59 4.30 -14.77 26.34
CA SER C 59 4.43 -15.38 27.69
C SER C 59 4.97 -16.77 27.37
N ALA C 60 5.74 -17.42 28.28
CA ALA C 60 6.20 -18.79 27.96
C ALA C 60 5.00 -19.72 27.55
N ARG C 61 3.98 -19.88 28.42
CA ARG C 61 2.78 -20.65 28.15
C ARG C 61 1.93 -19.97 27.05
N GLU C 62 2.35 -18.79 26.60
CA GLU C 62 1.72 -17.98 25.55
C GLU C 62 0.29 -17.49 25.82
N ARG C 63 -0.05 -17.12 27.08
CA ARG C 63 -1.41 -16.60 27.41
C ARG C 63 -1.50 -15.12 27.15
N PHE C 64 -0.43 -14.45 27.56
CA PHE C 64 -0.16 -13.04 27.39
C PHE C 64 0.95 -12.93 26.41
N LEU C 65 0.93 -11.84 25.68
CA LEU C 65 1.93 -11.46 24.73
C LEU C 65 2.66 -10.33 25.46
N MET C 66 3.95 -10.51 25.73
CA MET C 66 4.64 -9.46 26.47
C MET C 66 5.27 -8.41 25.59
N LEU C 67 5.04 -7.16 25.94
CA LEU C 67 5.53 -6.03 25.17
C LEU C 67 6.33 -5.08 26.00
N GLY C 68 7.38 -4.58 25.38
CA GLY C 68 8.29 -3.62 25.99
C GLY C 68 7.98 -2.19 25.63
N THR C 69 8.01 -1.31 26.60
CA THR C 69 7.78 0.06 26.25
C THR C 69 9.11 0.65 26.00
N CYS C 70 9.07 1.82 25.34
CA CYS C 70 10.22 2.64 25.05
C CYS C 70 10.74 3.21 26.38
N THR C 71 9.84 3.65 27.28
CA THR C 71 10.14 4.18 28.62
C THR C 71 10.72 3.14 29.60
N GLY C 72 11.12 1.99 29.08
CA GLY C 72 11.73 0.94 29.86
C GLY C 72 10.75 0.06 30.63
N GLN C 73 9.43 0.15 30.39
CA GLN C 73 8.52 -0.73 31.11
C GLN C 73 8.38 -2.07 30.39
N LEU C 74 7.53 -2.91 30.97
CA LEU C 74 7.16 -4.21 30.44
C LEU C 74 5.75 -4.41 30.89
N LYS C 75 4.91 -4.71 29.91
CA LYS C 75 3.49 -4.96 30.06
C LYS C 75 3.15 -6.32 29.45
N LEU C 76 2.37 -7.13 30.17
CA LEU C 76 1.87 -8.40 29.66
C LEU C 76 0.42 -8.13 29.39
N TYR C 77 0.05 -8.28 28.12
CA TYR C 77 -1.30 -8.15 27.65
C TYR C 77 -1.92 -9.55 27.49
N ASN C 78 -3.08 -9.84 28.12
CA ASN C 78 -3.73 -11.13 27.92
C ASN C 78 -4.16 -11.26 26.42
N VAL C 79 -3.61 -12.27 25.71
CA VAL C 79 -3.85 -12.50 24.27
C VAL C 79 -5.33 -12.56 23.97
N PHE C 80 -6.05 -13.50 24.62
CA PHE C 80 -7.49 -13.61 24.36
C PHE C 80 -8.26 -12.36 24.75
N SER C 81 -8.06 -11.87 25.98
CA SER C 81 -8.85 -10.76 26.49
C SER C 81 -8.51 -9.45 25.87
N GLY C 82 -7.23 -9.22 25.71
CA GLY C 82 -6.75 -7.95 25.22
C GLY C 82 -6.17 -7.17 26.37
N GLN C 83 -6.83 -7.25 27.53
CA GLN C 83 -6.53 -6.58 28.80
C GLN C 83 -5.06 -6.53 29.16
N GLU C 84 -4.62 -5.36 29.69
CA GLU C 84 -3.27 -5.22 30.21
C GLU C 84 -3.41 -5.84 31.56
N GLU C 85 -2.80 -6.98 31.75
CA GLU C 85 -2.99 -7.64 33.01
C GLU C 85 -2.09 -7.06 34.00
N ALA C 86 -0.85 -6.69 33.58
CA ALA C 86 0.12 -6.13 34.53
C ALA C 86 1.26 -5.34 33.96
N SER C 87 1.72 -4.30 34.71
CA SER C 87 2.87 -3.49 34.31
C SER C 87 4.00 -3.55 35.31
N TYR C 88 5.25 -3.70 34.81
CA TYR C 88 6.48 -3.82 35.59
C TYR C 88 7.52 -2.82 35.07
N ASN C 89 8.24 -2.12 35.99
CA ASN C 89 9.26 -1.17 35.59
C ASN C 89 10.62 -1.86 35.40
N CYS C 90 11.03 -2.17 34.16
CA CYS C 90 12.33 -2.82 33.94
C CYS C 90 13.49 -1.93 33.84
N HIS C 91 13.64 -1.27 32.69
CA HIS C 91 14.77 -0.39 32.44
C HIS C 91 14.43 1.11 32.45
N ASN C 92 15.47 1.95 32.27
CA ASN C 92 15.33 3.40 32.15
C ASN C 92 15.41 3.84 30.68
N SER C 93 15.67 2.87 29.76
CA SER C 93 15.70 3.04 28.31
C SER C 93 14.95 1.97 27.54
N ALA C 94 14.60 2.32 26.31
CA ALA C 94 13.82 1.53 25.36
C ALA C 94 14.10 0.05 25.27
N ILE C 95 13.18 -0.78 25.83
CA ILE C 95 13.29 -2.24 25.80
C ILE C 95 13.55 -2.74 24.37
N THR C 96 14.76 -3.23 24.12
CA THR C 96 15.11 -3.68 22.77
C THR C 96 14.88 -5.16 22.61
N HIS C 97 14.95 -5.88 23.74
CA HIS C 97 14.85 -7.32 23.74
C HIS C 97 14.16 -7.95 24.93
N LEU C 98 13.41 -9.04 24.66
CA LEU C 98 12.66 -9.83 25.63
C LEU C 98 12.78 -11.31 25.28
N GLU C 99 13.15 -12.12 26.27
CA GLU C 99 13.26 -13.56 26.04
C GLU C 99 12.75 -14.28 27.26
N PRO C 100 11.52 -14.77 27.18
CA PRO C 100 10.97 -15.53 28.30
C PRO C 100 11.64 -16.90 28.43
N SER C 101 11.97 -17.26 29.67
CA SER C 101 12.55 -18.54 29.98
C SER C 101 11.50 -19.56 29.52
N ARG C 102 11.84 -20.53 28.64
CA ARG C 102 10.88 -21.55 28.13
C ARG C 102 9.89 -22.02 29.19
N ASP C 103 10.37 -22.18 30.41
CA ASP C 103 9.63 -22.68 31.53
C ASP C 103 8.69 -21.67 32.16
N GLY C 104 9.09 -20.40 32.07
CA GLY C 104 8.35 -19.26 32.59
C GLY C 104 8.56 -19.03 34.07
N SER C 105 9.83 -19.01 34.46
CA SER C 105 10.24 -18.74 35.82
C SER C 105 11.01 -17.48 35.68
N LEU C 106 11.67 -17.34 34.51
CA LEU C 106 12.52 -16.19 34.23
C LEU C 106 12.19 -15.47 32.97
N LEU C 107 12.86 -14.30 32.81
CA LEU C 107 12.75 -13.41 31.67
C LEU C 107 14.03 -12.57 31.55
N LEU C 108 14.56 -12.48 30.31
CA LEU C 108 15.73 -11.66 30.01
C LEU C 108 15.24 -10.37 29.37
N THR C 109 15.93 -9.24 29.67
CA THR C 109 15.63 -7.90 29.09
C THR C 109 16.90 -7.13 28.66
N SER C 110 16.81 -6.38 27.55
CA SER C 110 17.87 -5.50 27.06
C SER C 110 17.29 -4.12 26.81
N ALA C 111 18.09 -3.09 27.05
CA ALA C 111 17.64 -1.71 26.90
C ALA C 111 18.35 -0.98 25.79
N THR C 112 18.29 0.36 25.83
CA THR C 112 18.88 1.23 24.83
C THR C 112 20.18 1.85 25.35
N TRP C 113 20.17 2.70 26.41
CA TRP C 113 21.39 3.31 26.95
C TRP C 113 21.55 3.30 28.48
N SER C 114 20.44 3.07 29.18
CA SER C 114 20.34 3.05 30.63
C SER C 114 21.17 1.92 31.21
N GLN C 115 22.05 2.20 32.20
CA GLN C 115 22.79 1.12 32.85
C GLN C 115 21.94 0.66 34.07
N PRO C 116 21.66 -0.64 34.30
CA PRO C 116 22.06 -1.80 33.51
C PRO C 116 21.22 -1.96 32.26
N LEU C 117 21.89 -2.44 31.21
CA LEU C 117 21.34 -2.63 29.88
C LEU C 117 20.66 -3.95 29.73
N SER C 118 20.85 -4.83 30.68
CA SER C 118 20.26 -6.16 30.64
C SER C 118 19.96 -6.69 32.01
N ALA C 119 18.87 -7.42 32.10
CA ALA C 119 18.54 -8.02 33.37
C ALA C 119 17.79 -9.30 33.19
N LEU C 120 17.74 -10.02 34.29
CA LEU C 120 17.06 -11.29 34.46
C LEU C 120 16.01 -11.02 35.52
N TRP C 121 14.77 -11.38 35.25
CA TRP C 121 13.69 -11.09 36.20
C TRP C 121 12.83 -12.29 36.54
N GLY C 122 12.40 -12.32 37.81
CA GLY C 122 11.55 -13.37 38.35
C GLY C 122 10.16 -13.30 37.77
N MET C 123 9.74 -14.32 36.99
CA MET C 123 8.46 -14.34 36.31
C MET C 123 7.41 -15.20 36.95
N LYS C 124 7.75 -15.84 38.08
CA LYS C 124 6.82 -16.75 38.79
C LYS C 124 5.68 -16.00 39.53
N SER C 125 5.79 -15.87 40.85
CA SER C 125 4.80 -15.27 41.73
C SER C 125 5.12 -13.82 42.03
N VAL C 126 6.41 -13.52 42.14
CA VAL C 126 6.88 -12.18 42.47
C VAL C 126 7.83 -11.68 41.39
N PHE C 127 7.55 -10.47 40.91
CA PHE C 127 8.38 -9.80 39.93
C PHE C 127 9.56 -9.04 40.60
N ASP C 128 10.69 -9.74 40.71
CA ASP C 128 11.93 -9.23 41.29
C ASP C 128 12.93 -9.04 40.18
N MET C 129 14.07 -8.40 40.50
CA MET C 129 15.19 -8.37 39.58
C MET C 129 16.04 -9.49 40.11
N LYS C 130 16.50 -10.37 39.24
CA LYS C 130 17.29 -11.48 39.75
C LYS C 130 18.72 -11.07 39.71
N HIS C 131 19.18 -10.67 38.52
CA HIS C 131 20.55 -10.26 38.27
C HIS C 131 20.62 -9.24 37.16
N SER C 132 21.70 -8.45 37.17
CA SER C 132 21.93 -7.46 36.15
C SER C 132 23.26 -7.68 35.45
N PHE C 133 23.21 -7.41 34.15
CA PHE C 133 24.31 -7.43 33.21
C PHE C 133 24.33 -5.98 32.78
N THR C 134 25.32 -5.27 33.27
CA THR C 134 25.32 -3.83 33.09
C THR C 134 25.75 -3.32 31.75
N GLU C 135 26.94 -3.76 31.28
CA GLU C 135 27.50 -3.31 30.03
C GLU C 135 27.12 -4.12 28.78
N ASP C 136 26.22 -5.11 28.93
CA ASP C 136 25.78 -5.95 27.80
C ASP C 136 24.51 -5.44 27.17
N HIS C 137 24.59 -5.01 25.90
CA HIS C 137 23.50 -4.42 25.13
C HIS C 137 22.48 -5.45 24.56
N TYR C 138 22.89 -6.72 24.40
CA TYR C 138 21.99 -7.80 23.96
C TYR C 138 22.22 -9.03 24.81
N VAL C 139 21.15 -9.67 25.30
CA VAL C 139 21.25 -10.90 26.08
C VAL C 139 20.32 -11.95 25.54
N GLU C 140 20.81 -13.19 25.45
CA GLU C 140 20.09 -14.34 24.93
C GLU C 140 20.36 -15.52 25.84
N PHE C 141 19.38 -16.42 25.94
CA PHE C 141 19.47 -17.65 26.74
C PHE C 141 20.20 -18.75 25.96
N SER C 142 20.81 -19.68 26.72
CA SER C 142 21.48 -20.84 26.16
C SER C 142 20.40 -21.77 25.57
N LYS C 143 20.61 -22.24 24.34
CA LYS C 143 19.65 -23.10 23.63
C LYS C 143 19.90 -24.58 23.98
N HIS C 144 19.20 -25.15 25.01
CA HIS C 144 19.42 -26.54 25.43
C HIS C 144 18.47 -26.92 26.50
N SER C 145 18.42 -26.05 27.52
CA SER C 145 17.74 -26.10 28.82
C SER C 145 18.11 -24.80 29.55
N GLN C 146 18.30 -23.73 28.78
CA GLN C 146 18.55 -22.38 29.23
C GLN C 146 19.01 -22.27 30.67
N ASP C 147 20.33 -22.47 30.93
CA ASP C 147 20.91 -22.34 32.27
C ASP C 147 21.98 -21.18 32.35
N ARG C 148 22.33 -20.66 31.16
CA ARG C 148 23.30 -19.61 30.91
C ARG C 148 22.68 -18.44 30.13
N VAL C 149 23.36 -17.30 30.14
CA VAL C 149 22.89 -16.14 29.40
C VAL C 149 24.02 -15.69 28.49
N ILE C 150 23.73 -15.45 27.19
CA ILE C 150 24.74 -14.96 26.24
C ILE C 150 24.60 -13.51 25.86
N GLY C 151 25.27 -12.72 26.67
CA GLY C 151 25.38 -11.29 26.47
C GLY C 151 26.46 -10.94 25.46
N THR C 152 26.24 -9.86 24.70
CA THR C 152 27.18 -9.33 23.72
C THR C 152 27.53 -7.92 24.21
N LYS C 153 28.68 -7.41 23.77
CA LYS C 153 29.13 -6.07 24.01
C LYS C 153 29.94 -5.73 22.76
N GLY C 154 29.20 -5.31 21.74
CA GLY C 154 29.75 -4.96 20.44
C GLY C 154 30.34 -6.15 19.70
N ASP C 155 31.68 -6.17 19.60
CA ASP C 155 32.44 -7.23 18.97
C ASP C 155 32.71 -8.40 19.92
N ILE C 156 32.44 -8.20 21.24
CA ILE C 156 32.75 -9.14 22.33
C ILE C 156 31.54 -9.88 22.88
N ALA C 157 31.71 -11.19 23.17
CA ALA C 157 30.69 -12.05 23.76
C ALA C 157 30.95 -12.22 25.27
N HIS C 158 29.92 -12.69 26.01
CA HIS C 158 29.97 -12.94 27.45
C HIS C 158 29.04 -14.11 27.82
N ILE C 159 29.38 -14.89 28.85
CA ILE C 159 28.52 -15.99 29.26
C ILE C 159 28.25 -15.94 30.76
N TYR C 160 26.96 -16.03 31.16
CA TYR C 160 26.59 -15.90 32.57
C TYR C 160 25.79 -17.07 33.08
N ASP C 161 25.86 -17.32 34.43
CA ASP C 161 25.07 -18.37 35.09
C ASP C 161 23.80 -17.75 35.66
N ILE C 162 22.61 -18.27 35.27
CA ILE C 162 21.34 -17.68 35.67
C ILE C 162 21.07 -17.68 37.20
N GLN C 163 21.71 -18.61 37.93
CA GLN C 163 21.59 -18.75 39.40
C GLN C 163 22.51 -17.78 40.12
N THR C 164 23.79 -17.77 39.71
CA THR C 164 24.85 -16.92 40.30
C THR C 164 24.83 -15.49 39.79
N GLY C 165 24.60 -15.34 38.49
CA GLY C 165 24.57 -14.07 37.76
C GLY C 165 25.97 -13.59 37.42
N ASN C 166 26.93 -14.52 37.48
CA ASN C 166 28.35 -14.28 37.27
C ASN C 166 28.82 -14.62 35.88
N LYS C 167 29.77 -13.80 35.38
CA LYS C 167 30.41 -13.91 34.08
C LYS C 167 31.27 -15.16 34.08
N LEU C 168 31.17 -15.98 33.03
CA LEU C 168 31.99 -17.19 32.95
C LEU C 168 33.00 -17.15 31.84
N LEU C 169 32.56 -16.72 30.65
CA LEU C 169 33.43 -16.65 29.50
C LEU C 169 33.31 -15.31 28.84
N THR C 170 34.37 -14.92 28.14
CA THR C 170 34.44 -13.69 27.40
C THR C 170 35.10 -14.09 26.10
N LEU C 171 34.28 -14.31 25.05
CA LEU C 171 34.74 -14.77 23.75
C LEU C 171 35.00 -13.61 22.85
N PHE C 172 36.28 -13.46 22.42
CA PHE C 172 36.76 -12.41 21.52
C PHE C 172 38.21 -12.59 21.09
N ASN C 173 38.46 -12.49 19.77
CA ASN C 173 39.79 -12.46 19.13
C ASN C 173 39.78 -11.29 18.15
N PRO C 174 40.56 -10.23 18.47
CA PRO C 174 40.53 -9.00 17.66
C PRO C 174 40.97 -9.11 16.22
N ASP C 175 41.77 -10.15 15.94
CA ASP C 175 42.32 -10.43 14.62
C ASP C 175 41.28 -11.16 13.79
N LEU C 176 40.67 -12.20 14.36
CA LEU C 176 39.66 -12.94 13.65
C LEU C 176 38.38 -12.13 13.52
N ALA C 177 38.21 -11.08 14.35
CA ALA C 177 37.01 -10.25 14.30
C ALA C 177 36.77 -9.53 12.96
N ASN C 178 35.45 -9.52 12.56
CA ASN C 178 34.82 -8.96 11.34
C ASN C 178 34.16 -7.57 11.50
N ASN C 179 33.93 -7.15 12.76
CA ASN C 179 33.33 -5.86 13.07
C ASN C 179 31.97 -5.68 12.39
N TYR C 180 31.12 -6.75 12.55
CA TYR C 180 29.75 -6.77 12.06
C TYR C 180 29.02 -5.77 12.94
N LYS C 181 28.45 -4.75 12.29
CA LYS C 181 27.80 -3.61 12.95
C LYS C 181 26.76 -4.05 13.97
N ARG C 182 25.79 -4.81 13.48
CA ARG C 182 24.74 -5.32 14.30
C ARG C 182 25.08 -6.78 14.62
N ASN C 183 26.18 -6.94 15.35
CA ASN C 183 26.70 -8.24 15.75
C ASN C 183 25.97 -8.76 16.92
N CYS C 184 25.60 -10.02 16.81
CA CYS C 184 25.03 -10.71 17.92
C CYS C 184 25.44 -12.16 18.15
N ALA C 185 26.12 -12.34 19.29
CA ALA C 185 26.63 -13.60 19.80
C ALA C 185 25.47 -14.45 20.30
N THR C 186 25.29 -15.57 19.60
CA THR C 186 24.25 -16.59 19.76
C THR C 186 24.83 -17.95 20.07
N PHE C 187 24.06 -18.75 20.84
CA PHE C 187 24.40 -20.11 21.22
C PHE C 187 24.00 -21.15 20.11
N ASN C 188 24.72 -22.28 20.00
CA ASN C 188 24.37 -23.24 18.96
C ASN C 188 23.16 -24.09 19.38
N PRO C 189 22.45 -24.83 18.48
CA PRO C 189 21.28 -25.60 18.95
C PRO C 189 21.60 -26.68 19.98
N THR C 190 22.89 -26.97 20.17
CA THR C 190 23.34 -27.98 21.11
C THR C 190 23.99 -27.34 22.31
N ASP C 191 24.34 -26.03 22.21
CA ASP C 191 24.95 -25.20 23.28
C ASP C 191 26.45 -25.16 23.35
N ASP C 192 27.14 -26.14 22.74
CA ASP C 192 28.61 -26.33 22.77
C ASP C 192 29.48 -25.40 21.90
N LEU C 193 28.81 -24.72 20.93
CA LEU C 193 29.38 -23.75 19.97
C LEU C 193 28.76 -22.33 20.07
N VAL C 194 29.54 -21.33 19.68
CA VAL C 194 29.09 -19.95 19.63
C VAL C 194 29.52 -19.29 18.32
N LEU C 195 28.59 -18.57 17.72
CA LEU C 195 28.85 -17.75 16.55
C LEU C 195 28.81 -16.28 17.04
N ASN C 196 29.95 -15.58 16.89
CA ASN C 196 30.14 -14.21 17.35
C ASN C 196 31.10 -13.43 16.51
N ASP C 197 30.55 -12.38 15.86
CA ASP C 197 31.21 -11.44 14.96
C ASP C 197 31.82 -12.16 13.76
N GLY C 198 31.08 -13.20 13.30
CA GLY C 198 31.43 -14.04 12.16
C GLY C 198 32.48 -15.10 12.39
N VAL C 199 32.90 -15.25 13.66
CA VAL C 199 33.86 -16.21 14.15
C VAL C 199 33.11 -17.27 14.92
N LEU C 200 33.20 -18.53 14.49
CA LEU C 200 32.59 -19.67 15.16
C LEU C 200 33.61 -20.14 16.23
N TRP C 201 33.12 -20.39 17.45
CA TRP C 201 33.94 -20.76 18.61
C TRP C 201 33.48 -22.07 19.24
N ASP C 202 34.30 -22.60 20.18
CA ASP C 202 34.00 -23.80 20.97
C ASP C 202 33.95 -23.39 22.45
N VAL C 203 32.72 -23.37 23.01
CA VAL C 203 32.38 -22.93 24.37
C VAL C 203 33.25 -23.54 25.50
N ARG C 204 33.44 -24.87 25.49
CA ARG C 204 34.19 -25.60 26.52
C ARG C 204 35.67 -25.30 26.49
N SER C 205 36.32 -25.40 25.31
CA SER C 205 37.74 -25.12 25.12
C SER C 205 38.08 -23.62 25.20
N ALA C 206 37.06 -22.75 24.93
CA ALA C 206 37.14 -21.28 24.85
C ALA C 206 38.13 -20.92 23.74
N GLN C 207 38.07 -21.69 22.65
CA GLN C 207 38.95 -21.56 21.51
C GLN C 207 38.14 -21.38 20.24
N ALA C 208 38.66 -20.51 19.35
CA ALA C 208 38.08 -20.16 18.06
C ALA C 208 38.17 -21.33 17.06
N ILE C 209 37.15 -21.47 16.21
CA ILE C 209 37.11 -22.56 15.24
C ILE C 209 37.34 -22.10 13.79
N HIS C 210 36.69 -20.99 13.39
CA HIS C 210 36.73 -20.48 12.02
C HIS C 210 36.20 -19.04 11.94
N LYS C 211 36.60 -18.28 10.90
CA LYS C 211 36.12 -16.93 10.61
C LYS C 211 35.47 -17.01 9.26
N PHE C 212 34.16 -16.83 9.25
CA PHE C 212 33.41 -16.87 8.01
C PHE C 212 33.57 -15.57 7.26
N ASP C 213 34.57 -15.58 6.32
CA ASP C 213 35.03 -14.54 5.38
C ASP C 213 34.01 -13.42 5.20
N LYS C 214 34.42 -12.16 5.32
CA LYS C 214 33.48 -11.04 5.24
C LYS C 214 32.89 -10.67 3.88
N PHE C 215 31.54 -10.77 3.74
CA PHE C 215 30.76 -10.44 2.54
C PHE C 215 29.59 -9.47 2.84
N ASN C 216 29.20 -9.37 4.11
CA ASN C 216 28.14 -8.49 4.59
C ASN C 216 28.79 -7.46 5.53
N MET C 217 28.02 -6.47 6.01
CA MET C 217 28.58 -5.43 6.89
C MET C 217 27.90 -5.25 8.23
N ASN C 218 26.63 -5.61 8.31
CA ASN C 218 25.86 -5.49 9.54
C ASN C 218 25.60 -6.83 10.23
N ILE C 219 25.05 -7.84 9.46
CA ILE C 219 24.57 -9.18 9.89
C ILE C 219 25.62 -10.17 10.36
N SER C 220 25.44 -10.71 11.60
CA SER C 220 26.37 -11.69 12.18
C SER C 220 26.06 -13.15 11.81
N GLY C 221 24.78 -13.49 11.74
CA GLY C 221 24.25 -14.79 11.37
C GLY C 221 23.67 -15.60 12.51
N VAL C 222 22.97 -16.69 12.15
CA VAL C 222 22.41 -17.66 13.10
C VAL C 222 22.80 -19.08 12.74
N PHE C 223 22.56 -19.98 13.70
CA PHE C 223 22.74 -21.40 13.50
C PHE C 223 21.43 -21.92 12.89
N HIS C 224 21.50 -22.89 11.95
CA HIS C 224 20.24 -23.47 11.50
C HIS C 224 19.92 -24.42 12.66
N PRO C 225 18.63 -24.75 12.97
CA PRO C 225 18.36 -25.68 14.06
C PRO C 225 18.69 -27.15 13.73
N ASN C 226 19.30 -27.45 12.55
CA ASN C 226 19.78 -28.80 12.21
C ASN C 226 21.15 -29.04 12.90
N GLY C 227 21.79 -27.93 13.24
CA GLY C 227 23.10 -27.86 13.87
C GLY C 227 24.20 -28.24 12.92
N LEU C 228 23.83 -28.45 11.63
CA LEU C 228 24.66 -28.84 10.48
C LEU C 228 25.16 -27.60 9.72
N GLU C 229 24.26 -26.65 9.43
CA GLU C 229 24.58 -25.42 8.72
C GLU C 229 24.57 -24.21 9.64
N VAL C 230 25.26 -23.13 9.14
CA VAL C 230 25.34 -21.78 9.70
C VAL C 230 24.99 -20.73 8.64
N ILE C 231 24.17 -19.75 9.00
CA ILE C 231 23.74 -18.78 8.02
C ILE C 231 24.13 -17.28 8.25
N ILE C 232 25.34 -16.96 7.75
CA ILE C 232 25.98 -15.65 7.77
C ILE C 232 25.39 -14.89 6.57
N ASN C 233 24.40 -14.02 6.87
CA ASN C 233 23.66 -13.18 5.91
C ASN C 233 23.05 -14.03 4.78
N THR C 234 23.71 -14.07 3.58
CA THR C 234 23.33 -14.86 2.40
C THR C 234 23.97 -16.24 2.54
N GLU C 235 25.21 -16.39 2.04
CA GLU C 235 26.07 -17.58 2.10
C GLU C 235 25.65 -18.60 3.21
N ILE C 236 25.27 -19.82 2.82
CA ILE C 236 24.91 -20.84 3.81
C ILE C 236 26.08 -21.77 3.86
N TRP C 237 26.77 -21.79 5.00
CA TRP C 237 27.99 -22.57 5.19
C TRP C 237 27.74 -23.82 6.01
N ASP C 238 28.61 -24.83 5.86
CA ASP C 238 28.50 -25.99 6.70
C ASP C 238 29.37 -25.79 7.91
N LEU C 239 28.80 -26.05 9.08
CA LEU C 239 29.41 -25.88 10.40
C LEU C 239 30.70 -26.72 10.72
N ARG C 240 30.86 -27.85 10.03
CA ARG C 240 31.99 -28.73 10.23
C ARG C 240 32.97 -28.61 9.05
N THR C 241 32.42 -28.44 7.82
CA THR C 241 33.21 -28.32 6.60
C THR C 241 33.70 -26.92 6.26
N PHE C 242 32.87 -25.89 6.53
CA PHE C 242 33.09 -24.48 6.21
C PHE C 242 32.96 -24.23 4.71
N HIS C 243 32.53 -25.28 3.95
CA HIS C 243 32.25 -25.24 2.52
C HIS C 243 31.06 -24.36 2.35
N LEU C 244 31.05 -23.53 1.31
CA LEU C 244 29.85 -22.75 1.07
C LEU C 244 28.91 -23.74 0.40
N LEU C 245 27.64 -23.73 0.83
CA LEU C 245 26.58 -24.56 0.27
C LEU C 245 25.77 -23.72 -0.70
N HIS C 246 24.94 -22.80 -0.22
CA HIS C 246 24.21 -21.96 -1.17
C HIS C 246 24.30 -20.50 -0.85
N THR C 247 24.03 -19.70 -1.86
CA THR C 247 23.94 -18.26 -1.79
C THR C 247 22.46 -17.95 -1.95
N VAL C 248 21.84 -17.39 -0.90
CA VAL C 248 20.43 -17.06 -0.97
C VAL C 248 20.39 -15.58 -1.08
N PRO C 249 20.22 -15.01 -2.27
CA PRO C 249 20.28 -13.53 -2.38
C PRO C 249 19.10 -12.84 -1.72
N ALA C 250 17.95 -13.55 -1.65
CA ALA C 250 16.73 -13.06 -1.01
C ALA C 250 16.89 -12.87 0.51
N LEU C 251 17.79 -13.66 1.11
CA LEU C 251 18.12 -13.63 2.54
C LEU C 251 19.09 -12.50 2.99
N ASP C 252 19.60 -11.68 2.03
CA ASP C 252 20.50 -10.58 2.38
C ASP C 252 19.82 -9.61 3.37
N GLN C 253 20.58 -9.12 4.39
CA GLN C 253 20.18 -8.14 5.42
C GLN C 253 18.96 -8.52 6.32
N CYS C 254 18.79 -9.84 6.51
CA CYS C 254 17.67 -10.37 7.26
C CYS C 254 17.83 -10.79 8.72
N ARG C 255 16.88 -10.29 9.57
CA ARG C 255 16.69 -10.71 10.97
C ARG C 255 15.95 -12.04 10.76
N VAL C 256 16.69 -13.12 10.75
CA VAL C 256 16.06 -14.37 10.46
C VAL C 256 15.71 -15.13 11.68
N VAL C 257 14.51 -15.71 11.67
CA VAL C 257 14.07 -16.51 12.80
C VAL C 257 13.23 -17.67 12.34
N PHE C 258 13.70 -18.90 12.64
CA PHE C 258 13.00 -20.14 12.31
C PHE C 258 11.66 -20.30 13.08
N ASN C 259 10.75 -21.12 12.55
CA ASN C 259 9.49 -21.39 13.22
C ASN C 259 9.73 -22.52 14.21
N HIS C 260 8.75 -22.80 15.11
CA HIS C 260 8.90 -23.80 16.15
C HIS C 260 9.36 -25.16 15.67
N THR C 261 8.79 -25.64 14.58
CA THR C 261 9.15 -26.92 14.00
C THR C 261 10.39 -26.85 13.08
N GLY C 262 10.86 -25.64 12.82
CA GLY C 262 12.05 -25.42 12.00
C GLY C 262 11.89 -25.80 10.54
N THR C 263 10.75 -25.38 10.03
CA THR C 263 10.29 -25.70 8.71
C THR C 263 10.18 -24.46 7.84
N VAL C 264 9.92 -23.27 8.41
CA VAL C 264 9.78 -22.03 7.66
C VAL C 264 10.64 -20.90 8.27
N MET C 265 11.39 -20.12 7.46
CA MET C 265 12.21 -19.02 8.03
C MET C 265 11.54 -17.69 7.89
N TYR C 266 11.59 -16.87 8.92
CA TYR C 266 11.02 -15.55 8.85
C TYR C 266 12.13 -14.50 8.74
N GLY C 267 12.18 -13.86 7.59
CA GLY C 267 13.17 -12.83 7.38
C GLY C 267 12.54 -11.50 7.67
N ALA C 268 13.35 -10.56 8.19
CA ALA C 268 12.93 -9.19 8.44
C ALA C 268 14.01 -8.31 7.87
N MET C 269 13.70 -7.68 6.74
CA MET C 269 14.65 -6.81 6.05
C MET C 269 14.88 -5.53 6.88
N LEU C 270 16.16 -5.09 7.01
CA LEU C 270 16.50 -3.87 7.76
C LEU C 270 17.42 -2.94 6.97
N GLN C 271 17.07 -1.62 6.88
CA GLN C 271 17.81 -0.56 6.14
C GLN C 271 18.36 -1.02 4.77
N SER C 285 14.41 6.78 8.52
CA SER C 285 13.77 5.47 8.64
C SER C 285 14.72 4.30 8.25
N PRO C 286 14.70 3.16 9.02
CA PRO C 286 15.62 2.04 8.75
C PRO C 286 14.96 0.76 8.23
N PHE C 287 14.43 -0.03 9.19
CA PHE C 287 13.74 -1.30 9.10
C PHE C 287 12.61 -1.43 8.08
N GLY C 288 12.30 -2.68 7.74
CA GLY C 288 11.31 -3.00 6.73
C GLY C 288 9.89 -2.53 7.01
N SER C 289 9.08 -2.55 5.94
CA SER C 289 7.65 -2.31 5.87
C SER C 289 7.08 -3.64 5.40
N SER C 290 7.99 -4.60 5.14
CA SER C 290 7.71 -5.94 4.66
C SER C 290 8.66 -6.97 5.28
N PHE C 291 8.28 -8.26 5.13
CA PHE C 291 9.01 -9.41 5.66
C PHE C 291 8.86 -10.64 4.75
N ARG C 292 9.92 -11.45 4.67
CA ARG C 292 9.99 -12.66 3.85
C ARG C 292 9.84 -13.92 4.67
N THR C 293 9.46 -15.00 3.98
CA THR C 293 9.37 -16.34 4.53
C THR C 293 9.98 -17.24 3.50
N PHE C 294 10.60 -18.32 3.96
CA PHE C 294 11.21 -19.27 3.04
C PHE C 294 11.00 -20.60 3.59
N ASN C 295 11.12 -21.59 2.71
CA ASN C 295 11.01 -22.98 3.05
C ASN C 295 12.38 -23.37 3.61
N ALA C 296 12.42 -23.95 4.84
CA ALA C 296 13.67 -24.30 5.50
C ALA C 296 14.42 -25.44 4.83
N THR C 297 13.66 -26.46 4.42
CA THR C 297 14.12 -27.70 3.80
C THR C 297 15.04 -27.53 2.58
N ASP C 298 14.71 -26.58 1.71
CA ASP C 298 15.43 -26.17 0.51
C ASP C 298 15.17 -24.70 0.56
N TYR C 299 16.22 -23.89 0.66
CA TYR C 299 16.13 -22.42 0.88
C TYR C 299 15.33 -21.57 -0.14
N LYS C 300 14.33 -22.19 -0.80
CA LYS C 300 13.45 -21.53 -1.75
C LYS C 300 12.52 -20.56 -1.03
N PRO C 301 12.51 -19.29 -1.47
CA PRO C 301 11.61 -18.32 -0.87
C PRO C 301 10.15 -18.72 -1.06
N ILE C 302 9.30 -18.31 -0.13
CA ILE C 302 7.89 -18.58 -0.16
C ILE C 302 7.17 -17.32 -0.56
N ALA C 303 7.34 -16.26 0.24
CA ALA C 303 6.68 -14.99 0.01
C ALA C 303 7.41 -13.87 0.72
N THR C 304 7.00 -12.63 0.38
CA THR C 304 7.41 -11.34 0.92
C THR C 304 6.07 -10.67 1.26
N ILE C 305 5.87 -10.33 2.52
CA ILE C 305 4.59 -9.74 2.94
C ILE C 305 4.77 -8.30 3.30
N ASP C 306 4.11 -7.41 2.56
CA ASP C 306 4.20 -5.99 2.82
C ASP C 306 3.17 -5.57 3.88
N VAL C 307 3.60 -5.51 5.16
CA VAL C 307 2.76 -5.11 6.31
C VAL C 307 2.30 -3.66 6.16
N LYS C 308 2.83 -3.00 5.12
CA LYS C 308 2.63 -1.63 4.68
C LYS C 308 2.97 -0.58 5.72
N ARG C 309 3.45 -1.05 6.88
CA ARG C 309 3.88 -0.22 7.97
C ARG C 309 5.27 -0.62 8.39
N ASN C 310 6.03 0.38 8.81
CA ASN C 310 7.40 0.21 9.27
C ASN C 310 7.41 -0.77 10.45
N ILE C 311 8.03 -1.93 10.29
CA ILE C 311 8.03 -2.88 11.40
C ILE C 311 9.19 -2.55 12.29
N PHE C 312 9.07 -2.83 13.62
CA PHE C 312 10.14 -2.61 14.59
C PHE C 312 10.63 -3.91 15.21
N ASP C 313 9.75 -4.94 15.29
CA ASP C 313 10.02 -6.30 15.79
C ASP C 313 8.90 -7.20 15.28
N LEU C 314 9.11 -8.50 15.41
CA LEU C 314 8.30 -9.57 14.86
C LEU C 314 8.48 -10.83 15.68
N CYS C 315 7.44 -11.47 16.09
CA CYS C 315 7.66 -12.75 16.77
C CYS C 315 6.58 -13.76 16.42
N THR C 316 6.79 -15.00 16.79
CA THR C 316 5.77 -16.01 16.52
C THR C 316 5.54 -16.95 17.74
N ASP C 317 4.42 -17.66 17.77
CA ASP C 317 4.22 -18.58 18.87
C ASP C 317 4.71 -19.98 18.49
N THR C 318 4.72 -20.91 19.47
CA THR C 318 5.08 -22.28 19.16
C THR C 318 4.06 -22.84 18.15
N LYS C 319 2.76 -22.76 18.46
CA LYS C 319 1.59 -23.25 17.71
C LYS C 319 1.44 -22.86 16.20
N ASP C 320 2.38 -22.10 15.62
CA ASP C 320 2.33 -21.62 14.22
C ASP C 320 0.95 -21.09 13.90
N CYS C 321 0.40 -20.38 14.89
CA CYS C 321 -0.92 -19.79 14.95
C CYS C 321 -0.91 -18.25 14.84
N TYR C 322 -0.15 -17.58 15.72
CA TYR C 322 -0.03 -16.12 15.73
C TYR C 322 1.33 -15.54 15.32
N LEU C 323 1.29 -14.33 14.70
CA LEU C 323 2.47 -13.57 14.33
C LEU C 323 2.35 -12.14 14.91
N ALA C 324 3.06 -11.89 16.01
CA ALA C 324 3.06 -10.57 16.59
C ALA C 324 4.07 -9.73 15.81
N VAL C 325 3.67 -8.48 15.52
CA VAL C 325 4.50 -7.47 14.85
C VAL C 325 4.24 -6.01 15.37
N ILE C 326 5.34 -5.34 15.72
CA ILE C 326 5.37 -3.99 16.21
C ILE C 326 5.46 -3.11 14.96
N GLU C 327 4.31 -2.50 14.56
CA GLU C 327 4.13 -1.65 13.37
C GLU C 327 3.94 -0.15 13.74
N ASN C 328 4.78 0.76 13.18
CA ASN C 328 4.60 2.19 13.46
C ASN C 328 3.43 2.76 12.68
N GLN C 329 2.36 3.05 13.42
CA GLN C 329 1.16 3.66 12.88
C GLN C 329 1.43 5.16 12.71
N GLY C 330 1.91 5.53 11.52
CA GLY C 330 2.20 6.92 11.19
C GLY C 330 3.67 7.31 11.17
N SER C 331 4.10 7.92 10.02
CA SER C 331 5.46 8.37 9.66
C SER C 331 6.48 8.60 10.78
N MET C 332 7.70 8.09 10.56
CA MET C 332 8.87 8.13 11.46
C MET C 332 9.46 9.55 11.73
N ASP C 333 8.56 10.47 12.13
CA ASP C 333 8.84 11.84 12.56
C ASP C 333 8.99 11.75 14.06
N ALA C 334 10.03 12.41 14.61
CA ALA C 334 10.33 12.43 16.04
C ALA C 334 9.06 12.33 16.88
N LEU C 335 8.11 13.28 16.64
CA LEU C 335 6.80 13.46 17.30
C LEU C 335 5.91 12.24 17.07
N ASN C 336 5.09 12.31 16.01
CA ASN C 336 4.08 11.35 15.53
C ASN C 336 4.53 9.87 15.34
N MET C 337 4.99 9.23 16.43
CA MET C 337 5.46 7.86 16.45
C MET C 337 4.60 7.06 17.37
N ASP C 338 3.84 6.11 16.80
CA ASP C 338 2.86 5.31 17.51
C ASP C 338 3.11 3.82 17.31
N THR C 339 4.05 3.26 18.06
CA THR C 339 4.31 1.83 17.92
C THR C 339 3.36 0.95 18.68
N VAL C 340 2.40 0.45 17.95
CA VAL C 340 1.40 -0.47 18.42
C VAL C 340 1.90 -1.90 18.14
N CYS C 341 1.11 -2.89 18.52
CA CYS C 341 1.42 -4.27 18.24
C CYS C 341 0.25 -4.84 17.54
N ARG C 342 0.49 -5.48 16.39
CA ARG C 342 -0.57 -6.12 15.61
C ARG C 342 -0.40 -7.61 15.69
N LEU C 343 -1.50 -8.34 15.53
CA LEU C 343 -1.49 -9.79 15.59
C LEU C 343 -1.98 -10.37 14.31
N TYR C 344 -1.30 -11.42 13.85
CA TYR C 344 -1.65 -12.12 12.62
C TYR C 344 -2.03 -13.58 12.88
N GLU C 345 -2.83 -14.15 11.99
CA GLU C 345 -3.14 -15.55 11.94
C GLU C 345 -2.41 -16.14 10.66
N VAL C 346 -2.42 -17.46 10.43
CA VAL C 346 -1.71 -18.00 9.24
C VAL C 346 -2.60 -18.87 8.13
N PHE D 2 -15.68 -1.39 57.02
CA PHE D 2 -16.86 -1.77 57.81
C PHE D 2 -17.97 -2.51 57.06
N PHE D 3 -17.94 -3.83 57.18
CA PHE D 3 -18.95 -4.72 56.65
C PHE D 3 -20.03 -4.68 57.74
N GLY D 4 -21.29 -4.73 57.32
CA GLY D 4 -22.43 -4.68 58.22
C GLY D 4 -22.59 -5.94 59.05
N GLU D 5 -22.45 -5.81 60.39
CA GLU D 5 -22.52 -6.90 61.38
C GLU D 5 -23.58 -7.99 61.22
N SER D 6 -24.82 -7.60 60.85
CA SER D 6 -25.94 -8.53 60.58
C SER D 6 -25.57 -9.51 59.45
N TRP D 7 -24.93 -8.97 58.40
CA TRP D 7 -24.45 -9.68 57.20
C TRP D 7 -23.10 -10.32 57.48
N LYS D 8 -22.28 -9.66 58.34
CA LYS D 8 -20.96 -10.13 58.72
C LYS D 8 -21.09 -11.44 59.48
N LYS D 9 -22.03 -11.51 60.46
CA LYS D 9 -22.30 -12.73 61.23
C LYS D 9 -22.92 -13.85 60.36
N HIS D 10 -23.28 -13.55 59.09
CA HIS D 10 -23.87 -14.50 58.16
C HIS D 10 -23.01 -14.97 57.00
N LEU D 11 -22.53 -14.03 56.16
CA LEU D 11 -21.75 -14.29 54.95
C LEU D 11 -20.33 -14.73 55.20
N SER D 12 -19.81 -14.38 56.39
CA SER D 12 -18.50 -14.71 56.95
C SER D 12 -17.79 -15.98 56.43
N GLY D 13 -18.56 -17.03 56.14
CA GLY D 13 -18.06 -18.31 55.64
C GLY D 13 -17.29 -18.20 54.34
N GLU D 14 -17.65 -17.19 53.52
CA GLU D 14 -17.07 -16.88 52.21
C GLU D 14 -15.63 -16.44 52.25
N PHE D 15 -15.29 -15.47 53.12
CA PHE D 15 -13.95 -14.88 53.29
C PHE D 15 -12.81 -15.88 53.27
N GLY D 16 -13.00 -17.03 53.92
CA GLY D 16 -12.01 -18.09 53.97
C GLY D 16 -11.78 -18.82 52.66
N LYS D 17 -12.83 -18.87 51.79
CA LYS D 17 -12.82 -19.57 50.51
C LYS D 17 -11.65 -19.20 49.58
N PRO D 18 -11.07 -20.21 48.87
CA PRO D 18 -9.90 -19.94 47.99
C PRO D 18 -10.17 -19.00 46.84
N TYR D 19 -11.45 -18.80 46.54
CA TYR D 19 -11.88 -17.88 45.52
C TYR D 19 -11.78 -16.47 46.09
N PHE D 20 -12.26 -16.30 47.34
CA PHE D 20 -12.29 -15.02 48.02
C PHE D 20 -10.93 -14.53 48.41
N ILE D 21 -10.03 -15.44 48.77
CA ILE D 21 -8.67 -15.03 49.09
C ILE D 21 -8.01 -14.43 47.84
N LYS D 22 -8.18 -15.12 46.69
CA LYS D 22 -7.64 -14.73 45.39
C LYS D 22 -8.24 -13.40 44.95
N LEU D 23 -9.56 -13.25 45.14
CA LEU D 23 -10.25 -12.00 44.82
C LEU D 23 -9.71 -10.83 45.66
N MET D 24 -9.56 -11.00 46.99
CA MET D 24 -9.06 -9.90 47.83
C MET D 24 -7.64 -9.47 47.48
N GLY D 25 -6.79 -10.47 47.26
CA GLY D 25 -5.39 -10.29 46.86
C GLY D 25 -5.21 -9.65 45.51
N PHE D 26 -6.18 -9.92 44.58
CA PHE D 26 -6.23 -9.31 43.24
C PHE D 26 -6.54 -7.84 43.44
N VAL D 27 -7.68 -7.56 44.12
CA VAL D 27 -8.15 -6.22 44.43
C VAL D 27 -7.06 -5.42 45.11
N ALA D 28 -6.29 -6.09 45.99
CA ALA D 28 -5.15 -5.54 46.73
C ALA D 28 -4.08 -5.00 45.76
N GLU D 29 -3.51 -5.89 44.88
CA GLU D 29 -2.50 -5.51 43.89
C GLU D 29 -3.08 -4.63 42.82
N GLU D 30 -4.41 -4.65 42.64
CA GLU D 30 -5.04 -3.78 41.65
C GLU D 30 -4.98 -2.36 42.13
N ARG D 31 -5.27 -2.15 43.42
CA ARG D 31 -5.21 -0.84 44.08
C ARG D 31 -3.77 -0.28 44.14
N LYS D 32 -2.77 -1.15 44.21
CA LYS D 32 -1.37 -0.76 44.23
C LYS D 32 -0.93 -0.27 42.87
N HIS D 33 -1.73 -0.51 41.80
CA HIS D 33 -1.33 -0.11 40.45
C HIS D 33 -2.26 0.73 39.65
N TYR D 34 -3.57 0.64 39.92
CA TYR D 34 -4.60 1.41 39.23
C TYR D 34 -5.51 1.96 40.33
N THR D 35 -6.24 3.03 40.05
CA THR D 35 -7.16 3.60 41.04
C THR D 35 -8.43 2.74 41.01
N VAL D 36 -8.72 2.02 42.10
CA VAL D 36 -9.89 1.15 42.12
C VAL D 36 -11.08 1.72 42.89
N TYR D 37 -12.24 1.65 42.25
CA TYR D 37 -13.47 2.14 42.82
C TYR D 37 -14.43 0.99 43.14
N PRO D 38 -15.25 1.09 44.23
CA PRO D 38 -15.32 2.18 45.22
C PRO D 38 -14.15 2.07 46.18
N PRO D 39 -13.78 3.14 46.90
CA PRO D 39 -12.64 3.02 47.81
C PRO D 39 -13.03 2.14 49.00
N PRO D 40 -12.03 1.58 49.72
CA PRO D 40 -12.32 0.73 50.88
C PRO D 40 -13.62 0.84 51.68
N HIS D 41 -13.81 1.87 52.49
CA HIS D 41 -15.06 1.99 53.27
C HIS D 41 -16.34 1.90 52.42
N GLN D 42 -16.31 2.47 51.19
CA GLN D 42 -17.45 2.50 50.27
C GLN D 42 -17.83 1.18 49.62
N VAL D 43 -16.89 0.22 49.46
CA VAL D 43 -17.12 -1.10 48.82
C VAL D 43 -18.32 -1.87 49.41
N PHE D 44 -18.54 -1.73 50.71
CA PHE D 44 -19.60 -2.43 51.42
C PHE D 44 -20.64 -1.51 52.12
N THR D 45 -21.26 -0.62 51.33
CA THR D 45 -22.26 0.25 51.92
C THR D 45 -23.61 -0.44 51.84
N TRP D 46 -23.75 -1.36 50.86
CA TRP D 46 -24.94 -2.20 50.66
C TRP D 46 -25.29 -3.02 51.92
N THR D 47 -24.28 -3.30 52.74
CA THR D 47 -24.39 -4.04 53.97
C THR D 47 -24.63 -3.15 55.23
N GLN D 48 -23.87 -2.05 55.37
CA GLN D 48 -23.97 -1.11 56.51
C GLN D 48 -25.14 -0.11 56.46
N MET D 49 -26.14 -0.37 55.60
CA MET D 49 -27.29 0.51 55.42
C MET D 49 -28.56 0.07 56.20
N CYS D 50 -28.81 -1.26 56.25
CA CYS D 50 -29.92 -1.90 56.96
C CYS D 50 -29.51 -3.34 57.37
N ASP D 51 -30.25 -3.96 58.30
CA ASP D 51 -29.97 -5.34 58.72
C ASP D 51 -30.40 -6.31 57.64
N ILE D 52 -29.64 -7.41 57.48
CA ILE D 52 -29.86 -8.49 56.50
C ILE D 52 -31.30 -9.05 56.55
N LYS D 53 -31.84 -9.10 57.77
CA LYS D 53 -33.19 -9.56 58.10
C LYS D 53 -34.22 -8.56 57.62
N ASP D 54 -33.94 -7.23 57.79
CA ASP D 54 -34.81 -6.12 57.40
C ASP D 54 -34.91 -5.87 55.88
N VAL D 55 -34.19 -6.65 55.05
CA VAL D 55 -34.25 -6.52 53.61
C VAL D 55 -35.51 -7.21 53.09
N LYS D 56 -36.33 -6.47 52.31
CA LYS D 56 -37.61 -6.92 51.71
C LYS D 56 -37.47 -7.09 50.20
N VAL D 57 -36.81 -6.10 49.53
CA VAL D 57 -36.60 -6.01 48.07
C VAL D 57 -35.11 -6.14 47.74
N VAL D 58 -34.79 -6.84 46.63
CA VAL D 58 -33.41 -6.99 46.14
C VAL D 58 -33.35 -6.74 44.63
N ILE D 59 -32.47 -5.80 44.24
CA ILE D 59 -32.15 -5.39 42.86
C ILE D 59 -30.68 -5.74 42.58
N LEU D 60 -30.44 -6.48 41.48
CA LEU D 60 -29.12 -6.95 41.07
C LEU D 60 -28.51 -6.09 40.01
N GLY D 61 -27.28 -5.62 40.27
CA GLY D 61 -26.48 -4.80 39.36
C GLY D 61 -25.33 -5.57 38.75
N GLN D 62 -24.59 -4.94 37.83
CA GLN D 62 -23.46 -5.66 37.25
C GLN D 62 -22.10 -5.19 37.76
N ASP D 63 -21.63 -4.05 37.25
CA ASP D 63 -20.31 -3.51 37.48
C ASP D 63 -20.31 -2.17 38.26
N PRO D 64 -19.29 -1.84 39.10
CA PRO D 64 -19.26 -0.51 39.75
C PRO D 64 -19.07 0.65 38.75
N TYR D 65 -19.15 1.86 39.26
CA TYR D 65 -18.97 3.04 38.44
C TYR D 65 -17.49 3.39 38.46
N HIS D 66 -16.83 3.39 37.27
CA HIS D 66 -15.37 3.60 37.13
C HIS D 66 -14.82 5.05 37.16
N GLY D 67 -15.65 5.99 37.59
CA GLY D 67 -15.28 7.40 37.75
C GLY D 67 -14.97 7.77 39.19
N PRO D 68 -14.22 8.87 39.43
CA PRO D 68 -13.84 9.21 40.79
C PRO D 68 -14.96 9.81 41.59
N ASN D 69 -15.10 9.32 42.85
CA ASN D 69 -16.08 9.70 43.87
C ASN D 69 -17.51 9.54 43.32
N GLN D 70 -17.76 8.38 42.67
CA GLN D 70 -19.04 8.04 42.03
C GLN D 70 -19.56 6.76 42.61
N ALA D 71 -18.72 5.72 42.53
CA ALA D 71 -18.99 4.37 43.00
C ALA D 71 -19.11 4.41 44.51
N HIS D 72 -20.26 3.93 45.10
CA HIS D 72 -20.39 4.00 46.58
C HIS D 72 -20.91 2.78 47.37
N GLY D 73 -21.29 1.69 46.70
CA GLY D 73 -21.76 0.50 47.38
C GLY D 73 -23.10 -0.03 46.90
N LEU D 74 -23.92 0.86 46.34
CA LEU D 74 -25.24 0.51 45.85
C LEU D 74 -25.27 0.49 44.33
N CYS D 75 -26.03 -0.45 43.73
CA CYS D 75 -26.17 -0.54 42.28
C CYS D 75 -27.08 0.52 41.72
N PHE D 76 -26.66 1.13 40.61
CA PHE D 76 -27.33 2.25 39.95
C PHE D 76 -27.25 3.48 40.85
N SER D 77 -26.39 3.45 41.87
CA SER D 77 -26.27 4.60 42.77
C SER D 77 -24.92 5.26 42.63
N VAL D 78 -24.96 6.58 42.43
CA VAL D 78 -23.80 7.48 42.32
C VAL D 78 -23.85 8.51 43.46
N GLN D 79 -22.69 8.87 44.02
CA GLN D 79 -22.62 9.85 45.09
C GLN D 79 -23.05 11.23 44.56
N ARG D 80 -23.33 12.15 45.46
CA ARG D 80 -23.63 13.51 45.07
C ARG D 80 -22.25 14.14 44.84
N PRO D 81 -22.03 15.05 43.88
CA PRO D 81 -22.98 15.69 42.96
C PRO D 81 -22.95 15.06 41.57
N VAL D 82 -22.49 13.79 41.49
CA VAL D 82 -22.38 13.02 40.25
C VAL D 82 -23.76 12.89 39.63
N PRO D 83 -23.92 13.37 38.37
CA PRO D 83 -25.24 13.26 37.70
C PRO D 83 -25.63 11.81 37.51
N PRO D 84 -26.93 11.48 37.36
CA PRO D 84 -27.30 10.07 37.26
C PRO D 84 -26.80 9.43 36.00
N PRO D 85 -26.40 8.14 36.07
CA PRO D 85 -25.98 7.44 34.85
C PRO D 85 -27.23 7.17 33.96
N PRO D 86 -27.08 6.81 32.67
CA PRO D 86 -28.26 6.61 31.82
C PRO D 86 -29.36 5.67 32.33
N SER D 87 -29.00 4.42 32.67
CA SER D 87 -29.97 3.46 33.18
C SER D 87 -30.76 4.03 34.35
N LEU D 88 -30.09 4.71 35.32
CA LEU D 88 -30.77 5.31 36.48
C LEU D 88 -31.69 6.44 36.07
N GLU D 89 -31.32 7.22 35.03
CA GLU D 89 -32.18 8.27 34.51
C GLU D 89 -33.46 7.64 33.93
N ASN D 90 -33.33 6.40 33.40
CA ASN D 90 -34.42 5.57 32.83
C ASN D 90 -35.23 4.89 33.95
N ILE D 91 -34.62 4.64 35.13
CA ILE D 91 -35.30 4.04 36.29
C ILE D 91 -36.25 5.11 36.87
N TYR D 92 -35.68 6.32 37.07
CA TYR D 92 -36.35 7.52 37.55
C TYR D 92 -37.54 7.81 36.65
N LYS D 93 -37.34 7.74 35.33
CA LYS D 93 -38.43 7.92 34.37
C LYS D 93 -39.48 6.81 34.51
N GLU D 94 -39.09 5.59 34.99
CA GLU D 94 -40.09 4.55 35.21
C GLU D 94 -40.88 4.78 36.50
N LEU D 95 -40.24 5.33 37.54
CA LEU D 95 -40.91 5.64 38.81
C LEU D 95 -42.00 6.70 38.67
N SER D 96 -41.78 7.69 37.78
CA SER D 96 -42.76 8.75 37.52
C SER D 96 -44.02 8.24 36.79
N THR D 97 -43.86 7.15 36.02
CA THR D 97 -44.95 6.51 35.29
C THR D 97 -45.37 5.22 35.99
N ASP D 98 -45.35 5.22 37.35
CA ASP D 98 -45.69 4.06 38.17
C ASP D 98 -46.06 4.43 39.60
N ILE D 99 -45.34 5.41 40.20
CA ILE D 99 -45.59 5.87 41.57
C ILE D 99 -46.23 7.27 41.57
N GLU D 100 -47.34 7.42 42.33
CA GLU D 100 -48.12 8.64 42.40
C GLU D 100 -47.39 9.94 42.75
N ASP D 101 -46.95 10.08 44.00
CA ASP D 101 -46.32 11.33 44.44
C ASP D 101 -44.82 11.41 44.26
N PHE D 102 -44.27 10.77 43.20
CA PHE D 102 -42.82 10.75 42.91
C PHE D 102 -42.32 11.94 42.09
N VAL D 103 -41.19 12.49 42.54
CA VAL D 103 -40.50 13.62 41.93
C VAL D 103 -39.09 13.18 41.60
N HIS D 104 -38.41 13.85 40.64
CA HIS D 104 -37.01 13.52 40.37
C HIS D 104 -36.23 13.99 41.61
N PRO D 105 -35.47 13.09 42.27
CA PRO D 105 -34.76 13.48 43.51
C PRO D 105 -33.63 14.48 43.31
N GLY D 106 -33.30 14.77 42.06
CA GLY D 106 -32.27 15.73 41.66
C GLY D 106 -30.85 15.25 41.83
N HIS D 107 -30.69 13.98 42.23
CA HIS D 107 -29.39 13.35 42.44
C HIS D 107 -29.46 11.83 42.19
N GLY D 108 -28.30 11.19 42.18
CA GLY D 108 -28.20 9.76 41.95
C GLY D 108 -28.09 8.87 43.18
N ASP D 109 -27.91 9.47 44.38
CA ASP D 109 -27.73 8.73 45.63
C ASP D 109 -28.94 7.92 46.06
N LEU D 110 -28.82 6.60 45.98
CA LEU D 110 -29.89 5.67 46.35
C LEU D 110 -29.74 5.12 47.77
N SER D 111 -29.19 5.96 48.68
CA SER D 111 -29.03 5.67 50.10
C SER D 111 -30.41 5.36 50.70
N GLY D 112 -31.38 6.20 50.32
CA GLY D 112 -32.77 6.13 50.73
C GLY D 112 -33.38 4.74 50.71
N TRP D 113 -33.30 4.06 49.55
CA TRP D 113 -33.88 2.72 49.38
C TRP D 113 -33.19 1.66 50.22
N ALA D 114 -31.89 1.84 50.43
CA ALA D 114 -31.08 0.90 51.19
C ALA D 114 -31.43 0.89 52.67
N LYS D 115 -31.57 2.09 53.29
CA LYS D 115 -31.94 2.26 54.69
C LYS D 115 -33.35 1.70 54.92
N GLN D 116 -34.21 1.87 53.89
CA GLN D 116 -35.61 1.46 53.84
C GLN D 116 -35.85 -0.05 53.65
N GLY D 117 -34.82 -0.81 53.24
CA GLY D 117 -34.94 -2.26 53.06
C GLY D 117 -34.82 -2.81 51.66
N VAL D 118 -34.18 -2.04 50.72
CA VAL D 118 -33.96 -2.43 49.32
C VAL D 118 -32.47 -2.71 49.14
N LEU D 119 -32.13 -3.94 48.72
CA LEU D 119 -30.73 -4.28 48.49
C LEU D 119 -30.35 -3.96 47.04
N LEU D 120 -29.28 -3.14 46.89
CA LEU D 120 -28.76 -2.73 45.58
C LEU D 120 -27.34 -3.33 45.32
N LEU D 121 -27.34 -4.66 45.26
CA LEU D 121 -26.18 -5.49 45.11
C LEU D 121 -25.74 -5.69 43.64
N ASN D 122 -24.45 -5.36 43.34
CA ASN D 122 -23.85 -5.56 42.02
C ASN D 122 -23.18 -6.91 42.00
N ALA D 123 -23.20 -7.56 40.83
CA ALA D 123 -22.53 -8.85 40.62
C ALA D 123 -21.04 -8.67 40.89
N VAL D 124 -20.43 -7.61 40.33
CA VAL D 124 -19.02 -7.25 40.52
C VAL D 124 -18.88 -6.02 41.43
N LEU D 125 -17.97 -6.08 42.44
CA LEU D 125 -17.83 -5.02 43.44
C LEU D 125 -16.69 -4.01 43.36
N THR D 126 -15.70 -4.20 42.44
CA THR D 126 -14.61 -3.22 42.20
C THR D 126 -14.19 -3.13 40.74
N VAL D 127 -13.69 -1.96 40.30
CA VAL D 127 -13.21 -1.75 38.91
C VAL D 127 -12.10 -0.73 38.83
N ARG D 128 -11.24 -0.88 37.77
CA ARG D 128 -10.14 0.03 37.44
C ARG D 128 -10.72 1.29 36.88
N ALA D 129 -10.10 2.42 37.18
CA ALA D 129 -10.59 3.68 36.67
C ALA D 129 -10.59 3.65 35.13
N HIS D 130 -11.73 4.04 34.53
CA HIS D 130 -12.03 4.10 33.08
C HIS D 130 -12.09 2.76 32.37
N GLN D 131 -11.49 1.73 32.98
CA GLN D 131 -11.53 0.43 32.40
C GLN D 131 -12.83 -0.18 32.84
N ALA D 132 -13.78 -0.19 31.88
CA ALA D 132 -15.16 -0.64 31.96
C ALA D 132 -15.39 -1.88 32.78
N ASN D 133 -15.29 -3.10 32.21
CA ASN D 133 -15.54 -4.26 33.03
C ASN D 133 -14.38 -4.80 33.87
N SER D 134 -13.17 -4.26 33.62
CA SER D 134 -11.84 -4.57 34.20
C SER D 134 -11.71 -5.74 35.16
N HIS D 135 -12.29 -5.59 36.37
CA HIS D 135 -12.27 -6.64 37.38
C HIS D 135 -13.54 -7.43 37.10
N LYS D 136 -13.54 -8.25 36.03
CA LYS D 136 -14.67 -9.05 35.56
C LYS D 136 -14.69 -10.40 36.28
N GLU D 137 -14.55 -11.49 35.50
CA GLU D 137 -14.55 -12.89 35.93
C GLU D 137 -13.31 -13.15 36.83
N ARG D 138 -13.29 -12.48 38.01
CA ARG D 138 -12.19 -12.45 38.98
C ARG D 138 -12.48 -13.11 40.32
N GLY D 139 -13.76 -13.06 40.74
CA GLY D 139 -14.22 -13.62 41.99
C GLY D 139 -15.55 -13.05 42.43
N TRP D 140 -15.64 -11.69 42.54
CA TRP D 140 -16.82 -10.92 42.99
C TRP D 140 -18.17 -11.52 42.73
N GLU D 141 -18.42 -12.04 41.50
CA GLU D 141 -19.68 -12.65 41.09
C GLU D 141 -20.06 -13.83 41.98
N GLN D 142 -19.07 -14.71 42.26
CA GLN D 142 -19.21 -15.89 43.12
C GLN D 142 -19.67 -15.48 44.50
N PHE D 143 -19.11 -14.37 45.03
CA PHE D 143 -19.49 -13.83 46.34
C PHE D 143 -20.91 -13.32 46.38
N THR D 144 -21.32 -12.55 45.36
CA THR D 144 -22.66 -11.99 45.29
C THR D 144 -23.69 -13.08 45.00
N ASP D 145 -23.29 -14.11 44.20
CA ASP D 145 -24.08 -15.31 43.89
C ASP D 145 -24.45 -16.04 45.19
N ALA D 146 -23.50 -16.03 46.16
CA ALA D 146 -23.60 -16.55 47.50
C ALA D 146 -24.53 -15.65 48.32
N VAL D 147 -24.35 -14.30 48.29
CA VAL D 147 -25.21 -13.33 48.99
C VAL D 147 -26.65 -13.58 48.56
N VAL D 148 -26.86 -13.77 47.26
CA VAL D 148 -28.16 -14.06 46.66
C VAL D 148 -28.75 -15.38 47.20
N SER D 149 -27.92 -16.44 47.18
CA SER D 149 -28.25 -17.81 47.64
C SER D 149 -28.81 -17.83 49.05
N TRP D 150 -28.17 -17.05 49.98
CA TRP D 150 -28.57 -16.93 51.38
C TRP D 150 -29.95 -16.31 51.52
N LEU D 151 -30.24 -15.22 50.77
CA LEU D 151 -31.55 -14.58 50.85
C LEU D 151 -32.66 -15.49 50.34
N ASN D 152 -32.36 -16.36 49.33
CA ASN D 152 -33.31 -17.34 48.79
C ASN D 152 -33.56 -18.38 49.91
N GLN D 153 -32.48 -19.07 50.34
CA GLN D 153 -32.47 -20.11 51.38
C GLN D 153 -32.92 -19.71 52.79
N ASN D 154 -32.66 -18.45 53.25
CA ASN D 154 -32.97 -17.98 54.62
C ASN D 154 -34.20 -17.10 54.79
N SER D 155 -34.21 -15.91 54.17
CA SER D 155 -35.34 -14.97 54.27
C SER D 155 -36.52 -15.47 53.41
N ASN D 156 -37.74 -15.02 53.75
CA ASN D 156 -38.94 -15.43 53.04
C ASN D 156 -39.88 -14.28 52.67
N GLY D 157 -40.36 -14.31 51.42
CA GLY D 157 -41.30 -13.35 50.85
C GLY D 157 -40.65 -12.13 50.25
N LEU D 158 -39.49 -12.31 49.61
CA LEU D 158 -38.74 -11.23 48.99
C LEU D 158 -39.18 -10.97 47.58
N VAL D 159 -38.97 -9.73 47.13
CA VAL D 159 -39.28 -9.26 45.78
C VAL D 159 -37.96 -9.03 44.99
N PHE D 160 -37.70 -9.96 44.07
CA PHE D 160 -36.53 -9.94 43.23
C PHE D 160 -36.81 -9.23 41.95
N LEU D 161 -36.08 -8.12 41.71
CA LEU D 161 -36.20 -7.31 40.51
C LEU D 161 -34.99 -7.55 39.61
N LEU D 162 -35.16 -8.46 38.64
CA LEU D 162 -34.11 -8.82 37.70
C LEU D 162 -34.29 -8.12 36.38
N TRP D 163 -33.42 -7.15 36.10
CA TRP D 163 -33.48 -6.36 34.87
C TRP D 163 -32.34 -6.73 33.92
N GLY D 164 -32.70 -7.20 32.72
CA GLY D 164 -31.73 -7.52 31.70
C GLY D 164 -30.97 -8.83 31.86
N SER D 165 -30.94 -9.59 30.76
CA SER D 165 -30.31 -10.89 30.53
C SER D 165 -29.23 -11.35 31.51
N TYR D 166 -28.32 -10.46 31.91
CA TYR D 166 -27.27 -10.82 32.86
C TYR D 166 -27.83 -11.03 34.24
N ALA D 167 -28.57 -10.03 34.78
CA ALA D 167 -29.21 -10.11 36.10
C ALA D 167 -30.23 -11.25 36.18
N GLN D 168 -30.95 -11.47 35.05
CA GLN D 168 -31.95 -12.52 34.86
C GLN D 168 -31.30 -13.87 35.00
N LYS D 169 -30.10 -14.03 34.42
CA LYS D 169 -29.34 -15.27 34.52
C LYS D 169 -28.86 -15.52 35.96
N LYS D 170 -28.56 -14.46 36.77
CA LYS D 170 -28.17 -14.63 38.17
C LYS D 170 -29.34 -15.13 39.05
N GLY D 171 -30.56 -14.78 38.65
CA GLY D 171 -31.80 -15.12 39.34
C GLY D 171 -32.48 -16.41 38.94
N SER D 172 -31.95 -17.09 37.91
CA SER D 172 -32.46 -18.38 37.39
C SER D 172 -32.66 -19.44 38.50
N ALA D 173 -31.81 -19.35 39.55
CA ALA D 173 -31.76 -20.24 40.72
C ALA D 173 -32.85 -19.97 41.78
N ILE D 174 -33.63 -18.90 41.63
CA ILE D 174 -34.66 -18.55 42.60
C ILE D 174 -36.03 -19.03 42.17
N ASP D 175 -36.80 -19.62 43.12
CA ASP D 175 -38.14 -20.14 42.84
C ASP D 175 -39.25 -19.10 43.02
N ARG D 176 -40.05 -18.91 41.93
CA ARG D 176 -41.18 -17.98 41.82
C ARG D 176 -42.36 -18.38 42.75
N LYS D 177 -42.24 -19.58 43.37
CA LYS D 177 -43.21 -20.19 44.26
C LYS D 177 -42.97 -19.88 45.77
N ARG D 178 -41.71 -19.62 46.16
CA ARG D 178 -41.38 -19.28 47.54
C ARG D 178 -41.16 -17.76 47.64
N HIS D 179 -40.60 -17.16 46.56
CA HIS D 179 -40.32 -15.74 46.44
C HIS D 179 -40.99 -15.11 45.23
N HIS D 180 -40.86 -13.79 45.09
CA HIS D 180 -41.44 -13.09 43.94
C HIS D 180 -40.39 -12.53 43.00
N VAL D 181 -40.14 -13.26 41.92
CA VAL D 181 -39.17 -12.86 40.92
C VAL D 181 -39.89 -12.08 39.83
N LEU D 182 -39.46 -10.85 39.63
CA LEU D 182 -40.02 -9.95 38.63
C LEU D 182 -38.94 -9.65 37.61
N GLN D 183 -39.12 -10.10 36.37
CA GLN D 183 -38.10 -9.85 35.35
C GLN D 183 -38.57 -9.16 34.07
N THR D 184 -37.70 -8.24 33.57
CA THR D 184 -37.87 -7.40 32.37
C THR D 184 -36.48 -7.04 31.76
N ALA D 185 -36.42 -6.26 30.65
CA ALA D 185 -35.16 -5.83 30.01
C ALA D 185 -34.29 -4.92 30.92
N HIS D 186 -33.05 -4.57 30.49
CA HIS D 186 -32.18 -3.72 31.31
C HIS D 186 -32.50 -2.24 31.11
N PRO D 187 -32.56 -1.46 32.22
CA PRO D 187 -32.85 -0.03 32.12
C PRO D 187 -32.07 0.76 31.06
N SER D 188 -30.75 0.45 30.87
CA SER D 188 -29.87 1.16 29.94
C SER D 188 -30.41 1.35 28.52
N PRO D 189 -30.05 2.42 27.84
CA PRO D 189 -30.55 2.72 26.54
C PRO D 189 -30.03 2.10 25.26
N LEU D 190 -28.97 1.34 25.35
CA LEU D 190 -28.40 0.55 24.37
C LEU D 190 -29.27 -0.62 24.08
N SER D 191 -29.82 -1.30 25.06
CA SER D 191 -30.91 -2.27 24.82
C SER D 191 -31.86 -2.00 23.66
N VAL D 192 -31.28 -2.06 22.55
CA VAL D 192 -32.09 -1.92 21.35
C VAL D 192 -33.50 -2.53 21.56
N TYR D 193 -33.61 -3.48 22.51
CA TYR D 193 -34.84 -4.18 22.87
C TYR D 193 -35.80 -3.42 23.78
N ARG D 194 -37.05 -3.89 23.82
CA ARG D 194 -38.17 -3.37 24.59
C ARG D 194 -38.03 -3.52 26.13
N GLY D 195 -38.97 -4.23 26.75
CA GLY D 195 -38.98 -4.55 28.17
C GLY D 195 -39.37 -3.49 29.17
N PHE D 196 -38.39 -3.14 30.03
CA PHE D 196 -38.42 -2.23 31.18
C PHE D 196 -39.31 -1.02 31.11
N PHE D 197 -39.31 -0.28 29.99
CA PHE D 197 -40.22 0.85 29.92
C PHE D 197 -41.62 0.30 29.91
N GLY D 198 -42.32 0.52 31.01
CA GLY D 198 -43.66 -0.02 31.21
C GLY D 198 -43.55 -1.47 31.61
N CYS D 199 -43.47 -1.68 32.92
CA CYS D 199 -43.34 -3.00 33.54
C CYS D 199 -43.99 -2.88 34.90
N ARG D 200 -44.03 -1.64 35.43
CA ARG D 200 -44.60 -1.24 36.72
C ARG D 200 -44.07 -2.08 37.91
N HIS D 201 -42.80 -2.49 37.82
CA HIS D 201 -42.10 -3.31 38.81
C HIS D 201 -42.12 -2.74 40.21
N PHE D 202 -42.12 -1.40 40.36
CA PHE D 202 -42.12 -0.72 41.68
C PHE D 202 -43.48 -0.75 42.41
N SER D 203 -44.59 -0.56 41.67
CA SER D 203 -45.94 -0.62 42.26
C SER D 203 -46.21 -2.06 42.67
N LYS D 204 -45.85 -3.03 41.79
CA LYS D 204 -45.94 -4.50 41.97
C LYS D 204 -45.23 -4.93 43.24
N THR D 205 -44.08 -4.27 43.56
CA THR D 205 -43.26 -4.49 44.75
C THR D 205 -44.13 -4.18 45.98
N ASN D 206 -44.71 -2.98 46.00
CA ASN D 206 -45.56 -2.50 47.06
C ASN D 206 -46.90 -3.28 47.22
N GLU D 207 -47.45 -3.80 46.09
CA GLU D 207 -48.69 -4.60 46.09
C GLU D 207 -48.45 -5.96 46.74
N LEU D 208 -47.30 -6.59 46.40
CA LEU D 208 -46.86 -7.89 46.92
C LEU D 208 -46.35 -7.83 48.37
N LEU D 209 -46.00 -6.60 48.86
CA LEU D 209 -45.59 -6.34 50.24
C LEU D 209 -46.79 -6.48 51.17
N GLN D 210 -47.98 -6.07 50.67
CA GLN D 210 -49.26 -6.08 51.38
C GLN D 210 -49.79 -7.49 51.56
N LYS D 211 -49.67 -8.34 50.51
CA LYS D 211 -50.05 -9.75 50.52
C LYS D 211 -49.23 -10.47 51.60
N SER D 212 -47.93 -10.11 51.72
CA SER D 212 -47.00 -10.60 52.72
C SER D 212 -47.25 -9.90 54.09
N GLY D 213 -47.83 -8.68 54.04
CA GLY D 213 -48.15 -7.86 55.20
C GLY D 213 -47.01 -7.00 55.71
N LYS D 214 -45.94 -6.89 54.91
CA LYS D 214 -44.74 -6.12 55.24
C LYS D 214 -44.94 -4.61 54.97
N LYS D 215 -44.13 -3.75 55.64
CA LYS D 215 -44.18 -2.29 55.49
C LYS D 215 -43.87 -1.87 54.02
N PRO D 216 -44.71 -1.01 53.37
CA PRO D 216 -44.43 -0.66 51.96
C PRO D 216 -43.18 0.19 51.74
N ILE D 217 -42.65 0.20 50.51
CA ILE D 217 -41.48 1.01 50.19
C ILE D 217 -41.89 2.41 49.74
N ASP D 218 -41.41 3.45 50.45
CA ASP D 218 -41.62 4.86 50.12
C ASP D 218 -40.52 5.18 49.13
N TRP D 219 -40.84 4.91 47.86
CA TRP D 219 -39.94 5.10 46.74
C TRP D 219 -39.39 6.52 46.65
N LYS D 220 -40.20 7.51 47.09
CA LYS D 220 -39.92 8.94 47.09
C LYS D 220 -38.80 9.35 48.07
N GLU D 221 -38.57 8.54 49.11
CA GLU D 221 -37.57 8.78 50.16
C GLU D 221 -36.19 8.45 49.65
N LEU D 222 -35.40 9.47 49.21
CA LEU D 222 -34.03 9.29 48.65
C LEU D 222 -32.96 10.33 49.05
N ALA E 3 5.90 19.63 -30.07
CA ALA E 3 6.27 20.11 -28.72
C ALA E 3 7.25 19.16 -27.95
N PRO E 4 8.17 19.62 -27.02
CA PRO E 4 9.10 18.67 -26.34
C PRO E 4 8.61 18.10 -25.01
N ILE E 5 8.65 16.74 -24.85
CA ILE E 5 8.17 16.02 -23.66
C ILE E 5 8.98 16.37 -22.44
N ASN E 6 10.34 16.29 -22.54
CA ASN E 6 11.24 16.56 -21.43
C ASN E 6 11.13 17.99 -20.95
N PHE E 7 10.57 18.18 -19.72
CA PHE E 7 10.31 19.48 -19.09
C PHE E 7 11.47 20.48 -19.16
N THR E 8 12.68 20.00 -18.96
CA THR E 8 13.87 20.86 -19.01
C THR E 8 14.08 21.41 -20.41
N SER E 9 13.74 20.61 -21.44
CA SER E 9 13.87 21.04 -22.82
C SER E 9 12.73 21.97 -23.12
N ARG E 10 11.52 21.61 -22.66
CA ARG E 10 10.30 22.40 -22.77
C ARG E 10 10.57 23.80 -22.18
N LEU E 11 11.17 23.86 -20.96
CA LEU E 11 11.51 25.08 -20.24
C LEU E 11 12.55 25.95 -20.98
N ASN E 12 13.50 25.29 -21.66
CA ASN E 12 14.54 25.96 -22.43
C ASN E 12 13.93 26.63 -23.67
N ARG E 13 12.88 25.99 -24.22
CA ARG E 13 12.10 26.46 -25.35
C ARG E 13 11.08 27.48 -24.81
N ARG E 14 10.77 27.45 -23.48
CA ARG E 14 9.80 28.36 -22.85
C ARG E 14 10.24 29.81 -22.95
N ALA E 15 11.55 30.07 -22.96
CA ALA E 15 12.00 31.45 -23.09
C ALA E 15 12.25 31.78 -24.55
N SER E 16 12.12 30.78 -25.43
CA SER E 16 12.42 30.96 -26.85
C SER E 16 11.45 31.80 -27.74
N PHE E 17 10.20 31.41 -28.19
CA PHE E 17 9.29 30.27 -28.08
C PHE E 17 8.18 30.28 -26.99
N PRO E 18 8.04 31.29 -26.07
CA PRO E 18 6.92 31.24 -25.11
C PRO E 18 5.54 31.33 -25.78
N LYS E 19 4.44 30.97 -25.07
CA LYS E 19 4.37 30.46 -23.69
C LYS E 19 4.42 28.94 -23.73
N TYR E 20 4.55 28.27 -22.56
CA TYR E 20 4.58 26.80 -22.43
C TYR E 20 5.57 26.10 -23.40
N GLY E 21 6.54 26.86 -23.94
CA GLY E 21 7.51 26.38 -24.91
C GLY E 21 6.86 25.81 -26.14
N GLY E 22 6.81 24.49 -26.20
CA GLY E 22 6.22 23.73 -27.30
C GLY E 22 4.71 23.77 -27.38
N VAL E 23 4.21 23.99 -28.59
CA VAL E 23 2.78 24.06 -28.89
C VAL E 23 2.11 22.70 -28.76
N ASP E 24 1.62 22.50 -27.54
CA ASP E 24 0.82 21.43 -26.94
C ASP E 24 1.00 21.49 -25.45
N GLY E 25 1.18 22.73 -24.99
CA GLY E 25 1.35 23.09 -23.59
C GLY E 25 2.61 22.61 -22.91
N GLY E 26 2.61 22.63 -21.60
CA GLY E 26 1.43 23.04 -20.86
C GLY E 26 0.62 21.84 -20.48
N CYS E 27 0.21 21.05 -21.50
CA CYS E 27 -0.53 19.81 -21.28
C CYS E 27 0.35 18.87 -20.53
N PHE E 28 1.62 19.02 -20.80
CA PHE E 28 2.69 18.25 -20.20
C PHE E 28 2.99 18.72 -18.77
N ASP E 29 2.94 20.05 -18.56
CA ASP E 29 3.16 20.71 -17.27
C ASP E 29 2.07 20.25 -16.31
N ARG E 30 0.84 20.21 -16.80
CA ARG E 30 -0.33 19.76 -16.06
C ARG E 30 -0.19 18.28 -15.76
N HIS E 31 0.23 17.52 -16.79
CA HIS E 31 0.44 16.08 -16.71
C HIS E 31 1.49 15.71 -15.71
N LEU E 32 2.38 16.66 -15.35
CA LEU E 32 3.44 16.50 -14.35
C LEU E 32 2.95 16.95 -12.99
N ILE E 33 2.36 18.17 -12.94
CA ILE E 33 1.87 18.77 -11.70
C ILE E 33 0.73 18.01 -11.01
N PHE E 34 -0.35 17.71 -11.77
CA PHE E 34 -1.55 17.04 -11.26
C PHE E 34 -1.49 15.53 -11.20
N SER E 35 -0.28 15.04 -11.31
CA SER E 35 0.00 13.64 -11.15
C SER E 35 0.72 13.52 -9.81
N ARG E 36 0.87 14.64 -9.06
CA ARG E 36 1.66 14.68 -7.82
C ARG E 36 0.94 15.30 -6.61
N PHE E 37 0.76 14.53 -5.48
CA PHE E 37 0.07 15.04 -4.28
C PHE E 37 0.73 14.65 -2.93
N ARG E 38 1.24 15.65 -2.14
CA ARG E 38 1.91 15.47 -0.82
C ARG E 38 0.98 15.79 0.34
N PRO E 39 0.71 14.80 1.18
CA PRO E 39 -0.10 15.07 2.39
C PRO E 39 0.72 15.91 3.36
N ILE E 40 0.17 17.05 3.79
CA ILE E 40 0.92 17.92 4.67
C ILE E 40 0.40 18.02 6.10
N SER E 41 -0.91 17.76 6.35
CA SER E 41 -1.50 17.75 7.69
C SER E 41 -2.83 16.96 7.85
N VAL E 42 -3.16 16.57 9.13
CA VAL E 42 -4.42 15.90 9.48
C VAL E 42 -5.28 16.63 10.47
N PHE E 43 -6.57 16.43 10.35
CA PHE E 43 -7.48 17.10 11.22
C PHE E 43 -8.28 16.07 11.91
N ARG E 44 -8.00 15.87 13.20
CA ARG E 44 -8.67 14.88 14.01
C ARG E 44 -9.75 15.55 14.85
N GLU E 45 -10.94 14.87 15.02
CA GLU E 45 -12.02 15.39 15.85
C GLU E 45 -11.53 15.72 17.27
N ALA E 46 -11.95 16.92 17.73
CA ALA E 46 -11.76 17.58 19.02
C ALA E 46 -11.08 16.75 20.13
N ASN E 47 -11.87 16.33 21.14
CA ASN E 47 -11.41 15.53 22.27
C ASN E 47 -12.00 14.12 22.30
N GLU E 48 -12.45 13.62 21.12
CA GLU E 48 -12.95 12.24 20.96
C GLU E 48 -11.76 11.37 20.55
N ASP E 49 -11.66 10.16 21.10
CA ASP E 49 -10.59 9.19 20.80
C ASP E 49 -10.64 8.73 19.34
N GLU E 50 -11.86 8.75 18.74
CA GLU E 50 -12.15 8.39 17.35
C GLU E 50 -12.86 9.54 16.66
N SER E 51 -12.27 10.06 15.56
CA SER E 51 -12.85 11.14 14.74
C SER E 51 -14.07 10.61 13.96
N GLY E 52 -14.87 11.50 13.41
CA GLY E 52 -16.07 11.04 12.72
C GLY E 52 -16.60 11.98 11.68
N PHE E 53 -15.69 12.58 10.88
CA PHE E 53 -16.05 13.49 9.81
C PHE E 53 -16.63 12.74 8.68
N THR E 54 -17.59 13.35 8.03
CA THR E 54 -18.28 12.70 6.94
C THR E 54 -18.37 13.59 5.69
N CYS E 55 -17.71 14.75 5.74
CA CYS E 55 -17.72 15.73 4.69
C CYS E 55 -16.63 16.75 4.93
N CYS E 56 -16.08 17.29 3.86
CA CYS E 56 -15.11 18.38 3.94
C CYS E 56 -15.38 19.41 2.88
N ALA E 57 -15.07 20.65 3.22
CA ALA E 57 -15.21 21.81 2.36
C ALA E 57 -14.37 22.89 2.92
N PHE E 58 -13.83 23.74 2.07
CA PHE E 58 -13.03 24.83 2.61
C PHE E 58 -13.91 26.05 2.90
N SER E 59 -13.54 26.91 3.89
CA SER E 59 -14.21 28.19 4.16
C SER E 59 -14.09 29.02 2.86
N ALA E 60 -14.93 30.04 2.65
CA ALA E 60 -14.84 30.82 1.41
C ALA E 60 -13.43 31.41 1.13
N ARG E 61 -12.91 32.24 2.04
CA ARG E 61 -11.55 32.78 1.96
C ARG E 61 -10.52 31.63 2.22
N GLU E 62 -11.03 30.44 2.60
CA GLU E 62 -10.28 29.22 2.85
C GLU E 62 -9.34 29.25 4.05
N ARG E 63 -9.67 30.02 5.13
CA ARG E 63 -8.81 30.09 6.34
C ARG E 63 -8.94 28.84 7.16
N PHE E 64 -10.21 28.41 7.30
CA PHE E 64 -10.66 27.22 7.97
C PHE E 64 -11.15 26.30 6.93
N LEU E 65 -11.10 25.04 7.29
CA LEU E 65 -11.56 23.90 6.53
C LEU E 65 -12.76 23.42 7.34
N MET E 66 -13.89 23.32 6.68
CA MET E 66 -15.04 22.89 7.43
C MET E 66 -15.34 21.44 7.22
N LEU E 67 -15.47 20.77 8.37
CA LEU E 67 -15.75 19.36 8.44
C LEU E 67 -17.06 19.13 9.13
N GLY E 68 -17.79 18.15 8.66
CA GLY E 68 -19.05 17.76 9.22
C GLY E 68 -18.84 16.46 9.93
N THR E 69 -19.51 16.26 11.07
CA THR E 69 -19.39 15.02 11.83
C THR E 69 -20.56 14.11 11.54
N CYS E 70 -20.45 12.89 12.05
CA CYS E 70 -21.51 11.94 11.92
C CYS E 70 -22.56 12.30 12.93
N THR E 71 -22.15 12.77 14.14
CA THR E 71 -23.03 13.23 15.24
C THR E 71 -23.95 14.37 14.78
N GLY E 72 -23.67 14.86 13.57
CA GLY E 72 -24.40 15.90 12.87
C GLY E 72 -23.92 17.31 13.16
N GLN E 73 -22.63 17.46 13.50
CA GLN E 73 -22.08 18.78 13.84
C GLN E 73 -21.19 19.32 12.74
N LEU E 74 -20.82 20.62 12.87
CA LEU E 74 -19.95 21.38 11.97
C LEU E 74 -18.80 21.85 12.76
N LYS E 75 -17.63 21.59 12.25
CA LYS E 75 -16.40 21.93 12.91
C LYS E 75 -15.52 22.79 11.97
N LEU E 76 -15.18 23.99 12.47
CA LEU E 76 -14.31 24.96 11.82
C LEU E 76 -12.93 24.79 12.39
N TYR E 77 -12.05 24.28 11.51
CA TYR E 77 -10.67 23.99 11.80
C TYR E 77 -9.78 25.00 11.08
N ASN E 78 -9.02 25.84 11.83
CA ASN E 78 -8.13 26.82 11.20
C ASN E 78 -7.01 26.08 10.48
N VAL E 79 -7.02 26.16 9.11
CA VAL E 79 -6.07 25.49 8.20
C VAL E 79 -4.65 25.62 8.68
N PHE E 80 -4.17 26.87 8.82
CA PHE E 80 -2.80 27.08 9.26
C PHE E 80 -2.53 26.55 10.67
N SER E 81 -3.37 26.91 11.64
CA SER E 81 -3.12 26.56 13.03
C SER E 81 -3.37 25.13 13.34
N GLY E 82 -4.46 24.61 12.80
CA GLY E 82 -4.91 23.25 13.04
C GLY E 82 -6.04 23.23 14.05
N GLN E 83 -6.04 24.24 14.93
CA GLN E 83 -7.01 24.45 16.00
C GLN E 83 -8.47 24.35 15.56
N GLU E 84 -9.32 23.75 16.41
CA GLU E 84 -10.76 23.73 16.18
C GLU E 84 -11.15 25.08 16.69
N GLU E 85 -11.55 25.95 15.79
CA GLU E 85 -11.86 27.29 16.21
C GLU E 85 -13.22 27.31 16.77
N ALA E 86 -14.16 26.54 16.18
CA ALA E 86 -15.55 26.50 16.65
C ALA E 86 -16.40 25.31 16.20
N SER E 87 -17.40 24.96 17.03
CA SER E 87 -18.36 23.90 16.78
C SER E 87 -19.76 24.47 16.68
N TYR E 88 -20.58 23.84 15.83
CA TYR E 88 -21.97 24.18 15.56
C TYR E 88 -22.82 22.91 15.44
N ASN E 89 -23.97 22.86 16.13
CA ASN E 89 -24.87 21.70 16.08
C ASN E 89 -25.82 21.87 14.89
N CYS E 90 -25.53 21.18 13.77
CA CYS E 90 -26.34 21.29 12.56
C CYS E 90 -27.53 20.35 12.48
N HIS E 91 -27.32 19.06 12.20
CA HIS E 91 -28.42 18.10 12.08
C HIS E 91 -28.27 17.00 13.13
N ASN E 92 -29.19 16.02 13.13
CA ASN E 92 -29.18 14.89 14.08
C ASN E 92 -28.67 13.61 13.42
N SER E 93 -28.27 13.70 12.14
CA SER E 93 -27.70 12.65 11.28
C SER E 93 -26.47 13.20 10.61
N ALA E 94 -25.56 12.29 10.23
CA ALA E 94 -24.27 12.57 9.60
C ALA E 94 -24.27 13.53 8.42
N ILE E 95 -23.43 14.57 8.52
CA ILE E 95 -23.28 15.58 7.49
C ILE E 95 -22.82 15.00 6.13
N THR E 96 -23.72 14.99 5.13
CA THR E 96 -23.42 14.46 3.78
C THR E 96 -22.90 15.55 2.87
N HIS E 97 -23.48 16.76 2.99
CA HIS E 97 -23.06 17.91 2.18
C HIS E 97 -22.70 19.19 2.92
N LEU E 98 -21.69 19.89 2.38
CA LEU E 98 -21.17 21.15 2.87
C LEU E 98 -20.87 21.98 1.62
N GLU E 99 -21.40 23.20 1.58
CA GLU E 99 -21.16 24.12 0.48
C GLU E 99 -21.21 25.55 1.00
N PRO E 100 -20.07 26.25 1.13
CA PRO E 100 -20.15 27.65 1.54
C PRO E 100 -20.57 28.54 0.37
N SER E 101 -21.14 29.70 0.68
CA SER E 101 -21.47 30.67 -0.34
C SER E 101 -20.11 31.24 -0.66
N ARG E 102 -19.74 31.37 -1.96
CA ARG E 102 -18.42 31.91 -2.37
C ARG E 102 -17.99 33.22 -1.70
N ASP E 103 -18.97 34.01 -1.26
CA ASP E 103 -18.77 35.27 -0.55
C ASP E 103 -18.51 35.07 0.94
N GLY E 104 -19.06 33.97 1.47
CA GLY E 104 -18.92 33.57 2.87
C GLY E 104 -19.89 34.26 3.79
N SER E 105 -21.16 34.31 3.37
CA SER E 105 -22.24 34.94 4.12
C SER E 105 -23.08 33.84 4.74
N LEU E 106 -23.13 32.70 4.03
CA LEU E 106 -23.94 31.56 4.41
C LEU E 106 -23.37 30.26 3.85
N LEU E 107 -23.98 29.12 4.26
CA LEU E 107 -23.63 27.76 3.85
C LEU E 107 -24.83 26.82 3.93
N LEU E 108 -24.89 25.91 2.97
CA LEU E 108 -25.87 24.85 2.90
C LEU E 108 -25.26 23.60 3.51
N THR E 109 -26.11 22.77 4.13
CA THR E 109 -25.68 21.48 4.66
C THR E 109 -26.71 20.41 4.35
N SER E 110 -26.29 19.13 4.41
CA SER E 110 -27.17 17.97 4.24
C SER E 110 -26.89 16.92 5.33
N ALA E 111 -27.89 16.09 5.60
CA ALA E 111 -27.81 15.03 6.59
C ALA E 111 -28.11 13.67 5.96
N THR E 112 -28.30 12.69 6.83
CA THR E 112 -28.57 11.32 6.49
C THR E 112 -30.08 10.98 6.52
N TRP E 113 -30.74 11.10 7.69
CA TRP E 113 -32.14 10.72 7.83
C TRP E 113 -32.94 11.65 8.72
N SER E 114 -32.25 12.48 9.50
CA SER E 114 -32.87 13.42 10.43
C SER E 114 -33.60 14.48 9.66
N GLN E 115 -34.86 14.76 10.03
CA GLN E 115 -35.58 15.84 9.38
C GLN E 115 -35.27 17.13 10.21
N PRO E 116 -34.90 18.28 9.60
CA PRO E 116 -34.73 18.55 8.16
C PRO E 116 -33.42 17.97 7.63
N LEU E 117 -33.51 17.40 6.41
CA LEU E 117 -32.39 16.75 5.72
C LEU E 117 -31.39 17.70 5.07
N SER E 118 -31.78 18.97 4.95
CA SER E 118 -30.96 20.01 4.35
C SER E 118 -31.33 21.34 4.98
N ALA E 119 -30.33 22.19 5.21
CA ALA E 119 -30.60 23.51 5.79
C ALA E 119 -29.62 24.52 5.34
N LEU E 120 -30.00 25.79 5.47
CA LEU E 120 -29.14 26.92 5.17
C LEU E 120 -28.73 27.54 6.50
N TRP E 121 -27.44 27.92 6.61
CA TRP E 121 -26.92 28.49 7.84
C TRP E 121 -26.11 29.76 7.61
N GLY E 122 -26.19 30.68 8.57
CA GLY E 122 -25.49 31.95 8.57
C GLY E 122 -24.04 31.78 8.96
N MET E 123 -23.13 32.20 8.07
CA MET E 123 -21.67 32.05 8.22
C MET E 123 -20.90 33.32 8.56
N LYS E 124 -21.63 34.44 8.71
CA LYS E 124 -21.04 35.75 8.98
C LYS E 124 -20.57 35.87 10.45
N SER E 125 -21.32 36.64 11.26
CA SER E 125 -21.00 36.93 12.65
C SER E 125 -21.71 36.00 13.64
N VAL E 126 -22.93 35.59 13.28
CA VAL E 126 -23.76 34.75 14.11
C VAL E 126 -24.15 33.50 13.35
N PHE E 127 -24.02 32.34 14.00
CA PHE E 127 -24.39 31.06 13.39
C PHE E 127 -25.84 30.72 13.68
N ASP E 128 -26.72 31.18 12.79
CA ASP E 128 -28.17 31.07 12.85
C ASP E 128 -28.65 30.02 11.87
N MET E 129 -29.82 29.44 12.16
CA MET E 129 -30.48 28.49 11.25
C MET E 129 -31.33 29.37 10.34
N LYS E 130 -30.97 29.49 9.05
CA LYS E 130 -31.71 30.39 8.16
C LYS E 130 -32.99 29.82 7.57
N HIS E 131 -32.88 28.71 6.82
CA HIS E 131 -34.04 28.04 6.25
C HIS E 131 -33.89 26.52 6.26
N SER E 132 -35.02 25.80 6.31
CA SER E 132 -35.08 24.34 6.37
C SER E 132 -35.70 23.69 5.12
N PHE E 133 -34.93 22.76 4.48
CA PHE E 133 -35.32 21.96 3.30
C PHE E 133 -35.47 20.51 3.74
N THR E 134 -36.46 20.27 4.61
CA THR E 134 -36.83 19.04 5.30
C THR E 134 -36.79 17.73 4.55
N GLU E 135 -37.26 17.71 3.30
CA GLU E 135 -37.32 16.46 2.55
C GLU E 135 -36.29 16.29 1.43
N ASP E 136 -35.40 17.28 1.22
CA ASP E 136 -34.40 17.24 0.14
C ASP E 136 -33.10 16.59 0.60
N HIS E 137 -32.78 15.40 0.05
CA HIS E 137 -31.60 14.60 0.40
C HIS E 137 -30.25 15.29 0.18
N TYR E 138 -30.10 15.96 -1.00
CA TYR E 138 -28.92 16.70 -1.46
C TYR E 138 -29.34 18.11 -1.87
N VAL E 139 -28.55 19.09 -1.46
CA VAL E 139 -28.79 20.49 -1.76
C VAL E 139 -27.50 21.16 -2.29
N GLU E 140 -27.59 21.82 -3.46
CA GLU E 140 -26.46 22.49 -4.14
C GLU E 140 -26.83 23.96 -4.46
N PHE E 141 -25.82 24.83 -4.66
CA PHE E 141 -26.03 26.25 -4.99
C PHE E 141 -26.07 26.48 -6.50
N SER E 142 -26.68 27.59 -6.90
CA SER E 142 -26.77 28.03 -8.30
C SER E 142 -25.43 28.69 -8.71
N LYS E 143 -24.77 28.14 -9.74
CA LYS E 143 -23.49 28.62 -10.23
C LYS E 143 -23.69 29.85 -11.15
N HIS E 144 -23.64 31.08 -10.57
CA HIS E 144 -23.85 32.32 -11.33
C HIS E 144 -23.53 33.52 -10.51
N SER E 145 -24.11 33.53 -9.29
CA SER E 145 -24.18 34.53 -8.24
C SER E 145 -25.06 33.92 -7.12
N GLN E 146 -24.95 32.60 -6.89
CA GLN E 146 -25.66 31.81 -5.87
C GLN E 146 -26.85 32.52 -5.18
N ASP E 147 -28.04 32.51 -5.84
CA ASP E 147 -29.25 33.16 -5.27
C ASP E 147 -30.39 32.13 -5.04
N ARG E 148 -30.34 31.08 -5.87
CA ARG E 148 -31.23 29.94 -5.92
C ARG E 148 -30.58 28.75 -5.17
N VAL E 149 -31.37 27.72 -4.88
CA VAL E 149 -30.87 26.54 -4.21
C VAL E 149 -31.47 25.27 -4.83
N ILE E 150 -30.58 24.35 -5.26
CA ILE E 150 -30.98 23.13 -5.94
C ILE E 150 -30.94 21.88 -5.08
N GLY E 151 -32.12 21.54 -4.60
CA GLY E 151 -32.38 20.36 -3.79
C GLY E 151 -32.88 19.19 -4.61
N THR E 152 -32.52 17.98 -4.19
CA THR E 152 -32.93 16.77 -4.88
C THR E 152 -33.68 15.89 -3.91
N LYS E 153 -34.71 15.24 -4.40
CA LYS E 153 -35.52 14.30 -3.64
C LYS E 153 -35.67 13.06 -4.53
N GLY E 154 -34.60 12.26 -4.52
CA GLY E 154 -34.49 11.05 -5.32
C GLY E 154 -34.36 11.37 -6.79
N ASP E 155 -35.42 11.07 -7.58
CA ASP E 155 -35.43 11.37 -9.02
C ASP E 155 -36.17 12.67 -9.34
N ILE E 156 -36.52 13.45 -8.28
CA ILE E 156 -37.17 14.76 -8.37
C ILE E 156 -36.24 15.89 -7.92
N ALA E 157 -36.18 17.00 -8.66
CA ALA E 157 -35.38 18.16 -8.28
C ALA E 157 -36.29 19.20 -7.61
N HIS E 158 -35.74 20.32 -7.10
CA HIS E 158 -36.44 21.44 -6.44
C HIS E 158 -35.61 22.73 -6.52
N ILE E 159 -36.28 23.88 -6.55
CA ILE E 159 -35.59 25.19 -6.57
C ILE E 159 -36.08 26.12 -5.43
N TYR E 160 -35.12 26.64 -4.64
CA TYR E 160 -35.42 27.51 -3.49
C TYR E 160 -34.75 28.87 -3.60
N ASP E 161 -35.43 29.92 -3.11
CA ASP E 161 -34.86 31.27 -3.10
C ASP E 161 -34.25 31.46 -1.74
N ILE E 162 -32.90 31.63 -1.67
CA ILE E 162 -32.13 31.78 -0.42
C ILE E 162 -32.69 32.82 0.60
N GLN E 163 -33.48 33.79 0.11
CA GLN E 163 -34.11 34.82 0.93
C GLN E 163 -35.43 34.31 1.50
N THR E 164 -36.27 33.67 0.66
CA THR E 164 -37.59 33.15 1.03
C THR E 164 -37.56 31.81 1.76
N GLY E 165 -36.78 30.86 1.24
CA GLY E 165 -36.68 29.50 1.77
C GLY E 165 -37.82 28.63 1.26
N ASN E 166 -38.48 29.11 0.17
CA ASN E 166 -39.63 28.51 -0.49
C ASN E 166 -39.29 27.90 -1.84
N LYS E 167 -39.89 26.73 -2.14
CA LYS E 167 -39.65 26.07 -3.42
C LYS E 167 -40.36 26.77 -4.56
N LEU E 168 -39.61 27.03 -5.63
CA LEU E 168 -40.04 27.74 -6.83
C LEU E 168 -40.33 26.84 -8.00
N LEU E 169 -39.49 25.82 -8.19
CA LEU E 169 -39.63 24.88 -9.29
C LEU E 169 -39.48 23.47 -8.77
N THR E 170 -40.10 22.54 -9.49
CA THR E 170 -40.05 21.12 -9.16
C THR E 170 -39.90 20.43 -10.49
N LEU E 171 -38.69 19.96 -10.78
CA LEU E 171 -38.42 19.37 -12.07
C LEU E 171 -38.43 17.87 -12.07
N PHE E 172 -39.44 17.29 -12.74
CA PHE E 172 -39.68 15.85 -12.86
C PHE E 172 -40.74 15.46 -13.90
N ASN E 173 -40.36 14.48 -14.75
CA ASN E 173 -41.23 13.82 -15.73
C ASN E 173 -40.99 12.32 -15.57
N PRO E 174 -42.02 11.60 -15.06
CA PRO E 174 -41.86 10.15 -14.76
C PRO E 174 -41.55 9.24 -15.92
N ASP E 175 -41.89 9.68 -17.12
CA ASP E 175 -41.69 8.96 -18.37
C ASP E 175 -40.27 9.15 -18.85
N LEU E 176 -39.79 10.41 -18.85
CA LEU E 176 -38.43 10.69 -19.28
C LEU E 176 -37.43 10.28 -18.22
N ALA E 177 -37.80 10.34 -16.93
CA ALA E 177 -36.92 10.01 -15.79
C ALA E 177 -36.17 8.66 -15.97
N ASN E 178 -34.85 8.67 -15.66
CA ASN E 178 -33.94 7.51 -15.78
C ASN E 178 -33.71 6.69 -14.48
N ASN E 179 -34.14 7.23 -13.31
CA ASN E 179 -34.00 6.62 -11.98
C ASN E 179 -32.53 6.25 -11.63
N TYR E 180 -31.59 7.22 -11.86
CA TYR E 180 -30.16 7.07 -11.55
C TYR E 180 -30.10 7.11 -10.03
N LYS E 181 -29.69 5.99 -9.43
CA LYS E 181 -29.66 5.71 -7.99
C LYS E 181 -29.16 6.87 -7.14
N ARG E 182 -27.95 7.30 -7.44
CA ARG E 182 -27.33 8.41 -6.74
C ARG E 182 -27.47 9.64 -7.65
N ASN E 183 -28.71 10.14 -7.77
CA ASN E 183 -29.04 11.28 -8.62
C ASN E 183 -28.95 12.59 -7.87
N CYS E 184 -28.34 13.60 -8.53
CA CYS E 184 -28.12 14.95 -8.00
C CYS E 184 -28.30 16.00 -9.04
N ALA E 185 -29.37 16.77 -8.88
CA ALA E 185 -29.71 17.83 -9.81
C ALA E 185 -28.79 18.99 -9.59
N THR E 186 -28.23 19.46 -10.71
CA THR E 186 -27.23 20.51 -10.77
C THR E 186 -27.60 21.55 -11.82
N PHE E 187 -27.21 22.81 -11.60
CA PHE E 187 -27.42 23.90 -12.55
C PHE E 187 -26.28 23.91 -13.57
N ASN E 188 -26.45 24.64 -14.67
CA ASN E 188 -25.37 24.72 -15.65
C ASN E 188 -24.45 25.92 -15.32
N PRO E 189 -23.24 26.04 -15.93
CA PRO E 189 -22.32 27.14 -15.55
C PRO E 189 -22.86 28.54 -15.76
N THR E 190 -23.97 28.64 -16.50
CA THR E 190 -24.62 29.91 -16.79
C THR E 190 -25.91 30.03 -15.99
N ASP E 191 -26.37 28.91 -15.35
CA ASP E 191 -27.57 28.82 -14.49
C ASP E 191 -28.91 28.54 -15.17
N ASP E 192 -28.99 28.78 -16.48
CA ASP E 192 -30.22 28.63 -17.28
C ASP E 192 -30.74 27.19 -17.53
N LEU E 193 -29.90 26.16 -17.29
CA LEU E 193 -30.29 24.76 -17.46
C LEU E 193 -29.97 23.88 -16.25
N VAL E 194 -30.84 22.90 -15.99
CA VAL E 194 -30.63 21.93 -14.94
C VAL E 194 -30.57 20.57 -15.58
N LEU E 195 -29.62 19.76 -15.18
CA LEU E 195 -29.58 18.37 -15.59
C LEU E 195 -30.02 17.62 -14.33
N ASN E 196 -30.95 16.68 -14.49
CA ASN E 196 -31.46 15.88 -13.39
C ASN E 196 -31.85 14.55 -13.96
N ASP E 197 -31.46 13.47 -13.28
CA ASP E 197 -31.77 12.08 -13.62
C ASP E 197 -31.47 11.75 -15.10
N GLY E 198 -30.35 12.28 -15.60
CA GLY E 198 -29.89 12.11 -16.98
C GLY E 198 -30.80 12.71 -18.05
N VAL E 199 -31.63 13.67 -17.63
CA VAL E 199 -32.59 14.37 -18.45
C VAL E 199 -32.25 15.85 -18.37
N LEU E 200 -32.01 16.49 -19.53
CA LEU E 200 -31.69 17.91 -19.58
C LEU E 200 -32.98 18.71 -19.51
N TRP E 201 -32.95 19.84 -18.78
CA TRP E 201 -34.10 20.72 -18.57
C TRP E 201 -33.73 22.19 -18.70
N ASP E 202 -34.75 23.03 -18.96
CA ASP E 202 -34.63 24.49 -19.03
C ASP E 202 -35.29 25.10 -17.78
N VAL E 203 -34.53 25.97 -17.09
CA VAL E 203 -34.95 26.64 -15.85
C VAL E 203 -36.14 27.60 -16.05
N ARG E 204 -36.00 28.51 -17.05
CA ARG E 204 -36.98 29.53 -17.42
C ARG E 204 -38.35 28.91 -17.78
N SER E 205 -38.41 28.07 -18.82
CA SER E 205 -39.63 27.42 -19.33
C SER E 205 -40.20 26.34 -18.39
N ALA E 206 -39.32 25.78 -17.51
CA ALA E 206 -39.60 24.67 -16.58
C ALA E 206 -40.01 23.43 -17.40
N GLN E 207 -39.34 23.26 -18.53
CA GLN E 207 -39.59 22.19 -19.47
C GLN E 207 -38.31 21.42 -19.74
N ALA E 208 -38.43 20.09 -19.89
CA ALA E 208 -37.32 19.22 -20.24
C ALA E 208 -36.88 19.50 -21.69
N ILE E 209 -35.59 19.26 -21.99
CA ILE E 209 -34.97 19.49 -23.29
C ILE E 209 -34.59 18.18 -24.02
N HIS E 210 -34.04 17.20 -23.28
CA HIS E 210 -33.55 15.93 -23.83
C HIS E 210 -33.36 14.88 -22.70
N LYS E 211 -33.36 13.58 -23.06
CA LYS E 211 -33.13 12.46 -22.14
C LYS E 211 -31.90 11.69 -22.66
N PHE E 212 -30.76 11.92 -22.00
CA PHE E 212 -29.49 11.30 -22.37
C PHE E 212 -29.55 9.82 -22.06
N ASP E 213 -29.95 9.03 -23.10
CA ASP E 213 -30.07 7.55 -23.19
C ASP E 213 -29.32 6.84 -22.06
N LYS E 214 -29.97 5.88 -21.38
CA LYS E 214 -29.35 5.21 -20.22
C LYS E 214 -28.23 4.18 -20.50
N PHE E 215 -27.02 4.48 -19.97
CA PHE E 215 -25.81 3.64 -20.08
C PHE E 215 -25.16 3.38 -18.70
N ASN E 216 -25.54 4.16 -17.69
CA ASN E 216 -25.03 4.00 -16.33
C ASN E 216 -26.21 3.53 -15.49
N MET E 217 -26.05 3.46 -14.16
CA MET E 217 -27.14 3.13 -13.28
C MET E 217 -27.20 3.95 -11.99
N ASN E 218 -26.05 4.48 -11.56
CA ASN E 218 -25.92 5.23 -10.32
C ASN E 218 -25.61 6.72 -10.47
N ILE E 219 -24.80 7.12 -11.48
CA ILE E 219 -24.33 8.50 -11.80
C ILE E 219 -25.27 9.30 -12.73
N SER E 220 -25.69 10.51 -12.28
CA SER E 220 -26.54 11.40 -13.06
C SER E 220 -25.72 12.13 -14.14
N GLY E 221 -24.67 12.83 -13.71
CA GLY E 221 -23.78 13.63 -14.55
C GLY E 221 -23.72 15.09 -14.17
N VAL E 222 -22.68 15.81 -14.65
CA VAL E 222 -22.46 17.26 -14.43
C VAL E 222 -22.09 17.97 -15.72
N PHE E 223 -22.34 19.28 -15.78
CA PHE E 223 -21.99 20.07 -16.96
C PHE E 223 -20.52 20.44 -16.92
N HIS E 224 -19.88 20.54 -18.09
CA HIS E 224 -18.48 21.00 -18.20
C HIS E 224 -18.55 22.53 -18.02
N PRO E 225 -17.54 23.20 -17.42
CA PRO E 225 -17.64 24.66 -17.24
C PRO E 225 -17.42 25.48 -18.52
N ASN E 226 -17.32 24.82 -19.69
CA ASN E 226 -17.25 25.48 -20.99
C ASN E 226 -18.69 25.79 -21.41
N GLY E 227 -19.65 25.09 -20.78
CA GLY E 227 -21.08 25.22 -20.98
C GLY E 227 -21.53 24.65 -22.30
N LEU E 228 -20.57 24.06 -23.04
CA LEU E 228 -20.69 23.47 -24.36
C LEU E 228 -21.05 21.97 -24.31
N GLU E 229 -20.51 21.27 -23.29
CA GLU E 229 -20.67 19.83 -23.14
C GLU E 229 -21.26 19.39 -21.80
N VAL E 230 -21.74 18.11 -21.77
CA VAL E 230 -22.29 17.46 -20.57
C VAL E 230 -21.78 16.02 -20.34
N ILE E 231 -21.24 15.78 -19.14
CA ILE E 231 -20.63 14.50 -18.79
C ILE E 231 -21.54 13.58 -17.98
N ILE E 232 -22.43 12.82 -18.69
CA ILE E 232 -23.33 11.83 -18.07
C ILE E 232 -22.60 10.47 -18.03
N ASN E 233 -21.68 10.32 -17.06
CA ASN E 233 -20.78 9.18 -16.90
C ASN E 233 -19.84 9.02 -18.13
N THR E 234 -19.53 7.77 -18.54
CA THR E 234 -18.65 7.42 -19.66
C THR E 234 -18.76 8.30 -20.90
N GLU E 235 -19.97 8.77 -21.21
CA GLU E 235 -20.24 9.59 -22.40
C GLU E 235 -20.22 11.08 -22.16
N ILE E 236 -19.61 11.78 -23.11
CA ILE E 236 -19.56 13.23 -23.15
C ILE E 236 -20.34 13.62 -24.37
N TRP E 237 -21.45 14.32 -24.13
CA TRP E 237 -22.42 14.76 -25.14
C TRP E 237 -22.31 16.25 -25.41
N ASP E 238 -22.82 16.71 -26.57
CA ASP E 238 -22.85 18.13 -26.86
C ASP E 238 -24.19 18.65 -26.41
N LEU E 239 -24.15 19.68 -25.54
CA LEU E 239 -25.32 20.31 -24.94
C LEU E 239 -26.38 20.87 -25.92
N ARG E 240 -25.94 21.29 -27.11
CA ARG E 240 -26.79 21.88 -28.13
C ARG E 240 -27.09 20.91 -29.27
N THR E 241 -26.07 20.10 -29.65
CA THR E 241 -26.12 19.13 -30.74
C THR E 241 -26.74 17.78 -30.35
N PHE E 242 -26.53 17.34 -29.09
CA PHE E 242 -26.95 16.06 -28.49
C PHE E 242 -26.22 14.91 -29.16
N HIS E 243 -25.09 15.26 -29.77
CA HIS E 243 -24.17 14.36 -30.44
C HIS E 243 -23.32 13.75 -29.38
N LEU E 244 -22.95 12.48 -29.53
CA LEU E 244 -21.99 11.91 -28.60
C LEU E 244 -20.63 12.39 -29.13
N LEU E 245 -19.73 12.80 -28.21
CA LEU E 245 -18.43 13.32 -28.55
C LEU E 245 -17.31 12.30 -28.35
N HIS E 246 -17.09 11.82 -27.10
CA HIS E 246 -16.03 10.82 -26.87
C HIS E 246 -16.29 9.97 -25.65
N THR E 247 -16.19 8.66 -25.80
CA THR E 247 -16.38 7.79 -24.66
C THR E 247 -15.06 7.71 -23.91
N VAL E 248 -15.07 8.18 -22.65
CA VAL E 248 -13.93 8.21 -21.75
C VAL E 248 -14.21 7.09 -20.71
N PRO E 249 -13.67 5.87 -20.94
CA PRO E 249 -14.01 4.73 -20.05
C PRO E 249 -13.46 4.84 -18.65
N ALA E 250 -12.32 5.54 -18.50
CA ALA E 250 -11.66 5.79 -17.20
C ALA E 250 -12.56 6.65 -16.26
N LEU E 251 -13.51 7.42 -16.87
CA LEU E 251 -14.47 8.30 -16.21
C LEU E 251 -15.78 7.66 -15.76
N ASP E 252 -15.87 6.32 -15.87
CA ASP E 252 -17.03 5.56 -15.38
C ASP E 252 -17.08 5.58 -13.84
N GLN E 253 -18.30 5.74 -13.26
CA GLN E 253 -18.63 5.72 -11.83
C GLN E 253 -17.90 6.79 -10.95
N CYS E 254 -17.52 7.90 -11.59
CA CYS E 254 -16.78 8.98 -10.96
C CYS E 254 -17.55 10.19 -10.42
N ARG E 255 -17.32 10.52 -9.14
CA ARG E 255 -17.80 11.75 -8.51
C ARG E 255 -16.83 12.76 -9.17
N VAL E 256 -17.25 13.33 -10.30
CA VAL E 256 -16.36 14.23 -11.03
C VAL E 256 -16.48 15.71 -10.68
N VAL E 257 -15.31 16.33 -10.51
CA VAL E 257 -15.20 17.74 -10.16
C VAL E 257 -14.01 18.47 -10.82
N PHE E 258 -14.30 19.54 -11.57
CA PHE E 258 -13.29 20.36 -12.25
C PHE E 258 -12.51 21.17 -11.24
N ASN E 259 -11.32 21.66 -11.61
CA ASN E 259 -10.53 22.52 -10.73
C ASN E 259 -10.96 23.96 -10.98
N HIS E 260 -10.49 24.90 -10.13
CA HIS E 260 -10.90 26.29 -10.22
C HIS E 260 -10.76 26.91 -11.61
N THR E 261 -9.63 26.67 -12.27
CA THR E 261 -9.39 27.19 -13.60
C THR E 261 -10.00 26.32 -14.71
N GLY E 262 -10.57 25.18 -14.32
CA GLY E 262 -11.17 24.23 -15.25
C GLY E 262 -10.14 23.45 -16.05
N THR E 263 -8.88 23.67 -15.72
CA THR E 263 -7.69 23.11 -16.32
C THR E 263 -7.66 21.56 -16.22
N VAL E 264 -7.92 21.01 -15.00
CA VAL E 264 -7.90 19.56 -14.68
C VAL E 264 -9.24 19.03 -14.11
N MET E 265 -9.43 17.70 -14.06
CA MET E 265 -10.64 17.07 -13.51
C MET E 265 -10.26 16.00 -12.51
N TYR E 266 -10.77 16.06 -11.22
CA TYR E 266 -10.57 15.00 -10.20
C TYR E 266 -11.82 14.09 -10.15
N GLY E 267 -11.59 12.80 -10.31
CA GLY E 267 -12.67 11.83 -10.27
C GLY E 267 -12.52 10.98 -9.05
N ALA E 268 -13.63 10.61 -8.44
CA ALA E 268 -13.63 9.80 -7.24
C ALA E 268 -14.44 8.56 -7.53
N MET E 269 -13.75 7.43 -7.65
CA MET E 269 -14.39 6.16 -7.95
C MET E 269 -15.24 5.69 -6.75
N LEU E 270 -16.49 5.21 -7.00
CA LEU E 270 -17.37 4.70 -5.94
C LEU E 270 -17.95 3.34 -6.29
N GLN E 271 -17.84 2.34 -5.36
CA GLN E 271 -18.32 0.94 -5.51
C GLN E 271 -18.07 0.32 -6.91
N SER E 285 -17.02 0.16 4.47
CA SER E 285 -17.02 1.46 3.78
C SER E 285 -16.80 1.27 2.22
N PRO E 286 -17.74 0.65 1.44
CA PRO E 286 -17.46 0.38 0.00
C PRO E 286 -17.35 1.50 -1.06
N PHE E 287 -16.66 2.63 -0.75
CA PHE E 287 -16.41 3.72 -1.72
C PHE E 287 -15.04 3.49 -2.42
N GLY E 288 -14.30 4.58 -2.66
CA GLY E 288 -12.98 4.51 -3.27
C GLY E 288 -11.88 4.55 -2.23
N SER E 289 -10.70 3.99 -2.58
CA SER E 289 -9.47 4.00 -1.78
C SER E 289 -8.38 4.73 -2.61
N SER E 290 -8.79 5.19 -3.81
CA SER E 290 -8.02 5.92 -4.80
C SER E 290 -8.92 6.93 -5.56
N PHE E 291 -8.28 7.83 -6.31
CA PHE E 291 -8.92 8.88 -7.11
C PHE E 291 -8.10 9.22 -8.38
N ARG E 292 -8.82 9.61 -9.46
CA ARG E 292 -8.24 9.96 -10.76
C ARG E 292 -8.16 11.46 -11.00
N THR E 293 -7.28 11.85 -11.93
CA THR E 293 -7.11 13.21 -12.42
C THR E 293 -7.02 13.12 -13.93
N PHE E 294 -7.67 14.06 -14.64
CA PHE E 294 -7.65 14.05 -16.09
C PHE E 294 -7.37 15.41 -16.60
N ASN E 295 -6.85 15.46 -17.82
CA ASN E 295 -6.61 16.72 -18.49
C ASN E 295 -7.94 17.13 -19.09
N ALA E 296 -8.45 18.33 -18.71
CA ALA E 296 -9.75 18.81 -19.18
C ALA E 296 -9.75 19.35 -20.64
N THR E 297 -8.55 19.74 -21.16
CA THR E 297 -8.35 20.24 -22.53
C THR E 297 -8.67 19.19 -23.61
N ASP E 298 -8.21 17.94 -23.40
CA ASP E 298 -8.42 16.73 -24.21
C ASP E 298 -8.54 15.72 -23.11
N TYR E 299 -9.68 15.03 -23.02
CA TYR E 299 -10.03 14.13 -21.91
C TYR E 299 -9.05 12.99 -21.51
N LYS E 300 -7.75 13.14 -21.86
CA LYS E 300 -6.69 12.19 -21.53
C LYS E 300 -6.41 12.14 -20.05
N PRO E 301 -6.45 10.93 -19.47
CA PRO E 301 -6.17 10.79 -18.05
C PRO E 301 -4.77 11.25 -17.69
N ILE E 302 -4.56 11.74 -16.44
CA ILE E 302 -3.28 12.19 -15.93
C ILE E 302 -2.72 11.16 -14.97
N ALA E 303 -3.52 10.75 -13.97
CA ALA E 303 -3.11 9.78 -12.95
C ALA E 303 -4.31 9.26 -12.14
N THR E 304 -4.04 8.20 -11.36
CA THR E 304 -4.91 7.51 -10.40
C THR E 304 -4.06 7.49 -9.14
N ILE E 305 -4.55 8.08 -8.04
CA ILE E 305 -3.78 8.18 -6.81
C ILE E 305 -4.38 7.30 -5.76
N ASP E 306 -3.65 6.29 -5.31
CA ASP E 306 -4.14 5.39 -4.27
C ASP E 306 -3.74 5.95 -2.90
N VAL E 307 -4.67 6.70 -2.25
CA VAL E 307 -4.46 7.33 -0.92
C VAL E 307 -4.24 6.27 0.15
N LYS E 308 -4.50 5.02 -0.28
CA LYS E 308 -4.37 3.77 0.46
C LYS E 308 -5.33 3.64 1.64
N ARG E 309 -6.29 4.57 1.74
CA ARG E 309 -7.34 4.58 2.77
C ARG E 309 -8.68 4.94 2.15
N ASN E 310 -9.76 4.39 2.67
CA ASN E 310 -11.07 4.64 2.13
C ASN E 310 -11.56 6.12 2.17
N ILE E 311 -11.67 6.72 0.97
CA ILE E 311 -12.14 8.10 0.76
C ILE E 311 -13.62 8.14 0.97
N PHE E 312 -14.10 9.08 1.84
CA PHE E 312 -15.53 9.30 2.08
C PHE E 312 -16.00 10.59 1.38
N ASP E 313 -15.05 11.51 1.10
CA ASP E 313 -15.24 12.81 0.45
C ASP E 313 -13.84 13.36 0.28
N LEU E 314 -13.70 14.26 -0.69
CA LEU E 314 -12.48 14.99 -0.99
C LEU E 314 -12.88 16.33 -1.61
N CYS E 315 -12.03 17.36 -1.48
CA CYS E 315 -12.28 18.69 -2.05
C CYS E 315 -10.99 19.44 -2.37
N THR E 316 -11.09 20.51 -3.18
CA THR E 316 -9.94 21.36 -3.53
C THR E 316 -10.24 22.87 -3.38
N ASP E 317 -9.20 23.63 -3.00
CA ASP E 317 -9.24 25.09 -2.86
C ASP E 317 -9.11 25.78 -4.25
N THR E 318 -9.45 27.10 -4.34
CA THR E 318 -9.32 27.84 -5.60
C THR E 318 -7.86 27.79 -6.08
N LYS E 319 -6.91 28.17 -5.21
CA LYS E 319 -5.44 28.23 -5.41
C LYS E 319 -4.71 26.96 -5.95
N ASP E 320 -5.43 25.85 -6.24
CA ASP E 320 -4.86 24.58 -6.72
C ASP E 320 -3.62 24.22 -5.91
N CYS E 321 -3.75 24.49 -4.61
CA CYS E 321 -2.74 24.35 -3.56
C CYS E 321 -3.00 23.16 -2.63
N TYR E 322 -4.20 23.10 -2.01
CA TYR E 322 -4.59 22.02 -1.12
C TYR E 322 -5.74 21.13 -1.64
N LEU E 323 -5.61 19.82 -1.39
CA LEU E 323 -6.63 18.82 -1.67
C LEU E 323 -6.99 18.25 -0.27
N ALA E 324 -8.29 18.22 0.06
CA ALA E 324 -8.69 17.72 1.36
C ALA E 324 -9.54 16.49 1.16
N VAL E 325 -9.06 15.38 1.72
CA VAL E 325 -9.68 14.06 1.63
C VAL E 325 -10.05 13.55 3.04
N ILE E 326 -11.21 12.86 3.14
CA ILE E 326 -11.68 12.23 4.37
C ILE E 326 -11.34 10.75 4.22
N GLU E 327 -10.29 10.33 4.92
CA GLU E 327 -9.78 8.98 4.89
C GLU E 327 -10.08 8.26 6.20
N ASN E 328 -10.78 7.12 6.11
CA ASN E 328 -11.17 6.26 7.22
C ASN E 328 -10.00 5.45 7.70
N GLN E 329 -9.85 5.29 9.02
CA GLN E 329 -8.72 4.54 9.57
C GLN E 329 -8.94 3.09 10.05
N GLY E 330 -10.16 2.57 9.87
CA GLY E 330 -10.55 1.21 10.21
C GLY E 330 -11.93 0.85 9.71
N SER E 331 -12.15 -0.42 9.28
CA SER E 331 -13.45 -0.85 8.74
C SER E 331 -14.55 -1.34 9.72
N MET E 332 -15.73 -0.67 9.56
CA MET E 332 -17.07 -0.81 10.18
C MET E 332 -17.33 -1.94 11.20
N ASP E 333 -16.94 -3.18 10.82
CA ASP E 333 -17.10 -4.44 11.55
C ASP E 333 -16.26 -4.50 12.82
N ALA E 334 -15.12 -3.77 12.86
CA ALA E 334 -14.28 -3.70 14.06
C ALA E 334 -14.90 -2.66 15.05
N LEU E 335 -16.28 -2.53 14.99
CA LEU E 335 -17.19 -1.63 15.70
C LEU E 335 -16.92 -0.24 15.13
N ASN E 336 -15.68 0.23 15.37
CA ASN E 336 -14.96 1.45 15.01
C ASN E 336 -15.09 1.95 13.54
N MET E 337 -14.53 3.18 13.33
CA MET E 337 -14.33 3.98 12.13
C MET E 337 -13.82 5.30 12.62
N ASP E 338 -12.63 5.66 12.17
CA ASP E 338 -11.92 6.87 12.56
C ASP E 338 -11.76 7.77 11.33
N THR E 339 -12.85 8.40 10.91
CA THR E 339 -12.83 9.24 9.72
C THR E 339 -12.20 10.61 9.93
N VAL E 340 -10.89 10.67 9.65
CA VAL E 340 -10.02 11.85 9.83
C VAL E 340 -9.96 12.59 8.52
N CYS E 341 -9.46 13.81 8.55
CA CYS E 341 -9.27 14.57 7.34
C CYS E 341 -7.80 14.76 7.08
N ARG E 342 -7.37 14.48 5.87
CA ARG E 342 -5.99 14.61 5.46
C ARG E 342 -5.90 15.69 4.42
N LEU E 343 -4.94 16.58 4.62
CA LEU E 343 -4.69 17.69 3.73
C LEU E 343 -3.46 17.39 2.85
N TYR E 344 -3.60 17.56 1.52
CA TYR E 344 -2.54 17.31 0.53
C TYR E 344 -2.05 18.60 -0.16
N GLU E 345 -0.81 18.61 -0.68
CA GLU E 345 -0.23 19.72 -1.46
C GLU E 345 -0.13 19.28 -2.94
N VAL E 346 0.45 20.10 -3.89
CA VAL E 346 0.52 19.65 -5.32
C VAL E 346 1.96 19.76 -6.10
N MET F 1 -9.41 37.77 5.22
CA MET F 1 -10.20 38.10 6.40
C MET F 1 -11.60 37.40 6.37
N GLU F 2 -12.02 36.60 7.42
CA GLU F 2 -11.25 36.25 8.61
C GLU F 2 -11.84 35.16 9.45
N GLN F 3 -12.52 35.55 10.56
CA GLN F 3 -13.03 34.77 11.69
C GLN F 3 -14.35 33.97 11.63
N ALA F 4 -14.44 32.95 12.51
CA ALA F 4 -15.56 32.03 12.68
C ALA F 4 -16.78 32.71 13.33
N PRO F 5 -18.03 32.38 12.95
CA PRO F 5 -19.21 33.01 13.59
C PRO F 5 -19.49 32.61 15.06
N GLU F 6 -20.32 33.41 15.77
CA GLU F 6 -20.70 33.22 17.18
C GLU F 6 -21.18 31.81 17.56
N ASP F 7 -22.49 31.58 17.47
CA ASP F 7 -23.28 30.36 17.71
C ASP F 7 -24.60 30.67 18.36
N GLN F 8 -25.58 31.17 17.62
CA GLN F 8 -26.96 30.99 17.92
C GLN F 8 -27.43 30.01 16.93
N GLY F 9 -27.87 28.89 17.42
CA GLY F 9 -28.43 27.87 16.60
C GLY F 9 -28.26 26.83 17.62
N PRO F 10 -28.86 25.60 17.40
CA PRO F 10 -28.77 24.64 18.43
C PRO F 10 -27.89 24.47 19.59
N GLN F 11 -28.28 23.45 20.33
CA GLN F 11 -27.65 23.10 21.52
C GLN F 11 -28.37 22.00 21.97
N ARG F 12 -28.00 21.62 23.15
CA ARG F 12 -27.97 20.28 23.71
C ARG F 12 -28.20 20.31 25.18
N GLU F 13 -27.96 21.47 25.81
CA GLU F 13 -27.75 21.79 27.22
C GLU F 13 -28.84 21.39 28.17
N PRO F 14 -29.91 20.84 27.73
CA PRO F 14 -30.56 20.04 28.80
C PRO F 14 -29.93 18.63 28.94
N TYR F 15 -28.88 18.40 28.12
CA TYR F 15 -28.01 17.25 27.88
C TYR F 15 -28.52 15.85 28.03
N ASN F 16 -28.06 15.27 29.11
CA ASN F 16 -28.34 13.94 29.40
C ASN F 16 -29.72 13.66 29.09
N GLU F 17 -30.50 14.61 28.58
CA GLU F 17 -31.79 14.26 28.06
C GLU F 17 -32.15 14.78 26.77
N TRP F 18 -31.26 15.55 26.14
CA TRP F 18 -31.29 15.79 24.76
C TRP F 18 -30.90 14.54 24.22
N THR F 19 -29.76 13.99 24.69
CA THR F 19 -29.07 12.67 24.46
C THR F 19 -29.87 11.45 24.67
N LEU F 20 -30.43 11.24 25.83
CA LEU F 20 -31.19 10.07 26.12
C LEU F 20 -32.33 9.94 25.32
N GLU F 21 -32.72 10.97 24.61
CA GLU F 21 -33.91 11.17 23.74
C GLU F 21 -33.82 10.86 22.29
N LEU F 22 -32.76 11.31 21.62
CA LEU F 22 -32.01 10.73 20.45
C LEU F 22 -31.49 9.32 20.32
N LEU F 23 -31.41 8.57 21.31
CA LEU F 23 -30.89 7.28 21.13
C LEU F 23 -32.06 6.64 20.65
N GLU F 24 -33.19 7.05 21.06
CA GLU F 24 -34.47 6.37 20.74
C GLU F 24 -35.17 6.94 19.52
N GLU F 25 -34.56 7.99 18.92
CA GLU F 25 -34.95 8.48 17.59
C GLU F 25 -34.17 7.66 16.56
N LEU F 26 -32.85 7.77 16.66
CA LEU F 26 -31.83 7.09 15.85
C LEU F 26 -32.00 5.58 15.90
N LYS F 27 -32.39 5.04 17.07
CA LYS F 27 -32.61 3.61 17.26
C LYS F 27 -33.65 3.09 16.30
N SER F 28 -34.87 3.64 16.33
CA SER F 28 -35.93 3.20 15.42
C SER F 28 -35.52 3.33 13.93
N GLU F 29 -34.88 4.46 13.55
CA GLU F 29 -34.42 4.64 12.18
C GLU F 29 -33.34 3.61 11.77
N ALA F 30 -32.60 3.08 12.74
CA ALA F 30 -31.59 2.06 12.48
C ALA F 30 -32.22 0.69 12.25
N VAL F 31 -33.25 0.31 12.94
CA VAL F 31 -34.01 -0.92 12.72
C VAL F 31 -34.96 -0.89 11.54
N ARG F 32 -34.88 0.13 10.71
CA ARG F 32 -35.64 0.19 9.51
C ARG F 32 -34.76 -0.19 8.42
N HIS F 33 -33.46 -0.41 8.61
CA HIS F 33 -32.59 -1.08 7.62
C HIS F 33 -31.93 -2.32 8.18
N PHE F 34 -31.23 -2.15 9.29
CA PHE F 34 -30.46 -3.18 9.97
C PHE F 34 -31.29 -4.13 10.81
N PRO F 35 -30.97 -5.44 10.75
CA PRO F 35 -31.69 -6.42 11.58
C PRO F 35 -31.61 -6.15 13.09
N ARG F 36 -32.71 -5.94 13.71
CA ARG F 36 -32.82 -5.71 15.13
C ARG F 36 -32.04 -6.49 16.14
N ILE F 37 -31.80 -7.76 15.90
CA ILE F 37 -30.92 -8.66 16.64
C ILE F 37 -29.46 -8.17 16.63
N TRP F 38 -28.94 -7.87 15.42
CA TRP F 38 -27.60 -7.39 15.19
C TRP F 38 -27.38 -6.06 15.83
N LEU F 39 -28.34 -5.17 15.87
CA LEU F 39 -28.12 -3.90 16.56
C LEU F 39 -28.07 -3.93 18.06
N HIS F 40 -28.41 -5.05 18.62
CA HIS F 40 -28.38 -5.25 20.04
C HIS F 40 -27.08 -5.82 20.32
N ASN F 41 -26.78 -6.85 19.56
CA ASN F 41 -25.56 -7.50 19.64
C ASN F 41 -24.45 -6.56 19.47
N LEU F 42 -24.68 -5.26 19.23
CA LEU F 42 -23.71 -4.15 19.48
C LEU F 42 -24.05 -3.32 20.68
N GLY F 43 -25.22 -3.53 21.24
CA GLY F 43 -25.78 -2.67 22.22
C GLY F 43 -25.03 -3.07 23.32
N GLN F 44 -25.14 -4.30 23.73
CA GLN F 44 -24.17 -5.03 24.56
C GLN F 44 -22.74 -4.64 24.43
N HIS F 45 -22.03 -5.09 23.40
CA HIS F 45 -20.73 -4.52 22.98
C HIS F 45 -20.38 -3.23 23.53
N ILE F 46 -21.00 -2.17 23.10
CA ILE F 46 -20.70 -0.84 23.57
C ILE F 46 -20.89 -0.89 25.09
N TYR F 47 -21.81 -1.68 25.61
CA TYR F 47 -21.99 -1.74 27.06
C TYR F 47 -20.88 -2.40 27.82
N GLU F 48 -20.31 -3.48 27.28
CA GLU F 48 -19.22 -4.14 27.98
C GLU F 48 -17.98 -3.32 27.94
N THR F 49 -17.75 -2.60 26.84
CA THR F 49 -16.54 -1.82 26.62
C THR F 49 -16.59 -0.42 27.21
N TYR F 50 -17.79 0.16 27.29
CA TYR F 50 -17.97 1.51 27.81
C TYR F 50 -18.54 1.62 29.20
N GLY F 51 -19.57 0.83 29.46
CA GLY F 51 -20.31 0.83 30.72
C GLY F 51 -21.50 1.77 30.72
N ASP F 52 -22.29 1.73 31.80
CA ASP F 52 -23.46 2.60 31.96
C ASP F 52 -23.01 4.06 32.18
N THR F 53 -22.23 4.56 31.22
CA THR F 53 -21.75 5.92 31.19
C THR F 53 -22.36 6.57 30.00
N TRP F 54 -22.31 7.90 30.03
CA TRP F 54 -22.83 8.73 28.97
C TRP F 54 -21.91 8.66 27.77
N ALA F 55 -20.60 8.49 28.01
CA ALA F 55 -19.61 8.35 26.95
C ALA F 55 -20.01 7.24 26.00
N GLY F 56 -20.41 6.13 26.53
CA GLY F 56 -20.64 4.93 25.83
C GLY F 56 -21.96 4.88 25.25
N VAL F 57 -22.54 6.02 25.01
CA VAL F 57 -23.88 6.22 24.49
C VAL F 57 -23.53 7.03 23.29
N GLU F 58 -22.93 8.19 23.40
CA GLU F 58 -22.41 8.90 22.32
C GLU F 58 -21.58 8.11 21.53
N ALA F 59 -21.05 6.97 22.06
CA ALA F 59 -20.43 5.91 21.28
C ALA F 59 -21.42 5.18 20.35
N ILE F 60 -22.53 4.62 20.90
CA ILE F 60 -23.54 3.92 20.10
C ILE F 60 -24.20 4.85 19.09
N ILE F 61 -24.47 6.10 19.53
CA ILE F 61 -25.08 7.18 18.74
C ILE F 61 -24.24 7.36 17.48
N ARG F 62 -22.93 7.44 17.66
CA ARG F 62 -21.98 7.60 16.57
C ARG F 62 -21.97 6.38 15.64
N ILE F 63 -21.86 5.15 16.23
CA ILE F 63 -21.80 3.87 15.50
C ILE F 63 -22.95 3.75 14.53
N LEU F 64 -24.17 3.95 15.04
CA LEU F 64 -25.40 3.92 14.28
C LEU F 64 -25.38 5.01 13.25
N GLN F 65 -25.35 6.21 13.65
CA GLN F 65 -25.23 7.35 12.88
C GLN F 65 -24.40 7.29 11.67
N GLN F 66 -23.24 6.61 11.72
CA GLN F 66 -22.27 6.27 10.69
C GLN F 66 -22.74 5.23 9.71
N LEU F 67 -23.30 4.08 10.21
CA LEU F 67 -23.78 2.96 9.37
C LEU F 67 -24.75 3.48 8.34
N LEU F 68 -25.72 4.28 8.84
CA LEU F 68 -26.79 4.92 8.11
C LEU F 68 -26.21 5.84 7.04
N PHE F 69 -25.11 6.58 7.37
CA PHE F 69 -24.39 7.43 6.43
C PHE F 69 -23.86 6.59 5.27
N ILE F 70 -23.18 5.47 5.55
CA ILE F 70 -22.63 4.66 4.49
C ILE F 70 -23.77 4.09 3.69
N HIS F 71 -24.80 3.59 4.40
CA HIS F 71 -25.98 3.03 3.75
C HIS F 71 -26.57 4.02 2.74
N PHE F 72 -26.71 5.29 3.17
CA PHE F 72 -27.19 6.41 2.36
C PHE F 72 -26.33 6.61 1.11
N ARG F 73 -25.01 6.52 1.30
CA ARG F 73 -24.08 6.72 0.21
C ARG F 73 -24.00 5.55 -0.77
N ILE F 74 -24.63 4.42 -0.42
CA ILE F 74 -24.67 3.28 -1.33
C ILE F 74 -26.01 3.25 -2.10
N PHE G 2 -13.00 40.63 40.41
CA PHE G 2 -12.44 40.89 41.72
C PHE G 2 -11.15 41.65 41.53
N PHE G 3 -10.99 42.28 40.37
CA PHE G 3 -9.82 42.99 39.99
C PHE G 3 -9.38 43.85 41.15
N GLY G 4 -8.10 44.11 41.36
CA GLY G 4 -7.58 44.85 42.51
C GLY G 4 -7.57 46.34 42.28
N GLU G 5 -8.34 47.08 43.11
CA GLU G 5 -8.55 48.54 43.05
C GLU G 5 -7.33 49.44 42.76
N SER G 6 -6.16 49.14 43.37
CA SER G 6 -4.91 49.87 43.15
C SER G 6 -4.50 49.80 41.67
N TRP G 7 -4.66 48.61 41.07
CA TRP G 7 -4.35 48.29 39.67
C TRP G 7 -5.52 48.68 38.78
N LYS G 8 -6.75 48.58 39.33
CA LYS G 8 -7.97 48.92 38.62
C LYS G 8 -7.97 50.41 38.31
N LYS G 9 -7.62 51.27 39.29
CA LYS G 9 -7.52 52.73 39.10
C LYS G 9 -6.35 53.12 38.14
N HIS G 10 -5.51 52.14 37.75
CA HIS G 10 -4.37 52.37 36.86
C HIS G 10 -4.47 51.81 35.45
N LEU G 11 -4.65 50.48 35.33
CA LEU G 11 -4.68 49.76 34.05
C LEU G 11 -5.95 49.95 33.26
N SER G 12 -7.03 50.32 33.94
CA SER G 12 -8.38 50.63 33.46
C SER G 12 -8.52 51.08 32.00
N GLY G 13 -7.55 51.87 31.51
CA GLY G 13 -7.51 52.43 30.17
C GLY G 13 -7.53 51.40 29.07
N GLU G 14 -7.02 50.19 29.39
CA GLU G 14 -6.94 49.05 28.49
C GLU G 14 -8.28 48.46 28.09
N PHE G 15 -9.18 48.26 29.06
CA PHE G 15 -10.53 47.70 28.94
C PHE G 15 -11.30 48.19 27.71
N GLY G 16 -11.24 49.50 27.46
CA GLY G 16 -11.90 50.14 26.33
C GLY G 16 -11.31 49.79 24.98
N LYS G 17 -10.00 49.47 24.93
CA LYS G 17 -9.25 49.17 23.71
C LYS G 17 -9.86 48.08 22.83
N PRO G 18 -9.82 48.25 21.48
CA PRO G 18 -10.45 47.28 20.56
C PRO G 18 -9.86 45.88 20.59
N TYR G 19 -8.66 45.79 21.17
CA TYR G 19 -7.98 44.52 21.35
C TYR G 19 -8.63 43.82 22.56
N PHE G 20 -8.85 44.58 23.63
CA PHE G 20 -9.40 44.09 24.88
C PHE G 20 -10.85 43.72 24.77
N ILE G 21 -11.61 44.46 23.96
CA ILE G 21 -13.01 44.13 23.77
C ILE G 21 -13.10 42.74 23.08
N LYS G 22 -12.26 42.54 22.02
CA LYS G 22 -12.19 41.31 21.24
C LYS G 22 -11.75 40.16 22.15
N LEU G 23 -10.73 40.40 22.99
CA LEU G 23 -10.24 39.41 23.93
C LEU G 23 -11.33 38.99 24.91
N MET G 24 -12.06 39.95 25.52
CA MET G 24 -13.11 39.60 26.50
C MET G 24 -14.23 38.79 25.89
N GLY G 25 -14.67 39.21 24.69
CA GLY G 25 -15.71 38.56 23.90
C GLY G 25 -15.34 37.17 23.45
N PHE G 26 -14.04 36.94 23.18
CA PHE G 26 -13.49 35.65 22.82
C PHE G 26 -13.59 34.77 24.04
N VAL G 27 -12.98 35.21 25.15
CA VAL G 27 -12.98 34.52 26.43
C VAL G 27 -14.40 34.18 26.86
N ALA G 28 -15.34 35.10 26.57
CA ALA G 28 -16.76 34.96 26.86
C ALA G 28 -17.34 33.76 26.15
N GLU G 29 -17.28 33.77 24.81
CA GLU G 29 -17.78 32.72 23.93
C GLU G 29 -17.02 31.41 24.12
N GLU G 30 -15.76 31.50 24.57
CA GLU G 30 -14.94 30.31 24.86
C GLU G 30 -15.47 29.57 26.08
N ARG G 31 -15.84 30.29 27.16
CA ARG G 31 -16.40 29.65 28.36
C ARG G 31 -17.82 29.09 28.10
N LYS G 32 -18.55 29.65 27.09
CA LYS G 32 -19.86 29.16 26.67
C LYS G 32 -19.70 27.84 25.90
N HIS G 33 -18.46 27.46 25.54
CA HIS G 33 -18.21 26.24 24.78
C HIS G 33 -17.21 25.27 25.31
N TYR G 34 -16.19 25.75 26.03
CA TYR G 34 -15.13 24.93 26.63
C TYR G 34 -14.97 25.38 28.08
N THR G 35 -14.41 24.52 28.94
CA THR G 35 -14.19 24.88 30.34
C THR G 35 -12.92 25.73 30.39
N VAL G 36 -13.03 27.03 30.72
CA VAL G 36 -11.86 27.89 30.72
C VAL G 36 -11.30 28.17 32.09
N TYR G 37 -9.99 28.01 32.23
CA TYR G 37 -9.30 28.25 33.47
C TYR G 37 -8.40 29.48 33.37
N PRO G 38 -8.23 30.26 34.49
CA PRO G 38 -8.85 30.11 35.82
C PRO G 38 -10.30 30.58 35.76
N PRO G 39 -11.17 30.21 36.72
CA PRO G 39 -12.54 30.68 36.62
C PRO G 39 -12.61 32.17 36.94
N PRO G 40 -13.70 32.85 36.53
CA PRO G 40 -13.84 34.29 36.80
C PRO G 40 -13.11 34.96 37.98
N HIS G 41 -13.54 34.78 39.23
CA HIS G 41 -12.85 35.42 40.35
C HIS G 41 -11.33 35.19 40.40
N GLN G 42 -10.88 33.97 40.03
CA GLN G 42 -9.48 33.56 40.04
C GLN G 42 -8.59 34.19 38.97
N VAL G 43 -9.14 34.62 37.81
CA VAL G 43 -8.36 35.19 36.70
C VAL G 43 -7.46 36.35 37.11
N PHE G 44 -7.92 37.15 38.10
CA PHE G 44 -7.20 38.33 38.57
C PHE G 44 -6.82 38.29 40.06
N THR G 45 -6.10 37.25 40.46
CA THR G 45 -5.68 37.16 41.86
C THR G 45 -4.35 37.87 42.01
N TRP G 46 -3.59 37.96 40.90
CA TRP G 46 -2.31 38.66 40.81
C TRP G 46 -2.43 40.13 41.21
N THR G 47 -3.64 40.68 41.04
CA THR G 47 -3.99 42.05 41.35
C THR G 47 -4.56 42.23 42.77
N GLN G 48 -5.50 41.37 43.20
CA GLN G 48 -6.16 41.43 44.53
C GLN G 48 -5.33 40.89 45.72
N MET G 49 -4.01 40.70 45.52
CA MET G 49 -3.11 40.17 46.54
C MET G 49 -2.30 41.23 47.31
N CYS G 50 -1.85 42.29 46.59
CA CYS G 50 -1.09 43.44 47.12
C CYS G 50 -1.35 44.68 46.24
N ASP G 51 -0.99 45.89 46.72
CA ASP G 51 -1.19 47.13 45.95
C ASP G 51 -0.09 47.34 44.95
N ILE G 52 -0.45 47.75 43.70
CA ILE G 52 0.43 48.00 42.55
C ILE G 52 1.72 48.74 42.90
N LYS G 53 1.62 49.63 43.90
CA LYS G 53 2.69 50.45 44.49
C LYS G 53 3.61 49.60 45.36
N ASP G 54 3.01 48.68 46.16
CA ASP G 54 3.71 47.76 47.07
C ASP G 54 4.48 46.61 46.37
N VAL G 55 4.41 46.52 45.03
CA VAL G 55 5.13 45.50 44.27
C VAL G 55 6.60 45.91 44.14
N LYS G 56 7.51 45.01 44.53
CA LYS G 56 8.97 45.19 44.50
C LYS G 56 9.60 44.32 43.41
N VAL G 57 9.16 43.04 43.32
CA VAL G 57 9.65 41.98 42.41
C VAL G 57 8.56 41.58 41.42
N VAL G 58 8.95 41.33 40.14
CA VAL G 58 8.03 40.88 39.09
C VAL G 58 8.64 39.71 38.32
N ILE G 59 7.87 38.60 38.26
CA ILE G 59 8.17 37.36 37.53
C ILE G 59 7.11 37.17 36.45
N LEU G 60 7.58 36.98 35.20
CA LEU G 60 6.76 36.81 34.00
C LEU G 60 6.54 35.37 33.63
N GLY G 61 5.28 34.97 33.50
CA GLY G 61 4.86 33.62 33.12
C GLY G 61 4.30 33.57 31.71
N GLN G 62 3.97 32.37 31.21
CA GLN G 62 3.43 32.33 29.87
C GLN G 62 1.93 32.05 29.83
N ASP G 63 1.56 30.79 30.05
CA ASP G 63 0.20 30.29 29.90
C ASP G 63 -0.42 29.81 31.24
N PRO G 64 -1.76 29.91 31.48
CA PRO G 64 -2.35 29.34 32.71
C PRO G 64 -2.27 27.79 32.76
N TYR G 65 -2.69 27.23 33.88
CA TYR G 65 -2.69 25.79 34.10
C TYR G 65 -4.06 25.27 33.63
N HIS G 66 -4.05 24.39 32.59
CA HIS G 66 -5.28 23.86 31.96
C HIS G 66 -6.07 22.71 32.64
N GLY G 67 -5.74 22.44 33.90
CA GLY G 67 -6.39 21.44 34.73
C GLY G 67 -7.43 22.04 35.68
N PRO G 68 -8.40 21.24 36.19
CA PRO G 68 -9.44 21.81 37.04
C PRO G 68 -8.97 22.07 38.44
N ASN G 69 -9.36 23.26 38.94
CA ASN G 69 -9.06 23.81 40.27
C ASN G 69 -7.53 23.86 40.51
N GLN G 70 -6.78 24.35 39.49
CA GLN G 70 -5.32 24.43 39.50
C GLN G 70 -4.90 25.85 39.28
N ALA G 71 -5.36 26.40 38.16
CA ALA G 71 -5.10 27.75 37.68
C ALA G 71 -5.71 28.74 38.67
N HIS G 72 -4.91 29.67 39.26
CA HIS G 72 -5.52 30.61 40.23
C HIS G 72 -5.20 32.11 40.16
N GLY G 73 -4.33 32.53 39.25
CA GLY G 73 -4.02 33.96 39.09
C GLY G 73 -2.54 34.29 39.11
N LEU G 74 -1.75 33.44 39.75
CA LEU G 74 -0.31 33.65 39.87
C LEU G 74 0.44 32.68 38.95
N CYS G 75 1.55 33.14 38.33
CA CYS G 75 2.38 32.29 37.47
C CYS G 75 3.21 31.32 38.26
N PHE G 76 3.26 30.08 37.80
CA PHE G 76 3.94 28.98 38.46
C PHE G 76 3.21 28.63 39.76
N SER G 77 1.99 29.13 39.93
CA SER G 77 1.24 28.84 41.15
C SER G 77 0.03 28.00 40.86
N VAL G 78 -0.11 27.00 41.71
CA VAL G 78 -1.16 26.04 41.61
C VAL G 78 -1.78 25.84 42.98
N GLN G 79 -3.12 25.83 43.04
CA GLN G 79 -3.91 25.70 44.28
C GLN G 79 -3.57 24.47 45.10
N ARG G 80 -4.08 24.41 46.30
CA ARG G 80 -3.92 23.20 47.09
C ARG G 80 -5.14 22.36 46.69
N PRO G 81 -5.08 21.02 46.60
CA PRO G 81 -3.97 20.10 46.91
C PRO G 81 -3.21 19.67 45.66
N VAL G 82 -3.31 20.47 44.57
CA VAL G 82 -2.65 20.21 43.29
C VAL G 82 -1.15 20.18 43.50
N PRO G 83 -0.48 19.07 43.15
CA PRO G 83 0.99 19.01 43.30
C PRO G 83 1.69 20.04 42.43
N PRO G 84 2.92 20.47 42.77
CA PRO G 84 3.55 21.53 41.97
C PRO G 84 3.86 21.07 40.56
N PRO G 85 3.75 21.99 39.59
CA PRO G 85 4.11 21.64 38.21
C PRO G 85 5.65 21.53 38.09
N PRO G 86 6.18 20.91 37.01
CA PRO G 86 7.63 20.74 36.91
C PRO G 86 8.52 21.98 37.11
N SER G 87 8.22 23.08 36.41
CA SER G 87 8.93 24.35 36.56
C SER G 87 9.01 24.73 38.04
N LEU G 88 7.87 24.64 38.81
CA LEU G 88 7.84 25.01 40.25
C LEU G 88 8.73 24.13 41.07
N GLU G 89 8.64 22.82 40.87
CA GLU G 89 9.47 21.82 41.52
C GLU G 89 10.94 22.14 41.22
N ASN G 90 11.21 22.62 39.98
CA ASN G 90 12.52 23.08 39.54
C ASN G 90 12.85 24.41 40.25
N ILE G 91 11.91 25.40 40.29
CA ILE G 91 12.17 26.68 40.97
C ILE G 91 12.41 26.52 42.50
N TYR G 92 11.63 25.62 43.14
CA TYR G 92 11.73 25.33 44.56
C TYR G 92 13.11 24.79 44.84
N LYS G 93 13.60 23.89 43.95
CA LYS G 93 14.93 23.31 44.06
C LYS G 93 16.02 24.40 43.97
N GLU G 94 15.77 25.54 43.30
CA GLU G 94 16.78 26.60 43.30
C GLU G 94 16.75 27.36 44.63
N LEU G 95 15.55 27.56 45.24
CA LEU G 95 15.43 28.25 46.53
C LEU G 95 16.22 27.56 47.64
N SER G 96 16.26 26.22 47.64
CA SER G 96 17.00 25.44 48.63
C SER G 96 18.51 25.58 48.48
N THR G 97 18.98 25.87 47.25
CA THR G 97 20.39 26.06 46.93
C THR G 97 20.68 27.55 46.72
N ASP G 98 20.01 28.42 47.51
CA ASP G 98 20.15 29.88 47.40
C ASP G 98 19.72 30.61 48.67
N ILE G 99 18.61 30.15 49.31
CA ILE G 99 18.08 30.76 50.55
C ILE G 99 18.35 29.84 51.75
N GLU G 100 18.92 30.42 52.83
CA GLU G 100 19.34 29.68 54.01
C GLU G 100 18.27 28.82 54.71
N ASP G 101 17.28 29.46 55.34
CA ASP G 101 16.29 28.73 56.12
C ASP G 101 15.06 28.26 55.34
N PHE G 102 15.23 27.92 54.04
CA PHE G 102 14.13 27.47 53.17
C PHE G 102 13.86 25.98 53.20
N VAL G 103 12.57 25.64 53.28
CA VAL G 103 12.06 24.27 53.31
C VAL G 103 11.07 24.14 52.18
N HIS G 104 10.80 22.90 51.72
CA HIS G 104 9.78 22.71 50.70
C HIS G 104 8.43 23.03 51.38
N PRO G 105 7.65 23.99 50.84
CA PRO G 105 6.39 24.37 51.50
C PRO G 105 5.30 23.30 51.50
N GLY G 106 5.55 22.22 50.76
CA GLY G 106 4.67 21.05 50.68
C GLY G 106 3.44 21.23 49.83
N HIS G 107 3.35 22.35 49.10
CA HIS G 107 2.23 22.67 48.23
C HIS G 107 2.73 23.59 47.11
N GLY G 108 1.84 23.92 46.16
CA GLY G 108 2.18 24.75 45.01
C GLY G 108 1.71 26.19 45.03
N ASP G 109 0.89 26.54 46.04
CA ASP G 109 0.30 27.87 46.23
C ASP G 109 1.30 28.97 46.55
N LEU G 110 1.49 29.89 45.59
CA LEU G 110 2.41 31.01 45.73
C LEU G 110 1.72 32.30 46.16
N SER G 111 0.65 32.15 46.99
CA SER G 111 -0.11 33.26 47.57
C SER G 111 0.85 34.14 48.38
N GLY G 112 1.69 33.47 49.17
CA GLY G 112 2.70 34.06 50.04
C GLY G 112 3.51 35.18 49.43
N TRP G 113 4.13 34.92 48.26
CA TRP G 113 4.97 35.90 47.56
C TRP G 113 4.18 37.08 47.04
N ALA G 114 2.93 36.84 46.66
CA ALA G 114 2.07 37.88 46.11
C ALA G 114 1.66 38.89 47.13
N LYS G 115 1.25 38.45 48.35
CA LYS G 115 0.87 39.30 49.47
C LYS G 115 2.08 40.13 49.92
N GLN G 116 3.27 39.52 49.84
CA GLN G 116 4.56 40.06 50.21
C GLN G 116 5.16 41.07 49.23
N GLY G 117 4.63 41.17 48.01
CA GLY G 117 5.11 42.14 47.03
C GLY G 117 5.81 41.61 45.78
N VAL G 118 5.54 40.32 45.41
CA VAL G 118 6.08 39.66 44.20
C VAL G 118 4.93 39.48 43.21
N LEU G 119 5.09 40.05 42.01
CA LEU G 119 4.07 39.91 40.96
C LEU G 119 4.36 38.67 40.13
N LEU G 120 3.36 37.76 40.05
CA LEU G 120 3.47 36.52 39.28
C LEU G 120 2.50 36.53 38.06
N LEU G 121 2.78 37.47 37.16
CA LEU G 121 2.04 37.77 35.96
C LEU G 121 2.38 36.91 34.74
N ASN G 122 1.35 36.22 34.18
CA ASN G 122 1.48 35.41 32.96
C ASN G 122 1.19 36.27 31.75
N ALA G 123 1.89 35.99 30.64
CA ALA G 123 1.67 36.68 29.38
C ALA G 123 0.21 36.45 28.95
N VAL G 124 -0.23 35.18 28.98
CA VAL G 124 -1.60 34.77 28.66
C VAL G 124 -2.40 34.42 29.94
N LEU G 125 -3.65 34.94 30.06
CA LEU G 125 -4.46 34.78 31.28
C LEU G 125 -5.59 33.76 31.32
N THR G 126 -5.97 33.11 30.19
CA THR G 126 -6.97 32.03 30.18
C THR G 126 -6.64 30.95 29.15
N VAL G 127 -7.02 29.68 29.44
CA VAL G 127 -6.83 28.55 28.51
C VAL G 127 -7.90 27.48 28.61
N ARG G 128 -8.24 26.85 27.45
CA ARG G 128 -9.21 25.76 27.33
C ARG G 128 -8.69 24.59 28.10
N ALA G 129 -9.59 23.84 28.70
CA ALA G 129 -9.18 22.67 29.44
C ALA G 129 -8.46 21.69 28.50
N HIS G 130 -7.27 21.21 28.94
CA HIS G 130 -6.38 20.26 28.23
C HIS G 130 -5.73 20.80 26.97
N GLN G 131 -6.32 21.84 26.39
CA GLN G 131 -5.75 22.46 25.22
C GLN G 131 -4.71 23.44 25.71
N ALA G 132 -3.46 22.99 25.58
CA ALA G 132 -2.22 23.64 25.99
C ALA G 132 -2.17 25.14 25.80
N ASN G 133 -1.73 25.65 24.63
CA ASN G 133 -1.67 27.10 24.48
C ASN G 133 -2.92 27.80 24.03
N SER G 134 -3.97 27.00 23.65
CA SER G 134 -5.33 27.35 23.17
C SER G 134 -5.66 28.81 22.92
N HIS G 135 -5.77 29.61 24.01
CA HIS G 135 -6.03 31.04 23.94
C HIS G 135 -4.67 31.68 23.88
N LYS G 136 -4.01 31.59 22.69
CA LYS G 136 -2.65 32.08 22.44
C LYS G 136 -2.69 33.56 22.00
N GLU G 137 -2.23 33.84 20.76
CA GLU G 137 -2.16 35.16 20.12
C GLU G 137 -3.58 35.71 19.92
N ARG G 138 -4.29 35.98 21.04
CA ARG G 138 -5.70 36.36 21.12
C ARG G 138 -5.95 37.76 21.64
N GLY G 139 -5.07 38.22 22.53
CA GLY G 139 -5.17 39.54 23.15
C GLY G 139 -4.35 39.65 24.41
N TRP G 140 -4.58 38.74 25.40
CA TRP G 140 -3.95 38.66 26.72
C TRP G 140 -2.54 39.20 26.82
N GLU G 141 -1.66 38.83 25.86
CA GLU G 141 -0.24 39.25 25.83
C GLU G 141 -0.11 40.78 25.78
N GLN G 142 -0.91 41.43 24.92
CA GLN G 142 -0.97 42.88 24.74
C GLN G 142 -1.31 43.56 26.05
N PHE G 143 -2.27 42.98 26.81
CA PHE G 143 -2.67 43.49 28.12
C PHE G 143 -1.57 43.40 29.15
N THR G 144 -0.90 42.25 29.23
CA THR G 144 0.17 42.04 30.20
C THR G 144 1.42 42.85 29.82
N ASP G 145 1.66 43.03 28.49
CA ASP G 145 2.72 43.86 27.91
C ASP G 145 2.57 45.32 28.40
N ALA G 146 1.29 45.74 28.53
CA ALA G 146 0.84 47.03 29.04
C ALA G 146 1.10 47.06 30.56
N VAL G 147 0.69 45.98 31.32
CA VAL G 147 0.91 45.87 32.78
C VAL G 147 2.39 46.05 33.05
N VAL G 148 3.23 45.39 32.24
CA VAL G 148 4.68 45.46 32.32
C VAL G 148 5.19 46.90 32.08
N SER G 149 4.71 47.52 30.99
CA SER G 149 5.03 48.89 30.55
C SER G 149 4.86 49.93 31.66
N TRP G 150 3.72 49.83 32.40
CA TRP G 150 3.37 50.71 33.50
C TRP G 150 4.36 50.59 34.64
N LEU G 151 4.76 49.37 35.03
CA LEU G 151 5.72 49.18 36.11
C LEU G 151 7.09 49.74 35.75
N ASN G 152 7.49 49.68 34.45
CA ASN G 152 8.75 50.24 33.96
C ASN G 152 8.64 51.76 34.08
N GLN G 153 7.65 52.36 33.38
CA GLN G 153 7.35 53.80 33.33
C GLN G 153 7.00 54.51 34.66
N ASN G 154 6.31 53.81 35.61
CA ASN G 154 5.82 54.40 36.87
C ASN G 154 6.62 54.08 38.13
N SER G 155 6.69 52.81 38.53
CA SER G 155 7.43 52.40 39.73
C SER G 155 8.94 52.42 39.47
N ASN G 156 9.74 52.53 40.55
CA ASN G 156 11.19 52.60 40.43
C ASN G 156 11.94 51.70 41.40
N GLY G 157 12.94 51.00 40.87
CA GLY G 157 13.82 50.09 41.61
C GLY G 157 13.29 48.67 41.73
N LEU G 158 12.66 48.18 40.66
CA LEU G 158 12.08 46.84 40.62
C LEU G 158 13.08 45.83 40.16
N VAL G 159 12.87 44.57 40.59
CA VAL G 159 13.67 43.42 40.22
C VAL G 159 12.87 42.50 39.27
N PHE G 160 13.27 42.55 38.01
CA PHE G 160 12.65 41.78 36.95
C PHE G 160 13.37 40.47 36.77
N LEU G 161 12.63 39.37 37.00
CA LEU G 161 13.14 38.01 36.87
C LEU G 161 12.59 37.40 35.60
N LEU G 162 13.38 37.48 34.50
CA LEU G 162 12.99 36.94 33.20
C LEU G 162 13.65 35.61 32.94
N TRP G 163 12.84 34.54 32.99
CA TRP G 163 13.31 33.19 32.79
C TRP G 163 12.87 32.63 31.45
N GLY G 164 13.84 32.29 30.61
CA GLY G 164 13.56 31.68 29.32
C GLY G 164 13.07 32.60 28.22
N SER G 165 13.72 32.43 27.06
CA SER G 165 13.55 33.12 25.78
C SER G 165 12.26 33.89 25.55
N TYR G 166 11.11 33.32 25.92
CA TYR G 166 9.82 34.00 25.75
C TYR G 166 9.70 35.17 26.70
N ALA G 167 9.88 34.91 28.01
CA ALA G 167 9.80 35.95 29.05
C ALA G 167 10.87 37.03 28.86
N GLN G 168 12.07 36.60 28.40
CA GLN G 168 13.23 37.44 28.09
C GLN G 168 12.87 38.41 26.98
N LYS G 169 12.15 37.92 25.94
CA LYS G 169 11.70 38.77 24.86
C LYS G 169 10.67 39.80 25.33
N LYS G 170 9.81 39.48 26.34
CA LYS G 170 8.83 40.44 26.89
C LYS G 170 9.52 41.60 27.64
N GLY G 171 10.68 41.30 28.22
CA GLY G 171 11.47 42.23 29.01
C GLY G 171 12.51 43.07 28.28
N SER G 172 12.68 42.81 26.97
CA SER G 172 13.64 43.51 26.09
C SER G 172 13.50 45.04 26.17
N ALA G 173 12.26 45.51 26.43
CA ALA G 173 11.85 46.91 26.54
C ALA G 173 12.22 47.62 27.86
N ILE G 174 12.73 46.85 28.85
CA ILE G 174 13.08 47.41 30.16
C ILE G 174 14.56 47.74 30.26
N ASP G 175 14.90 48.92 30.80
CA ASP G 175 16.29 49.36 30.95
C ASP G 175 16.96 48.91 32.27
N ARG G 176 18.11 48.21 32.12
CA ARG G 176 18.94 47.67 33.21
C ARG G 176 19.59 48.79 34.05
N LYS G 177 19.44 50.05 33.60
CA LYS G 177 19.97 51.26 34.23
C LYS G 177 18.99 51.97 35.18
N ARG G 178 17.68 51.78 34.99
CA ARG G 178 16.66 52.37 35.87
C ARG G 178 16.12 51.27 36.79
N HIS G 179 16.03 50.02 36.26
CA HIS G 179 15.55 48.84 36.97
C HIS G 179 16.58 47.71 36.98
N HIS G 180 16.28 46.63 37.68
CA HIS G 180 17.17 45.48 37.73
C HIS G 180 16.61 44.26 37.02
N VAL G 181 17.05 44.06 35.79
CA VAL G 181 16.62 42.95 34.98
C VAL G 181 17.59 41.79 35.18
N LEU G 182 17.07 40.67 35.64
CA LEU G 182 17.84 39.47 35.90
C LEU G 182 17.34 38.38 34.95
N GLN G 183 18.17 37.96 34.01
CA GLN G 183 17.74 36.93 33.06
C GLN G 183 18.60 35.71 32.98
N THR G 184 17.92 34.53 32.84
CA THR G 184 18.48 33.16 32.75
C THR G 184 17.51 32.26 31.93
N ALA G 185 17.84 30.96 31.76
CA ALA G 185 16.98 29.99 31.05
C ALA G 185 15.63 29.75 31.77
N HIS G 186 14.75 28.96 31.14
CA HIS G 186 13.44 28.68 31.74
C HIS G 186 13.52 27.52 32.73
N PRO G 187 12.85 27.67 33.90
CA PRO G 187 12.87 26.62 34.91
C PRO G 187 12.52 25.21 34.43
N SER G 188 11.42 25.06 33.61
CA SER G 188 10.93 23.79 33.01
C SER G 188 12.07 22.87 32.62
N PRO G 189 11.94 21.60 33.00
CA PRO G 189 13.01 20.63 32.76
C PRO G 189 13.18 20.23 31.31
N LEU G 190 12.27 20.69 30.44
CA LEU G 190 12.26 20.41 29.01
C LEU G 190 13.46 21.05 28.30
N SER G 191 13.93 22.20 28.83
CA SER G 191 15.02 23.08 28.38
C SER G 191 16.19 22.59 27.51
N VAL G 192 16.87 21.52 27.87
CA VAL G 192 18.06 21.02 27.17
C VAL G 192 19.22 21.99 27.43
N TYR G 193 18.94 23.32 27.40
CA TYR G 193 19.87 24.40 27.64
C TYR G 193 19.98 24.65 29.13
N ARG G 194 21.15 24.34 29.70
CA ARG G 194 21.36 24.52 31.15
C ARG G 194 21.40 26.04 31.43
N GLY G 195 20.77 26.49 32.50
CA GLY G 195 20.84 27.92 32.75
C GLY G 195 20.31 28.41 34.07
N PHE G 196 19.04 28.15 34.30
CA PHE G 196 18.32 28.56 35.50
C PHE G 196 18.95 27.92 36.74
N PHE G 197 19.32 26.62 36.65
CA PHE G 197 19.94 25.90 37.74
C PHE G 197 21.25 26.55 38.07
N GLY G 198 21.27 27.22 39.20
CA GLY G 198 22.44 27.98 39.63
C GLY G 198 22.47 29.29 38.89
N CYS G 199 21.84 30.30 39.49
CA CYS G 199 21.71 31.65 38.95
C CYS G 199 21.60 32.57 40.13
N ARG G 200 21.15 32.01 41.27
CA ARG G 200 20.94 32.66 42.56
C ARG G 200 20.08 33.93 42.48
N HIS G 201 19.12 33.94 41.55
CA HIS G 201 18.21 35.04 41.28
C HIS G 201 17.43 35.52 42.49
N PHE G 202 17.11 34.64 43.44
CA PHE G 202 16.35 34.98 44.66
C PHE G 202 17.17 35.74 45.73
N SER G 203 18.44 35.34 45.95
CA SER G 203 19.33 36.01 46.90
C SER G 203 19.65 37.40 46.35
N LYS G 204 19.94 37.48 45.02
CA LYS G 204 20.22 38.68 44.23
C LYS G 204 19.10 39.70 44.38
N THR G 205 17.83 39.19 44.44
CA THR G 205 16.60 39.98 44.63
C THR G 205 16.71 40.71 45.97
N ASN G 206 16.97 39.94 47.03
CA ASN G 206 17.12 40.43 48.39
C ASN G 206 18.33 41.36 48.61
N GLU G 207 19.45 41.15 47.88
CA GLU G 207 20.66 42.01 47.98
C GLU G 207 20.33 43.36 47.41
N LEU G 208 19.72 43.36 46.20
CA LEU G 208 19.34 44.57 45.46
C LEU G 208 18.20 45.37 46.13
N LEU G 209 17.44 44.72 47.03
CA LEU G 209 16.37 45.33 47.83
C LEU G 209 16.99 46.26 48.86
N GLN G 210 18.16 45.86 49.41
CA GLN G 210 18.92 46.56 50.45
C GLN G 210 19.56 47.82 49.92
N LYS G 211 20.13 47.76 48.68
CA LYS G 211 20.74 48.88 47.96
C LYS G 211 19.66 49.96 47.76
N SER G 212 18.42 49.52 47.44
CA SER G 212 17.23 50.36 47.28
C SER G 212 16.67 50.77 48.68
N GLY G 213 16.94 49.94 49.69
CA GLY G 213 16.51 50.14 51.07
C GLY G 213 15.11 49.61 51.37
N LYS G 214 14.55 48.82 50.45
CA LYS G 214 13.22 48.22 50.55
C LYS G 214 13.23 46.98 51.45
N LYS G 215 12.05 46.62 52.02
CA LYS G 215 11.88 45.44 52.90
C LYS G 215 12.23 44.14 52.14
N PRO G 216 13.07 43.23 52.70
CA PRO G 216 13.44 42.02 51.95
C PRO G 216 12.31 41.02 51.77
N ILE G 217 12.45 40.13 50.78
CA ILE G 217 11.43 39.10 50.55
C ILE G 217 11.72 37.83 51.38
N ASP G 218 10.77 37.46 52.25
CA ASP G 218 10.83 36.25 53.08
C ASP G 218 10.29 35.16 52.17
N TRP G 219 11.21 34.59 51.39
CA TRP G 219 10.93 33.56 50.40
C TRP G 219 10.22 32.36 51.02
N LYS G 220 10.52 32.07 52.30
CA LYS G 220 9.99 30.96 53.11
C LYS G 220 8.48 31.10 53.43
N GLU G 221 7.95 32.32 53.42
CA GLU G 221 6.55 32.63 53.72
C GLU G 221 5.67 32.30 52.53
N LEU G 222 4.99 31.11 52.56
CA LEU G 222 4.12 30.62 51.45
C LEU G 222 2.81 29.91 51.85
N MET H 1 -0.54 -22.67 32.34
CA MET H 1 -1.48 -21.77 32.92
C MET H 1 -0.71 -20.97 33.92
N GLU H 2 -0.70 -19.62 33.98
CA GLU H 2 -1.72 -18.63 33.65
C GLU H 2 -1.29 -17.37 34.25
N GLN H 3 -1.45 -17.28 35.55
CA GLN H 3 -1.28 -16.05 36.30
C GLN H 3 0.01 -15.27 36.36
N ALA H 4 -0.16 -13.96 36.22
CA ALA H 4 0.86 -12.93 36.22
C ALA H 4 1.39 -12.68 37.61
N PRO H 5 2.68 -12.19 37.66
CA PRO H 5 3.25 -12.02 39.00
C PRO H 5 2.79 -10.84 39.83
N GLU H 6 3.56 -10.47 40.85
CA GLU H 6 3.24 -9.36 41.70
C GLU H 6 4.25 -8.28 41.40
N ASP H 7 3.85 -7.06 41.09
CA ASP H 7 4.88 -6.04 40.80
C ASP H 7 5.64 -5.65 42.03
N GLN H 8 6.67 -6.41 42.34
CA GLN H 8 7.54 -5.98 43.39
C GLN H 8 8.90 -5.64 42.85
N GLY H 9 8.81 -4.81 41.82
CA GLY H 9 9.94 -4.27 41.05
C GLY H 9 9.97 -2.75 41.09
N PRO H 10 11.08 -2.18 40.60
CA PRO H 10 11.28 -0.76 40.63
C PRO H 10 10.39 0.30 41.25
N GLN H 11 9.09 0.10 41.25
CA GLN H 11 8.16 1.13 41.63
C GLN H 11 8.73 2.46 41.33
N ARG H 12 7.83 3.42 41.18
CA ARG H 12 8.11 4.70 40.54
C ARG H 12 9.20 5.56 40.74
N GLU H 13 9.40 6.17 41.88
CA GLU H 13 8.82 5.93 43.18
C GLU H 13 7.96 7.11 43.75
N PRO H 14 8.77 8.16 44.26
CA PRO H 14 8.10 9.31 44.76
C PRO H 14 7.81 10.24 43.63
N TYR H 15 7.21 9.79 42.58
CA TYR H 15 7.39 10.19 41.20
C TYR H 15 8.08 11.49 41.00
N ASN H 16 7.42 12.48 40.38
CA ASN H 16 7.90 13.82 40.15
C ASN H 16 9.23 14.17 40.55
N GLU H 17 9.63 13.73 41.69
CA GLU H 17 11.05 13.75 42.06
C GLU H 17 11.90 12.86 41.12
N TRP H 18 11.37 11.66 40.81
CA TRP H 18 12.03 10.69 39.95
C TRP H 18 11.97 11.15 38.52
N THR H 19 10.74 11.45 38.00
CA THR H 19 10.50 11.90 36.64
C THR H 19 11.50 12.94 36.28
N LEU H 20 11.60 13.99 37.12
CA LEU H 20 12.51 15.10 36.94
C LEU H 20 13.95 14.70 36.82
N GLU H 21 14.37 13.69 37.63
CA GLU H 21 15.72 13.15 37.59
C GLU H 21 15.98 12.34 36.30
N LEU H 22 15.05 11.42 35.95
CA LEU H 22 15.17 10.68 34.69
C LEU H 22 15.25 11.62 33.48
N LEU H 23 14.45 12.72 33.47
CA LEU H 23 14.55 13.62 32.34
C LEU H 23 15.94 14.17 32.25
N GLU H 24 16.68 14.32 33.27
CA GLU H 24 17.90 15.06 33.05
C GLU H 24 19.04 14.16 32.87
N GLU H 25 18.77 12.86 32.73
CA GLU H 25 19.75 11.81 32.58
C GLU H 25 19.71 11.44 31.30
N LEU H 26 18.56 11.36 30.78
CA LEU H 26 18.17 11.19 29.38
C LEU H 26 18.52 12.39 28.51
N LYS H 27 18.27 13.59 29.01
CA LYS H 27 18.58 14.81 28.30
C LYS H 27 20.05 14.84 27.91
N SER H 28 20.93 14.33 28.77
CA SER H 28 22.37 14.32 28.49
C SER H 28 22.73 13.20 27.52
N GLU H 29 22.16 12.02 27.73
CA GLU H 29 22.46 10.91 26.85
C GLU H 29 22.05 11.24 25.42
N ALA H 30 20.94 12.00 25.26
CA ALA H 30 20.44 12.41 23.95
C ALA H 30 21.44 13.35 23.31
N VAL H 31 21.96 14.26 24.12
CA VAL H 31 22.92 15.23 23.69
C VAL H 31 24.23 14.63 23.15
N ARG H 32 24.57 13.40 23.44
CA ARG H 32 25.81 12.83 22.93
C ARG H 32 25.60 12.29 21.58
N HIS H 33 24.39 12.24 21.02
CA HIS H 33 24.18 11.79 19.64
C HIS H 33 23.46 12.76 18.76
N PHE H 34 22.75 13.71 19.37
CA PHE H 34 22.00 14.67 18.58
C PHE H 34 22.45 16.08 18.87
N PRO H 35 22.55 16.94 17.84
CA PRO H 35 22.93 18.37 18.08
C PRO H 35 22.02 19.11 19.07
N ARG H 36 22.59 19.61 20.12
CA ARG H 36 21.85 20.20 21.21
C ARG H 36 20.99 21.32 20.86
N ILE H 37 21.00 21.76 19.61
CA ILE H 37 20.17 22.77 19.04
C ILE H 37 18.92 22.29 18.52
N TRP H 38 18.89 21.13 17.87
CA TRP H 38 17.73 20.32 17.46
C TRP H 38 16.92 19.78 18.65
N LEU H 39 17.62 19.27 19.68
CA LEU H 39 17.01 18.69 20.88
C LEU H 39 16.27 19.72 21.75
N HIS H 40 16.76 20.95 21.78
CA HIS H 40 16.12 22.00 22.54
C HIS H 40 14.85 22.34 21.77
N ASN H 41 15.04 22.46 20.46
CA ASN H 41 14.03 22.89 19.60
C ASN H 41 12.92 22.00 19.67
N LEU H 42 13.13 20.75 20.05
CA LEU H 42 12.09 19.69 20.20
C LEU H 42 11.42 19.83 21.51
N GLY H 43 12.17 20.12 22.54
CA GLY H 43 11.62 20.53 23.82
C GLY H 43 10.61 21.64 23.66
N GLN H 44 10.83 22.78 23.07
CA GLN H 44 9.71 23.78 23.00
C GLN H 44 8.49 23.25 22.42
N HIS H 45 8.55 22.74 21.22
CA HIS H 45 7.50 21.99 20.58
C HIS H 45 6.67 21.23 21.51
N ILE H 46 7.32 20.48 22.23
CA ILE H 46 6.62 19.71 23.28
C ILE H 46 5.93 20.63 24.31
N TYR H 47 6.64 21.69 24.72
CA TYR H 47 6.13 22.67 25.65
C TYR H 47 4.94 23.43 25.15
N GLU H 48 4.90 23.80 23.87
CA GLU H 48 3.76 24.54 23.33
C GLU H 48 2.56 23.65 23.22
N THR H 49 2.78 22.38 22.92
CA THR H 49 1.70 21.43 22.69
C THR H 49 1.18 20.79 23.96
N TYR H 50 2.06 20.63 24.97
CA TYR H 50 1.67 20.01 26.22
C TYR H 50 1.46 20.93 27.40
N GLY H 51 2.39 21.88 27.56
CA GLY H 51 2.45 22.82 28.68
C GLY H 51 3.28 22.32 29.85
N ASP H 52 3.47 23.17 30.86
CA ASP H 52 4.22 22.83 32.06
C ASP H 52 3.46 21.77 32.91
N THR H 53 3.16 20.65 32.25
CA THR H 53 2.51 19.53 32.87
C THR H 53 3.50 18.41 32.90
N TRP H 54 3.21 17.45 33.74
CA TRP H 54 3.98 16.24 33.85
C TRP H 54 3.75 15.36 32.64
N ALA H 55 2.52 15.42 32.09
CA ALA H 55 2.11 14.70 30.90
C ALA H 55 3.05 15.05 29.76
N GLY H 56 3.38 16.32 29.68
CA GLY H 56 4.35 16.80 28.72
C GLY H 56 5.76 16.39 29.06
N VAL H 57 6.05 16.11 30.27
CA VAL H 57 7.36 15.65 30.64
C VAL H 57 7.54 14.31 30.09
N GLU H 58 6.79 13.29 30.49
CA GLU H 58 6.87 12.03 29.93
C GLU H 58 6.85 12.02 28.52
N ALA H 59 6.52 13.03 27.73
CA ALA H 59 6.40 12.94 26.27
C ALA H 59 7.50 13.42 25.55
N ILE H 60 8.43 14.00 26.25
CA ILE H 60 9.76 14.22 25.78
C ILE H 60 10.46 13.13 26.35
N ILE H 61 10.15 12.53 27.51
CA ILE H 61 10.99 11.44 27.98
C ILE H 61 10.69 10.32 26.94
N ARG H 62 9.53 10.18 26.32
CA ARG H 62 9.20 9.22 25.27
C ARG H 62 9.88 9.54 23.94
N ILE H 63 9.76 10.82 23.45
CA ILE H 63 10.37 11.19 22.17
C ILE H 63 11.84 10.96 22.17
N LEU H 64 12.51 11.43 23.23
CA LEU H 64 13.94 11.24 23.37
C LEU H 64 14.28 9.77 23.39
N GLN H 65 13.75 9.03 24.31
CA GLN H 65 13.79 7.63 24.52
C GLN H 65 13.59 6.76 23.35
N GLN H 66 12.78 7.11 22.36
CA GLN H 66 12.54 6.49 21.06
C GLN H 66 13.62 6.75 20.04
N LEU H 67 14.10 8.01 19.91
CA LEU H 67 15.15 8.36 18.94
C LEU H 67 16.36 7.52 19.16
N LEU H 68 16.83 7.54 20.44
CA LEU H 68 17.94 6.75 20.92
C LEU H 68 17.79 5.26 20.57
N PHE H 69 16.55 4.73 20.66
CA PHE H 69 16.23 3.36 20.30
C PHE H 69 16.51 3.16 18.81
N ILE H 70 16.03 4.07 17.93
CA ILE H 70 16.24 3.89 16.50
C ILE H 70 17.71 3.99 16.23
N HIS H 71 18.35 5.00 16.85
CA HIS H 71 19.79 5.20 16.71
C HIS H 71 20.56 3.92 17.01
N PHE H 72 20.21 3.26 18.14
CA PHE H 72 20.76 1.98 18.59
C PHE H 72 20.58 0.89 17.57
N ARG H 73 19.38 0.85 16.96
CA ARG H 73 19.06 -0.15 15.96
C ARG H 73 19.74 0.07 14.61
N ILE H 74 20.34 1.25 14.41
CA ILE H 74 21.08 1.52 13.19
C ILE H 74 22.59 1.31 13.40
#